data_5LFB
#
_entry.id   5LFB
#
_cell.length_a   1
_cell.length_b   1
_cell.length_c   1
_cell.angle_alpha   90
_cell.angle_beta   90
_cell.angle_gamma   90
#
_symmetry.space_group_name_H-M   'P 1'
#
loop_
_entity.id
_entity.type
_entity.pdbx_description
1 polymer Pilin
2 non-polymer '[(2~{S})-3-[[(2~{R})-2,3-bis(oxidanyl)propoxy]-oxidanyl-phosphoryl]oxy-2-hexadec-9-enoyloxy-propyl] hexadecanoate'
#
_entity_poly.entity_id   1
_entity_poly.type   'polypeptide(L)'
_entity_poly.pdbx_seq_one_letter_code
;QDLMASGNTTVKATFGKDSSVVKWVVLAEVLVGAVMYMMTKNVKFLAGFAIISVFIAVGMAVVGL
;
_entity_poly.pdbx_strand_id   1A,1B,1C,1D,1E,1F,1G,1H,1I,1J,1K,1L,1M,1N,1O,2A,2B,2C,2D,2E,2F,2G,2H,2I,2J,2K,2L,2M,2N,2O,3A,3B,3C,3D,3E,3F,3G,3H,3I,3J,3K,3L,3M,3N,3O,4A,4B,4C,4D,4E,4F,4G,4H,4I,4J,4K,4L,4M,4N,4O,5A,5B,5C,5D,5E,5F,5G,5H,5I,5J,5K,5L,5M,5N,5O
#
# COMPACT_ATOMS: atom_id res chain seq x y z
N GLN A 1 9.52 -61.83 40.27
CA GLN A 1 8.17 -61.65 40.76
C GLN A 1 7.27 -62.83 40.37
N ASP A 2 6.05 -62.49 39.97
CA ASP A 2 5.11 -63.48 39.50
C ASP A 2 5.21 -63.63 37.98
N LEU A 3 5.43 -64.86 37.54
CA LEU A 3 5.41 -65.12 36.12
C LEU A 3 3.96 -65.04 35.65
N MET A 4 3.71 -64.21 34.65
CA MET A 4 2.33 -63.85 34.38
C MET A 4 1.54 -65.01 33.81
N ALA A 5 2.17 -65.89 33.05
CA ALA A 5 1.45 -67.06 32.57
C ALA A 5 1.04 -67.98 33.71
N SER A 6 1.46 -67.70 34.94
CA SER A 6 1.12 -68.54 36.07
C SER A 6 -0.34 -68.35 36.44
N GLY A 7 -0.72 -68.95 37.55
CA GLY A 7 -2.11 -69.11 37.83
C GLY A 7 -2.71 -70.02 36.79
N ASN A 8 -4.03 -69.96 36.70
CA ASN A 8 -4.78 -70.76 35.74
C ASN A 8 -4.49 -72.23 35.97
N THR A 9 -3.88 -72.88 34.99
CA THR A 9 -3.47 -74.27 35.08
C THR A 9 -4.65 -75.19 35.39
N THR A 10 -5.86 -74.72 35.10
CA THR A 10 -6.89 -75.64 34.66
C THR A 10 -6.41 -76.36 33.42
N VAL A 11 -5.39 -75.78 32.80
CA VAL A 11 -4.54 -76.40 31.81
C VAL A 11 -4.24 -77.79 32.30
N LYS A 12 -3.78 -77.90 33.55
CA LYS A 12 -3.59 -79.22 34.11
C LYS A 12 -4.88 -79.99 34.06
N ALA A 13 -5.91 -79.49 34.72
CA ALA A 13 -7.22 -80.13 34.63
C ALA A 13 -7.55 -80.47 33.20
N THR A 14 -7.28 -79.53 32.29
CA THR A 14 -7.54 -79.77 30.88
C THR A 14 -6.79 -80.99 30.39
N PHE A 15 -5.49 -81.02 30.60
CA PHE A 15 -4.62 -82.04 30.03
C PHE A 15 -4.20 -83.11 31.03
N GLY A 16 -4.66 -83.04 32.27
CA GLY A 16 -4.07 -83.82 33.35
C GLY A 16 -4.13 -85.31 33.10
N LYS A 17 -3.35 -86.03 33.91
CA LYS A 17 -3.33 -87.49 33.83
C LYS A 17 -4.75 -88.02 33.82
N ASP A 18 -5.60 -87.47 34.68
CA ASP A 18 -7.04 -87.60 34.52
C ASP A 18 -7.50 -86.37 33.76
N SER A 19 -7.87 -86.60 32.52
CA SER A 19 -8.50 -85.59 31.69
C SER A 19 -9.26 -86.30 30.59
N SER A 20 -10.23 -85.60 30.05
CA SER A 20 -10.93 -86.13 28.89
C SER A 20 -9.90 -86.44 27.83
N VAL A 21 -9.21 -85.39 27.38
CA VAL A 21 -8.34 -85.47 26.22
C VAL A 21 -7.45 -86.69 26.28
N VAL A 22 -6.78 -86.88 27.41
CA VAL A 22 -5.93 -88.04 27.58
C VAL A 22 -6.68 -89.29 27.22
N LYS A 23 -7.82 -89.50 27.85
CA LYS A 23 -8.62 -90.68 27.59
C LYS A 23 -9.00 -90.77 26.13
N TRP A 24 -9.30 -89.64 25.52
CA TRP A 24 -9.56 -89.59 24.08
C TRP A 24 -8.46 -90.30 23.31
N VAL A 25 -7.21 -89.95 23.59
CA VAL A 25 -6.10 -90.41 22.77
C VAL A 25 -6.12 -91.93 22.67
N VAL A 26 -5.85 -92.60 23.78
CA VAL A 26 -5.70 -94.04 23.75
C VAL A 26 -6.92 -94.69 23.13
N LEU A 27 -8.08 -94.11 23.35
CA LEU A 27 -9.30 -94.63 22.75
C LEU A 27 -9.10 -94.85 21.26
N ALA A 28 -8.98 -93.76 20.51
CA ALA A 28 -8.77 -93.88 19.08
C ALA A 28 -7.55 -94.75 18.80
N GLU A 29 -6.51 -94.63 19.62
CA GLU A 29 -5.39 -95.53 19.49
C GLU A 29 -5.83 -96.98 19.51
N VAL A 30 -6.59 -97.36 20.52
CA VAL A 30 -7.14 -98.71 20.55
C VAL A 30 -7.83 -99.03 19.24
N LEU A 31 -8.64 -98.09 18.76
CA LEU A 31 -9.38 -98.33 17.54
C LEU A 31 -8.45 -98.62 16.39
N VAL A 32 -7.68 -97.62 15.99
CA VAL A 32 -6.90 -97.71 14.75
C VAL A 32 -6.04 -98.97 14.74
N GLY A 33 -5.38 -99.26 15.86
CA GLY A 33 -4.61 -100.48 15.93
C GLY A 33 -5.47 -101.69 15.61
N ALA A 34 -6.57 -101.84 16.34
CA ALA A 34 -7.52 -102.90 16.01
C ALA A 34 -7.92 -102.80 14.55
N VAL A 35 -8.23 -101.60 14.08
CA VAL A 35 -8.48 -101.41 12.67
C VAL A 35 -7.33 -101.96 11.85
N MET A 36 -6.14 -101.37 12.02
CA MET A 36 -4.98 -101.76 11.24
C MET A 36 -4.81 -103.26 11.20
N TYR A 37 -4.98 -103.92 12.34
CA TYR A 37 -4.69 -105.35 12.37
C TYR A 37 -5.55 -106.09 11.37
N MET A 38 -6.81 -105.72 11.23
CA MET A 38 -7.65 -106.33 10.20
C MET A 38 -6.96 -106.26 8.86
N MET A 39 -6.50 -105.08 8.48
CA MET A 39 -5.79 -104.93 7.23
C MET A 39 -4.51 -105.74 7.23
N THR A 40 -3.67 -105.52 8.23
CA THR A 40 -2.32 -106.06 8.20
C THR A 40 -2.29 -107.53 8.56
N LYS A 41 -2.97 -107.91 9.63
CA LYS A 41 -2.84 -109.23 10.20
C LYS A 41 -1.40 -109.49 10.62
N ASN A 42 -0.74 -108.42 11.06
CA ASN A 42 0.57 -108.52 11.66
C ASN A 42 0.43 -108.16 13.12
N VAL A 43 1.31 -108.72 13.95
CA VAL A 43 1.27 -108.26 15.32
C VAL A 43 2.20 -107.07 15.34
N LYS A 44 1.61 -105.90 15.36
CA LYS A 44 2.32 -104.64 15.43
C LYS A 44 1.65 -103.72 16.42
N PHE A 45 0.38 -103.43 16.16
CA PHE A 45 -0.27 -102.22 16.57
C PHE A 45 -0.70 -102.25 18.01
N LEU A 46 -0.46 -103.34 18.73
CA LEU A 46 -0.83 -103.35 20.14
C LEU A 46 0.43 -103.10 20.95
N ALA A 47 0.73 -101.83 21.16
CA ALA A 47 1.91 -101.47 21.93
C ALA A 47 1.72 -100.19 22.71
N GLY A 48 1.77 -99.08 21.97
CA GLY A 48 1.45 -97.78 22.55
C GLY A 48 0.09 -97.79 23.19
N PHE A 49 -0.75 -98.71 22.73
CA PHE A 49 -1.93 -99.12 23.44
C PHE A 49 -1.61 -99.16 24.91
N ALA A 50 -0.70 -100.04 25.30
CA ALA A 50 -0.10 -99.94 26.62
C ALA A 50 0.98 -98.89 26.70
N ILE A 51 1.86 -98.83 25.70
CA ILE A 51 3.09 -98.04 25.84
C ILE A 51 2.77 -96.57 25.95
N ILE A 52 2.01 -96.01 25.01
CA ILE A 52 1.71 -94.61 25.08
C ILE A 52 1.14 -94.27 26.45
N SER A 53 0.32 -95.15 26.99
CA SER A 53 -0.23 -94.92 28.31
C SER A 53 0.88 -94.67 29.30
N VAL A 54 1.79 -95.61 29.44
CA VAL A 54 2.91 -95.37 30.35
C VAL A 54 3.79 -94.26 29.81
N PHE A 55 3.95 -94.19 28.49
CA PHE A 55 4.58 -93.02 27.91
C PHE A 55 3.88 -91.75 28.36
N ILE A 56 2.55 -91.71 28.22
CA ILE A 56 1.82 -90.60 28.80
C ILE A 56 2.20 -90.43 30.25
N ALA A 57 2.10 -91.52 31.01
CA ALA A 57 2.37 -91.47 32.44
C ALA A 57 3.70 -90.80 32.72
N VAL A 58 4.76 -91.25 32.06
CA VAL A 58 6.08 -90.76 32.41
C VAL A 58 6.20 -89.27 32.11
N GLY A 59 5.87 -88.86 30.89
CA GLY A 59 5.95 -87.44 30.57
C GLY A 59 5.06 -86.62 31.48
N MET A 60 3.81 -87.05 31.66
CA MET A 60 2.98 -86.45 32.69
C MET A 60 3.72 -86.44 34.01
N ALA A 61 4.29 -87.57 34.40
CA ALA A 61 5.11 -87.59 35.61
C ALA A 61 6.34 -86.71 35.44
N VAL A 62 6.93 -86.69 34.24
CA VAL A 62 8.08 -85.83 34.02
C VAL A 62 7.70 -84.38 34.26
N VAL A 63 6.74 -83.88 33.52
CA VAL A 63 6.39 -82.47 33.66
C VAL A 63 5.46 -82.34 34.86
N GLY A 64 4.22 -82.76 34.68
CA GLY A 64 3.23 -82.59 35.74
C GLY A 64 3.21 -81.21 36.32
N LEU A 65 3.26 -80.19 35.47
CA LEU A 65 3.35 -78.81 35.92
C LEU A 65 4.54 -78.63 36.85
N GLN B 1 27.71 -47.63 33.71
CA GLN B 1 26.72 -47.43 34.76
C GLN B 1 25.77 -48.62 34.87
N ASP B 2 24.51 -48.29 35.07
CA ASP B 2 23.46 -49.30 35.11
C ASP B 2 22.86 -49.50 33.73
N LEU B 3 22.87 -50.74 33.27
CA LEU B 3 22.20 -51.05 32.03
C LEU B 3 20.70 -50.99 32.27
N MET B 4 20.00 -50.19 31.47
CA MET B 4 18.65 -49.85 31.86
C MET B 4 17.71 -51.02 31.76
N ALA B 5 17.93 -51.93 30.81
CA ALA B 5 17.09 -53.12 30.75
C ALA B 5 17.26 -54.00 31.98
N SER B 6 18.20 -53.68 32.86
CA SER B 6 18.42 -54.49 34.05
C SER B 6 17.30 -54.29 35.05
N GLY B 7 17.49 -54.85 36.22
CA GLY B 7 16.38 -55.00 37.12
C GLY B 7 15.38 -55.94 36.50
N ASN B 8 14.18 -55.89 37.04
CA ASN B 8 13.09 -56.72 36.55
C ASN B 8 13.47 -58.18 36.66
N THR B 9 13.57 -58.86 35.52
CA THR B 9 14.00 -60.25 35.46
C THR B 9 13.11 -61.16 36.30
N THR B 10 11.90 -60.70 36.59
CA THR B 10 10.81 -61.64 36.70
C THR B 10 10.66 -62.39 35.40
N VAL B 11 11.27 -61.84 34.36
CA VAL B 11 11.57 -62.49 33.11
C VAL B 11 12.10 -63.87 33.44
N LYS B 12 13.08 -63.92 34.34
CA LYS B 12 13.54 -65.22 34.79
C LYS B 12 12.38 -66.01 35.36
N ALA B 13 11.75 -65.48 36.41
CA ALA B 13 10.57 -66.13 36.96
C ALA B 13 9.62 -66.51 35.84
N THR B 14 9.42 -65.60 34.90
CA THR B 14 8.55 -65.89 33.77
C THR B 14 9.01 -67.13 33.01
N PHE B 15 10.26 -67.14 32.61
CA PHE B 15 10.77 -68.18 31.73
C PHE B 15 11.63 -69.22 32.45
N GLY B 16 11.80 -69.10 33.76
CA GLY B 16 12.82 -69.85 34.47
C GLY B 16 12.70 -71.35 34.32
N LYS B 17 13.78 -72.04 34.70
CA LYS B 17 13.77 -73.50 34.67
C LYS B 17 12.51 -74.04 35.32
N ASP B 18 12.14 -73.46 36.46
CA ASP B 18 10.80 -73.60 36.99
C ASP B 18 10.02 -72.39 36.50
N SER B 19 9.12 -72.67 35.57
CA SER B 19 8.17 -71.69 35.08
C SER B 19 7.01 -72.43 34.48
N SER B 20 5.87 -71.76 34.42
CA SER B 20 4.73 -72.31 33.75
C SER B 20 5.16 -72.66 32.34
N VAL B 21 5.55 -71.63 31.59
CA VAL B 21 5.78 -71.75 30.16
C VAL B 21 6.63 -72.96 29.84
N VAL B 22 7.74 -73.11 30.54
CA VAL B 22 8.60 -74.26 30.32
C VAL B 22 7.79 -75.54 30.39
N LYS B 23 7.07 -75.72 31.49
CA LYS B 23 6.26 -76.91 31.66
C LYS B 23 5.25 -77.05 30.53
N TRP B 24 4.67 -75.93 30.10
CA TRP B 24 3.79 -75.94 28.94
C TRP B 24 4.41 -76.67 27.77
N VAL B 25 5.66 -76.31 27.44
CA VAL B 25 6.27 -76.80 26.21
C VAL B 25 6.23 -78.31 26.17
N VAL B 26 6.98 -78.95 27.05
CA VAL B 26 7.13 -80.39 27.00
C VAL B 26 5.78 -81.06 27.03
N LEU B 27 4.83 -80.47 27.74
CA LEU B 27 3.49 -81.02 27.78
C LEU B 27 2.98 -81.29 26.39
N ALA B 28 2.72 -80.23 25.63
CA ALA B 28 2.26 -80.39 24.26
C ALA B 28 3.22 -81.26 23.47
N GLU B 29 4.52 -81.11 23.73
CA GLU B 29 5.47 -82.02 23.12
C GLU B 29 5.12 -83.47 23.38
N VAL B 30 4.92 -83.82 24.64
CA VAL B 30 4.47 -85.17 24.95
C VAL B 30 3.25 -85.52 24.12
N LEU B 31 2.30 -84.61 24.05
CA LEU B 31 1.08 -84.88 23.31
C LEU B 31 1.38 -85.22 21.87
N VAL B 32 1.86 -84.23 21.12
CA VAL B 32 1.98 -84.36 19.68
C VAL B 32 2.77 -85.60 19.31
N GLY B 33 3.87 -85.86 19.99
CA GLY B 33 4.61 -87.08 19.74
C GLY B 33 3.72 -88.30 19.89
N ALA B 34 3.08 -88.43 21.05
CA ALA B 34 2.10 -89.49 21.22
C ALA B 34 1.07 -89.46 20.11
N VAL B 35 0.56 -88.27 19.81
CA VAL B 35 -0.31 -88.13 18.66
C VAL B 35 0.35 -88.70 17.43
N MET B 36 1.46 -88.10 17.01
CA MET B 36 2.14 -88.51 15.79
C MET B 36 2.31 -90.02 15.72
N TYR B 37 2.69 -90.65 16.82
CA TYR B 37 2.98 -92.06 16.76
C TYR B 37 1.77 -92.85 16.29
N MET B 38 0.58 -92.47 16.75
CA MET B 38 -0.63 -93.12 16.23
C MET B 38 -0.63 -93.10 14.73
N MET B 39 -0.43 -91.93 14.14
CA MET B 39 -0.38 -91.82 12.70
C MET B 39 0.78 -92.62 12.14
N THR B 40 1.99 -92.38 12.64
CA THR B 40 3.18 -92.91 12.00
C THR B 40 3.39 -94.36 12.34
N LYS B 41 3.28 -94.70 13.62
CA LYS B 41 3.69 -96.02 14.10
C LYS B 41 5.17 -96.25 13.82
N ASN B 42 5.93 -95.18 13.87
CA ASN B 42 7.38 -95.25 13.80
C ASN B 42 7.93 -94.85 15.15
N VAL B 43 9.09 -95.37 15.49
CA VAL B 43 9.68 -94.86 16.71
C VAL B 43 10.50 -93.67 16.27
N LYS B 44 9.96 -92.51 16.53
CA LYS B 44 10.60 -91.25 16.23
C LYS B 44 10.44 -90.29 17.38
N PHE B 45 9.20 -90.02 17.73
CA PHE B 45 8.79 -88.79 18.36
C PHE B 45 9.07 -88.77 19.84
N LEU B 46 9.63 -89.84 20.40
CA LEU B 46 9.95 -89.80 21.81
C LEU B 46 11.44 -89.52 21.96
N ALA B 47 11.78 -88.24 21.96
CA ALA B 47 13.17 -87.87 22.09
C ALA B 47 13.34 -86.55 22.83
N GLY B 48 13.04 -85.46 22.12
CA GLY B 48 13.00 -84.15 22.74
C GLY B 48 12.08 -84.15 23.93
N PHE B 49 11.14 -85.09 23.94
CA PHE B 49 10.42 -85.47 25.13
C PHE B 49 11.39 -85.46 26.29
N ALA B 50 12.39 -86.32 26.24
CA ALA B 50 13.52 -86.18 27.13
C ALA B 50 14.50 -85.12 26.67
N ILE B 51 14.82 -85.09 25.38
CA ILE B 51 15.96 -84.31 24.91
C ILE B 51 15.72 -82.83 25.12
N ILE B 52 14.60 -82.31 24.61
CA ILE B 52 14.33 -80.90 24.78
C ILE B 52 14.46 -80.52 26.24
N SER B 53 13.98 -81.38 27.13
CA SER B 53 14.11 -81.11 28.55
C SER B 53 15.54 -80.82 28.92
N VAL B 54 16.44 -81.76 28.64
CA VAL B 54 17.84 -81.48 28.93
C VAL B 54 18.35 -80.39 28.00
N PHE B 55 17.88 -80.37 26.76
CA PHE B 55 18.16 -79.21 25.93
C PHE B 55 17.72 -77.93 26.61
N ILE B 56 16.48 -77.89 27.09
CA ILE B 56 16.07 -76.76 27.91
C ILE B 56 17.08 -76.55 29.02
N ALA B 57 17.36 -77.62 29.77
CA ALA B 57 18.25 -77.51 30.91
C ALA B 57 19.55 -76.84 30.53
N VAL B 58 20.19 -77.30 29.46
CA VAL B 58 21.52 -76.80 29.15
C VAL B 58 21.47 -75.32 28.79
N GLY B 59 20.61 -74.94 27.85
CA GLY B 59 20.50 -73.54 27.50
C GLY B 59 20.12 -72.69 28.69
N MET B 60 19.11 -73.12 29.43
CA MET B 60 18.84 -72.49 30.71
C MET B 60 20.10 -72.43 31.55
N ALA B 61 20.80 -73.55 31.65
CA ALA B 61 22.09 -73.53 32.34
C ALA B 61 23.08 -72.65 31.61
N VAL B 62 23.05 -72.68 30.28
CA VAL B 62 23.95 -71.82 29.52
C VAL B 62 23.71 -70.37 29.87
N VAL B 63 22.49 -69.89 29.63
CA VAL B 63 22.24 -68.48 29.89
C VAL B 63 21.96 -68.30 31.37
N GLY B 64 20.78 -68.74 31.80
CA GLY B 64 20.39 -68.54 33.19
C GLY B 64 20.62 -67.14 33.68
N LEU B 65 20.24 -66.15 32.87
CA LEU B 65 20.51 -64.75 33.18
C LEU B 65 21.99 -64.53 33.45
N GLN C 1 39.82 -33.54 18.11
CA GLN C 1 39.47 -33.30 19.50
C GLN C 1 38.73 -34.49 20.10
N ASP C 2 37.71 -34.15 20.88
CA ASP C 2 36.85 -35.17 21.46
C ASP C 2 35.65 -35.43 20.57
N LEU C 3 35.47 -36.69 20.20
CA LEU C 3 34.27 -37.06 19.46
C LEU C 3 33.09 -36.98 20.41
N MET C 4 32.07 -36.22 20.02
CA MET C 4 31.07 -35.86 21.00
C MET C 4 30.22 -37.05 21.43
N ALA C 5 29.98 -37.98 20.52
CA ALA C 5 29.26 -39.19 20.92
C ALA C 5 30.02 -40.01 21.95
N SER C 6 31.27 -39.65 22.24
CA SER C 6 32.05 -40.40 23.20
C SER C 6 31.56 -40.16 24.61
N GLY C 7 32.31 -40.66 25.56
CA GLY C 7 31.79 -40.78 26.89
C GLY C 7 30.63 -41.75 26.87
N ASN C 8 29.83 -41.68 27.93
CA ASN C 8 28.66 -42.54 28.07
C ASN C 8 29.09 -43.99 28.03
N THR C 9 28.64 -44.71 27.02
CA THR C 9 29.02 -46.10 26.81
C THR C 9 28.67 -46.97 28.01
N THR C 10 27.74 -46.50 28.84
CA THR C 10 26.87 -47.44 29.51
C THR C 10 26.13 -48.26 28.47
N VAL C 11 26.14 -47.75 27.25
CA VAL C 11 25.81 -48.45 26.04
C VAL C 11 26.47 -49.81 26.11
N LYS C 12 27.76 -49.83 26.43
CA LYS C 12 28.41 -51.10 26.65
C LYS C 12 27.69 -51.87 27.74
N ALA C 13 27.64 -51.29 28.93
CA ALA C 13 26.90 -51.91 30.01
C ALA C 13 25.53 -52.35 29.53
N THR C 14 24.87 -51.48 28.75
CA THR C 14 23.57 -51.83 28.21
C THR C 14 23.64 -53.10 27.38
N PHE C 15 24.53 -53.12 26.41
CA PHE C 15 24.57 -54.20 25.44
C PHE C 15 25.70 -55.20 25.69
N GLY C 16 26.47 -55.03 26.75
CA GLY C 16 27.74 -55.74 26.89
C GLY C 16 27.59 -57.25 26.88
N LYS C 17 28.73 -57.92 26.71
CA LYS C 17 28.74 -59.38 26.74
C LYS C 17 27.97 -59.89 27.94
N ASP C 18 28.20 -59.25 29.09
CA ASP C 18 27.30 -59.37 30.22
C ASP C 18 26.33 -58.19 30.12
N SER C 19 25.10 -58.51 29.76
CA SER C 19 24.02 -57.56 29.77
C SER C 19 22.73 -58.33 29.84
N SER C 20 21.70 -57.66 30.32
CA SER C 20 20.38 -58.25 30.31
C SER C 20 20.07 -58.65 28.88
N VAL C 21 20.03 -57.65 28.00
CA VAL C 21 19.54 -57.84 26.63
C VAL C 21 20.15 -59.06 26.00
N VAL C 22 21.47 -59.18 26.08
CA VAL C 22 22.14 -60.34 25.51
C VAL C 22 21.48 -61.62 26.01
N LYS C 23 21.41 -61.75 27.32
CA LYS C 23 20.80 -62.93 27.92
C LYS C 23 19.38 -63.12 27.43
N TRP C 24 18.64 -62.03 27.29
CA TRP C 24 17.31 -62.10 26.72
C TRP C 24 17.30 -62.87 25.42
N VAL C 25 18.21 -62.53 24.51
CA VAL C 25 18.16 -63.06 23.16
C VAL C 25 18.14 -64.58 23.19
N VAL C 26 19.24 -65.17 23.62
CA VAL C 26 19.39 -66.62 23.56
C VAL C 26 18.23 -67.29 24.27
N LEU C 27 17.74 -66.67 25.33
CA LEU C 27 16.60 -67.22 26.05
C LEU C 27 15.48 -67.55 25.08
N ALA C 28 14.86 -66.53 24.51
CA ALA C 28 13.79 -66.75 23.55
C ALA C 28 14.27 -67.66 22.43
N GLU C 29 15.53 -67.50 22.01
CA GLU C 29 16.09 -68.43 21.04
C GLU C 29 15.93 -69.86 21.50
N VAL C 30 16.38 -70.16 22.71
CA VAL C 30 16.17 -71.49 23.26
C VAL C 30 14.72 -71.89 23.14
N LEU C 31 13.83 -70.98 23.51
CA LEU C 31 12.40 -71.29 23.47
C LEU C 31 11.97 -71.69 22.07
N VAL C 32 12.01 -70.73 21.14
CA VAL C 32 11.42 -70.92 19.84
C VAL C 32 11.94 -72.19 19.18
N GLY C 33 13.25 -72.41 19.25
CA GLY C 33 13.80 -73.64 18.72
C GLY C 33 13.13 -74.85 19.33
N ALA C 34 13.14 -74.94 20.65
CA ALA C 34 12.40 -75.99 21.32
C ALA C 34 10.95 -76.00 20.87
N VAL C 35 10.33 -74.83 20.80
CA VAL C 35 9.00 -74.75 20.22
C VAL C 35 8.99 -75.37 18.84
N MET C 36 9.75 -74.79 17.91
CA MET C 36 9.75 -75.26 16.54
C MET C 36 9.89 -76.76 16.45
N TYR C 37 10.79 -77.34 17.25
CA TYR C 37 11.05 -78.75 17.10
C TYR C 37 9.78 -79.57 17.32
N MET C 38 8.95 -79.17 18.28
CA MET C 38 7.67 -79.84 18.45
C MET C 38 6.93 -79.89 17.13
N MET C 39 6.79 -78.74 16.48
CA MET C 39 6.13 -78.70 15.19
C MET C 39 6.89 -79.52 14.16
N THR C 40 8.16 -79.25 14.00
CA THR C 40 8.92 -79.80 12.89
C THR C 40 9.31 -81.24 13.13
N LYS C 41 9.84 -81.53 14.31
CA LYS C 41 10.46 -82.82 14.60
C LYS C 41 11.61 -83.07 13.63
N ASN C 42 12.29 -81.98 13.26
CA ASN C 42 13.52 -82.06 12.50
C ASN C 42 14.64 -81.60 13.40
N VAL C 43 15.84 -82.11 13.15
CA VAL C 43 16.94 -81.53 13.91
C VAL C 43 17.41 -80.36 13.07
N LYS C 44 17.03 -79.19 13.52
CA LYS C 44 17.41 -77.94 12.89
C LYS C 44 17.82 -76.94 13.94
N PHE C 45 16.90 -76.65 14.83
CA PHE C 45 16.82 -75.40 15.54
C PHE C 45 17.79 -75.32 16.70
N LEU C 46 18.57 -76.35 16.95
CA LEU C 46 19.53 -76.25 18.02
C LEU C 46 20.90 -75.97 17.41
N ALA C 47 21.17 -74.68 17.20
CA ALA C 47 22.45 -74.30 16.61
C ALA C 47 22.92 -72.95 17.13
N GLY C 48 22.28 -71.90 16.62
CA GLY C 48 22.51 -70.56 17.13
C GLY C 48 22.29 -70.50 18.61
N PHE C 49 21.50 -71.43 19.12
CA PHE C 49 21.46 -71.77 20.51
C PHE C 49 22.87 -71.71 21.06
N ALA C 50 23.73 -72.57 20.57
CA ALA C 50 25.16 -72.39 20.78
C ALA C 50 25.76 -71.34 19.85
N ILE C 51 25.41 -71.38 18.57
CA ILE C 51 26.16 -70.61 17.59
C ILE C 51 26.02 -69.12 17.83
N ILE C 52 24.78 -68.63 17.92
CA ILE C 52 24.60 -67.20 18.13
C ILE C 52 25.41 -66.76 19.32
N SER C 53 25.44 -67.59 20.36
CA SER C 53 26.23 -67.26 21.53
C SER C 53 27.66 -66.94 21.14
N VAL C 54 28.34 -67.89 20.49
CA VAL C 54 29.69 -67.60 20.05
C VAL C 54 29.66 -66.55 18.96
N PHE C 55 28.65 -66.58 18.10
CA PHE C 55 28.45 -65.47 17.20
C PHE C 55 28.37 -64.16 17.96
N ILE C 56 27.52 -64.10 18.98
CA ILE C 56 27.55 -62.93 19.85
C ILE C 56 28.96 -62.67 20.32
N ALA C 57 29.59 -63.70 20.88
CA ALA C 57 30.93 -63.55 21.43
C ALA C 57 31.86 -62.88 20.44
N VAL C 58 31.91 -63.40 19.21
CA VAL C 58 32.90 -62.91 18.28
C VAL C 58 32.64 -61.44 17.92
N GLY C 59 31.42 -61.11 17.51
CA GLY C 59 31.12 -59.72 17.21
C GLY C 59 31.35 -58.82 18.39
N MET C 60 30.83 -59.22 19.56
CA MET C 60 31.21 -58.53 20.78
C MET C 60 32.72 -58.44 20.89
N ALA C 61 33.41 -59.55 20.68
CA ALA C 61 34.87 -59.49 20.66
C ALA C 61 35.36 -58.64 19.50
N VAL C 62 34.69 -58.73 18.35
CA VAL C 62 35.09 -57.90 17.22
C VAL C 62 35.01 -56.43 17.58
N VAL C 63 33.82 -55.97 17.96
CA VAL C 63 33.69 -54.56 18.25
C VAL C 63 34.17 -54.32 19.67
N GLY C 64 33.35 -54.73 20.63
CA GLY C 64 33.69 -54.47 22.03
C GLY C 64 34.08 -53.05 22.28
N LEU C 65 33.35 -52.09 21.72
CA LEU C 65 33.70 -50.68 21.82
C LEU C 65 35.12 -50.46 21.32
N GLN D 1 43.86 -20.27 -1.27
CA GLN D 1 44.17 -19.97 0.13
C GLN D 1 43.79 -21.13 1.05
N ASP D 2 43.22 -20.77 2.18
CA ASP D 2 42.72 -21.75 3.13
C ASP D 2 41.25 -22.03 2.87
N LEU D 3 40.93 -23.31 2.68
CA LEU D 3 39.55 -23.69 2.56
C LEU D 3 38.91 -23.58 3.93
N MET D 4 37.82 -22.84 4.02
CA MET D 4 37.37 -22.43 5.34
C MET D 4 36.81 -23.60 6.14
N ALA D 5 36.19 -24.56 5.47
CA ALA D 5 35.74 -25.74 6.20
C ALA D 5 36.89 -26.54 6.80
N SER D 6 38.13 -26.17 6.49
CA SER D 6 39.28 -26.89 7.01
C SER D 6 39.46 -26.59 8.49
N GLY D 7 40.56 -27.07 9.02
CA GLY D 7 40.71 -27.14 10.44
C GLY D 7 39.67 -28.10 10.98
N ASN D 8 39.44 -27.98 12.28
CA ASN D 8 38.47 -28.82 12.96
C ASN D 8 38.85 -30.28 12.78
N THR D 9 38.00 -31.04 12.12
CA THR D 9 38.25 -32.44 11.81
C THR D 9 38.49 -33.26 13.06
N THR D 10 38.03 -32.75 14.19
CA THR D 10 37.56 -33.67 15.23
C THR D 10 36.44 -34.52 14.66
N VAL D 11 35.90 -34.04 13.55
CA VAL D 11 35.07 -34.79 12.64
C VAL D 11 35.70 -36.15 12.46
N LYS D 12 36.99 -36.16 12.16
CA LYS D 12 37.69 -37.44 12.11
C LYS D 12 37.55 -38.15 13.43
N ALA D 13 38.03 -37.54 14.50
CA ALA D 13 37.86 -38.12 15.82
C ALA D 13 36.43 -38.56 16.01
N THR D 14 35.48 -37.72 15.60
CA THR D 14 34.08 -38.08 15.70
C THR D 14 33.78 -39.37 14.97
N PHE D 15 34.14 -39.44 13.71
CA PHE D 15 33.76 -40.56 12.86
C PHE D 15 34.89 -41.56 12.61
N GLY D 16 36.06 -41.35 13.21
CA GLY D 16 37.25 -42.05 12.79
C GLY D 16 37.13 -43.56 12.90
N LYS D 17 38.08 -44.24 12.26
CA LYS D 17 38.13 -45.71 12.33
C LYS D 17 37.99 -46.16 13.77
N ASP D 18 38.70 -45.49 14.67
CA ASP D 18 38.39 -45.57 16.09
C ASP D 18 37.48 -44.39 16.38
N SER D 19 36.22 -44.71 16.63
CA SER D 19 35.25 -43.75 17.09
C SER D 19 34.13 -44.51 17.77
N SER D 20 33.42 -43.82 18.63
CA SER D 20 32.25 -44.41 19.24
C SER D 20 31.33 -44.86 18.11
N VAL D 21 30.88 -43.89 17.31
CA VAL D 21 29.83 -44.12 16.32
C VAL D 21 30.11 -45.38 15.52
N VAL D 22 31.32 -45.49 15.00
CA VAL D 22 31.68 -46.68 14.23
C VAL D 22 31.33 -47.93 15.02
N LYS D 23 31.85 -48.01 16.23
CA LYS D 23 31.60 -49.17 17.08
C LYS D 23 30.11 -49.37 17.29
N TRP D 24 29.38 -48.28 17.46
CA TRP D 24 27.93 -48.36 17.55
C TRP D 24 27.34 -49.18 16.41
N VAL D 25 27.75 -48.87 15.19
CA VAL D 25 27.10 -49.46 14.02
C VAL D 25 27.11 -50.97 14.12
N VAL D 26 28.30 -51.56 14.02
CA VAL D 26 28.41 -53.00 13.96
C VAL D 26 27.71 -53.64 15.13
N LEU D 27 27.74 -52.98 16.28
CA LEU D 27 27.05 -53.49 17.45
C LEU D 27 25.62 -53.86 17.10
N ALA D 28 24.80 -52.85 16.84
CA ALA D 28 23.42 -53.11 16.46
C ALA D 28 23.35 -54.05 15.28
N GLU D 29 24.28 -53.91 14.34
CA GLU D 29 24.35 -54.88 13.25
C GLU D 29 24.44 -56.30 13.78
N VAL D 30 25.39 -56.55 14.68
CA VAL D 30 25.46 -57.87 15.30
C VAL D 30 24.12 -58.26 15.87
N LEU D 31 23.47 -57.33 16.56
CA LEU D 31 22.19 -57.63 17.18
C LEU D 31 21.19 -58.08 16.14
N VAL D 32 20.79 -57.15 15.27
CA VAL D 32 19.67 -57.39 14.36
C VAL D 32 19.87 -58.69 13.59
N GLY D 33 21.07 -58.91 13.08
CA GLY D 33 21.33 -60.16 12.39
C GLY D 33 21.02 -61.35 13.28
N ALA D 34 21.63 -61.37 14.46
CA ALA D 34 21.26 -62.41 15.43
C ALA D 34 19.77 -62.42 15.67
N VAL D 35 19.17 -61.25 15.85
CA VAL D 35 17.73 -61.19 15.92
C VAL D 35 17.10 -61.86 14.73
N MET D 36 17.35 -61.31 13.53
CA MET D 36 16.75 -61.83 12.32
C MET D 36 16.86 -63.33 12.22
N TYR D 37 18.01 -63.89 12.56
CA TYR D 37 18.19 -65.31 12.37
C TYR D 37 17.18 -66.11 13.15
N MET D 38 16.86 -65.68 14.37
CA MET D 38 15.79 -66.33 15.12
C MET D 38 14.54 -66.42 14.28
N MET D 39 14.13 -65.30 13.73
CA MET D 39 12.95 -65.30 12.87
C MET D 39 13.17 -66.17 11.64
N THR D 40 14.25 -65.91 10.91
CA THR D 40 14.41 -66.51 9.60
C THR D 40 14.89 -67.95 9.69
N LYS D 41 15.90 -68.19 10.52
CA LYS D 41 16.59 -69.46 10.53
C LYS D 41 17.20 -69.76 9.16
N ASN D 42 17.62 -68.69 8.49
CA ASN D 42 18.37 -68.80 7.27
C ASN D 42 19.77 -68.31 7.54
N VAL D 43 20.74 -68.84 6.80
CA VAL D 43 22.05 -68.25 6.97
C VAL D 43 22.08 -67.12 5.96
N LYS D 44 21.94 -65.92 6.49
CA LYS D 44 21.98 -64.70 5.72
C LYS D 44 22.80 -63.66 6.44
N PHE D 45 22.38 -63.33 7.64
CA PHE D 45 22.61 -62.05 8.26
C PHE D 45 24.00 -61.93 8.86
N LEU D 46 24.82 -62.97 8.76
CA LEU D 46 26.16 -62.83 9.28
C LEU D 46 27.11 -62.58 8.11
N ALA D 47 27.24 -61.31 7.76
CA ALA D 47 28.11 -60.95 6.65
C ALA D 47 28.75 -59.59 6.85
N GLY D 48 27.94 -58.55 6.65
CA GLY D 48 28.37 -57.19 6.94
C GLY D 48 28.84 -57.08 8.37
N PHE D 49 28.36 -57.99 9.21
CA PHE D 49 28.96 -58.27 10.49
C PHE D 49 30.46 -58.20 10.34
N ALA D 50 31.03 -59.09 9.53
CA ALA D 50 32.39 -58.91 9.08
C ALA D 50 32.50 -57.89 7.95
N ILE D 51 31.61 -57.98 6.96
CA ILE D 51 31.83 -57.25 5.72
C ILE D 51 31.79 -55.74 5.94
N ILE D 52 30.72 -55.25 6.56
CA ILE D 52 30.64 -53.82 6.78
C ILE D 52 31.89 -53.33 7.47
N SER D 53 32.40 -54.12 8.41
CA SER D 53 33.63 -53.75 9.09
C SER D 53 34.73 -53.46 8.08
N VAL D 54 35.05 -54.44 7.24
CA VAL D 54 36.05 -54.17 6.22
C VAL D 54 35.53 -53.16 5.23
N PHE D 55 34.24 -53.22 4.92
CA PHE D 55 33.65 -52.13 4.16
C PHE D 55 33.90 -50.80 4.82
N ILE D 56 33.60 -50.70 6.12
CA ILE D 56 34.00 -49.51 6.85
C ILE D 56 35.46 -49.23 6.62
N ALA D 57 36.29 -50.25 6.87
CA ALA D 57 37.73 -50.08 6.76
C ALA D 57 38.12 -49.46 5.43
N VAL D 58 37.61 -50.01 4.33
CA VAL D 58 38.07 -49.55 3.03
C VAL D 58 37.67 -48.12 2.79
N GLY D 59 36.39 -47.79 2.95
CA GLY D 59 35.98 -46.42 2.77
C GLY D 59 36.70 -45.48 3.69
N MET D 60 36.76 -45.82 4.97
CA MET D 60 37.64 -45.10 5.87
C MET D 60 39.03 -45.00 5.29
N ALA D 61 39.58 -46.12 4.83
CA ALA D 61 40.87 -46.08 4.15
C ALA D 61 40.77 -45.28 2.87
N VAL D 62 39.65 -45.39 2.15
CA VAL D 62 39.49 -44.62 0.92
C VAL D 62 39.57 -43.13 1.24
N VAL D 63 38.67 -42.65 2.09
CA VAL D 63 38.67 -41.23 2.36
C VAL D 63 39.73 -40.94 3.41
N GLY D 64 39.44 -41.31 4.65
CA GLY D 64 40.36 -41.00 5.74
C GLY D 64 40.82 -39.57 5.73
N LEU D 65 39.90 -38.64 5.53
CA LEU D 65 40.24 -37.22 5.41
C LEU D 65 41.28 -37.03 4.32
N GLN E 1 37.55 -7.77 -20.73
CA GLN E 1 38.47 -7.42 -19.66
C GLN E 1 38.58 -8.52 -18.63
N ASP E 2 38.62 -8.12 -17.37
CA ASP E 2 38.63 -9.06 -16.27
C ASP E 2 37.22 -9.35 -15.79
N LEU E 3 36.87 -10.62 -15.76
CA LEU E 3 35.60 -11.02 -15.20
C LEU E 3 35.68 -10.85 -13.69
N MET E 4 34.75 -10.09 -13.14
CA MET E 4 34.95 -9.62 -11.78
C MET E 4 34.86 -10.76 -10.76
N ALA E 5 34.02 -11.75 -11.02
CA ALA E 5 33.98 -12.89 -10.11
C ALA E 5 35.30 -13.66 -10.10
N SER E 6 36.24 -13.31 -10.97
CA SER E 6 37.51 -14.01 -11.02
C SER E 6 38.36 -13.65 -9.80
N GLY E 7 39.59 -14.10 -9.84
CA GLY E 7 40.38 -14.11 -8.64
C GLY E 7 39.74 -15.04 -7.65
N ASN E 8 40.14 -14.87 -6.40
CA ASN E 8 39.61 -15.67 -5.31
C ASN E 8 39.90 -17.13 -5.59
N THR E 9 38.84 -17.93 -5.74
CA THR E 9 38.95 -19.34 -6.09
C THR E 9 39.77 -20.11 -5.06
N THR E 10 39.89 -19.55 -3.85
CA THR E 10 39.97 -20.40 -2.68
C THR E 10 38.73 -21.28 -2.63
N VAL E 11 37.72 -20.86 -3.38
CA VAL E 11 36.58 -21.65 -3.76
C VAL E 11 37.08 -23.01 -4.15
N LYS E 12 38.08 -23.04 -5.03
CA LYS E 12 38.70 -24.32 -5.35
C LYS E 12 39.21 -24.97 -4.08
N ALA E 13 40.13 -24.31 -3.39
CA ALA E 13 40.60 -24.83 -2.12
C ALA E 13 39.43 -25.27 -1.27
N THR E 14 38.38 -24.45 -1.23
CA THR E 14 37.20 -24.79 -0.46
C THR E 14 36.62 -26.11 -0.90
N PHE E 15 36.35 -26.24 -2.19
CA PHE E 15 35.64 -27.39 -2.71
C PHE E 15 36.54 -28.40 -3.43
N GLY E 16 37.85 -28.17 -3.46
CA GLY E 16 38.72 -28.91 -4.36
C GLY E 16 38.69 -30.40 -4.13
N LYS E 17 39.25 -31.11 -5.13
CA LYS E 17 39.34 -32.56 -5.02
C LYS E 17 39.91 -32.96 -3.67
N ASP E 18 40.95 -32.26 -3.24
CA ASP E 18 41.34 -32.27 -1.84
C ASP E 18 40.65 -31.07 -1.20
N SER E 19 39.67 -31.38 -0.37
CA SER E 19 39.00 -30.39 0.45
C SER E 19 38.34 -31.13 1.60
N SER E 20 38.10 -30.39 2.67
CA SER E 20 37.35 -30.95 3.77
C SER E 20 36.04 -31.45 3.23
N VAL E 21 35.25 -30.52 2.69
CA VAL E 21 33.87 -30.79 2.32
C VAL E 21 33.75 -32.08 1.54
N VAL E 22 34.59 -32.23 0.51
CA VAL E 22 34.56 -33.45 -0.28
C VAL E 22 34.65 -34.65 0.62
N LYS E 23 35.68 -34.69 1.46
CA LYS E 23 35.87 -35.80 2.36
C LYS E 23 34.66 -36.00 3.26
N TRP E 24 34.07 -34.89 3.71
CA TRP E 24 32.83 -34.97 4.47
C TRP E 24 31.80 -35.83 3.77
N VAL E 25 31.58 -35.58 2.48
CA VAL E 25 30.47 -36.22 1.78
C VAL E 25 30.56 -37.73 1.93
N VAL E 26 31.58 -38.32 1.31
CA VAL E 26 31.67 -39.76 1.25
C VAL E 26 31.60 -40.35 2.64
N LEU E 27 32.17 -39.63 3.63
CA LEU E 27 32.11 -40.10 5.00
C LEU E 27 30.69 -40.47 5.37
N ALA E 28 29.82 -39.47 5.49
CA ALA E 28 28.44 -39.75 5.82
C ALA E 28 27.84 -40.75 4.84
N GLU E 29 28.22 -40.65 3.57
CA GLU E 29 27.79 -41.67 2.62
C GLU E 29 28.14 -43.06 3.10
N VAL E 30 29.41 -43.27 3.46
CA VAL E 30 29.80 -44.56 4.02
C VAL E 30 28.87 -44.92 5.16
N LEU E 31 28.61 -43.97 6.04
CA LEU E 31 27.77 -44.24 7.20
C LEU E 31 26.41 -44.73 6.78
N VAL E 32 25.63 -43.85 6.15
CA VAL E 32 24.22 -44.12 5.90
C VAL E 32 24.06 -45.45 5.17
N GLY E 33 24.88 -45.69 4.16
CA GLY E 33 24.82 -46.97 3.49
C GLY E 33 24.99 -48.12 4.46
N ALA E 34 26.07 -48.11 5.22
CA ALA E 34 26.23 -49.08 6.29
C ALA E 34 25.03 -49.09 7.20
N VAL E 35 24.55 -47.91 7.59
CA VAL E 35 23.32 -47.84 8.34
C VAL E 35 22.21 -48.56 7.60
N MET E 36 21.87 -48.08 6.40
CA MET E 36 20.77 -48.64 5.64
C MET E 36 20.86 -50.15 5.57
N TYR E 37 22.05 -50.69 5.33
CA TYR E 37 22.14 -52.12 5.15
C TYR E 37 21.62 -52.87 6.35
N MET E 38 21.91 -52.38 7.55
CA MET E 38 21.33 -53.01 8.74
C MET E 38 19.83 -53.14 8.59
N MET E 39 19.18 -52.04 8.24
CA MET E 39 17.75 -52.08 8.04
C MET E 39 17.38 -52.99 6.89
N THR E 40 17.98 -52.77 5.73
CA THR E 40 17.53 -53.43 4.51
C THR E 40 18.02 -54.86 4.44
N LYS E 41 19.30 -55.07 4.71
CA LYS E 41 19.95 -56.34 4.44
C LYS E 41 19.85 -56.69 2.96
N ASN E 42 19.87 -55.67 2.13
CA ASN E 42 19.98 -55.84 0.69
C ASN E 42 21.33 -55.34 0.26
N VAL E 43 21.85 -55.89 -0.83
CA VAL E 43 23.07 -55.30 -1.31
C VAL E 43 22.62 -54.21 -2.26
N LYS E 44 22.71 -52.99 -1.77
CA LYS E 44 22.36 -51.81 -2.53
C LYS E 44 23.41 -50.74 -2.32
N PHE E 45 23.59 -50.36 -1.08
CA PHE E 45 24.06 -49.06 -0.69
C PHE E 45 25.56 -48.91 -0.81
N LEU E 46 26.26 -49.94 -1.23
CA LEU E 46 27.70 -49.79 -1.42
C LEU E 46 27.97 -49.59 -2.90
N ALA E 47 27.90 -48.34 -3.33
CA ALA E 47 28.14 -48.03 -4.72
C ALA E 47 28.77 -46.66 -4.90
N GLY E 48 27.94 -45.62 -4.75
CA GLY E 48 28.43 -44.26 -4.74
C GLY E 48 29.51 -44.09 -3.70
N PHE E 49 29.50 -44.96 -2.71
CA PHE E 49 30.63 -45.19 -1.85
C PHE E 49 31.89 -45.12 -2.69
N ALA E 50 32.02 -46.04 -3.63
CA ALA E 50 33.01 -45.89 -4.67
C ALA E 50 32.56 -44.93 -5.76
N ILE E 51 31.32 -45.05 -6.22
CA ILE E 51 30.91 -44.38 -7.44
C ILE E 51 30.96 -42.88 -7.28
N ILE E 52 30.28 -42.35 -6.26
CA ILE E 52 30.29 -40.90 -6.08
C ILE E 52 31.72 -40.39 -6.09
N SER E 53 32.62 -41.15 -5.46
CA SER E 53 34.02 -40.75 -5.45
C SER E 53 34.51 -40.50 -6.87
N VAL E 54 34.42 -41.52 -7.72
CA VAL E 54 34.82 -41.29 -9.09
C VAL E 54 33.87 -40.33 -9.77
N PHE E 55 32.58 -40.40 -9.43
CA PHE E 55 31.69 -39.35 -9.87
C PHE E 55 32.19 -37.98 -9.46
N ILE E 56 32.54 -37.82 -8.19
CA ILE E 56 33.20 -36.59 -7.77
C ILE E 56 34.39 -36.34 -8.67
N ALA E 57 35.26 -37.34 -8.80
CA ALA E 57 36.48 -37.18 -9.58
C ALA E 57 36.18 -36.62 -10.96
N VAL E 58 35.23 -37.23 -11.66
CA VAL E 58 35.02 -36.83 -13.05
C VAL E 58 34.52 -35.39 -13.13
N GLY E 59 33.46 -35.06 -12.40
CA GLY E 59 32.98 -33.70 -12.43
C GLY E 59 34.03 -32.72 -11.99
N MET E 60 34.70 -33.01 -10.88
CA MET E 60 35.88 -32.24 -10.52
C MET E 60 36.84 -32.18 -11.69
N ALA E 61 37.13 -33.32 -12.31
CA ALA E 61 37.95 -33.31 -13.50
C ALA E 61 37.24 -32.57 -14.63
N VAL E 62 35.93 -32.72 -14.74
CA VAL E 62 35.20 -31.99 -15.77
C VAL E 62 35.39 -30.50 -15.60
N VAL E 63 34.98 -29.98 -14.44
CA VAL E 63 35.08 -28.54 -14.26
C VAL E 63 36.50 -28.21 -13.84
N GLY E 64 36.83 -28.52 -12.60
CA GLY E 64 38.15 -28.16 -12.08
C GLY E 64 38.52 -26.73 -12.36
N LEU E 65 37.60 -25.81 -12.14
CA LEU E 65 37.81 -24.41 -12.47
C LEU E 65 38.22 -24.26 -13.92
N GLN F 1 22.48 4.11 -35.25
CA GLN F 1 23.80 4.51 -34.75
C GLN F 1 24.40 3.43 -33.86
N ASP F 2 25.01 3.89 -32.78
CA ASP F 2 25.58 3.00 -31.79
C ASP F 2 24.56 2.71 -30.70
N LEU F 3 24.29 1.44 -30.46
CA LEU F 3 23.43 1.06 -29.35
C LEU F 3 24.21 1.29 -28.07
N MET F 4 23.63 2.06 -27.16
CA MET F 4 24.45 2.58 -26.08
C MET F 4 24.86 1.48 -25.11
N ALA F 5 24.02 0.48 -24.91
CA ALA F 5 24.44 -0.63 -24.06
C ALA F 5 25.62 -1.40 -24.65
N SER F 6 26.04 -1.08 -25.86
CA SER F 6 27.15 -1.78 -26.48
C SER F 6 28.46 -1.36 -25.83
N GLY F 7 29.54 -1.83 -26.41
CA GLY F 7 30.80 -1.78 -25.74
C GLY F 7 30.72 -2.69 -24.54
N ASN F 8 31.65 -2.46 -23.62
CA ASN F 8 31.72 -3.23 -22.39
C ASN F 8 31.87 -4.70 -22.72
N THR F 9 30.88 -5.50 -22.34
CA THR F 9 30.85 -6.92 -22.66
C THR F 9 32.06 -7.65 -22.10
N THR F 10 32.71 -7.05 -21.12
CA THR F 10 33.35 -7.87 -20.10
C THR F 10 32.30 -8.74 -19.44
N VAL F 11 31.06 -8.35 -19.63
CA VAL F 11 29.88 -9.15 -19.41
C VAL F 11 30.16 -10.53 -19.95
N LYS F 12 30.63 -10.59 -21.19
CA LYS F 12 31.04 -11.87 -21.73
C LYS F 12 32.11 -12.48 -20.84
N ALA F 13 33.23 -11.79 -20.68
CA ALA F 13 34.26 -12.28 -19.77
C ALA F 13 33.64 -12.68 -18.45
N THR F 14 32.72 -11.85 -17.95
CA THR F 14 32.04 -12.17 -16.70
C THR F 14 31.35 -13.52 -16.78
N PHE F 15 30.51 -13.70 -17.78
CA PHE F 15 29.65 -14.86 -17.87
C PHE F 15 30.13 -15.90 -18.89
N GLY F 16 31.26 -15.66 -19.54
CA GLY F 16 31.62 -16.42 -20.72
C GLY F 16 31.73 -17.91 -20.48
N LYS F 17 31.76 -18.66 -21.58
CA LYS F 17 31.93 -20.10 -21.49
C LYS F 17 33.07 -20.45 -20.56
N ASP F 18 34.17 -19.73 -20.68
CA ASP F 18 35.17 -19.68 -19.64
C ASP F 18 34.86 -18.47 -18.78
N SER F 19 34.37 -18.75 -17.59
CA SER F 19 34.16 -17.73 -16.58
C SER F 19 34.13 -18.43 -15.23
N SER F 20 34.41 -17.66 -14.20
CA SER F 20 34.29 -18.18 -12.85
C SER F 20 32.87 -18.70 -12.70
N VAL F 21 31.91 -17.79 -12.82
CA VAL F 21 30.52 -18.08 -12.49
C VAL F 21 30.07 -19.40 -13.09
N VAL F 22 30.33 -19.58 -14.38
CA VAL F 22 29.96 -20.82 -15.03
C VAL F 22 30.48 -22.00 -14.24
N LYS F 23 31.79 -22.00 -13.99
CA LYS F 23 32.40 -23.08 -13.25
C LYS F 23 31.76 -23.24 -11.89
N TRP F 24 31.43 -22.13 -11.24
CA TRP F 24 30.70 -22.17 -9.98
C TRP F 24 29.48 -23.07 -10.09
N VAL F 25 28.67 -22.86 -11.12
CA VAL F 25 27.37 -23.53 -11.20
C VAL F 25 27.54 -25.03 -11.07
N VAL F 26 28.16 -25.64 -12.08
CA VAL F 26 28.25 -27.09 -12.12
C VAL F 26 28.85 -27.62 -10.85
N LEU F 27 29.80 -26.88 -10.28
CA LEU F 27 30.41 -27.29 -9.02
C LEU F 27 29.34 -27.66 -8.02
N ALA F 28 28.60 -26.65 -7.53
CA ALA F 28 27.55 -26.92 -6.58
C ALA F 28 26.57 -27.95 -7.13
N GLU F 29 26.31 -27.90 -8.42
CA GLU F 29 25.50 -28.94 -9.03
C GLU F 29 26.07 -30.32 -8.73
N VAL F 30 27.35 -30.52 -9.01
CA VAL F 30 27.99 -31.78 -8.65
C VAL F 30 27.71 -32.11 -7.20
N LEU F 31 27.88 -31.12 -6.33
CA LEU F 31 27.70 -31.35 -4.91
C LEU F 31 26.30 -31.86 -4.62
N VAL F 32 25.30 -31.00 -4.83
CA VAL F 32 23.94 -31.29 -4.38
C VAL F 32 23.48 -32.63 -4.91
N GLY F 33 23.74 -32.92 -6.18
CA GLY F 33 23.40 -34.22 -6.70
C GLY F 33 24.01 -35.34 -5.88
N ALA F 34 25.34 -35.28 -5.72
CA ALA F 34 25.99 -36.22 -4.84
C ALA F 34 25.36 -36.21 -3.47
N VAL F 35 25.10 -35.01 -2.94
CA VAL F 35 24.36 -34.91 -1.70
C VAL F 35 23.06 -35.66 -1.80
N MET F 36 22.18 -35.22 -2.71
CA MET F 36 20.87 -35.82 -2.85
C MET F 36 20.93 -37.33 -2.90
N TYR F 37 21.88 -37.87 -3.65
CA TYR F 37 21.90 -39.31 -3.83
C TYR F 37 22.03 -40.03 -2.49
N MET F 38 22.84 -39.49 -1.58
CA MET F 38 22.90 -40.07 -0.25
C MET F 38 21.51 -40.21 0.33
N MET F 39 20.75 -39.13 0.31
CA MET F 39 19.38 -39.17 0.80
C MET F 39 18.54 -40.13 0.00
N THR F 40 18.52 -39.94 -1.32
CA THR F 40 17.56 -40.65 -2.15
C THR F 40 17.99 -42.08 -2.42
N LYS F 41 19.25 -42.28 -2.78
CA LYS F 41 19.70 -43.57 -3.28
C LYS F 41 18.92 -43.96 -4.52
N ASN F 42 18.55 -42.97 -5.30
CA ASN F 42 17.96 -43.18 -6.61
C ASN F 42 18.95 -42.69 -7.65
N VAL F 43 18.90 -43.29 -8.82
CA VAL F 43 19.74 -42.71 -9.86
C VAL F 43 18.87 -41.66 -10.50
N LYS F 44 19.15 -40.43 -10.15
CA LYS F 44 18.47 -39.27 -10.70
C LYS F 44 19.47 -38.19 -11.04
N PHE F 45 20.21 -37.77 -10.04
CA PHE F 45 20.79 -36.44 -9.96
C PHE F 45 22.05 -36.30 -10.78
N LEU F 46 22.48 -37.36 -11.46
CA LEU F 46 23.66 -37.21 -12.30
C LEU F 46 23.20 -37.06 -13.73
N ALA F 47 22.92 -35.82 -14.12
CA ALA F 47 22.46 -35.56 -15.48
C ALA F 47 22.91 -34.20 -15.98
N GLY F 48 22.23 -33.16 -15.47
CA GLY F 48 22.64 -31.80 -15.73
C GLY F 48 24.08 -31.58 -15.34
N PHE F 49 24.55 -32.43 -14.44
CA PHE F 49 25.97 -32.62 -14.20
C PHE F 49 26.68 -32.58 -15.53
N ALA F 50 26.37 -33.53 -16.39
CA ALA F 50 26.74 -33.41 -17.78
C ALA F 50 25.82 -32.50 -18.57
N ILE F 51 24.51 -32.63 -18.37
CA ILE F 51 23.56 -32.01 -19.28
C ILE F 51 23.65 -30.50 -19.21
N ILE F 52 23.53 -29.94 -18.00
CA ILE F 52 23.59 -28.49 -17.91
C ILE F 52 24.84 -27.98 -18.59
N SER F 53 25.94 -28.71 -18.44
CA SER F 53 27.17 -28.30 -19.10
C SER F 53 26.94 -28.11 -20.59
N VAL F 54 26.46 -29.15 -21.27
CA VAL F 54 26.17 -28.98 -22.68
C VAL F 54 25.00 -28.04 -22.86
N PHE F 55 24.02 -28.10 -21.95
CA PHE F 55 23.01 -27.06 -21.95
C PHE F 55 23.63 -25.69 -21.87
N ILE F 56 24.53 -25.48 -20.91
CA ILE F 56 25.29 -24.25 -20.90
C ILE F 56 25.90 -24.02 -22.26
N ALA F 57 26.62 -25.02 -22.75
CA ALA F 57 27.33 -24.89 -24.01
C ALA F 57 26.40 -24.37 -25.10
N VAL F 58 25.25 -25.00 -25.26
CA VAL F 58 24.41 -24.66 -26.40
C VAL F 58 23.90 -23.23 -26.28
N GLY F 59 23.30 -22.87 -25.14
CA GLY F 59 22.84 -21.51 -24.97
C GLY F 59 23.96 -20.51 -25.12
N MET F 60 25.08 -20.76 -24.45
CA MET F 60 26.27 -19.99 -24.72
C MET F 60 26.56 -19.96 -26.20
N ALA F 61 26.55 -21.12 -26.84
CA ALA F 61 26.70 -21.16 -28.29
C ALA F 61 25.54 -20.45 -28.97
N VAL F 62 24.33 -20.61 -28.44
CA VAL F 62 23.18 -19.92 -29.02
C VAL F 62 23.42 -18.42 -29.00
N VAL F 63 23.58 -17.85 -27.82
CA VAL F 63 23.74 -16.42 -27.74
C VAL F 63 25.17 -16.07 -28.05
N GLY F 64 26.06 -16.34 -27.11
CA GLY F 64 27.46 -15.96 -27.29
C GLY F 64 27.63 -14.54 -27.75
N LEU F 65 26.90 -13.61 -27.14
CA LEU F 65 26.91 -12.22 -27.58
C LEU F 65 26.58 -12.12 -29.06
N GLN G 1 2.11 15.28 -41.54
CA GLN G 1 3.49 15.69 -41.73
C GLN G 1 4.46 14.66 -41.19
N ASP G 2 5.50 15.16 -40.54
CA ASP G 2 6.47 14.30 -39.90
C ASP G 2 6.11 14.07 -38.44
N LEU G 3 6.00 12.80 -38.07
CA LEU G 3 5.77 12.48 -36.68
C LEU G 3 7.06 12.76 -35.92
N MET G 4 6.96 13.57 -34.88
CA MET G 4 8.18 14.12 -34.31
C MET G 4 9.03 13.07 -33.61
N ALA G 5 8.39 12.06 -33.01
CA ALA G 5 9.18 11.00 -32.42
C ALA G 5 9.97 10.21 -33.46
N SER G 6 9.76 10.49 -34.75
CA SER G 6 10.46 9.76 -35.78
C SER G 6 11.92 10.19 -35.85
N GLY G 7 12.60 9.72 -36.86
CA GLY G 7 14.02 9.79 -36.85
C GLY G 7 14.54 8.94 -35.72
N ASN G 8 15.80 9.20 -35.37
CA ASN G 8 16.45 8.48 -34.28
C ASN G 8 16.45 7.00 -34.60
N THR G 9 15.78 6.21 -33.77
CA THR G 9 15.63 4.78 -33.97
C THR G 9 16.97 4.07 -34.04
N THR G 10 18.01 4.72 -33.50
CA THR G 10 19.06 3.94 -32.87
C THR G 10 18.47 3.10 -31.77
N VAL G 11 17.26 3.47 -31.37
CA VAL G 11 16.35 2.68 -30.58
C VAL G 11 16.37 1.28 -31.15
N LYS G 12 16.20 1.18 -32.47
CA LYS G 12 16.34 -0.13 -33.09
C LYS G 12 17.71 -0.70 -32.78
N ALA G 13 18.77 -0.01 -33.20
CA ALA G 13 20.10 -0.44 -32.85
C ALA G 13 20.19 -0.79 -31.39
N THR G 14 19.59 0.05 -30.54
CA THR G 14 19.60 -0.22 -29.12
C THR G 14 18.97 -1.57 -28.81
N PHE G 15 17.76 -1.79 -29.28
CA PHE G 15 16.98 -2.96 -28.92
C PHE G 15 16.95 -4.04 -30.01
N GLY G 16 17.64 -3.83 -31.13
CA GLY G 16 17.42 -4.63 -32.31
C GLY G 16 17.66 -6.11 -32.09
N LYS G 17 17.18 -6.90 -33.06
CA LYS G 17 17.40 -8.35 -33.01
C LYS G 17 18.85 -8.65 -32.70
N ASP G 18 19.75 -7.93 -33.36
CA ASP G 18 21.13 -7.84 -32.91
C ASP G 18 21.22 -6.59 -32.05
N SER G 19 21.37 -6.83 -30.75
CA SER G 19 21.63 -5.77 -29.80
C SER G 19 22.26 -6.41 -28.58
N SER G 20 22.98 -5.60 -27.83
CA SER G 20 23.51 -6.07 -26.57
C SER G 20 22.34 -6.58 -25.74
N VAL G 21 21.41 -5.68 -25.44
CA VAL G 21 20.35 -5.96 -24.48
C VAL G 21 19.70 -7.30 -24.76
N VAL G 22 19.32 -7.53 -26.00
CA VAL G 22 18.72 -8.80 -26.36
C VAL G 22 19.58 -9.95 -25.87
N LYS G 23 20.84 -9.93 -26.26
CA LYS G 23 21.75 -10.98 -25.86
C LYS G 23 21.83 -11.09 -24.35
N TRP G 24 21.82 -9.95 -23.67
CA TRP G 24 21.77 -9.95 -22.21
C TRP G 24 20.66 -10.85 -21.69
N VAL G 25 19.45 -10.69 -22.23
CA VAL G 25 18.29 -11.36 -21.67
C VAL G 25 18.54 -12.85 -21.58
N VAL G 26 18.62 -13.50 -22.74
CA VAL G 26 18.71 -14.96 -22.77
C VAL G 26 19.85 -15.44 -21.92
N LEU G 27 20.94 -14.66 -21.88
CA LEU G 27 22.07 -15.02 -21.05
C LEU G 27 21.61 -15.35 -19.65
N ALA G 28 21.17 -14.33 -18.91
CA ALA G 28 20.68 -14.56 -17.56
C ALA G 28 19.59 -15.62 -17.55
N GLU G 29 18.74 -15.62 -18.57
CA GLU G 29 17.77 -16.69 -18.69
C GLU G 29 18.44 -18.05 -18.65
N VAL G 30 19.45 -18.26 -19.49
CA VAL G 30 20.19 -19.50 -19.42
C VAL G 30 20.65 -19.77 -18.00
N LEU G 31 21.19 -18.74 -17.35
CA LEU G 31 21.70 -18.93 -16.00
C LEU G 31 20.61 -19.42 -15.07
N VAL G 32 19.61 -18.58 -14.82
CA VAL G 32 18.63 -18.84 -13.78
C VAL G 32 17.99 -20.21 -13.98
N GLY G 33 17.64 -20.55 -15.21
CA GLY G 33 17.11 -21.87 -15.46
C GLY G 33 18.06 -22.94 -15.00
N ALA G 34 19.30 -22.89 -15.47
CA ALA G 34 20.33 -23.79 -14.97
C ALA G 34 20.41 -23.72 -13.47
N VAL G 35 20.41 -22.51 -12.92
CA VAL G 35 20.34 -22.36 -11.48
C VAL G 35 19.14 -23.12 -10.94
N MET G 36 17.94 -22.71 -11.34
CA MET G 36 16.73 -23.31 -10.82
C MET G 36 16.79 -24.82 -10.84
N TYR G 37 17.29 -25.40 -11.94
CA TYR G 37 17.26 -26.85 -12.05
C TYR G 37 18.00 -27.50 -10.91
N MET G 38 19.13 -26.93 -10.50
CA MET G 38 19.82 -27.46 -9.33
C MET G 38 18.88 -27.58 -8.16
N MET G 39 18.17 -26.50 -7.87
CA MET G 39 17.21 -26.52 -6.78
C MET G 39 16.10 -27.52 -7.07
N THR G 40 15.46 -27.38 -8.23
CA THR G 40 14.23 -28.12 -8.49
C THR G 40 14.52 -29.57 -8.86
N LYS G 41 15.46 -29.77 -9.77
CA LYS G 41 15.66 -31.07 -10.39
C LYS G 41 14.39 -31.53 -11.11
N ASN G 42 13.68 -30.56 -11.64
CA ASN G 42 12.55 -30.83 -12.52
C ASN G 42 12.92 -30.38 -13.91
N VAL G 43 12.33 -31.03 -14.91
CA VAL G 43 12.57 -30.50 -16.23
C VAL G 43 11.48 -29.47 -16.43
N LYS G 44 11.87 -28.22 -16.30
CA LYS G 44 11.00 -27.08 -16.49
C LYS G 44 11.70 -26.03 -17.30
N PHE G 45 12.81 -25.56 -16.79
CA PHE G 45 13.33 -24.24 -17.03
C PHE G 45 14.06 -24.12 -18.36
N LEU G 46 14.14 -25.20 -19.12
CA LEU G 46 14.78 -25.08 -20.42
C LEU G 46 13.69 -24.99 -21.48
N ALA G 47 13.23 -23.77 -21.71
CA ALA G 47 12.20 -23.57 -22.71
C ALA G 47 12.33 -22.23 -23.41
N GLY G 48 11.94 -21.17 -22.68
CA GLY G 48 12.15 -19.82 -23.16
C GLY G 48 13.60 -19.58 -23.49
N PHE G 49 14.47 -20.39 -22.89
CA PHE G 49 15.82 -20.56 -23.34
C PHE G 49 15.82 -20.58 -24.85
N ALA G 50 15.17 -21.57 -25.44
CA ALA G 50 14.84 -21.51 -26.85
C ALA G 50 13.64 -20.62 -27.12
N ILE G 51 12.58 -20.76 -26.34
CA ILE G 51 11.30 -20.17 -26.71
C ILE G 51 11.38 -18.65 -26.74
N ILE G 52 11.83 -18.04 -25.65
CA ILE G 52 11.90 -16.59 -25.63
C ILE G 52 12.67 -16.11 -26.84
N SER G 53 13.73 -16.82 -27.20
CA SER G 53 14.49 -16.44 -28.38
C SER G 53 13.58 -16.32 -29.59
N VAL G 54 12.88 -17.38 -29.93
CA VAL G 54 11.95 -17.27 -31.05
C VAL G 54 10.81 -16.34 -30.68
N PHE G 55 10.38 -16.37 -29.42
CA PHE G 55 9.46 -15.34 -28.98
C PHE G 55 10.02 -13.95 -29.25
N ILE G 56 11.26 -13.71 -28.83
CA ILE G 56 11.90 -12.47 -29.22
C ILE G 56 11.81 -12.29 -30.72
N ALA G 57 12.23 -13.31 -31.45
CA ALA G 57 12.26 -13.23 -32.90
C ALA G 57 10.92 -12.77 -33.45
N VAL G 58 9.84 -13.41 -33.03
CA VAL G 58 8.55 -13.11 -33.64
C VAL G 58 8.13 -11.68 -33.35
N GLY G 59 8.13 -11.28 -32.07
CA GLY G 59 7.77 -9.91 -31.76
C GLY G 59 8.68 -8.91 -32.45
N MET G 60 9.98 -9.14 -32.36
CA MET G 60 10.89 -8.36 -33.20
C MET G 60 10.45 -8.39 -34.64
N ALA G 61 10.16 -9.59 -35.17
CA ALA G 61 9.62 -9.67 -36.51
C ALA G 61 8.25 -9.01 -36.58
N VAL G 62 7.44 -9.14 -35.54
CA VAL G 62 6.15 -8.48 -35.55
C VAL G 62 6.33 -6.98 -35.69
N VAL G 63 7.02 -6.37 -34.74
CA VAL G 63 7.16 -4.92 -34.79
C VAL G 63 8.27 -4.59 -35.76
N GLY G 64 9.51 -4.81 -35.34
CA GLY G 64 10.65 -4.45 -36.16
C GLY G 64 10.56 -3.04 -36.69
N LEU G 65 10.17 -2.09 -35.85
CA LEU G 65 9.95 -0.72 -36.29
C LEU G 65 8.96 -0.68 -37.45
N GLN H 1 -19.08 26.12 -37.88
CA GLN H 1 -17.95 26.53 -38.70
C GLN H 1 -16.82 25.53 -38.66
N ASP H 2 -15.61 26.06 -38.59
CA ASP H 2 -14.43 25.23 -38.44
C ASP H 2 -14.08 25.05 -36.97
N LEU H 3 -13.97 23.80 -36.56
CA LEU H 3 -13.50 23.53 -35.21
C LEU H 3 -12.01 23.85 -35.16
N MET H 4 -11.63 24.69 -34.22
CA MET H 4 -10.31 25.28 -34.32
C MET H 4 -9.21 24.26 -34.06
N ALA H 5 -9.46 23.28 -33.20
CA ALA H 5 -8.46 22.24 -33.01
C ALA H 5 -8.24 21.41 -34.26
N SER H 6 -9.04 21.63 -35.31
CA SER H 6 -8.89 20.87 -36.53
C SER H 6 -7.64 21.30 -37.29
N GLY H 7 -7.50 20.79 -38.49
CA GLY H 7 -6.24 20.87 -39.15
C GLY H 7 -5.23 20.07 -38.36
N ASN H 8 -3.97 20.33 -38.65
CA ASN H 8 -2.86 19.67 -37.97
C ASN H 8 -2.98 18.17 -38.20
N THR H 9 -3.17 17.41 -37.13
CA THR H 9 -3.37 15.97 -37.19
C THR H 9 -2.19 15.28 -37.85
N THR H 10 -1.04 15.95 -37.88
CA THR H 10 0.20 15.20 -37.81
C THR H 10 0.21 14.40 -36.52
N VAL H 11 -0.67 14.79 -35.61
CA VAL H 11 -1.09 14.03 -34.47
C VAL H 11 -1.31 12.61 -34.92
N LYS H 12 -2.06 12.44 -36.01
CA LYS H 12 -2.21 11.12 -36.57
C LYS H 12 -0.84 10.56 -36.92
N ALA H 13 -0.12 11.25 -37.80
CA ALA H 13 1.23 10.82 -38.13
C ALA H 13 2.00 10.54 -36.86
N THR H 14 1.86 11.41 -35.86
CA THR H 14 2.53 11.20 -34.59
C THR H 14 2.15 9.86 -33.98
N PHE H 15 0.86 9.61 -33.83
CA PHE H 15 0.37 8.45 -33.10
C PHE H 15 -0.14 7.34 -34.00
N GLY H 16 -0.06 7.51 -35.33
CA GLY H 16 -0.79 6.66 -36.24
C GLY H 16 -0.45 5.19 -36.10
N LYS H 17 -1.31 4.35 -36.71
CA LYS H 17 -1.06 2.91 -36.71
C LYS H 17 0.37 2.63 -37.12
N ASP H 18 0.85 3.33 -38.15
CA ASP H 18 2.27 3.43 -38.40
C ASP H 18 2.73 4.71 -37.72
N SER H 19 3.47 4.54 -36.64
CA SER H 19 4.13 5.63 -35.96
C SER H 19 5.26 5.04 -35.16
N SER H 20 6.23 5.88 -34.86
CA SER H 20 7.30 5.48 -33.98
C SER H 20 6.67 4.99 -32.69
N VAL H 21 5.98 5.90 -32.01
CA VAL H 21 5.49 5.66 -30.65
C VAL H 21 4.82 4.31 -30.54
N VAL H 22 3.91 4.02 -31.47
CA VAL H 22 3.23 2.74 -31.45
C VAL H 22 4.24 1.61 -31.39
N LYS H 23 5.18 1.62 -32.32
CA LYS H 23 6.20 0.59 -32.36
C LYS H 23 6.98 0.54 -31.06
N TRP H 24 7.27 1.70 -30.49
CA TRP H 24 7.90 1.76 -29.18
C TRP H 24 7.19 0.88 -28.18
N VAL H 25 5.86 1.02 -28.09
CA VAL H 25 5.12 0.37 -27.02
C VAL H 25 5.40 -1.11 -27.01
N VAL H 26 4.95 -1.82 -28.05
CA VAL H 26 5.04 -3.27 -28.07
C VAL H 26 6.47 -3.70 -27.84
N LEU H 27 7.42 -2.93 -28.33
CA LEU H 27 8.82 -3.25 -28.12
C LEU H 27 9.08 -3.52 -26.66
N ALA H 28 9.02 -2.48 -25.84
CA ALA H 28 9.23 -2.65 -24.42
C ALA H 28 8.29 -3.70 -23.85
N GLU H 29 7.07 -3.76 -24.36
CA GLU H 29 6.17 -4.83 -23.97
C GLU H 29 6.81 -6.19 -24.19
N VAL H 30 7.31 -6.43 -25.41
CA VAL H 30 8.04 -7.67 -25.65
C VAL H 30 9.10 -7.88 -24.61
N LEU H 31 9.86 -6.82 -24.32
CA LEU H 31 10.95 -6.94 -23.37
C LEU H 31 10.43 -7.41 -22.01
N VAL H 32 9.65 -6.55 -21.35
CA VAL H 32 9.27 -6.78 -19.97
C VAL H 32 8.66 -8.16 -19.79
N GLY H 33 7.77 -8.54 -20.70
CA GLY H 33 7.21 -9.88 -20.63
C GLY H 33 8.31 -10.93 -20.62
N ALA H 34 9.17 -10.89 -21.64
CA ALA H 34 10.33 -11.77 -21.65
C ALA H 34 11.11 -11.64 -20.35
N VAL H 35 11.34 -10.40 -19.91
CA VAL H 35 11.94 -10.19 -18.61
C VAL H 35 11.16 -10.93 -17.55
N MET H 36 9.90 -10.55 -17.35
CA MET H 36 9.09 -11.14 -16.31
C MET H 36 9.17 -12.65 -16.30
N TYR H 37 9.11 -13.26 -17.48
CA TYR H 37 9.05 -14.70 -17.51
C TYR H 37 10.26 -15.32 -16.83
N MET H 38 11.44 -14.73 -17.03
CA MET H 38 12.62 -15.20 -16.30
C MET H 38 12.32 -15.28 -14.82
N MET H 39 11.82 -14.19 -14.26
CA MET H 39 11.48 -14.17 -12.86
C MET H 39 10.38 -15.18 -12.56
N THR H 40 9.28 -15.09 -13.28
CA THR H 40 8.08 -15.85 -12.91
C THR H 40 8.20 -17.31 -13.32
N LYS H 41 8.60 -17.55 -14.56
CA LYS H 41 8.52 -18.87 -15.15
C LYS H 41 7.08 -19.36 -15.17
N ASN H 42 6.17 -18.42 -15.34
CA ASN H 42 4.77 -18.72 -15.58
C ASN H 42 4.44 -18.34 -16.99
N VAL H 43 3.47 -19.02 -17.58
CA VAL H 43 3.04 -18.54 -18.88
C VAL H 43 1.97 -17.53 -18.58
N LYS H 44 2.34 -16.28 -18.68
CA LYS H 44 1.46 -15.15 -18.49
C LYS H 44 1.66 -14.13 -19.56
N PHE H 45 2.88 -13.63 -19.65
CA PHE H 45 3.19 -12.31 -20.15
C PHE H 45 3.21 -12.26 -21.66
N LEU H 46 2.95 -13.37 -22.34
CA LEU H 46 2.91 -13.30 -23.79
C LEU H 46 1.45 -13.25 -24.22
N ALA H 47 0.90 -12.04 -24.26
CA ALA H 47 -0.48 -11.89 -24.66
C ALA H 47 -0.72 -10.57 -25.39
N GLY H 48 -0.75 -9.50 -24.60
CA GLY H 48 -0.81 -8.17 -25.16
C GLY H 48 0.30 -7.93 -26.14
N PHE H 49 1.37 -8.71 -25.99
CA PHE H 49 2.36 -8.90 -27.02
C PHE H 49 1.64 -8.98 -28.35
N ALA H 50 0.82 -10.00 -28.52
CA ALA H 50 -0.14 -9.99 -29.62
C ALA H 50 -1.35 -9.12 -29.34
N ILE H 51 -1.91 -9.23 -28.13
CA ILE H 51 -3.23 -8.66 -27.88
C ILE H 51 -3.20 -7.15 -27.99
N ILE H 52 -2.31 -6.49 -27.27
CA ILE H 52 -2.27 -5.04 -27.34
C ILE H 52 -2.16 -4.60 -28.78
N SER H 53 -1.39 -5.33 -29.58
CA SER H 53 -1.28 -5.00 -30.98
C SER H 53 -2.65 -4.92 -31.62
N VAL H 54 -3.41 -6.00 -31.55
CA VAL H 54 -4.76 -5.94 -32.11
C VAL H 54 -5.60 -5.00 -31.28
N PHE H 55 -5.40 -4.97 -29.97
CA PHE H 55 -6.02 -3.94 -29.18
C PHE H 55 -5.68 -2.56 -29.73
N ILE H 56 -4.41 -2.29 -29.95
CA ILE H 56 -4.04 -1.07 -30.64
C ILE H 56 -4.83 -0.95 -31.92
N ALA H 57 -4.78 -2.00 -32.74
CA ALA H 57 -5.44 -1.98 -34.03
C ALA H 57 -6.89 -1.54 -33.91
N VAL H 58 -7.63 -2.16 -32.99
CA VAL H 58 -9.06 -1.90 -32.95
C VAL H 58 -9.32 -0.46 -32.54
N GLY H 59 -8.74 -0.01 -31.43
CA GLY H 59 -8.93 1.37 -31.03
C GLY H 59 -8.49 2.35 -32.10
N MET H 60 -7.29 2.12 -32.64
CA MET H 60 -6.89 2.86 -33.82
C MET H 60 -7.95 2.77 -34.88
N ALA H 61 -8.43 1.57 -35.17
CA ALA H 61 -9.54 1.42 -36.10
C ALA H 61 -10.80 2.08 -35.55
N VAL H 62 -11.02 1.98 -34.24
CA VAL H 62 -12.18 2.64 -33.67
C VAL H 62 -12.12 4.13 -33.92
N VAL H 63 -11.07 4.79 -33.43
CA VAL H 63 -11.01 6.22 -33.60
C VAL H 63 -10.49 6.53 -34.98
N GLY H 64 -9.19 6.32 -35.18
CA GLY H 64 -8.58 6.66 -36.45
C GLY H 64 -8.95 8.04 -36.94
N LEU H 65 -8.91 9.02 -36.05
CA LEU H 65 -9.34 10.37 -36.37
C LEU H 65 -10.76 10.36 -36.94
N GLN I 1 -36.22 37.15 -25.08
CA GLN I 1 -35.62 37.52 -26.35
C GLN I 1 -34.58 36.51 -26.81
N ASP I 2 -33.49 37.04 -27.33
CA ASP I 2 -32.37 36.23 -27.73
C ASP I 2 -31.36 36.11 -26.59
N LEU I 3 -31.04 34.88 -26.24
CA LEU I 3 -30.00 34.66 -25.25
C LEU I 3 -28.66 34.98 -25.91
N MET I 4 -27.90 35.86 -25.30
CA MET I 4 -26.78 36.45 -26.03
C MET I 4 -25.68 35.44 -26.28
N ALA I 5 -25.47 34.49 -25.37
CA ALA I 5 -24.49 33.46 -25.63
C ALA I 5 -24.86 32.58 -26.82
N SER I 6 -26.06 32.76 -27.37
CA SER I 6 -26.49 31.95 -28.49
C SER I 6 -25.75 32.36 -29.75
N GLY I 7 -26.18 31.79 -30.87
CA GLY I 7 -25.38 31.84 -32.05
C GLY I 7 -24.10 31.07 -31.80
N ASN I 8 -23.12 31.33 -32.65
CA ASN I 8 -21.83 30.69 -32.55
C ASN I 8 -22.00 29.18 -32.64
N THR I 9 -21.65 28.47 -31.58
CA THR I 9 -21.83 27.03 -31.49
C THR I 9 -21.10 26.31 -32.60
N THR I 10 -20.11 26.97 -33.19
CA THR I 10 -18.95 26.23 -33.68
C THR I 10 -18.33 25.48 -32.52
N VAL I 11 -18.68 25.92 -31.32
CA VAL I 11 -18.51 25.19 -30.08
C VAL I 11 -18.88 23.75 -30.34
N LYS I 12 -20.06 23.55 -30.93
CA LYS I 12 -20.43 22.20 -31.32
C LYS I 12 -19.37 21.64 -32.24
N ALA I 13 -19.17 22.28 -33.39
CA ALA I 13 -18.12 21.85 -34.29
C ALA I 13 -16.83 21.61 -33.53
N THR I 14 -16.51 22.52 -32.61
CA THR I 14 -15.31 22.36 -31.80
C THR I 14 -15.34 21.05 -31.03
N PHE I 15 -16.40 20.82 -30.28
CA PHE I 15 -16.47 19.69 -29.37
C PHE I 15 -17.33 18.54 -29.89
N GLY I 16 -17.88 18.65 -31.09
CA GLY I 16 -18.94 17.75 -31.52
C GLY I 16 -18.54 16.30 -31.51
N LYS I 17 -19.57 15.44 -31.62
CA LYS I 17 -19.32 14.00 -31.68
C LYS I 17 -18.24 13.70 -32.71
N ASP I 18 -18.32 14.35 -33.86
CA ASP I 18 -17.18 14.45 -34.75
C ASP I 18 -16.49 15.76 -34.42
N SER I 19 -15.32 15.62 -33.81
CA SER I 19 -14.45 16.74 -33.55
C SER I 19 -13.05 16.19 -33.36
N SER I 20 -12.07 17.04 -33.58
CA SER I 20 -10.71 16.66 -33.30
C SER I 20 -10.65 16.24 -31.84
N VAL I 21 -10.95 17.17 -30.95
CA VAL I 21 -10.75 16.99 -29.52
C VAL I 21 -11.26 15.64 -29.06
N VAL I 22 -12.50 15.32 -29.43
CA VAL I 22 -13.06 14.03 -29.05
C VAL I 22 -12.11 12.92 -29.43
N LYS I 23 -11.73 12.88 -30.70
CA LYS I 23 -10.83 11.85 -31.17
C LYS I 23 -9.52 11.86 -30.39
N TRP I 24 -9.03 13.04 -30.07
CA TRP I 24 -7.86 13.16 -29.20
C TRP I 24 -8.00 12.31 -27.95
N VAL I 25 -9.12 12.46 -27.27
CA VAL I 25 -9.28 11.85 -25.95
C VAL I 25 -8.99 10.37 -26.02
N VAL I 26 -9.86 9.62 -26.70
CA VAL I 26 -9.76 8.18 -26.70
C VAL I 26 -8.38 7.75 -27.16
N LEU I 27 -7.79 8.50 -28.07
CA LEU I 27 -6.45 8.19 -28.52
C LEU I 27 -5.53 7.97 -27.35
N ALA I 28 -5.22 9.06 -26.63
CA ALA I 28 -4.37 8.94 -25.47
C ALA I 28 -4.91 7.90 -24.49
N GLU I 29 -6.23 7.83 -24.36
CA GLU I 29 -6.81 6.77 -23.57
C GLU I 29 -6.32 5.42 -24.02
N VAL I 30 -6.45 5.12 -25.30
CA VAL I 30 -5.91 3.87 -25.82
C VAL I 30 -4.46 3.71 -25.39
N LEU I 31 -3.68 4.77 -25.54
CA LEU I 31 -2.27 4.69 -25.20
C LEU I 31 -2.08 4.28 -23.75
N VAL I 32 -2.48 5.16 -22.83
CA VAL I 32 -2.16 4.99 -21.42
C VAL I 32 -2.59 3.62 -20.93
N GLY I 33 -3.80 3.20 -21.30
CA GLY I 33 -4.23 1.86 -20.93
C GLY I 33 -3.25 0.82 -21.41
N ALA I 34 -2.95 0.81 -22.70
CA ALA I 34 -1.92 -0.07 -23.22
C ALA I 34 -0.63 0.13 -22.44
N VAL I 35 -0.24 1.38 -22.22
CA VAL I 35 0.90 1.64 -21.36
C VAL I 35 0.73 0.93 -20.03
N MET I 36 -0.31 1.33 -19.27
CA MET I 36 -0.53 0.78 -17.95
C MET I 36 -0.43 -0.72 -17.93
N TYR I 37 -1.02 -1.38 -18.92
CA TYR I 37 -1.05 -2.83 -18.87
C TYR I 37 0.35 -3.41 -18.82
N MET I 38 1.29 -2.84 -19.57
CA MET I 38 2.67 -3.28 -19.46
C MET I 38 3.11 -3.29 -18.02
N MET I 39 2.90 -2.18 -17.33
CA MET I 39 3.26 -2.11 -15.92
C MET I 39 2.46 -3.10 -15.11
N THR I 40 1.13 -3.05 -15.23
CA THR I 40 0.27 -3.79 -14.32
C THR I 40 0.20 -5.25 -14.67
N LYS I 41 0.00 -5.55 -15.95
CA LYS I 41 -0.33 -6.90 -16.40
C LYS I 41 -1.61 -7.39 -15.71
N ASN I 42 -2.51 -6.45 -15.48
CA ASN I 42 -3.85 -6.77 -15.01
C ASN I 42 -4.81 -6.44 -16.11
N VAL I 43 -5.94 -7.14 -16.14
CA VAL I 43 -6.93 -6.72 -17.11
C VAL I 43 -7.76 -5.70 -16.38
N LYS I 44 -7.50 -4.45 -16.70
CA LYS I 44 -8.21 -3.32 -16.15
C LYS I 44 -8.55 -2.33 -17.23
N PHE I 45 -7.52 -1.84 -17.90
CA PHE I 45 -7.51 -0.55 -18.54
C PHE I 45 -8.21 -0.56 -19.87
N LEU I 46 -8.73 -1.68 -20.32
CA LEU I 46 -9.45 -1.68 -21.57
C LEU I 46 -10.94 -1.65 -21.28
N ALA I 47 -11.46 -0.44 -21.09
CA ALA I 47 -12.88 -0.31 -20.80
C ALA I 47 -13.45 0.97 -21.37
N GLY I 48 -13.12 2.09 -20.70
CA GLY I 48 -13.48 3.40 -21.22
C GLY I 48 -12.95 3.58 -22.62
N PHE I 49 -11.93 2.82 -22.96
CA PHE I 49 -11.53 2.58 -24.33
C PHE I 49 -12.78 2.46 -25.16
N ALA I 50 -13.58 1.43 -24.89
CA ALA I 50 -14.93 1.40 -25.41
C ALA I 50 -15.88 2.28 -24.61
N ILE I 51 -15.82 2.21 -23.28
CA ILE I 51 -16.88 2.79 -22.47
C ILE I 51 -16.94 4.29 -22.63
N ILE I 52 -15.81 4.98 -22.44
CA ILE I 52 -15.84 6.43 -22.57
C ILE I 52 -16.44 6.81 -23.91
N SER I 53 -16.11 6.05 -24.94
CA SER I 53 -16.68 6.32 -26.25
C SER I 53 -18.19 6.38 -26.17
N VAL I 54 -18.81 5.30 -25.72
CA VAL I 54 -20.25 5.34 -25.58
C VAL I 54 -20.64 6.31 -24.48
N PHE I 55 -19.84 6.39 -23.42
CA PHE I 55 -20.04 7.46 -22.47
C PHE I 55 -20.02 8.82 -23.16
N ILE I 56 -19.01 9.07 -23.97
CA ILE I 56 -19.02 10.27 -24.79
C ILE I 56 -20.34 10.33 -25.55
N ALA I 57 -20.65 9.25 -26.26
CA ALA I 57 -21.84 9.22 -27.09
C ALA I 57 -23.07 9.67 -26.31
N VAL I 58 -23.29 9.07 -25.14
CA VAL I 58 -24.53 9.34 -24.44
C VAL I 58 -24.59 10.80 -24.00
N GLY I 59 -23.57 11.30 -23.32
CA GLY I 59 -23.58 12.69 -22.93
C GLY I 59 -23.71 13.62 -24.11
N MET I 60 -22.90 13.38 -25.13
CA MET I 60 -23.11 14.07 -26.40
C MET I 60 -24.55 13.94 -26.83
N ALA I 61 -25.08 12.71 -26.82
CA ALA I 61 -26.49 12.53 -27.11
C ALA I 61 -27.35 13.21 -26.06
N VAL I 62 -26.94 13.17 -24.80
CA VAL I 62 -27.71 13.84 -23.76
C VAL I 62 -27.81 15.33 -24.07
N VAL I 63 -26.66 16.00 -24.16
CA VAL I 63 -26.71 17.43 -24.38
C VAL I 63 -26.91 17.68 -25.86
N GLY I 64 -25.85 17.47 -26.64
CA GLY I 64 -25.91 17.75 -28.07
C GLY I 64 -26.49 19.10 -28.37
N LEU I 65 -26.06 20.13 -27.63
CA LEU I 65 -26.62 21.47 -27.76
C LEU I 65 -28.13 21.43 -27.59
N GLN J 1 -45.59 48.63 -6.08
CA GLN J 1 -45.67 48.96 -7.50
C GLN J 1 -44.95 47.94 -8.36
N ASP J 2 -44.24 48.45 -9.36
CA ASP J 2 -43.42 47.61 -10.21
C ASP J 2 -42.00 47.54 -9.68
N LEU J 3 -41.52 46.32 -9.47
CA LEU J 3 -40.14 46.15 -9.09
C LEU J 3 -39.27 46.44 -10.31
N MET J 4 -38.33 47.36 -10.15
CA MET J 4 -37.70 47.90 -11.34
C MET J 4 -36.82 46.89 -12.05
N ALA J 5 -36.19 45.98 -11.31
CA ALA J 5 -35.43 44.94 -11.97
C ALA J 5 -36.30 44.02 -12.81
N SER J 6 -37.62 44.17 -12.74
CA SER J 6 -38.51 43.31 -13.50
C SER J 6 -38.46 43.67 -14.98
N GLY J 7 -39.35 43.06 -15.73
CA GLY J 7 -39.21 43.06 -17.14
C GLY J 7 -37.95 42.30 -17.50
N ASN J 8 -37.49 42.54 -18.72
CA ASN J 8 -36.29 41.89 -19.22
C ASN J 8 -36.45 40.39 -19.17
N THR J 9 -35.62 39.72 -18.37
CA THR J 9 -35.71 38.28 -18.16
C THR J 9 -35.57 37.52 -19.46
N THR J 10 -35.00 38.15 -20.47
CA THR J 10 -34.19 37.40 -21.42
C THR J 10 -33.08 36.69 -20.66
N VAL J 11 -32.84 37.18 -19.46
CA VAL J 11 -32.09 36.50 -18.42
C VAL J 11 -32.52 35.05 -18.42
N LYS J 12 -33.83 34.83 -18.38
CA LYS J 12 -34.30 33.47 -18.50
C LYS J 12 -33.80 32.85 -19.79
N ALA J 13 -34.17 33.46 -20.92
CA ALA J 13 -33.65 32.99 -22.20
C ALA J 13 -32.16 32.79 -22.11
N THR J 14 -31.46 33.73 -21.49
CA THR J 14 -30.02 33.60 -21.34
C THR J 14 -29.65 32.33 -20.60
N PHE J 15 -30.23 32.13 -19.43
CA PHE J 15 -29.84 31.04 -18.56
C PHE J 15 -30.82 29.86 -18.57
N GLY J 16 -31.87 29.93 -19.37
CA GLY J 16 -33.00 29.01 -19.22
C GLY J 16 -32.62 27.55 -19.36
N LYS J 17 -33.55 26.69 -18.93
CA LYS J 17 -33.33 25.26 -19.05
C LYS J 17 -32.86 24.92 -20.45
N ASP J 18 -33.48 25.52 -21.46
CA ASP J 18 -32.90 25.58 -22.78
C ASP J 18 -32.16 26.90 -22.86
N SER J 19 -30.84 26.79 -22.87
CA SER J 19 -29.97 27.92 -23.10
C SER J 19 -28.64 27.38 -23.56
N SER J 20 -27.89 28.23 -24.25
CA SER J 20 -26.55 27.86 -24.63
C SER J 20 -25.80 27.48 -23.35
N VAL J 21 -25.68 28.46 -22.46
CA VAL J 21 -24.81 28.34 -21.30
C VAL J 21 -25.03 27.01 -20.59
N VAL J 22 -26.28 26.67 -20.33
CA VAL J 22 -26.58 25.40 -19.68
C VAL J 22 -25.90 24.27 -20.43
N LYS J 23 -26.15 24.18 -21.72
CA LYS J 23 -25.56 23.13 -22.53
C LYS J 23 -24.05 23.17 -22.45
N TRP J 24 -23.48 24.38 -22.44
CA TRP J 24 -22.04 24.52 -22.24
C TRP J 24 -21.56 23.74 -21.04
N VAL J 25 -22.23 23.90 -19.91
CA VAL J 25 -21.73 23.35 -18.66
C VAL J 25 -21.48 21.86 -18.80
N VAL J 26 -22.56 21.09 -18.95
CA VAL J 26 -22.44 19.65 -18.96
C VAL J 26 -21.44 19.20 -19.99
N LEU J 27 -21.36 19.91 -21.10
CA LEU J 27 -20.38 19.58 -22.13
C LEU J 27 -19.01 19.43 -21.52
N ALA J 28 -18.43 20.53 -21.07
CA ALA J 28 -17.11 20.47 -20.43
C ALA J 28 -17.11 19.47 -19.30
N GLU J 29 -18.22 19.40 -18.55
CA GLU J 29 -18.34 18.38 -17.53
C GLU J 29 -18.09 16.99 -18.11
N VAL J 30 -18.80 16.65 -19.18
CA VAL J 30 -18.55 15.39 -19.84
C VAL J 30 -17.07 15.25 -20.15
N LEU J 31 -16.46 16.30 -20.67
CA LEU J 31 -15.06 16.23 -21.03
C LEU J 31 -14.21 15.88 -19.83
N VAL J 32 -14.14 16.80 -18.87
CA VAL J 32 -13.18 16.68 -17.77
C VAL J 32 -13.31 15.34 -17.09
N GLY J 33 -14.55 14.89 -16.83
CA GLY J 33 -14.72 13.58 -16.26
C GLY J 33 -14.05 12.51 -17.10
N ALA J 34 -14.41 12.46 -18.38
CA ALA J 34 -13.72 11.56 -19.29
C ALA J 34 -12.22 11.78 -19.23
N VAL J 35 -11.80 13.04 -19.24
CA VAL J 35 -10.39 13.34 -19.04
C VAL J 35 -9.91 12.69 -17.76
N MET J 36 -10.47 13.12 -16.62
CA MET J 36 -10.02 12.63 -15.33
C MET J 36 -9.90 11.11 -15.31
N TYR J 37 -10.87 10.42 -15.88
CA TYR J 37 -10.85 8.97 -15.77
C TYR J 37 -9.59 8.39 -16.37
N MET J 38 -9.12 8.94 -17.49
CA MET J 38 -7.84 8.50 -18.02
C MET J 38 -6.77 8.55 -16.96
N MET J 39 -6.65 9.69 -16.30
CA MET J 39 -5.68 9.81 -15.23
C MET J 39 -5.98 8.85 -14.10
N THR J 40 -7.20 8.90 -13.58
CA THR J 40 -7.52 8.21 -12.34
C THR J 40 -7.73 6.72 -12.58
N LYS J 41 -8.50 6.38 -13.59
CA LYS J 41 -8.97 5.01 -13.78
C LYS J 41 -9.77 4.55 -12.56
N ASN J 42 -10.47 5.49 -11.96
CA ASN J 42 -11.43 5.19 -10.91
C ASN J 42 -12.81 5.48 -11.44
N VAL J 43 -13.80 4.76 -10.92
CA VAL J 43 -15.13 5.16 -11.32
C VAL J 43 -15.54 6.21 -10.31
N LYS J 44 -15.49 7.44 -10.76
CA LYS J 44 -15.87 8.59 -9.98
C LYS J 44 -16.71 9.53 -10.81
N PHE J 45 -16.13 10.00 -11.90
CA PHE J 45 -16.44 11.26 -12.51
C PHE J 45 -17.68 11.20 -13.37
N LEU J 46 -18.33 10.06 -13.47
CA LEU J 46 -19.56 10.01 -14.24
C LEU J 46 -20.73 10.04 -13.26
N ALA J 47 -21.13 11.26 -12.91
CA ALA J 47 -22.24 11.41 -11.98
C ALA J 47 -23.05 12.66 -12.27
N GLY J 48 -22.47 13.80 -11.87
CA GLY J 48 -23.05 15.09 -12.21
C GLY J 48 -23.25 15.22 -13.70
N PHE J 49 -22.48 14.44 -14.44
CA PHE J 49 -22.77 14.15 -15.82
C PHE J 49 -24.27 13.98 -15.98
N ALA J 50 -24.82 12.97 -15.32
CA ALA J 50 -26.26 12.91 -15.14
C ALA J 50 -26.75 13.83 -14.03
N ILE J 51 -26.06 13.82 -12.88
CA ILE J 51 -26.62 14.43 -11.68
C ILE J 51 -26.78 15.93 -11.85
N ILE J 52 -25.71 16.62 -12.23
CA ILE J 52 -25.82 18.06 -12.39
C ILE J 52 -26.99 18.39 -13.30
N SER J 53 -27.17 17.59 -14.34
CA SER J 53 -28.30 17.81 -15.24
C SER J 53 -29.60 17.87 -14.46
N VAL J 54 -29.90 16.80 -13.73
CA VAL J 54 -31.11 16.85 -12.92
C VAL J 54 -30.96 17.86 -11.80
N PHE J 55 -29.75 17.98 -11.26
CA PHE J 55 -29.50 19.10 -10.36
C PHE J 55 -29.84 20.42 -11.02
N ILE J 56 -29.32 20.64 -12.23
CA ILE J 56 -29.75 21.81 -12.98
C ILE J 56 -31.27 21.84 -13.04
N ALA J 57 -31.86 20.73 -13.48
CA ALA J 57 -33.31 20.66 -13.65
C ALA J 57 -34.02 21.14 -12.40
N VAL J 58 -33.65 20.59 -11.25
CA VAL J 58 -34.42 20.89 -10.05
C VAL J 58 -34.32 22.36 -9.69
N GLY J 59 -33.09 22.89 -9.59
CA GLY J 59 -32.95 24.30 -9.27
C GLY J 59 -33.63 25.18 -10.30
N MET J 60 -33.39 24.89 -11.58
CA MET J 60 -34.19 25.54 -12.62
C MET J 60 -35.67 25.38 -12.31
N ALA J 61 -36.10 24.17 -12.01
CA ALA J 61 -37.48 23.97 -11.59
C ALA J 61 -37.76 24.69 -10.29
N VAL J 62 -36.80 24.70 -9.37
CA VAL J 62 -37.00 25.42 -8.12
C VAL J 62 -37.26 26.89 -8.39
N VAL J 63 -36.30 27.55 -9.03
CA VAL J 63 -36.48 28.98 -9.25
C VAL J 63 -37.36 29.16 -10.48
N GLY J 64 -36.79 28.92 -11.65
CA GLY J 64 -37.52 29.15 -12.88
C GLY J 64 -38.19 30.49 -12.93
N LEU J 65 -37.49 31.54 -12.52
CA LEU J 65 -38.07 32.87 -12.42
C LEU J 65 -39.33 32.84 -11.56
N GLN K 1 -45.12 60.83 14.68
CA GLN K 1 -45.86 61.11 13.46
C GLN K 1 -45.61 60.05 12.40
N ASP K 2 -45.46 60.53 11.17
CA ASP K 2 -45.12 59.66 10.06
C ASP K 2 -43.62 59.62 9.87
N LEU K 3 -43.07 58.40 9.87
CA LEU K 3 -41.67 58.24 9.55
C LEU K 3 -41.49 58.49 8.06
N MET K 4 -40.59 59.41 7.72
CA MET K 4 -40.61 59.91 6.37
C MET K 4 -40.14 58.88 5.36
N ALA K 5 -39.22 58.00 5.76
CA ALA K 5 -38.84 56.94 4.85
C ALA K 5 -39.99 55.98 4.55
N SER K 6 -41.12 56.14 5.22
CA SER K 6 -42.25 55.25 4.99
C SER K 6 -42.90 55.55 3.66
N GLY K 7 -44.03 54.91 3.43
CA GLY K 7 -44.56 54.87 2.11
C GLY K 7 -43.61 54.09 1.23
N ASN K 8 -43.78 54.28 -0.08
CA ASN K 8 -42.94 53.63 -1.06
C ASN K 8 -43.04 52.12 -0.89
N THR K 9 -41.91 51.49 -0.55
CA THR K 9 -41.86 50.06 -0.27
C THR K 9 -42.34 49.25 -1.47
N THR K 10 -42.31 49.85 -2.64
CA THR K 10 -42.03 49.05 -3.83
C THR K 10 -40.68 48.39 -3.67
N VAL K 11 -39.92 48.91 -2.73
CA VAL K 11 -38.75 48.28 -2.15
C VAL K 11 -39.10 46.83 -1.90
N LYS K 12 -40.23 46.60 -1.24
CA LYS K 12 -40.68 45.23 -1.08
C LYS K 12 -40.83 44.57 -2.44
N ALA K 13 -41.71 45.13 -3.28
CA ALA K 13 -41.84 44.62 -4.63
C ALA K 13 -40.47 44.42 -5.25
N THR K 14 -39.58 45.39 -5.06
CA THR K 14 -38.24 45.27 -5.59
C THR K 14 -37.54 44.02 -5.08
N PHE K 15 -37.51 43.87 -3.77
CA PHE K 15 -36.73 42.81 -3.15
C PHE K 15 -37.57 41.64 -2.65
N GLY K 16 -38.89 41.67 -2.87
CA GLY K 16 -39.79 40.76 -2.19
C GLY K 16 -39.49 39.29 -2.43
N LYS K 17 -40.09 38.45 -1.59
CA LYS K 17 -39.94 37.01 -1.76
C LYS K 17 -40.17 36.62 -3.20
N ASP K 18 -41.20 37.18 -3.82
CA ASP K 18 -41.31 37.19 -5.25
C ASP K 18 -40.72 38.52 -5.73
N SER K 19 -39.55 38.40 -6.34
CA SER K 19 -38.91 39.52 -6.99
C SER K 19 -37.94 38.97 -8.01
N SER K 20 -37.62 39.79 -8.99
CA SER K 20 -36.60 39.42 -9.94
C SER K 20 -35.34 39.08 -9.17
N VAL K 21 -34.83 40.09 -8.46
CA VAL K 21 -33.52 40.01 -7.83
C VAL K 21 -33.35 38.71 -7.07
N VAL K 22 -34.33 38.39 -6.23
CA VAL K 22 -34.27 37.14 -5.49
C VAL K 22 -33.99 35.99 -6.42
N LYS K 23 -34.82 35.85 -7.44
CA LYS K 23 -34.66 34.77 -8.40
C LYS K 23 -33.29 34.82 -9.05
N TRP K 24 -32.80 36.02 -9.34
CA TRP K 24 -31.44 36.17 -9.85
C TRP K 24 -30.44 35.43 -8.98
N VAL K 25 -30.50 35.64 -7.68
CA VAL K 25 -29.47 35.13 -6.79
C VAL K 25 -29.28 33.64 -6.99
N VAL K 26 -30.29 32.87 -6.60
CA VAL K 26 -30.17 31.42 -6.60
C VAL K 26 -29.75 30.93 -7.97
N LEU K 27 -30.21 31.61 -9.01
CA LEU K 27 -29.83 31.24 -10.36
C LEU K 27 -28.33 31.11 -10.46
N ALA K 28 -27.62 32.23 -10.38
CA ALA K 28 -26.17 32.19 -10.43
C ALA K 28 -25.62 31.24 -9.40
N GLU K 29 -26.24 31.20 -8.21
CA GLU K 29 -25.85 30.21 -7.23
C GLU K 29 -25.88 28.81 -7.81
N VAL K 30 -27.00 28.43 -8.41
CA VAL K 30 -27.07 27.14 -9.08
C VAL K 30 -25.90 26.98 -10.03
N LEU K 31 -25.62 28.02 -10.81
CA LEU K 31 -24.56 27.94 -11.79
C LEU K 31 -23.23 27.64 -11.12
N VAL K 32 -22.74 28.60 -10.33
CA VAL K 32 -21.38 28.51 -9.81
C VAL K 32 -21.15 27.19 -9.10
N GLY K 33 -22.10 26.77 -8.27
CA GLY K 33 -21.96 25.47 -7.65
C GLY K 33 -21.75 24.38 -8.67
N ALA K 34 -22.66 24.27 -9.63
CA ALA K 34 -22.47 23.34 -10.73
C ALA K 34 -21.12 23.56 -11.38
N VAL K 35 -20.77 24.83 -11.64
CA VAL K 35 -19.45 25.13 -12.12
C VAL K 35 -18.40 24.54 -11.20
N MET K 36 -18.37 25.00 -9.96
CA MET K 36 -17.37 24.56 -9.00
C MET K 36 -17.22 23.06 -8.99
N TYR K 37 -18.34 22.34 -9.01
CA TYR K 37 -18.23 20.90 -8.89
C TYR K 37 -17.39 20.30 -9.98
N MET K 38 -17.51 20.80 -11.21
CA MET K 38 -16.63 20.35 -12.28
C MET K 38 -15.18 20.44 -11.83
N MET K 39 -14.79 21.60 -11.34
CA MET K 39 -13.42 21.77 -10.86
C MET K 39 -13.14 20.84 -9.69
N THR K 40 -13.98 20.91 -8.66
CA THR K 40 -13.67 20.26 -7.40
C THR K 40 -13.94 18.77 -7.47
N LYS K 41 -15.10 18.38 -7.97
CA LYS K 41 -15.57 17.01 -7.88
C LYS K 41 -15.70 16.59 -6.42
N ASN K 42 -16.04 17.56 -5.58
CA ASN K 42 -16.39 17.30 -4.20
C ASN K 42 -17.86 17.56 -4.03
N VAL K 43 -18.48 16.86 -3.08
CA VAL K 43 -19.86 17.24 -2.82
C VAL K 43 -19.76 18.33 -1.78
N LYS K 44 -19.95 19.54 -2.24
CA LYS K 44 -19.95 20.72 -1.40
C LYS K 44 -21.09 21.63 -1.78
N PHE K 45 -21.10 22.05 -3.03
CA PHE K 45 -21.68 23.29 -3.46
C PHE K 45 -23.18 23.20 -3.63
N LEU K 46 -23.78 22.05 -3.38
CA LEU K 46 -25.23 21.97 -3.48
C LEU K 46 -25.81 22.04 -2.07
N ALA K 47 -26.02 23.27 -1.61
CA ALA K 47 -26.58 23.45 -0.28
C ALA K 47 -27.43 24.70 -0.18
N GLY K 48 -26.76 25.85 -0.15
CA GLY K 48 -27.44 27.12 -0.21
C GLY K 48 -28.32 27.20 -1.44
N PHE K 49 -28.00 26.39 -2.44
CA PHE K 49 -28.89 26.05 -3.51
C PHE K 49 -30.28 25.88 -2.93
N ALA K 50 -30.44 24.89 -2.07
CA ALA K 50 -31.61 24.83 -1.23
C ALA K 50 -31.54 25.79 -0.04
N ILE K 51 -30.41 25.83 0.64
CA ILE K 51 -30.34 26.48 1.94
C ILE K 51 -30.60 27.97 1.83
N ILE K 52 -29.84 28.65 0.96
CA ILE K 52 -30.04 30.08 0.83
C ILE K 52 -31.50 30.37 0.56
N SER K 53 -32.14 29.53 -0.24
CA SER K 53 -33.56 29.72 -0.51
C SER K 53 -34.34 29.80 0.78
N VAL K 54 -34.25 28.76 1.60
CA VAL K 54 -34.94 28.84 2.88
C VAL K 54 -34.30 29.89 3.76
N PHE K 55 -32.98 30.04 3.68
CA PHE K 55 -32.36 31.19 4.31
C PHE K 55 -33.00 32.48 3.85
N ILE K 56 -33.11 32.66 2.53
CA ILE K 56 -33.86 33.79 2.04
C ILE K 56 -35.23 33.82 2.70
N ALA K 57 -35.94 32.69 2.61
CA ALA K 57 -37.29 32.62 3.15
C ALA K 57 -37.35 33.14 4.57
N VAL K 58 -36.47 32.64 5.43
CA VAL K 58 -36.59 32.98 6.84
C VAL K 58 -36.36 34.47 7.07
N GLY K 59 -35.24 34.99 6.56
CA GLY K 59 -34.99 36.41 6.72
C GLY K 59 -36.10 37.25 6.11
N MET K 60 -36.48 36.93 4.88
CA MET K 60 -37.68 37.53 4.32
C MET K 60 -38.84 37.38 5.29
N ALA K 61 -39.05 36.17 5.79
CA ALA K 61 -40.07 36.00 6.82
C ALA K 61 -39.72 36.77 8.07
N VAL K 62 -38.44 36.81 8.43
CA VAL K 62 -38.05 37.57 9.61
C VAL K 62 -38.44 39.03 9.44
N VAL K 63 -37.91 39.67 8.41
CA VAL K 63 -38.19 41.09 8.25
C VAL K 63 -39.54 41.23 7.57
N GLY K 64 -39.59 40.93 6.28
CA GLY K 64 -40.82 41.12 5.52
C GLY K 64 -41.46 42.46 5.75
N LEU K 65 -40.66 43.53 5.76
CA LEU K 65 -41.16 44.86 6.07
C LEU K 65 -41.85 44.86 7.42
N GLN L 1 -35.24 73.88 32.31
CA GLN L 1 -36.48 74.10 31.57
C GLN L 1 -36.72 73.01 30.55
N ASP L 2 -37.18 73.44 29.38
CA ASP L 2 -37.38 72.53 28.27
C ASP L 2 -36.14 72.47 27.39
N LEU L 3 -35.64 71.26 27.18
CA LEU L 3 -34.53 71.09 26.26
C LEU L 3 -35.07 71.28 24.85
N MET L 4 -34.46 72.19 24.10
CA MET L 4 -35.12 72.63 22.88
C MET L 4 -35.15 71.56 21.83
N ALA L 5 -34.14 70.70 21.77
CA ALA L 5 -34.21 69.59 20.82
C ALA L 5 -35.35 68.63 21.13
N SER L 6 -36.04 68.81 22.25
CA SER L 6 -37.12 67.91 22.60
C SER L 6 -38.33 68.17 21.72
N GLY L 7 -39.42 67.52 22.07
CA GLY L 7 -40.51 67.41 21.15
C GLY L 7 -40.06 66.62 19.96
N ASN L 8 -40.83 66.75 18.88
CA ASN L 8 -40.53 66.06 17.63
C ASN L 8 -40.50 64.56 17.89
N THR L 9 -39.34 63.93 17.69
CA THR L 9 -39.15 62.52 17.96
C THR L 9 -40.10 61.66 17.16
N THR L 10 -40.64 62.21 16.07
CA THR L 10 -40.94 61.37 14.93
C THR L 10 -39.66 60.71 14.46
N VAL L 11 -38.55 61.27 14.92
CA VAL L 11 -37.24 60.66 14.91
C VAL L 11 -37.39 59.23 15.34
N LYS L 12 -38.09 59.02 16.46
CA LYS L 12 -38.39 57.67 16.86
C LYS L 12 -39.15 56.96 15.76
N ALA L 13 -40.32 57.49 15.40
CA ALA L 13 -41.05 56.92 14.29
C ALA L 13 -40.13 56.69 13.10
N THR L 14 -39.28 57.67 12.82
CA THR L 14 -38.34 57.53 11.73
C THR L 14 -37.46 56.31 11.91
N PHE L 15 -36.81 56.19 13.05
CA PHE L 15 -35.82 55.15 13.27
C PHE L 15 -36.31 54.01 14.14
N GLY L 16 -37.57 54.03 14.56
CA GLY L 16 -38.03 53.15 15.62
C GLY L 16 -37.85 51.68 15.31
N LYS L 17 -37.99 50.87 16.37
CA LYS L 17 -37.90 49.42 16.20
C LYS L 17 -38.77 48.97 15.04
N ASP L 18 -39.97 49.52 14.97
CA ASP L 18 -40.75 49.47 13.74
C ASP L 18 -40.46 50.78 13.01
N SER L 19 -39.73 50.64 11.92
CA SER L 19 -39.48 51.73 11.01
C SER L 19 -39.08 51.13 9.68
N SER L 20 -39.28 51.92 8.63
CA SER L 20 -38.81 51.51 7.32
C SER L 20 -37.33 51.21 7.44
N VAL L 21 -36.56 52.24 7.78
CA VAL L 21 -35.11 52.19 7.74
C VAL L 21 -34.59 50.92 8.37
N VAL L 22 -35.05 50.62 9.57
CA VAL L 22 -34.63 49.41 10.25
C VAL L 22 -34.80 48.21 9.33
N LYS L 23 -36.01 48.04 8.83
CA LYS L 23 -36.29 46.92 7.94
C LYS L 23 -35.37 46.94 6.73
N TRP L 24 -35.11 48.13 6.20
CA TRP L 24 -34.15 48.27 5.12
C TRP L 24 -32.85 47.56 5.44
N VAL L 25 -32.29 47.82 6.61
CA VAL L 25 -30.95 47.35 6.93
C VAL L 25 -30.86 45.85 6.73
N VAL L 26 -31.55 45.09 7.57
CA VAL L 26 -31.43 43.64 7.55
C VAL L 26 -31.68 43.11 6.17
N LEU L 27 -32.59 43.74 5.44
CA LEU L 27 -32.88 43.33 4.08
C LEU L 27 -31.59 43.19 3.29
N ALA L 28 -30.95 44.31 3.01
CA ALA L 28 -29.69 44.26 2.28
C ALA L 28 -28.69 43.35 2.97
N GLU L 29 -28.70 43.36 4.30
CA GLU L 29 -27.87 42.41 5.03
C GLU L 29 -28.14 40.99 4.58
N VAL L 30 -29.41 40.58 4.58
CA VAL L 30 -29.75 39.27 4.06
C VAL L 30 -29.16 39.08 2.68
N LEU L 31 -29.31 40.08 1.83
CA LEU L 31 -28.82 39.97 0.47
C LEU L 31 -27.32 39.69 0.45
N VAL L 32 -26.54 40.67 0.89
CA VAL L 32 -25.09 40.61 0.71
C VAL L 32 -24.53 39.32 1.28
N GLY L 33 -24.98 38.93 2.46
CA GLY L 33 -24.54 37.65 3.01
C GLY L 33 -24.81 36.52 2.05
N ALA L 34 -26.06 36.38 1.62
CA ALA L 34 -26.39 35.40 0.60
C ALA L 34 -25.50 35.61 -0.62
N VAL L 35 -25.35 36.86 -1.05
CA VAL L 35 -24.40 37.14 -2.11
C VAL L 35 -23.03 36.58 -1.77
N MET L 36 -22.44 37.09 -0.69
CA MET L 36 -21.09 36.70 -0.30
C MET L 36 -20.93 35.19 -0.31
N TYR L 37 -21.92 34.47 0.21
CA TYR L 37 -21.73 33.03 0.33
C TYR L 37 -21.49 32.39 -1.01
N MET L 38 -22.18 32.85 -2.06
CA MET L 38 -21.89 32.35 -3.39
C MET L 38 -20.41 32.46 -3.69
N MET L 39 -19.85 33.64 -3.48
CA MET L 39 -18.42 33.83 -3.69
C MET L 39 -17.61 32.95 -2.75
N THR L 40 -17.88 33.06 -1.46
CA THR L 40 -17.00 32.46 -0.47
C THR L 40 -17.24 30.97 -0.35
N LYS L 41 -18.49 30.57 -0.25
CA LYS L 41 -18.84 29.20 0.11
C LYS L 41 -18.27 28.84 1.47
N ASN L 42 -18.20 29.83 2.34
CA ASN L 42 -17.86 29.62 3.73
C ASN L 42 -19.09 29.90 4.57
N VAL L 43 -19.18 29.24 5.71
CA VAL L 43 -20.28 29.63 6.57
C VAL L 43 -19.73 30.76 7.41
N LYS L 44 -20.13 31.95 7.05
CA LYS L 44 -19.76 33.16 7.74
C LYS L 44 -20.96 34.06 7.91
N PHE L 45 -21.56 34.43 6.80
CA PHE L 45 -22.30 35.64 6.66
C PHE L 45 -23.71 35.55 7.20
N LEU L 46 -24.10 34.41 7.75
CA LEU L 46 -25.42 34.33 8.34
C LEU L 46 -25.27 34.45 9.85
N ALA L 47 -25.27 35.70 10.31
CA ALA L 47 -25.14 35.93 11.74
C ALA L 47 -25.88 37.18 12.18
N GLY L 48 -25.29 38.34 11.86
CA GLY L 48 -25.95 39.60 12.07
C GLY L 48 -27.30 39.63 11.41
N PHE L 49 -27.45 38.78 10.40
CA PHE L 49 -28.74 38.40 9.88
C PHE L 49 -29.70 38.25 11.04
N ALA L 50 -29.42 37.30 11.92
CA ALA L 50 -30.07 37.27 13.21
C ALA L 50 -29.47 38.27 14.19
N ILE L 51 -28.14 38.34 14.26
CA ILE L 51 -27.49 39.05 15.36
C ILE L 51 -27.80 40.53 15.32
N ILE L 52 -27.55 41.17 14.18
CA ILE L 52 -27.82 42.60 14.11
C ILE L 52 -29.23 42.88 14.55
N SER L 53 -30.16 42.01 14.15
CA SER L 53 -31.54 42.18 14.57
C SER L 53 -31.63 42.32 16.08
N VAL L 54 -31.15 41.32 16.81
CA VAL L 54 -31.16 41.45 18.25
C VAL L 54 -30.21 42.53 18.69
N PHE L 55 -29.08 42.67 18.00
CA PHE L 55 -28.25 43.85 18.23
C PHE L 55 -29.06 45.12 18.06
N ILE L 56 -29.78 45.25 16.95
CA ILE L 56 -30.70 46.36 16.83
C ILE L 56 -31.60 46.41 18.04
N ALA L 57 -32.24 45.28 18.35
CA ALA L 57 -33.19 45.23 19.44
C ALA L 57 -32.59 45.80 20.72
N VAL L 58 -31.40 45.35 21.09
CA VAL L 58 -30.85 45.74 22.39
C VAL L 58 -30.56 47.23 22.41
N GLY L 59 -29.82 47.74 21.43
CA GLY L 59 -29.56 49.17 21.41
C GLY L 59 -30.83 49.98 21.34
N MET L 60 -31.74 49.61 20.45
CA MET L 60 -33.07 50.18 20.50
C MET L 60 -33.65 50.08 21.89
N ALA L 61 -33.57 48.88 22.49
CA ALA L 61 -34.00 48.75 23.88
C ALA L 61 -33.11 49.56 24.80
N VAL L 62 -31.82 49.62 24.52
CA VAL L 62 -30.93 50.44 25.34
C VAL L 62 -31.38 51.89 25.32
N VAL L 63 -31.41 52.49 24.14
CA VAL L 63 -31.76 53.89 24.09
C VAL L 63 -33.27 54.01 24.11
N GLY L 64 -33.91 53.66 23.00
CA GLY L 64 -35.35 53.82 22.91
C GLY L 64 -35.84 55.17 23.36
N LEU L 65 -35.16 56.23 22.95
CA LEU L 65 -35.47 57.57 23.41
C LEU L 65 -35.45 57.63 24.93
N GLN M 1 -18.47 87.69 42.75
CA GLN M 1 -19.91 87.88 42.67
C GLN M 1 -20.58 86.75 41.92
N ASP M 2 -21.55 87.12 41.10
CA ASP M 2 -22.23 86.17 40.25
C ASP M 2 -21.54 86.08 38.89
N LEU M 3 -21.18 84.86 38.51
CA LEU M 3 -20.64 84.66 37.18
C LEU M 3 -21.79 84.79 36.19
N MET M 4 -21.62 85.66 35.21
CA MET M 4 -22.79 86.05 34.44
C MET M 4 -23.30 84.93 33.55
N ALA M 5 -22.42 84.08 33.06
CA ALA M 5 -22.90 82.93 32.30
C ALA M 5 -23.74 81.98 33.14
N SER M 6 -23.81 82.20 34.45
CA SER M 6 -24.58 81.32 35.31
C SER M 6 -26.07 81.53 35.09
N GLY M 7 -26.85 80.90 35.94
CA GLY M 7 -28.24 80.75 35.65
C GLY M 7 -28.39 79.89 34.42
N ASN M 8 -29.58 79.98 33.82
CA ASN M 8 -29.89 79.24 32.62
C ASN M 8 -29.71 77.76 32.88
N THR M 9 -28.78 77.13 32.18
CA THR M 9 -28.45 75.73 32.37
C THR M 9 -29.65 74.83 32.15
N THR M 10 -30.65 75.34 31.43
CA THR M 10 -31.42 74.45 30.60
C THR M 10 -30.50 73.77 29.61
N VAL M 11 -29.32 74.35 29.46
CA VAL M 11 -28.16 73.75 28.86
C VAL M 11 -28.07 72.33 29.37
N LYS M 12 -28.14 72.18 30.69
CA LYS M 12 -28.19 70.83 31.23
C LYS M 12 -29.36 70.08 30.64
N ALA M 13 -30.57 70.59 30.86
CA ALA M 13 -31.73 69.97 30.24
C ALA M 13 -31.48 69.70 28.79
N THR M 14 -30.88 70.67 28.09
CA THR M 14 -30.56 70.48 26.69
C THR M 14 -29.68 69.26 26.48
N PHE M 15 -28.57 69.21 27.18
CA PHE M 15 -27.56 68.18 26.94
C PHE M 15 -27.56 67.07 27.98
N GLY M 16 -28.48 67.11 28.94
CA GLY M 16 -28.36 66.28 30.13
C GLY M 16 -28.31 64.79 29.82
N LYS M 17 -27.91 64.02 30.84
CA LYS M 17 -27.88 62.57 30.71
C LYS M 17 -29.19 62.07 30.12
N ASP M 18 -30.29 62.61 30.60
CA ASP M 18 -31.56 62.50 29.90
C ASP M 18 -31.69 63.78 29.07
N SER M 19 -31.54 63.60 27.76
CA SER M 19 -31.78 64.65 26.81
C SER M 19 -32.05 64.00 25.48
N SER M 20 -32.74 64.74 24.62
CA SER M 20 -32.93 64.27 23.26
C SER M 20 -31.56 63.98 22.67
N VAL M 21 -30.75 65.03 22.57
CA VAL M 21 -29.50 64.98 21.84
C VAL M 21 -28.70 63.74 22.20
N VAL M 22 -28.54 63.49 23.49
CA VAL M 22 -27.82 62.32 23.93
C VAL M 22 -28.37 61.08 23.24
N LYS M 23 -29.67 60.88 23.37
CA LYS M 23 -30.32 59.72 22.77
C LYS M 23 -30.09 59.70 21.27
N TRP M 24 -30.13 60.86 20.64
CA TRP M 24 -29.80 60.96 19.22
C TRP M 24 -28.49 60.27 18.92
N VAL M 25 -27.45 60.58 19.68
CA VAL M 25 -26.11 60.12 19.34
C VAL M 25 -26.09 58.62 19.16
N VAL M 26 -26.28 57.90 20.26
CA VAL M 26 -26.14 56.45 20.24
C VAL M 26 -27.02 55.86 19.16
N LEU M 27 -28.18 56.45 18.94
CA LEU M 27 -29.06 55.97 17.88
C LEU M 27 -28.29 55.80 16.58
N ALA M 28 -27.89 56.92 15.99
CA ALA M 28 -27.13 56.85 14.75
C ALA M 28 -25.90 55.97 14.93
N GLU M 29 -25.28 56.03 16.10
CA GLU M 29 -24.18 55.12 16.38
C GLU M 29 -24.60 53.68 16.16
N VAL M 30 -25.71 53.27 16.79
CA VAL M 30 -26.23 51.93 16.54
C VAL M 30 -26.35 51.69 15.04
N LEU M 31 -26.91 52.65 14.34
CA LEU M 31 -27.12 52.48 12.91
C LEU M 31 -25.80 52.21 12.19
N VAL M 32 -24.93 53.21 12.18
CA VAL M 32 -23.73 53.14 11.34
C VAL M 32 -22.95 51.89 11.61
N GLY M 33 -22.77 51.53 12.88
CA GLY M 33 -22.10 50.29 13.20
C GLY M 33 -22.77 49.12 12.52
N ALA M 34 -24.07 48.95 12.75
CA ALA M 34 -24.81 47.93 12.03
C ALA M 34 -24.62 48.08 10.53
N VAL M 35 -24.72 49.31 10.04
CA VAL M 35 -24.39 49.56 8.64
C VAL M 35 -23.01 49.02 8.32
N MET M 36 -21.99 49.58 8.97
CA MET M 36 -20.61 49.20 8.68
C MET M 36 -20.44 47.70 8.65
N TYR M 37 -21.05 47.00 9.61
CA TYR M 37 -20.80 45.57 9.68
C TYR M 37 -21.20 44.87 8.40
N MET M 38 -22.32 45.28 7.79
CA MET M 38 -22.68 44.73 6.50
C MET M 38 -21.51 44.82 5.54
N MET M 39 -20.95 46.02 5.41
CA MET M 39 -19.81 46.20 4.54
C MET M 39 -18.63 45.37 5.02
N THR M 40 -18.24 45.53 6.28
CA THR M 40 -16.99 44.97 6.76
C THR M 40 -17.10 43.49 7.03
N LYS M 41 -18.16 43.08 7.72
CA LYS M 41 -18.26 41.73 8.25
C LYS M 41 -17.11 41.43 9.19
N ASN M 42 -16.66 42.46 9.89
CA ASN M 42 -15.69 42.32 10.96
C ASN M 42 -16.38 42.61 12.26
N VAL M 43 -15.91 42.01 13.34
CA VAL M 43 -16.48 42.42 14.61
C VAL M 43 -15.63 43.58 15.04
N LYS M 44 -16.17 44.77 14.87
CA LYS M 44 -15.54 46.00 15.26
C LYS M 44 -16.54 46.91 15.95
N PHE M 45 -17.60 47.22 15.24
CA PHE M 45 -18.36 48.44 15.42
C PHE M 45 -19.33 48.36 16.57
N LEU M 46 -19.39 47.25 17.27
CA LEU M 46 -20.27 47.19 18.42
C LEU M 46 -19.44 47.38 19.68
N ALA M 47 -19.24 48.64 20.03
CA ALA M 47 -18.46 48.94 21.23
C ALA M 47 -18.93 50.20 21.93
N GLY M 48 -18.58 51.34 21.31
CA GLY M 48 -19.09 52.62 21.77
C GLY M 48 -20.60 52.61 21.82
N PHE M 49 -21.19 51.72 21.04
CA PHE M 49 -22.57 51.32 21.20
C PHE M 49 -22.85 51.21 22.69
N ALA M 50 -22.17 50.30 23.36
CA ALA M 50 -22.13 50.33 24.81
C ALA M 50 -21.17 51.37 25.34
N ILE M 51 -19.96 51.45 24.78
CA ILE M 51 -18.89 52.19 25.41
C ILE M 51 -19.21 53.67 25.46
N ILE M 52 -19.54 54.27 24.33
CA ILE M 52 -19.84 55.69 24.34
C ILE M 52 -20.89 55.98 25.38
N SER M 53 -21.87 55.10 25.51
CA SER M 53 -22.89 55.29 26.53
C SER M 53 -22.26 55.49 27.89
N VAL M 54 -21.47 54.52 28.33
CA VAL M 54 -20.80 54.70 29.61
C VAL M 54 -19.78 55.81 29.51
N PHE M 55 -19.11 55.93 28.36
CA PHE M 55 -18.30 57.11 28.13
C PHE M 55 -19.12 58.37 28.31
N ILE M 56 -20.28 58.45 27.67
CA ILE M 56 -21.18 59.55 27.96
C ILE M 56 -21.40 59.65 29.46
N ALA M 57 -21.78 58.54 30.07
CA ALA M 57 -22.10 58.53 31.48
C ALA M 57 -20.98 59.16 32.29
N VAL M 58 -19.75 58.71 32.08
CA VAL M 58 -18.67 59.17 32.94
C VAL M 58 -18.44 60.67 32.78
N GLY M 59 -18.26 61.13 31.55
CA GLY M 59 -18.07 62.56 31.34
C GLY M 59 -19.23 63.37 31.86
N MET M 60 -20.45 62.95 31.52
CA MET M 60 -21.62 63.52 32.18
C MET M 60 -21.46 63.48 33.68
N ALA M 61 -21.09 62.31 34.21
CA ALA M 61 -20.80 62.23 35.63
C ALA M 61 -19.60 63.09 36.00
N VAL M 62 -18.60 63.14 35.13
CA VAL M 62 -17.45 63.99 35.41
C VAL M 62 -17.88 65.44 35.56
N VAL M 63 -18.47 65.98 34.51
CA VAL M 63 -18.84 67.39 34.57
C VAL M 63 -20.16 67.50 35.31
N GLY M 64 -21.25 67.10 34.64
CA GLY M 64 -22.57 67.26 35.24
C GLY M 64 -22.80 68.62 35.82
N LEU M 65 -22.43 69.67 35.10
CA LEU M 65 -22.51 71.03 35.61
C LEU M 65 -21.78 71.14 36.93
N GLN N 1 1.05 101.90 43.45
CA GLN N 1 -0.26 102.09 44.07
C GLN N 1 -1.18 100.92 43.77
N ASP N 2 -2.43 101.27 43.49
CA ASP N 2 -3.42 100.28 43.10
C ASP N 2 -3.46 100.13 41.60
N LEU N 3 -3.29 98.91 41.12
CA LEU N 3 -3.45 98.65 39.71
C LEU N 3 -4.93 98.73 39.38
N MET N 4 -5.27 99.57 38.41
CA MET N 4 -6.67 99.93 38.27
C MET N 4 -7.52 98.77 37.78
N ALA N 5 -6.96 97.89 36.95
CA ALA N 5 -7.72 96.72 36.55
C ALA N 5 -8.03 95.80 37.72
N SER N 6 -7.49 96.07 38.90
CA SER N 6 -7.73 95.24 40.06
C SER N 6 -9.16 95.43 40.56
N GLY N 7 -9.42 94.83 41.70
CA GLY N 7 -10.78 94.68 42.12
C GLY N 7 -11.49 93.77 41.14
N ASN N 8 -12.82 93.83 41.18
CA ASN N 8 -13.64 93.04 40.29
C ASN N 8 -13.34 91.57 40.49
N THR N 9 -12.84 90.92 39.45
CA THR N 9 -12.42 89.53 39.51
C THR N 9 -13.57 88.61 39.92
N THR N 10 -14.79 89.09 39.74
CA THR N 10 -15.86 88.17 39.41
C THR N 10 -15.51 87.45 38.13
N VAL N 11 -14.55 88.03 37.42
CA VAL N 11 -13.80 87.40 36.35
C VAL N 11 -13.45 86.00 36.81
N LYS N 12 -12.88 85.90 38.01
CA LYS N 12 -12.64 84.58 38.55
C LYS N 12 -13.93 83.81 38.61
N ALA N 13 -14.90 84.32 39.37
CA ALA N 13 -16.21 83.68 39.41
C ALA N 13 -16.68 83.35 38.02
N THR N 14 -16.49 84.29 37.08
CA THR N 14 -16.88 84.05 35.70
C THR N 14 -16.19 82.82 35.15
N PHE N 15 -14.86 82.79 35.23
CA PHE N 15 -14.07 81.76 34.59
C PHE N 15 -13.56 80.69 35.53
N GLY N 16 -13.91 80.77 36.81
CA GLY N 16 -13.23 79.98 37.83
C GLY N 16 -13.30 78.49 37.59
N LYS N 17 -12.45 77.76 38.33
CA LYS N 17 -12.45 76.31 38.25
C LYS N 17 -13.87 75.78 38.36
N ASP N 18 -14.63 76.34 39.30
CA ASP N 18 -16.07 76.20 39.28
C ASP N 18 -16.60 77.44 38.56
N SER N 19 -17.09 77.21 37.36
CA SER N 19 -17.78 78.23 36.59
C SER N 19 -18.63 77.52 35.57
N SER N 20 -19.66 78.22 35.11
CA SER N 20 -20.47 77.70 34.04
C SER N 20 -19.55 77.40 32.88
N VAL N 21 -18.90 78.43 32.37
CA VAL N 21 -18.14 78.35 31.13
C VAL N 21 -17.25 77.13 31.11
N VAL N 22 -16.48 76.93 32.18
CA VAL N 22 -15.61 75.78 32.26
C VAL N 22 -16.41 74.52 31.97
N LYS N 23 -17.48 74.31 32.71
CA LYS N 23 -18.31 73.14 32.53
C LYS N 23 -18.82 73.05 31.11
N TRP N 24 -19.18 74.19 30.52
CA TRP N 24 -19.57 74.23 29.12
C TRP N 24 -18.55 73.53 28.24
N VAL N 25 -17.28 73.86 28.41
CA VAL N 25 -16.25 73.41 27.50
C VAL N 25 -16.28 71.89 27.39
N VAL N 26 -15.92 71.21 28.47
CA VAL N 26 -15.77 69.77 28.42
C VAL N 26 -17.04 69.13 27.92
N LEU N 27 -18.18 69.72 28.25
CA LEU N 27 -19.45 69.20 27.76
C LEU N 27 -19.40 68.98 26.26
N ALA N 28 -19.35 70.06 25.50
CA ALA N 28 -19.26 69.94 24.06
C ALA N 28 -18.08 69.07 23.66
N GLU N 29 -16.97 69.18 24.39
CA GLU N 29 -15.86 68.28 24.15
C GLU N 29 -16.30 66.83 24.21
N VAL N 30 -16.98 66.45 25.30
CA VAL N 30 -17.52 65.10 25.38
C VAL N 30 -18.33 64.80 24.14
N LEU N 31 -19.18 65.73 23.74
CA LEU N 31 -20.04 65.51 22.59
C LEU N 31 -19.22 65.20 21.35
N VAL N 32 -18.47 66.20 20.88
CA VAL N 32 -17.83 66.11 19.58
C VAL N 32 -16.97 64.86 19.48
N GLY N 33 -16.21 64.57 20.53
CA GLY N 33 -15.44 63.33 20.54
C GLY N 33 -16.33 62.13 20.29
N ALA N 34 -17.36 61.98 21.13
CA ALA N 34 -18.34 60.94 20.89
C ALA N 34 -18.89 61.02 19.47
N VAL N 35 -19.23 62.23 19.04
CA VAL N 35 -19.61 62.41 17.65
C VAL N 35 -18.53 61.87 16.73
N MET N 36 -17.34 62.45 16.79
CA MET N 36 -16.26 62.06 15.89
C MET N 36 -16.09 60.56 15.84
N TYR N 37 -16.16 59.89 16.99
CA TYR N 37 -15.88 58.47 16.99
C TYR N 37 -16.82 57.72 16.08
N MET N 38 -18.09 58.10 16.07
CA MET N 38 -19.03 57.50 15.12
C MET N 38 -18.46 57.57 13.72
N MET N 39 -18.04 58.74 13.29
CA MET N 39 -17.45 58.89 11.98
C MET N 39 -16.18 58.08 11.87
N THR N 40 -15.25 58.30 12.79
CA THR N 40 -13.90 57.75 12.63
C THR N 40 -13.85 56.29 12.97
N LYS N 41 -14.44 55.91 14.10
CA LYS N 41 -14.25 54.58 14.67
C LYS N 41 -12.77 54.32 14.95
N ASN N 42 -12.07 55.38 15.32
CA ASN N 42 -10.72 55.28 15.80
C ASN N 42 -10.71 55.63 17.27
N VAL N 43 -9.77 55.07 18.01
CA VAL N 43 -9.67 55.53 19.37
C VAL N 43 -8.74 56.71 19.32
N LYS N 44 -9.32 57.89 19.39
CA LYS N 44 -8.61 59.14 19.39
C LYS N 44 -9.18 60.07 20.43
N PHE N 45 -10.46 60.37 20.30
CA PHE N 45 -11.06 61.58 20.77
C PHE N 45 -11.36 61.54 22.25
N LEU N 46 -11.07 60.46 22.93
CA LEU N 46 -11.30 60.45 24.37
C LEU N 46 -9.96 60.69 25.07
N ALA N 47 -9.64 61.96 25.24
CA ALA N 47 -8.40 62.31 25.90
C ALA N 47 -8.51 63.60 26.69
N GLY N 48 -8.51 64.72 25.96
CA GLY N 48 -8.77 66.01 26.56
C GLY N 48 -10.07 66.00 27.32
N PHE N 49 -10.95 65.08 26.94
CA PHE N 49 -12.07 64.68 27.76
C PHE N 49 -11.62 64.64 29.20
N ALA N 50 -10.68 63.75 29.50
CA ALA N 50 -9.95 63.84 30.75
C ALA N 50 -8.86 64.90 30.73
N ILE N 51 -8.08 64.96 29.65
CA ILE N 51 -6.85 65.73 29.67
C ILE N 51 -7.14 67.21 29.83
N ILE N 52 -7.98 67.76 28.95
CA ILE N 52 -8.27 69.18 29.06
C ILE N 52 -8.70 69.52 30.47
N SER N 53 -9.48 68.64 31.08
CA SER N 53 -9.91 68.86 32.45
C SER N 53 -8.71 69.12 33.34
N VAL N 54 -7.77 68.17 33.39
CA VAL N 54 -6.59 68.41 34.20
C VAL N 54 -5.76 69.51 33.58
N PHE N 55 -5.73 69.58 32.24
CA PHE N 55 -5.15 70.75 31.61
C PHE N 55 -5.80 72.02 32.12
N ILE N 56 -7.13 72.07 32.11
CA ILE N 56 -7.80 73.19 32.74
C ILE N 56 -7.28 73.35 34.16
N ALA N 57 -7.31 72.26 34.92
CA ALA N 57 -6.92 72.31 36.32
C ALA N 57 -5.56 72.97 36.48
N VAL N 58 -4.58 72.52 35.71
CA VAL N 58 -3.22 73.00 35.94
C VAL N 58 -3.12 74.49 35.64
N GLY N 59 -3.57 74.91 34.45
CA GLY N 59 -3.52 76.33 34.14
C GLY N 59 -4.31 77.15 35.12
N MET N 60 -5.54 76.72 35.41
CA MET N 60 -6.26 77.32 36.52
C MET N 60 -5.41 77.33 37.77
N ALA N 61 -4.80 76.20 38.10
CA ALA N 61 -3.88 76.18 39.22
C ALA N 61 -2.67 77.04 38.94
N VAL N 62 -2.19 77.07 37.69
CA VAL N 62 -1.06 77.92 37.36
C VAL N 62 -1.41 79.37 37.64
N VAL N 63 -2.43 79.88 36.99
CA VAL N 63 -2.77 81.28 37.17
C VAL N 63 -3.57 81.42 38.44
N GLY N 64 -4.83 81.01 38.39
CA GLY N 64 -5.72 81.17 39.53
C GLY N 64 -5.67 82.56 40.11
N LEU N 65 -5.71 83.58 39.26
CA LEU N 65 -5.57 84.96 39.69
C LEU N 65 -4.30 85.14 40.51
N GLN O 1 18.27 116.22 34.06
CA GLN O 1 17.41 116.42 35.22
C GLN O 1 16.48 115.25 35.45
N ASP O 2 15.25 115.57 35.79
CA ASP O 2 14.21 114.57 35.97
C ASP O 2 13.45 114.36 34.68
N LEU O 3 13.40 113.11 34.22
CA LEU O 3 12.58 112.80 33.07
C LEU O 3 11.13 112.87 33.50
N MET O 4 10.34 113.66 32.78
CA MET O 4 9.04 114.02 33.32
C MET O 4 8.09 112.84 33.34
N ALA O 5 8.19 111.93 32.37
CA ALA O 5 7.35 110.74 32.43
C ALA O 5 7.67 109.87 33.64
N SER O 6 8.71 110.20 34.40
CA SER O 6 9.06 109.39 35.56
C SER O 6 8.06 109.62 36.68
N GLY O 7 8.39 109.06 37.83
CA GLY O 7 7.40 108.93 38.85
C GLY O 7 6.33 107.98 38.37
N ASN O 8 5.19 108.04 39.04
CA ASN O 8 4.05 107.21 38.69
C ASN O 8 4.44 105.75 38.77
N THR O 9 4.39 105.05 37.64
CA THR O 9 4.82 103.67 37.54
C THR O 9 4.03 102.77 38.49
N THR O 10 2.86 103.24 38.91
CA THR O 10 1.78 102.31 39.16
C THR O 10 1.49 101.54 37.90
N VAL O 11 1.97 102.09 36.79
CA VAL O 11 2.13 101.42 35.52
C VAL O 11 2.68 100.04 35.80
N LYS O 12 3.76 99.99 36.58
CA LYS O 12 4.26 98.69 36.98
C LYS O 12 3.18 97.92 37.69
N ALA O 13 2.68 98.47 38.80
CA ALA O 13 1.57 97.82 39.49
C ALA O 13 0.49 97.43 38.50
N THR O 14 0.19 98.32 37.57
CA THR O 14 -0.81 98.04 36.56
C THR O 14 -0.45 96.79 35.77
N PHE O 15 0.75 96.77 35.22
CA PHE O 15 1.16 95.71 34.30
C PHE O 15 2.09 94.68 34.92
N GLY O 16 2.40 94.81 36.21
CA GLY O 16 3.51 94.06 36.80
C GLY O 16 3.35 92.57 36.68
N LYS O 17 4.47 91.87 36.94
CA LYS O 17 4.45 90.41 36.92
C LYS O 17 3.28 89.89 37.72
N ASP O 18 3.05 90.48 38.89
CA ASP O 18 1.78 90.35 39.57
C ASP O 18 0.95 91.56 39.17
N SER O 19 -0.05 91.27 38.35
CA SER O 19 -1.05 92.26 37.98
C SER O 19 -2.28 91.51 37.51
N SER O 20 -3.41 92.19 37.59
CA SER O 20 -4.63 91.63 37.06
C SER O 20 -4.37 91.27 35.61
N VAL O 21 -4.07 92.29 34.81
CA VAL O 21 -4.00 92.15 33.36
C VAL O 21 -3.20 90.93 32.96
N VAL O 22 -2.01 90.78 33.53
CA VAL O 22 -1.19 89.63 33.22
C VAL O 22 -1.99 88.36 33.40
N LYS O 23 -2.58 88.19 34.57
CA LYS O 23 -3.37 87.00 34.86
C LYS O 23 -4.50 86.86 33.85
N TRP O 24 -5.13 87.98 33.48
CA TRP O 24 -6.14 87.95 32.44
C TRP O 24 -5.64 87.22 31.20
N VAL O 25 -4.46 87.57 30.72
CA VAL O 25 -3.99 87.07 29.45
C VAL O 25 -4.04 85.55 29.42
N VAL O 26 -3.19 84.92 30.21
CA VAL O 26 -3.06 83.47 30.16
C VAL O 26 -4.40 82.81 30.35
N LEU O 27 -5.25 83.41 31.16
CA LEU O 27 -6.59 82.87 31.37
C LEU O 27 -7.25 82.59 30.04
N ALA O 28 -7.60 83.65 29.31
CA ALA O 28 -8.21 83.46 28.01
C ALA O 28 -7.36 82.58 27.12
N GLU O 29 -6.04 82.73 27.23
CA GLU O 29 -5.16 81.81 26.51
C GLU O 29 -5.49 80.37 26.83
N VAL O 30 -5.55 80.03 28.11
CA VAL O 30 -5.95 78.69 28.49
C VAL O 30 -7.26 78.33 27.81
N LEU O 31 -8.21 79.25 27.84
CA LEU O 31 -9.52 78.97 27.25
C LEU O 31 -9.38 78.62 25.78
N VAL O 32 -8.98 79.60 24.97
CA VAL O 32 -9.03 79.45 23.53
C VAL O 32 -8.31 78.20 23.09
N GLY O 33 -7.13 77.95 23.65
CA GLY O 33 -6.44 76.72 23.32
C GLY O 33 -7.30 75.51 23.58
N ALA O 34 -7.81 75.39 24.81
CA ALA O 34 -8.75 74.33 25.10
C ALA O 34 -9.91 74.36 24.13
N VAL O 35 -10.45 75.55 23.86
CA VAL O 35 -11.46 75.68 22.83
C VAL O 35 -10.94 75.10 21.53
N MET O 36 -9.88 75.69 20.99
CA MET O 36 -9.35 75.26 19.70
C MET O 36 -9.21 73.76 19.62
N TYR O 37 -8.70 73.14 20.68
CA TYR O 37 -8.42 71.72 20.59
C TYR O 37 -9.68 70.93 20.28
N MET O 38 -10.80 71.31 20.87
CA MET O 38 -12.06 70.67 20.51
C MET O 38 -12.24 70.68 19.01
N MET O 39 -12.11 71.85 18.40
CA MET O 39 -12.22 71.94 16.96
C MET O 39 -11.14 71.12 16.26
N THR O 40 -9.89 71.37 16.61
CA THR O 40 -8.78 70.83 15.85
C THR O 40 -8.53 69.37 16.18
N LYS O 41 -8.50 69.05 17.46
CA LYS O 41 -8.04 67.74 17.91
C LYS O 41 -6.61 67.49 17.46
N ASN O 42 -5.83 68.57 17.40
CA ASN O 42 -4.41 68.49 17.18
C ASN O 42 -3.71 68.89 18.44
N VAL O 43 -2.50 68.36 18.66
CA VAL O 43 -1.78 68.89 19.79
C VAL O 43 -1.01 70.06 19.25
N LYS O 44 -1.52 71.24 19.55
CA LYS O 44 -0.92 72.49 19.16
C LYS O 44 -0.93 73.46 20.32
N PHE O 45 -2.12 73.74 20.81
CA PHE O 45 -2.44 74.98 21.48
C PHE O 45 -2.00 75.01 22.92
N LEU O 46 -1.39 73.95 23.41
CA LEU O 46 -0.89 73.99 24.77
C LEU O 46 0.60 74.26 24.74
N ALA O 47 0.95 75.55 24.69
CA ALA O 47 2.35 75.92 24.65
C ALA O 47 2.61 77.24 25.35
N GLY O 48 2.21 78.33 24.67
CA GLY O 48 2.25 79.64 25.28
C GLY O 48 1.49 79.67 26.57
N PHE O 49 0.56 78.73 26.70
CA PHE O 49 -0.03 78.37 27.96
C PHE O 49 1.07 78.38 29.01
N ALA O 50 2.05 77.51 28.85
CA ALA O 50 3.29 77.65 29.60
C ALA O 50 4.21 78.71 29.01
N ILE O 51 4.38 78.72 27.70
CA ILE O 51 5.44 79.50 27.09
C ILE O 51 5.24 80.99 27.31
N ILE O 52 4.07 81.50 26.94
CA ILE O 52 3.84 82.92 27.12
C ILE O 52 4.13 83.31 28.54
N SER O 53 3.76 82.46 29.49
CA SER O 53 4.05 82.74 30.88
C SER O 53 5.52 83.03 31.07
N VAL O 54 6.37 82.09 30.71
CA VAL O 54 7.80 82.36 30.82
C VAL O 54 8.20 83.44 29.84
N PHE O 55 7.59 83.45 28.66
CA PHE O 55 7.76 84.59 27.79
C PHE O 55 7.42 85.88 28.50
N ILE O 56 6.24 85.94 29.12
CA ILE O 56 5.95 87.08 29.97
C ILE O 56 7.07 87.29 30.95
N ALA O 57 7.43 86.23 31.68
CA ALA O 57 8.45 86.34 32.70
C ALA O 57 9.70 87.02 32.17
N VAL O 58 10.21 86.53 31.03
CA VAL O 58 11.50 87.03 30.56
C VAL O 58 11.41 88.50 30.19
N GLY O 59 10.44 88.87 29.36
CA GLY O 59 10.30 90.28 29.01
C GLY O 59 10.07 91.13 30.23
N MET O 60 9.14 90.72 31.09
CA MET O 60 9.03 91.36 32.39
C MET O 60 10.37 91.42 33.07
N ALA O 61 11.09 90.31 33.11
CA ALA O 61 12.44 90.32 33.63
C ALA O 61 13.35 91.19 32.78
N VAL O 62 13.16 91.15 31.46
CA VAL O 62 13.97 92.00 30.59
C VAL O 62 13.78 93.46 30.96
N VAL O 63 12.54 93.95 30.86
CA VAL O 63 12.32 95.35 31.13
C VAL O 63 12.22 95.53 32.63
N GLY O 64 11.10 95.12 33.20
CA GLY O 64 10.87 95.33 34.63
C GLY O 64 11.16 96.74 35.06
N LEU O 65 10.69 97.72 34.30
CA LEU O 65 11.01 99.13 34.56
C LEU O 65 12.51 99.34 34.66
N GLN P 1 -33.13 -64.59 16.34
CA GLN P 1 -34.04 -64.34 15.24
C GLN P 1 -33.94 -65.41 14.17
N ASP P 2 -33.97 -64.95 12.92
CA ASP P 2 -33.79 -65.84 11.78
C ASP P 2 -32.34 -65.89 11.37
N LEU P 3 -31.80 -67.09 11.31
CA LEU P 3 -30.45 -67.26 10.80
C LEU P 3 -30.48 -67.04 9.30
N MET P 4 -29.65 -66.13 8.83
CA MET P 4 -29.86 -65.65 7.47
C MET P 4 -29.55 -66.70 6.43
N ALA P 5 -28.58 -67.57 6.69
CA ALA P 5 -28.34 -68.65 5.76
C ALA P 5 -29.51 -69.61 5.64
N SER P 6 -30.53 -69.44 6.47
CA SER P 6 -31.68 -70.33 6.42
C SER P 6 -32.52 -70.05 5.18
N GLY P 7 -33.67 -70.68 5.13
CA GLY P 7 -34.40 -70.75 3.91
C GLY P 7 -33.57 -71.54 2.91
N ASN P 8 -33.93 -71.38 1.65
CA ASN P 8 -33.24 -72.04 0.56
C ASN P 8 -33.31 -73.55 0.77
N THR P 9 -32.16 -74.18 0.95
CA THR P 9 -32.06 -75.60 1.24
C THR P 9 -32.70 -76.43 0.14
N THR P 10 -32.85 -75.85 -1.05
CA THR P 10 -32.74 -76.66 -2.24
C THR P 10 -31.39 -77.33 -2.27
N VAL P 11 -30.49 -76.79 -1.46
CA VAL P 11 -29.25 -77.41 -1.04
C VAL P 11 -29.56 -78.86 -0.72
N LYS P 12 -30.58 -79.07 0.10
CA LYS P 12 -31.00 -80.44 0.35
C LYS P 12 -31.35 -81.12 -0.97
N ALA P 13 -32.33 -80.57 -1.69
CA ALA P 13 -32.66 -81.11 -3.00
C ALA P 13 -31.40 -81.32 -3.80
N THR P 14 -30.49 -80.34 -3.76
CA THR P 14 -29.24 -80.47 -4.48
C THR P 14 -28.48 -81.71 -4.05
N PHE P 15 -28.25 -81.85 -2.76
CA PHE P 15 -27.39 -82.90 -2.24
C PHE P 15 -28.16 -84.07 -1.61
N GLY P 16 -29.49 -84.03 -1.64
CA GLY P 16 -30.28 -84.93 -0.82
C GLY P 16 -30.01 -86.40 -1.08
N LYS P 17 -30.49 -87.23 -0.15
CA LYS P 17 -30.37 -88.67 -0.31
C LYS P 17 -30.80 -89.09 -1.71
N ASP P 18 -31.91 -88.53 -2.17
CA ASP P 18 -32.23 -88.54 -3.58
C ASP P 18 -31.70 -87.22 -4.14
N SER P 19 -30.65 -87.34 -4.92
CA SER P 19 -30.11 -86.24 -5.68
C SER P 19 -29.29 -86.81 -6.81
N SER P 20 -29.12 -86.00 -7.84
CA SER P 20 -28.25 -86.40 -8.93
C SER P 20 -26.89 -86.71 -8.34
N VAL P 21 -26.28 -85.70 -7.73
CA VAL P 21 -24.89 -85.77 -7.30
C VAL P 21 -24.62 -87.06 -6.55
N VAL P 22 -25.46 -87.37 -5.58
CA VAL P 22 -25.29 -88.60 -4.82
C VAL P 22 -25.15 -89.77 -5.77
N LYS P 23 -26.12 -89.93 -6.66
CA LYS P 23 -26.10 -91.02 -7.61
C LYS P 23 -24.84 -90.99 -8.45
N TRP P 24 -24.40 -89.79 -8.84
CA TRP P 24 -23.13 -89.65 -9.53
C TRP P 24 -22.01 -90.38 -8.81
N VAL P 25 -21.89 -90.15 -7.51
CA VAL P 25 -20.73 -90.64 -6.78
C VAL P 25 -20.58 -92.14 -6.98
N VAL P 26 -21.51 -92.90 -6.43
CA VAL P 26 -21.40 -94.35 -6.44
C VAL P 26 -21.18 -94.85 -7.84
N LEU P 27 -21.79 -94.19 -8.82
CA LEU P 27 -21.61 -94.58 -10.21
C LEU P 27 -20.13 -94.72 -10.52
N ALA P 28 -19.43 -93.59 -10.55
CA ALA P 28 -18.00 -93.64 -10.82
C ALA P 28 -17.29 -94.58 -9.85
N GLU P 29 -17.74 -94.61 -8.60
CA GLU P 29 -17.21 -95.58 -7.66
C GLU P 29 -17.32 -96.98 -8.20
N VAL P 30 -18.52 -97.38 -8.63
CA VAL P 30 -18.67 -98.67 -9.27
C VAL P 30 -17.65 -98.84 -10.38
N LEU P 31 -17.51 -97.82 -11.21
CA LEU P 31 -16.59 -97.91 -12.33
C LEU P 31 -15.18 -98.21 -11.84
N VAL P 32 -14.58 -97.24 -11.15
CA VAL P 32 -13.16 -97.31 -10.83
C VAL P 32 -12.82 -98.62 -10.15
N GLY P 33 -13.64 -99.04 -9.19
CA GLY P 33 -13.42 -100.32 -8.56
C GLY P 33 -13.36 -101.44 -9.59
N ALA P 34 -14.41 -101.55 -10.40
CA ALA P 34 -14.36 -102.50 -11.51
C ALA P 34 -13.13 -102.29 -12.36
N VAL P 35 -12.83 -101.03 -12.68
CA VAL P 35 -11.58 -100.74 -13.36
C VAL P 35 -10.41 -101.32 -12.58
N MET P 36 -10.20 -100.83 -11.35
CA MET P 36 -9.07 -101.26 -10.56
C MET P 36 -8.92 -102.77 -10.55
N TYR P 37 -10.03 -103.49 -10.40
CA TYR P 37 -9.91 -104.93 -10.26
C TYR P 37 -9.23 -105.54 -11.46
N MET P 38 -9.53 -105.06 -12.66
CA MET P 38 -8.81 -105.53 -13.84
C MET P 38 -7.31 -105.44 -13.61
N MET P 39 -6.85 -104.27 -13.20
CA MET P 39 -5.44 -104.09 -12.92
C MET P 39 -5.00 -104.99 -11.79
N THR P 40 -5.67 -104.91 -10.65
CA THR P 40 -5.18 -105.55 -9.44
C THR P 40 -5.45 -107.04 -9.44
N LYS P 41 -6.67 -107.43 -9.78
CA LYS P 41 -7.13 -108.80 -9.58
C LYS P 41 -7.04 -109.19 -8.12
N ASN P 42 -7.26 -108.22 -7.26
CA ASN P 42 -7.41 -108.46 -5.84
C ASN P 42 -8.84 -108.19 -5.46
N VAL P 43 -9.31 -108.87 -4.42
CA VAL P 43 -10.64 -108.48 -3.97
C VAL P 43 -10.39 -107.38 -2.97
N LYS P 44 -10.64 -106.18 -3.41
CA LYS P 44 -10.52 -104.98 -2.61
C LYS P 44 -11.71 -104.08 -2.83
N PHE P 45 -11.89 -103.67 -4.06
CA PHE P 45 -12.54 -102.44 -4.42
C PHE P 45 -14.04 -102.53 -4.38
N LEU P 46 -14.60 -103.68 -4.03
CA LEU P 46 -16.04 -103.76 -3.92
C LEU P 46 -16.41 -103.66 -2.44
N ALA P 47 -16.55 -102.43 -1.97
CA ALA P 47 -16.91 -102.23 -0.58
C ALA P 47 -17.76 -100.98 -0.38
N GLY P 48 -17.08 -99.82 -0.46
CA GLY P 48 -17.77 -98.56 -0.44
C GLY P 48 -18.82 -98.49 -1.52
N PHE P 49 -18.63 -99.32 -2.54
CA PHE P 49 -19.68 -99.67 -3.48
C PHE P 49 -20.97 -99.83 -2.70
N ALA P 50 -21.00 -100.81 -1.81
CA ALA P 50 -22.05 -100.85 -0.80
C ALA P 50 -21.80 -99.88 0.34
N ILE P 51 -20.57 -99.83 0.86
CA ILE P 51 -20.33 -99.16 2.12
C ILE P 51 -20.60 -97.67 2.01
N ILE P 52 -19.97 -97.01 1.04
CA ILE P 52 -20.20 -95.58 0.92
C ILE P 52 -21.68 -95.29 0.87
N SER P 53 -22.42 -96.14 0.17
CA SER P 53 -23.86 -95.95 0.10
C SER P 53 -24.45 -95.85 1.50
N VAL P 54 -24.24 -96.88 2.32
CA VAL P 54 -24.74 -96.78 3.68
C VAL P 54 -23.98 -95.71 4.44
N PHE P 55 -22.69 -95.57 4.17
CA PHE P 55 -21.98 -94.41 4.69
C PHE P 55 -22.68 -93.13 4.29
N ILE P 56 -22.98 -92.97 3.01
CA ILE P 56 -23.80 -91.84 2.61
C ILE P 56 -25.06 -91.80 3.46
N ALA P 57 -25.77 -92.93 3.50
CA ALA P 57 -27.03 -92.99 4.22
C ALA P 57 -26.89 -92.45 5.64
N VAL P 58 -25.89 -92.94 6.37
CA VAL P 58 -25.81 -92.57 7.78
C VAL P 58 -25.54 -91.09 7.93
N GLY P 59 -24.51 -90.56 7.27
CA GLY P 59 -24.25 -89.15 7.37
C GLY P 59 -25.41 -88.32 6.91
N MET P 60 -25.98 -88.66 5.76
CA MET P 60 -27.25 -88.07 5.37
C MET P 60 -28.26 -88.19 6.49
N ALA P 61 -28.39 -89.40 7.05
CA ALA P 61 -29.26 -89.56 8.20
C ALA P 61 -28.73 -88.77 9.39
N VAL P 62 -27.41 -88.73 9.56
CA VAL P 62 -26.85 -87.94 10.65
C VAL P 62 -27.25 -86.49 10.52
N VAL P 63 -26.88 -85.86 9.41
CA VAL P 63 -27.19 -84.45 9.27
C VAL P 63 -28.63 -84.32 8.79
N GLY P 64 -28.85 -84.62 7.52
CA GLY P 64 -30.18 -84.45 6.95
C GLY P 64 -30.78 -83.11 7.27
N LEU P 65 -30.00 -82.04 7.12
CA LEU P 65 -30.45 -80.70 7.49
C LEU P 65 -30.94 -80.69 8.93
N GLN Q 1 -21.48 -51.47 32.70
CA GLN Q 1 -22.80 -51.27 32.13
C GLN Q 1 -23.17 -52.38 31.16
N ASP Q 2 -23.79 -51.97 30.06
CA ASP Q 2 -24.13 -52.90 29.00
C ASP Q 2 -23.02 -52.96 27.96
N LEU Q 3 -22.54 -54.16 27.71
CA LEU Q 3 -21.57 -54.33 26.63
C LEU Q 3 -22.31 -54.17 25.31
N MET Q 4 -21.81 -53.26 24.48
CA MET Q 4 -22.63 -52.84 23.36
C MET Q 4 -22.81 -53.94 22.32
N ALA Q 5 -21.80 -54.79 22.14
CA ALA Q 5 -21.97 -55.90 21.22
C ALA Q 5 -23.05 -56.87 21.70
N SER Q 6 -23.59 -56.68 22.89
CA SER Q 6 -24.60 -57.59 23.42
C SER Q 6 -25.93 -57.36 22.70
N GLY Q 7 -26.94 -58.01 23.20
CA GLY Q 7 -28.15 -58.13 22.44
C GLY Q 7 -27.86 -58.95 21.21
N ASN Q 8 -28.76 -58.84 20.24
CA ASN Q 8 -28.63 -59.55 18.98
C ASN Q 8 -28.56 -61.04 19.25
N THR Q 9 -27.44 -61.65 18.89
CA THR Q 9 -27.18 -63.06 19.16
C THR Q 9 -28.23 -63.95 18.50
N THR Q 10 -28.92 -63.41 17.49
CA THR Q 10 -29.36 -64.27 16.41
C THR Q 10 -28.14 -64.92 15.79
N VAL Q 11 -26.99 -64.35 16.07
CA VAL Q 11 -25.68 -64.94 15.89
C VAL Q 11 -25.77 -66.37 16.36
N LYS Q 12 -26.30 -66.56 17.57
CA LYS Q 12 -26.52 -67.92 18.02
C LYS Q 12 -27.41 -68.65 17.04
N ALA Q 13 -28.63 -68.14 16.84
CA ALA Q 13 -29.51 -68.74 15.85
C ALA Q 13 -28.76 -68.96 14.55
N THR Q 14 -27.96 -67.98 14.15
CA THR Q 14 -27.17 -68.12 12.93
C THR Q 14 -26.26 -69.35 13.00
N PHE Q 15 -25.47 -69.44 14.05
CA PHE Q 15 -24.44 -70.45 14.14
C PHE Q 15 -24.79 -71.59 15.08
N GLY Q 16 -25.99 -71.58 15.67
CA GLY Q 16 -26.29 -72.45 16.79
C GLY Q 16 -26.14 -73.92 16.49
N LYS Q 17 -26.11 -74.72 17.56
CA LYS Q 17 -26.03 -76.17 17.40
C LYS Q 17 -27.04 -76.64 16.37
N ASP Q 18 -28.26 -76.12 16.47
CA ASP Q 18 -29.19 -76.19 15.35
C ASP Q 18 -29.02 -74.89 14.57
N SER Q 19 -28.44 -75.03 13.40
CA SER Q 19 -28.34 -73.94 12.44
C SER Q 19 -28.12 -74.56 11.08
N SER Q 20 -28.46 -73.79 10.06
CA SER Q 20 -28.18 -74.22 8.70
C SER Q 20 -26.69 -74.50 8.62
N VAL Q 21 -25.90 -73.45 8.84
CA VAL Q 21 -24.47 -73.50 8.59
C VAL Q 21 -23.84 -74.75 9.17
N VAL Q 22 -24.13 -75.04 10.43
CA VAL Q 22 -23.60 -76.23 11.05
C VAL Q 22 -23.89 -77.44 10.19
N LYS Q 23 -25.16 -77.63 9.86
CA LYS Q 23 -25.54 -78.77 9.03
C LYS Q 23 -24.81 -78.75 7.71
N TRP Q 24 -24.62 -77.57 7.13
CA TRP Q 24 -23.82 -77.44 5.92
C TRP Q 24 -22.48 -78.13 6.06
N VAL Q 25 -21.78 -77.85 7.15
CA VAL Q 25 -20.40 -78.30 7.30
C VAL Q 25 -20.31 -79.79 7.09
N VAL Q 26 -20.88 -80.55 8.03
CA VAL Q 26 -20.73 -82.00 8.02
C VAL Q 26 -21.17 -82.55 6.68
N LEU Q 27 -22.19 -81.94 6.08
CA LEU Q 27 -22.64 -82.38 4.78
C LEU Q 27 -21.47 -82.52 3.82
N ALA Q 28 -20.89 -81.39 3.43
CA ALA Q 28 -19.75 -81.43 2.54
C ALA Q 28 -18.66 -82.32 3.11
N GLU Q 29 -18.48 -82.30 4.42
CA GLU Q 29 -17.55 -83.23 5.04
C GLU Q 29 -17.87 -84.66 4.64
N VAL Q 30 -19.11 -85.08 4.83
CA VAL Q 30 -19.51 -86.40 4.39
C VAL Q 30 -19.11 -86.61 2.93
N LEU Q 31 -19.38 -85.62 2.10
CA LEU Q 31 -19.08 -85.75 0.68
C LEU Q 31 -17.60 -86.01 0.47
N VAL Q 32 -16.77 -85.02 0.78
CA VAL Q 32 -15.37 -85.06 0.41
C VAL Q 32 -14.72 -86.33 0.90
N GLY Q 33 -15.00 -86.72 2.15
CA GLY Q 33 -14.47 -87.98 2.64
C GLY Q 33 -14.86 -89.13 1.74
N ALA Q 34 -16.16 -89.29 1.49
CA ALA Q 34 -16.60 -90.28 0.53
C ALA Q 34 -15.89 -90.09 -0.80
N VAL Q 35 -15.82 -88.84 -1.26
CA VAL Q 35 -15.03 -88.56 -2.44
C VAL Q 35 -13.62 -89.10 -2.28
N MET Q 36 -12.89 -88.57 -1.30
CA MET Q 36 -11.50 -88.95 -1.10
C MET Q 36 -11.32 -90.45 -1.12
N TYR Q 37 -12.22 -91.18 -0.45
CA TYR Q 37 -12.01 -92.61 -0.34
C TYR Q 37 -11.94 -93.26 -1.71
N MET Q 38 -12.78 -92.83 -2.64
CA MET Q 38 -12.66 -93.34 -4.01
C MET Q 38 -11.23 -93.23 -4.50
N MET Q 39 -10.67 -92.03 -4.38
CA MET Q 39 -9.29 -91.84 -4.78
C MET Q 39 -8.35 -92.70 -3.96
N THR Q 40 -8.44 -92.56 -2.64
CA THR Q 40 -7.42 -93.15 -1.78
C THR Q 40 -7.62 -94.64 -1.61
N LYS Q 41 -8.85 -95.05 -1.32
CA LYS Q 41 -9.13 -96.42 -0.91
C LYS Q 41 -8.36 -96.76 0.37
N ASN Q 42 -8.20 -95.75 1.21
CA ASN Q 42 -7.66 -95.94 2.53
C ASN Q 42 -8.76 -95.67 3.53
N VAL Q 43 -8.69 -96.30 4.69
CA VAL Q 43 -9.66 -95.92 5.69
C VAL Q 43 -9.02 -94.78 6.42
N LYS Q 44 -9.49 -93.59 6.11
CA LYS Q 44 -9.03 -92.37 6.73
C LYS Q 44 -10.22 -91.48 7.05
N PHE Q 45 -10.96 -91.13 6.04
CA PHE Q 45 -11.74 -89.92 5.97
C PHE Q 45 -13.05 -90.02 6.71
N LEU Q 46 -13.35 -91.16 7.31
CA LEU Q 46 -14.57 -91.25 8.07
C LEU Q 46 -14.23 -91.09 9.55
N ALA Q 47 -14.17 -89.84 9.99
CA ALA Q 47 -13.85 -89.59 11.40
C ALA Q 47 -14.54 -88.34 11.92
N GLY Q 48 -14.00 -87.19 11.50
CA GLY Q 48 -14.65 -85.92 11.79
C GLY Q 48 -16.07 -85.92 11.31
N PHE Q 49 -16.36 -86.79 10.35
CA PHE Q 49 -17.70 -87.19 10.01
C PHE Q 49 -18.48 -87.33 11.30
N ALA Q 50 -18.08 -88.26 12.13
CA ALA Q 50 -18.54 -88.28 13.51
C ALA Q 50 -17.83 -87.26 14.38
N ILE Q 51 -16.50 -87.18 14.27
CA ILE Q 51 -15.73 -86.46 15.26
C ILE Q 51 -16.05 -84.98 15.25
N ILE Q 52 -15.96 -84.34 14.08
CA ILE Q 52 -16.25 -82.92 14.02
C ILE Q 52 -17.60 -82.65 14.65
N SER Q 53 -18.56 -83.53 14.40
CA SER Q 53 -19.87 -83.37 15.00
C SER Q 53 -19.76 -83.21 16.50
N VAL Q 54 -19.17 -84.20 17.17
CA VAL Q 54 -18.99 -84.05 18.61
C VAL Q 54 -18.00 -82.95 18.90
N PHE Q 55 -16.97 -82.81 18.05
CA PHE Q 55 -16.13 -81.63 18.14
C PHE Q 55 -16.97 -80.36 18.08
N ILE Q 56 -17.83 -80.25 17.08
CA ILE Q 56 -18.78 -79.15 17.07
C ILE Q 56 -19.51 -79.09 18.40
N ALA Q 57 -20.08 -80.22 18.80
CA ALA Q 57 -20.88 -80.27 20.02
C ALA Q 57 -20.10 -79.67 21.19
N VAL Q 58 -18.87 -80.11 21.40
CA VAL Q 58 -18.17 -79.70 22.60
C VAL Q 58 -17.89 -78.20 22.57
N GLY Q 59 -17.30 -77.70 21.49
CA GLY Q 59 -17.05 -76.27 21.41
C GLY Q 59 -18.32 -75.48 21.52
N MET Q 60 -19.35 -75.87 20.76
CA MET Q 60 -20.67 -75.31 20.98
C MET Q 60 -21.05 -75.39 22.44
N ALA Q 61 -20.88 -76.58 23.04
CA ALA Q 61 -21.11 -76.70 24.47
C ALA Q 61 -20.11 -75.86 25.26
N VAL Q 62 -18.87 -75.79 24.80
CA VAL Q 62 -17.89 -74.96 25.48
C VAL Q 62 -18.36 -73.52 25.51
N VAL Q 63 -18.55 -72.93 24.33
CA VAL Q 63 -18.92 -71.53 24.31
C VAL Q 63 -20.42 -71.44 24.55
N GLY Q 64 -21.19 -71.80 23.53
CA GLY Q 64 -22.65 -71.66 23.63
C GLY Q 64 -23.07 -70.31 24.14
N LEU Q 65 -22.47 -69.24 23.63
CA LEU Q 65 -22.73 -67.90 24.11
C LEU Q 65 -22.51 -67.83 25.61
N GLN R 1 -3.28 -37.40 40.41
CA GLN R 1 -4.72 -37.23 40.55
C GLN R 1 -5.48 -38.38 39.94
N ASP R 2 -6.56 -38.02 39.26
CA ASP R 2 -7.36 -39.00 38.53
C ASP R 2 -6.90 -39.10 37.09
N LEU R 3 -6.58 -40.32 36.68
CA LEU R 3 -6.25 -40.54 35.28
C LEU R 3 -7.54 -40.44 34.48
N MET R 4 -7.53 -39.58 33.47
CA MET R 4 -8.81 -39.20 32.88
C MET R 4 -9.43 -40.35 32.10
N ALA R 5 -8.62 -41.20 31.49
CA ALA R 5 -9.21 -42.36 30.82
C ALA R 5 -9.89 -43.31 31.80
N SER R 6 -9.77 -43.06 33.10
CA SER R 6 -10.38 -43.94 34.08
C SER R 6 -11.90 -43.75 34.09
N GLY R 7 -12.53 -44.38 35.05
CA GLY R 7 -13.94 -44.53 34.98
C GLY R 7 -14.28 -45.42 33.80
N ASN R 8 -15.54 -45.35 33.40
CA ASN R 8 -16.02 -46.11 32.26
C ASN R 8 -15.79 -47.59 32.52
N THR R 9 -14.97 -48.21 31.68
CA THR R 9 -14.59 -49.61 31.84
C THR R 9 -15.81 -50.52 31.82
N THR R 10 -16.91 -50.04 31.27
CA THR R 10 -17.80 -50.94 30.56
C THR R 10 -17.03 -51.63 29.45
N VAL R 11 -15.89 -51.04 29.12
CA VAL R 11 -14.82 -51.64 28.35
C VAL R 11 -14.64 -53.05 28.85
N LYS R 12 -14.51 -53.18 30.17
CA LYS R 12 -14.46 -54.52 30.73
C LYS R 12 -15.69 -55.30 30.35
N ALA R 13 -16.87 -54.80 30.74
CA ALA R 13 -18.11 -55.44 30.32
C ALA R 13 -18.07 -55.72 28.84
N THR R 14 -17.60 -54.76 28.05
CA THR R 14 -17.49 -54.96 26.62
C THR R 14 -16.64 -56.17 26.29
N PHE R 15 -15.44 -56.22 26.81
CA PHE R 15 -14.46 -57.23 26.44
C PHE R 15 -14.29 -58.33 27.48
N GLY R 16 -15.05 -58.29 28.57
CA GLY R 16 -14.74 -59.10 29.73
C GLY R 16 -14.73 -60.59 29.45
N LYS R 17 -14.17 -61.34 30.40
CA LYS R 17 -14.13 -62.79 30.29
C LYS R 17 -15.51 -63.31 29.91
N ASP R 18 -16.54 -62.77 30.55
CA ASP R 18 -17.89 -62.90 30.04
C ASP R 18 -18.16 -61.64 29.23
N SER R 19 -18.22 -61.84 27.92
CA SER R 19 -18.61 -60.80 27.00
C SER R 19 -19.08 -61.47 25.73
N SER R 20 -19.90 -60.76 24.98
CA SER R 20 -20.29 -61.24 23.68
C SER R 20 -19.03 -61.53 22.89
N VAL R 21 -18.26 -60.46 22.65
CA VAL R 21 -17.12 -60.52 21.73
C VAL R 21 -16.27 -61.75 21.98
N VAL R 22 -15.91 -61.98 23.23
CA VAL R 22 -15.10 -63.14 23.57
C VAL R 22 -15.75 -64.40 23.00
N LYS R 23 -17.01 -64.61 23.34
CA LYS R 23 -17.73 -65.78 22.86
C LYS R 23 -17.73 -65.82 21.34
N TRP R 24 -17.88 -64.67 20.70
CA TRP R 24 -17.77 -64.58 19.25
C TRP R 24 -16.52 -65.26 18.74
N VAL R 25 -15.38 -64.94 19.35
CA VAL R 25 -14.10 -65.38 18.81
C VAL R 25 -14.09 -66.89 18.66
N VAL R 26 -14.10 -67.60 19.77
CA VAL R 26 -13.95 -69.05 19.75
C VAL R 26 -14.98 -69.66 18.83
N LEU R 27 -16.17 -69.08 18.77
CA LEU R 27 -17.19 -69.58 17.88
C LEU R 27 -16.63 -69.76 16.48
N ALA R 28 -16.34 -68.66 15.81
CA ALA R 28 -15.77 -68.74 14.48
C ALA R 28 -14.53 -69.59 14.48
N GLU R 29 -13.73 -69.51 15.53
CA GLU R 29 -12.60 -70.41 15.65
C GLU R 29 -13.03 -71.86 15.52
N VAL R 30 -14.02 -72.26 16.31
CA VAL R 30 -14.55 -73.62 16.17
C VAL R 30 -14.91 -73.88 14.71
N LEU R 31 -15.57 -72.94 14.08
CA LEU R 31 -15.99 -73.13 12.71
C LEU R 31 -14.80 -73.40 11.80
N VAL R 32 -13.95 -72.39 11.63
CA VAL R 32 -12.90 -72.45 10.63
C VAL R 32 -12.06 -73.71 10.80
N GLY R 33 -11.70 -74.03 12.04
CA GLY R 33 -10.97 -75.26 12.26
C GLY R 33 -11.72 -76.46 11.70
N ALA R 34 -12.97 -76.63 12.13
CA ALA R 34 -13.81 -77.66 11.55
C ALA R 34 -13.85 -77.53 10.04
N VAL R 35 -14.02 -76.31 9.54
CA VAL R 35 -13.92 -76.09 8.11
C VAL R 35 -12.60 -76.62 7.60
N MET R 36 -11.50 -76.04 8.07
CA MET R 36 -10.18 -76.41 7.58
C MET R 36 -9.99 -77.92 7.55
N TYR R 37 -10.44 -78.61 8.59
CA TYR R 37 -10.17 -80.03 8.64
C TYR R 37 -10.75 -80.74 7.45
N MET R 38 -11.95 -80.36 7.02
CA MET R 38 -12.51 -80.94 5.79
C MET R 38 -11.50 -80.84 4.66
N MET R 39 -10.98 -79.64 4.44
CA MET R 39 -9.98 -79.47 3.41
C MET R 39 -8.73 -80.28 3.70
N THR R 40 -8.16 -80.10 4.88
CA THR R 40 -6.85 -80.63 5.17
C THR R 40 -6.90 -82.12 5.48
N LYS R 41 -7.83 -82.52 6.33
CA LYS R 41 -7.84 -83.87 6.89
C LYS R 41 -6.54 -84.13 7.64
N ASN R 42 -6.01 -83.09 8.25
CA ASN R 42 -4.89 -83.21 9.16
C ASN R 42 -5.38 -82.90 10.56
N VAL R 43 -4.73 -83.49 11.55
CA VAL R 43 -5.11 -83.05 12.89
C VAL R 43 -4.22 -81.88 13.17
N LYS R 44 -4.80 -80.71 13.08
CA LYS R 44 -4.13 -79.45 13.35
C LYS R 44 -5.02 -78.56 14.17
N PHE R 45 -6.18 -78.26 13.63
CA PHE R 45 -6.91 -77.05 13.90
C PHE R 45 -7.69 -77.12 15.18
N LEU R 46 -7.63 -78.23 15.91
CA LEU R 46 -8.33 -78.27 17.18
C LEU R 46 -7.32 -78.05 18.29
N ALA R 47 -7.07 -76.79 18.60
CA ALA R 47 -6.11 -76.47 19.64
C ALA R 47 -6.49 -75.20 20.39
N GLY R 48 -6.26 -74.07 19.71
CA GLY R 48 -6.71 -72.78 20.23
C GLY R 48 -8.19 -72.81 20.52
N PHE R 49 -8.89 -73.71 19.85
CA PHE R 49 -10.22 -74.14 20.22
C PHE R 49 -10.26 -74.21 21.73
N ALA R 50 -9.48 -75.11 22.31
CA ALA R 50 -9.22 -75.06 23.73
C ALA R 50 -8.20 -74.00 24.10
N ILE R 51 -7.09 -73.93 23.36
CA ILE R 51 -5.95 -73.15 23.81
C ILE R 51 -6.27 -71.68 23.89
N ILE R 52 -6.78 -71.10 22.80
CA ILE R 52 -7.09 -69.68 22.84
C ILE R 52 -7.97 -69.39 24.03
N SER R 53 -8.90 -70.28 24.32
CA SER R 53 -9.76 -70.08 25.48
C SER R 53 -8.93 -69.86 26.73
N VAL R 54 -8.07 -70.82 27.06
CA VAL R 54 -7.22 -70.61 28.22
C VAL R 54 -6.23 -69.49 27.95
N PHE R 55 -5.76 -69.38 26.71
CA PHE R 55 -5.01 -68.20 26.34
C PHE R 55 -5.80 -66.93 26.63
N ILE R 56 -7.05 -66.88 26.18
CA ILE R 56 -7.90 -65.78 26.58
C ILE R 56 -7.89 -65.66 28.09
N ALA R 57 -8.17 -66.77 28.77
CA ALA R 57 -8.26 -66.76 30.22
C ALA R 57 -7.04 -66.10 30.84
N VAL R 58 -5.85 -66.54 30.44
CA VAL R 58 -4.65 -66.07 31.12
C VAL R 58 -4.46 -64.58 30.90
N GLY R 59 -4.49 -64.12 29.65
CA GLY R 59 -4.35 -62.70 29.40
C GLY R 59 -5.42 -61.89 30.09
N MET R 60 -6.68 -62.32 29.94
CA MET R 60 -7.74 -61.75 30.76
C MET R 60 -7.35 -61.79 32.22
N ALA R 61 -6.88 -62.93 32.71
CA ALA R 61 -6.38 -62.98 34.08
C ALA R 61 -5.15 -62.11 34.23
N VAL R 62 -4.29 -62.07 33.23
CA VAL R 62 -3.12 -61.20 33.31
C VAL R 62 -3.55 -59.76 33.50
N VAL R 63 -4.30 -59.23 32.55
CA VAL R 63 -4.68 -57.83 32.65
C VAL R 63 -5.86 -57.72 33.58
N GLY R 64 -7.04 -58.13 33.09
CA GLY R 64 -8.25 -57.99 33.88
C GLY R 64 -8.41 -56.62 34.48
N LEU R 65 -8.15 -55.57 33.70
CA LEU R 65 -8.18 -54.21 34.19
C LEU R 65 -7.25 -54.06 35.39
N GLN S 1 15.86 -23.25 39.21
CA GLN S 1 14.64 -23.08 39.98
C GLN S 1 13.69 -24.25 39.80
N ASP S 2 12.41 -23.92 39.67
CA ASP S 2 11.39 -24.92 39.42
C ASP S 2 11.17 -25.07 37.92
N LEU S 3 11.28 -26.30 37.44
CA LEU S 3 10.95 -26.57 36.05
C LEU S 3 9.44 -26.50 35.91
N MET S 4 8.98 -25.67 34.98
CA MET S 4 7.57 -25.31 35.03
C MET S 4 6.68 -26.48 34.64
N ALA S 5 7.13 -27.36 33.76
CA ALA S 5 6.34 -28.54 33.45
C ALA S 5 6.18 -29.46 34.66
N SER S 6 6.87 -29.17 35.75
CA SER S 6 6.78 -30.02 36.94
C SER S 6 5.43 -29.83 37.62
N GLY S 7 5.31 -30.43 38.79
CA GLY S 7 4.02 -30.59 39.36
C GLY S 7 3.21 -31.51 38.47
N ASN S 8 1.90 -31.46 38.69
CA ASN S 8 0.97 -32.26 37.91
C ASN S 8 1.31 -33.73 38.08
N THR S 9 1.69 -34.38 36.97
CA THR S 9 2.13 -35.77 36.99
C THR S 9 1.05 -36.69 37.54
N THR S 10 -0.20 -36.23 37.53
CA THR S 10 -1.30 -37.15 37.32
C THR S 10 -1.10 -37.87 36.01
N VAL S 11 -0.24 -37.29 35.18
CA VAL S 11 0.38 -37.91 34.03
C VAL S 11 0.79 -39.30 34.44
N LYS S 12 1.50 -39.40 35.56
CA LYS S 12 1.82 -40.71 36.08
C LYS S 12 0.56 -41.51 36.31
N ALA S 13 -0.31 -41.00 37.17
CA ALA S 13 -1.59 -41.65 37.38
C ALA S 13 -2.23 -41.99 36.04
N THR S 14 -2.18 -41.06 35.10
CA THR S 14 -2.73 -41.30 33.78
C THR S 14 -2.10 -42.52 33.14
N PHE S 15 -0.78 -42.54 33.07
CA PHE S 15 -0.06 -43.57 32.32
C PHE S 15 0.58 -44.63 33.20
N GLY S 16 0.39 -44.55 34.52
CA GLY S 16 1.21 -45.32 35.44
C GLY S 16 1.11 -46.82 35.22
N LYS S 17 2.06 -47.53 35.83
CA LYS S 17 2.05 -48.99 35.77
C LYS S 17 0.67 -49.53 36.06
N ASP S 18 0.03 -48.97 37.08
CA ASP S 18 -1.41 -49.12 37.24
C ASP S 18 -2.04 -47.89 36.60
N SER S 19 -2.67 -48.13 35.46
CA SER S 19 -3.45 -47.12 34.79
C SER S 19 -4.42 -47.84 33.88
N SER S 20 -5.50 -47.15 33.56
CA SER S 20 -6.44 -47.68 32.59
C SER S 20 -5.66 -47.98 31.32
N VAL S 21 -5.10 -46.94 30.74
CA VAL S 21 -4.50 -47.01 29.40
C VAL S 21 -3.60 -48.23 29.28
N VAL S 22 -2.71 -48.42 30.24
CA VAL S 22 -1.83 -49.57 30.22
C VAL S 22 -2.64 -50.83 30.03
N LYS S 23 -3.60 -51.04 30.90
CA LYS S 23 -4.45 -52.22 30.83
C LYS S 23 -5.12 -52.32 29.47
N TRP S 24 -5.57 -51.19 28.94
CA TRP S 24 -6.13 -51.16 27.59
C TRP S 24 -5.22 -51.86 26.60
N VAL S 25 -3.93 -51.50 26.61
CA VAL S 25 -3.03 -51.96 25.58
C VAL S 25 -3.06 -53.47 25.47
N VAL S 26 -2.56 -54.14 26.50
CA VAL S 26 -2.40 -55.58 26.45
C VAL S 26 -3.72 -56.24 26.10
N LEU S 27 -4.83 -55.66 26.58
CA LEU S 27 -6.13 -56.20 26.25
C LEU S 27 -6.26 -56.42 24.76
N ALA S 28 -6.32 -55.33 23.99
CA ALA S 28 -6.41 -55.46 22.56
C ALA S 28 -5.28 -56.31 22.00
N GLU S 29 -4.10 -56.19 22.59
CA GLU S 29 -3.01 -57.09 22.22
C GLU S 29 -3.43 -58.54 22.34
N VAL S 30 -3.96 -58.92 23.49
CA VAL S 30 -4.47 -60.28 23.64
C VAL S 30 -5.44 -60.59 22.52
N LEU S 31 -6.34 -59.66 22.22
CA LEU S 31 -7.33 -59.91 21.20
C LEU S 31 -6.66 -60.21 19.86
N VAL S 32 -6.00 -59.20 19.30
CA VAL S 32 -5.51 -59.29 17.93
C VAL S 32 -4.66 -60.53 17.74
N GLY S 33 -3.77 -60.82 18.68
CA GLY S 33 -3.01 -62.04 18.59
C GLY S 33 -3.90 -63.26 18.46
N ALA S 34 -4.82 -63.41 19.42
CA ALA S 34 -5.81 -64.47 19.30
C ALA S 34 -6.52 -64.39 17.96
N VAL S 35 -6.93 -63.19 17.58
CA VAL S 35 -7.49 -63.00 16.25
C VAL S 35 -6.53 -63.55 15.20
N MET S 36 -5.35 -62.95 15.11
CA MET S 36 -4.38 -63.34 14.09
C MET S 36 -4.21 -64.84 14.02
N TYR S 37 -4.12 -65.50 15.16
CA TYR S 37 -3.83 -66.92 15.13
C TYR S 37 -4.87 -67.68 14.35
N MET S 38 -6.15 -67.30 14.50
CA MET S 38 -7.17 -67.92 13.67
C MET S 38 -6.79 -67.86 12.21
N MET S 39 -6.44 -66.67 11.74
CA MET S 39 -6.02 -66.52 10.36
C MET S 39 -4.76 -67.32 10.08
N THR S 40 -3.72 -67.09 10.88
CA THR S 40 -2.41 -67.62 10.56
C THR S 40 -2.30 -69.10 10.90
N LYS S 41 -2.73 -69.47 12.09
CA LYS S 41 -2.46 -70.80 12.63
C LYS S 41 -0.97 -71.05 12.73
N ASN S 42 -0.24 -69.98 13.00
CA ASN S 42 1.17 -70.07 13.31
C ASN S 42 1.36 -69.70 14.77
N VAL S 43 2.39 -70.26 15.38
CA VAL S 43 2.65 -69.79 16.73
C VAL S 43 3.56 -68.60 16.55
N LYS S 44 2.98 -67.43 16.69
CA LYS S 44 3.67 -66.17 16.60
C LYS S 44 3.23 -65.25 17.71
N PHE S 45 1.95 -64.97 17.73
CA PHE S 45 1.39 -63.75 18.28
C PHE S 45 1.27 -63.78 19.78
N LEU S 46 1.66 -64.87 20.42
CA LEU S 46 1.61 -64.88 21.87
C LEU S 46 3.02 -64.62 22.41
N ALA S 47 3.35 -63.34 22.54
CA ALA S 47 4.67 -62.98 23.03
C ALA S 47 4.64 -61.70 23.83
N GLY S 48 4.54 -60.58 23.10
CA GLY S 48 4.35 -59.29 23.72
C GLY S 48 3.15 -59.31 24.64
N PHE S 49 2.24 -60.23 24.38
CA PHE S 49 1.23 -60.64 25.33
C PHE S 49 1.87 -60.67 26.70
N ALA S 50 2.84 -61.55 26.89
CA ALA S 50 3.71 -61.45 28.04
C ALA S 50 4.78 -60.39 27.88
N ILE S 51 5.42 -60.33 26.71
CA ILE S 51 6.64 -59.54 26.58
C ILE S 51 6.36 -58.06 26.76
N ILE S 52 5.41 -57.52 26.00
CA ILE S 52 5.12 -56.11 26.14
C ILE S 52 4.86 -55.77 27.59
N SER S 53 4.17 -56.65 28.30
CA SER S 53 3.93 -56.42 29.70
C SER S 53 5.23 -56.15 30.45
N VAL S 54 6.16 -57.10 30.38
CA VAL S 54 7.44 -56.84 31.02
C VAL S 54 8.18 -55.73 30.30
N PHE S 55 8.04 -55.67 28.98
CA PHE S 55 8.52 -54.50 28.28
C PHE S 55 7.94 -53.23 28.87
N ILE S 56 6.61 -53.19 29.02
CA ILE S 56 6.01 -52.08 29.74
C ILE S 56 6.70 -51.91 31.07
N ALA S 57 6.77 -53.00 31.84
CA ALA S 57 7.35 -52.95 33.17
C ALA S 57 8.70 -52.26 33.15
N VAL S 58 9.59 -52.72 32.28
CA VAL S 58 10.95 -52.22 32.33
C VAL S 58 11.00 -50.72 32.01
N GLY S 59 10.41 -50.31 30.89
CA GLY S 59 10.40 -48.90 30.56
C GLY S 59 9.73 -48.08 31.65
N MET S 60 8.55 -48.52 32.09
CA MET S 60 7.97 -47.92 33.27
C MET S 60 8.97 -47.90 34.40
N ALA S 61 9.63 -49.02 34.66
CA ALA S 61 10.69 -49.04 35.66
C ALA S 61 11.84 -48.16 35.23
N VAL S 62 12.16 -48.14 33.94
CA VAL S 62 13.23 -47.27 33.46
C VAL S 62 12.91 -45.82 33.78
N VAL S 63 11.79 -45.33 33.26
CA VAL S 63 11.48 -43.93 33.48
C VAL S 63 10.83 -43.79 34.84
N GLY S 64 9.58 -44.22 34.94
CA GLY S 64 8.84 -44.05 36.19
C GLY S 64 8.95 -42.67 36.75
N LEU S 65 8.81 -41.65 35.91
CA LEU S 65 8.98 -40.27 36.32
C LEU S 65 10.34 -40.08 36.98
N GLN T 1 31.71 -9.05 28.16
CA GLN T 1 30.99 -8.84 29.41
C GLN T 1 30.09 -10.03 29.74
N ASP T 2 28.90 -9.69 30.22
CA ASP T 2 27.90 -10.70 30.50
C ASP T 2 27.00 -10.92 29.29
N LEU T 3 26.90 -12.16 28.86
CA LEU T 3 25.97 -12.48 27.80
C LEU T 3 24.56 -12.42 28.38
N MET T 4 23.71 -11.63 27.75
CA MET T 4 22.47 -11.27 28.43
C MET T 4 21.53 -12.45 28.57
N ALA T 5 21.53 -13.36 27.60
CA ALA T 5 20.70 -14.56 27.75
C ALA T 5 21.15 -15.42 28.91
N SER T 6 22.26 -15.10 29.56
CA SER T 6 22.75 -15.88 30.68
C SER T 6 21.88 -15.67 31.89
N GLY T 7 22.33 -16.22 33.00
CA GLY T 7 21.46 -16.37 34.12
C GLY T 7 20.34 -17.31 33.76
N ASN T 8 19.29 -17.24 34.56
CA ASN T 8 18.11 -18.08 34.33
C ASN T 8 18.52 -19.54 34.37
N THR T 9 18.36 -20.24 33.26
CA THR T 9 18.76 -21.63 33.12
C THR T 9 18.08 -22.52 34.15
N THR T 10 16.97 -22.06 34.70
CA THR T 10 15.93 -22.99 35.06
C THR T 10 15.50 -23.76 33.84
N VAL T 11 15.86 -23.21 32.69
CA VAL T 11 15.87 -23.89 31.40
C VAL T 11 16.45 -25.26 31.63
N LYS T 12 17.61 -25.30 32.28
CA LYS T 12 18.16 -26.60 32.63
C LYS T 12 17.16 -27.38 33.46
N ALA T 13 16.79 -26.84 34.62
CA ALA T 13 15.77 -27.48 35.42
C ALA T 13 14.59 -27.87 34.55
N THR T 14 14.18 -26.97 33.66
CA THR T 14 13.07 -27.27 32.76
C THR T 14 13.35 -28.52 31.94
N PHE T 15 14.48 -28.54 31.26
CA PHE T 15 14.79 -29.60 30.31
C PHE T 15 15.78 -30.62 30.83
N GLY T 16 16.24 -30.50 32.07
CA GLY T 16 17.39 -31.24 32.53
C GLY T 16 17.24 -32.73 32.44
N LYS T 17 18.38 -33.43 32.57
CA LYS T 17 18.36 -34.88 32.55
C LYS T 17 17.28 -35.41 33.48
N ASP T 18 17.19 -34.81 34.66
CA ASP T 18 16.00 -34.95 35.49
C ASP T 18 15.12 -33.75 35.17
N SER T 19 14.04 -34.03 34.47
CA SER T 19 13.00 -33.05 34.21
C SER T 19 11.74 -33.80 33.89
N SER T 20 10.61 -33.12 34.08
CA SER T 20 9.35 -33.69 33.69
C SER T 20 9.45 -34.05 32.22
N VAL T 21 9.66 -33.02 31.39
CA VAL T 21 9.57 -33.16 29.95
C VAL T 21 10.32 -34.38 29.46
N VAL T 22 11.56 -34.52 29.90
CA VAL T 22 12.35 -35.69 29.50
C VAL T 22 11.57 -36.96 29.77
N LYS T 23 11.12 -37.12 31.00
CA LYS T 23 10.37 -38.30 31.36
C LYS T 23 9.13 -38.46 30.50
N TRP T 24 8.47 -37.35 30.20
CA TRP T 24 7.35 -37.37 29.27
C TRP T 24 7.70 -38.11 27.99
N VAL T 25 8.83 -37.75 27.38
CA VAL T 25 9.15 -38.26 26.06
C VAL T 25 9.10 -39.78 26.04
N VAL T 26 10.04 -40.40 26.74
CA VAL T 26 10.18 -41.85 26.68
C VAL T 26 8.86 -42.51 27.01
N LEU T 27 8.10 -41.91 27.91
CA LEU T 27 6.80 -42.45 28.27
C LEU T 27 5.99 -42.74 27.02
N ALA T 28 5.56 -41.68 26.33
CA ALA T 28 4.81 -41.88 25.11
C ALA T 28 5.56 -42.76 24.13
N GLU T 29 6.89 -42.61 24.08
CA GLU T 29 7.68 -43.52 23.28
C GLU T 29 7.39 -44.97 23.64
N VAL T 30 7.48 -45.30 24.91
CA VAL T 30 7.12 -46.65 25.34
C VAL T 30 5.75 -47.00 24.80
N LEU T 31 4.80 -46.09 24.94
CA LEU T 31 3.44 -46.38 24.50
C LEU T 31 3.41 -46.73 23.03
N VAL T 32 3.72 -45.74 22.18
CA VAL T 32 3.51 -45.89 20.74
C VAL T 32 4.18 -47.15 20.22
N GLY T 33 5.42 -47.40 20.65
CA GLY T 33 6.07 -48.62 20.26
C GLY T 33 5.25 -49.84 20.62
N ALA T 34 4.89 -49.96 21.89
CA ALA T 34 3.97 -51.01 22.29
C ALA T 34 2.71 -50.98 21.45
N VAL T 35 2.15 -49.80 21.25
CA VAL T 35 1.03 -49.67 20.32
C VAL T 35 1.40 -50.26 18.97
N MET T 36 2.40 -49.67 18.32
CA MET T 36 2.78 -50.09 16.98
C MET T 36 2.92 -51.60 16.89
N TYR T 37 3.55 -52.21 17.89
CA TYR T 37 3.81 -53.63 17.78
C TYR T 37 2.54 -54.42 17.61
N MET T 38 1.47 -54.04 18.31
CA MET T 38 0.20 -54.69 18.09
C MET T 38 -0.16 -54.69 16.62
N MET T 39 -0.09 -53.52 16.00
CA MET T 39 -0.37 -53.43 14.58
C MET T 39 0.63 -54.25 13.78
N THR T 40 1.91 -53.99 13.98
CA THR T 40 2.94 -54.53 13.10
C THR T 40 3.22 -55.99 13.40
N LYS T 41 3.40 -56.31 14.68
CA LYS T 41 3.91 -57.62 15.07
C LYS T 41 5.29 -57.86 14.46
N ASN T 42 6.04 -56.79 14.32
CA ASN T 42 7.44 -56.87 13.94
C ASN T 42 8.27 -56.45 15.12
N VAL T 43 9.48 -56.97 15.20
CA VAL T 43 10.33 -56.45 16.25
C VAL T 43 11.03 -55.27 15.62
N LYS T 44 10.56 -54.10 15.98
CA LYS T 44 11.11 -52.85 15.53
C LYS T 44 11.23 -51.87 16.68
N PHE T 45 10.10 -51.59 17.29
CA PHE T 45 9.84 -50.36 17.98
C PHE T 45 10.44 -50.33 19.37
N LEU T 46 11.12 -51.38 19.79
CA LEU T 46 11.75 -51.33 21.10
C LEU T 46 13.23 -51.05 20.90
N ALA T 47 13.57 -49.77 20.81
CA ALA T 47 14.96 -49.39 20.62
C ALA T 47 15.28 -48.08 21.28
N GLY T 48 14.82 -46.99 20.64
CA GLY T 48 14.93 -45.68 21.24
C GLY T 48 14.30 -45.65 22.61
N PHE T 49 13.39 -46.59 22.84
CA PHE T 49 12.95 -46.96 24.17
C PHE T 49 14.16 -46.94 25.08
N ALA T 50 15.12 -47.80 24.82
CA ALA T 50 16.43 -47.66 25.43
C ALA T 50 17.28 -46.59 24.75
N ILE T 51 17.31 -46.59 23.41
CA ILE T 51 18.30 -45.81 22.70
C ILE T 51 18.11 -44.33 22.93
N ILE T 52 16.90 -43.82 22.68
CA ILE T 52 16.69 -42.39 22.89
C ILE T 52 17.14 -42.00 24.28
N SER T 53 16.87 -42.85 25.26
CA SER T 53 17.31 -42.57 26.61
C SER T 53 18.80 -42.27 26.64
N VAL T 54 19.61 -43.22 26.18
CA VAL T 54 21.03 -42.94 26.14
C VAL T 54 21.33 -41.86 25.12
N PHE T 55 20.59 -41.85 24.01
CA PHE T 55 20.66 -40.71 23.12
C PHE T 55 20.39 -39.42 23.87
N ILE T 56 19.30 -39.37 24.62
CA ILE T 56 19.09 -38.23 25.49
C ILE T 56 20.31 -38.01 26.34
N ALA T 57 20.76 -39.06 27.02
CA ALA T 57 21.89 -38.95 27.94
C ALA T 57 23.07 -38.28 27.26
N VAL T 58 23.45 -38.76 26.08
CA VAL T 58 24.67 -38.26 25.47
C VAL T 58 24.54 -36.79 25.12
N GLY T 59 23.49 -36.42 24.39
CA GLY T 59 23.30 -35.03 24.05
C GLY T 59 23.20 -34.16 25.28
N MET T 60 22.37 -34.58 26.24
CA MET T 60 22.40 -33.93 27.55
C MET T 60 23.82 -33.86 28.07
N ALA T 61 24.53 -34.98 28.04
CA ALA T 61 25.94 -34.95 28.42
C ALA T 61 26.75 -34.10 27.46
N VAL T 62 26.42 -34.13 26.17
CA VAL T 62 27.12 -33.28 25.23
C VAL T 62 26.96 -31.83 25.60
N VAL T 63 25.73 -31.35 25.65
CA VAL T 63 25.53 -29.93 25.93
C VAL T 63 25.60 -29.75 27.43
N GLY T 64 24.54 -30.16 28.13
CA GLY T 64 24.47 -29.95 29.56
C GLY T 64 24.81 -28.54 29.96
N LEU T 65 24.26 -27.56 29.25
CA LEU T 65 24.59 -26.16 29.48
C LEU T 65 26.10 -25.95 29.41
N GLN U 1 40.04 4.91 10.42
CA GLN U 1 39.99 5.17 11.85
C GLN U 1 39.39 3.99 12.61
N ASP U 2 38.55 4.33 13.58
CA ASP U 2 37.83 3.32 14.34
C ASP U 2 36.47 3.06 13.71
N LEU U 3 36.21 1.79 13.41
CA LEU U 3 34.90 1.41 12.93
C LEU U 3 33.93 1.50 14.10
N MET U 4 32.86 2.25 13.92
CA MET U 4 32.08 2.62 15.10
C MET U 4 31.34 1.45 15.69
N ALA U 5 30.91 0.50 14.87
CA ALA U 5 30.28 -0.70 15.43
C ALA U 5 31.25 -1.51 16.27
N SER U 6 32.53 -1.14 16.31
CA SER U 6 33.50 -1.89 17.08
C SER U 6 33.31 -1.63 18.57
N GLY U 7 34.23 -2.13 19.34
CA GLY U 7 34.01 -2.23 20.75
C GLY U 7 32.88 -3.21 20.99
N ASN U 8 32.31 -3.12 22.19
CA ASN U 8 31.19 -3.97 22.57
C ASN U 8 31.62 -5.43 22.46
N THR U 9 30.95 -6.16 21.58
CA THR U 9 31.29 -7.55 21.31
C THR U 9 31.20 -8.40 22.56
N THR U 10 30.46 -7.93 23.56
CA THR U 10 29.75 -8.86 24.40
C THR U 10 28.81 -9.68 23.55
N VAL U 11 28.56 -9.18 22.35
CA VAL U 11 27.99 -9.90 21.23
C VAL U 11 28.65 -11.26 21.19
N LYS U 12 29.98 -11.27 21.23
CA LYS U 12 30.66 -12.55 21.32
C LYS U 12 30.19 -13.30 22.55
N ALA U 13 30.39 -12.71 23.73
CA ALA U 13 29.88 -13.33 24.94
C ALA U 13 28.45 -13.77 24.75
N THR U 14 27.64 -12.91 24.12
CA THR U 14 26.25 -13.25 23.86
C THR U 14 26.15 -14.53 23.05
N PHE U 15 26.83 -14.58 21.91
CA PHE U 15 26.67 -15.66 20.97
C PHE U 15 27.82 -16.66 20.99
N GLY U 16 28.80 -16.47 21.86
CA GLY U 16 30.06 -17.18 21.75
C GLY U 16 29.92 -18.69 21.79
N LYS U 17 31.01 -19.37 21.38
CA LYS U 17 31.03 -20.82 21.43
C LYS U 17 30.53 -21.32 22.78
N ASP U 18 30.98 -20.68 23.85
CA ASP U 18 30.33 -20.78 25.13
C ASP U 18 29.37 -19.61 25.23
N SER U 19 28.10 -19.93 25.14
CA SER U 19 27.03 -18.96 25.35
C SER U 19 25.78 -19.74 25.70
N SER U 20 24.87 -19.07 26.37
CA SER U 20 23.58 -19.66 26.65
C SER U 20 22.98 -20.08 25.31
N VAL U 21 22.76 -19.08 24.45
CA VAL U 21 22.00 -19.29 23.22
C VAL U 21 22.46 -20.52 22.48
N VAL U 22 23.77 -20.63 22.28
CA VAL U 22 24.31 -21.80 21.61
C VAL U 22 23.78 -23.07 22.24
N LYS U 23 23.97 -23.19 23.55
CA LYS U 23 23.51 -24.36 24.27
C LYS U 23 22.02 -24.56 24.08
N TRP U 24 21.26 -23.47 24.09
CA TRP U 24 19.83 -23.54 23.81
C TRP U 24 19.56 -24.32 22.54
N VAL U 25 20.26 -23.99 21.46
CA VAL U 25 19.94 -24.54 20.16
C VAL U 25 19.93 -26.06 20.21
N VAL U 26 21.09 -26.65 20.40
CA VAL U 26 21.23 -28.09 20.34
C VAL U 26 20.24 -28.76 21.27
N LEU U 27 19.98 -28.12 22.42
CA LEU U 27 19.01 -28.66 23.35
C LEU U 27 17.72 -29.01 22.63
N ALA U 28 16.99 -27.98 22.20
CA ALA U 28 15.76 -28.23 21.49
C ALA U 28 15.98 -29.15 20.30
N GLU U 29 17.12 -28.99 19.63
CA GLU U 29 17.47 -29.92 18.57
C GLU U 29 17.42 -31.35 19.07
N VAL U 30 18.11 -31.64 20.17
CA VAL U 30 18.03 -32.97 20.76
C VAL U 30 16.58 -33.36 20.95
N LEU U 31 15.77 -32.45 21.48
CA LEU U 31 14.39 -32.76 21.74
C LEU U 31 13.67 -33.18 20.47
N VAL U 32 13.51 -32.23 19.54
CA VAL U 32 12.65 -32.44 18.39
C VAL U 32 13.05 -33.71 17.65
N GLY U 33 14.34 -33.92 17.46
CA GLY U 33 14.77 -35.15 16.84
C GLY U 33 14.24 -36.37 17.58
N ALA U 34 14.52 -36.43 18.87
CA ALA U 34 13.94 -37.48 19.69
C ALA U 34 12.42 -37.50 19.54
N VAL U 35 11.80 -36.33 19.59
CA VAL U 35 10.39 -36.24 19.30
C VAL U 35 10.09 -36.89 17.96
N MET U 36 10.64 -36.32 16.89
CA MET U 36 10.36 -36.79 15.55
C MET U 36 10.48 -38.30 15.45
N TYR U 37 11.52 -38.87 16.05
CA TYR U 37 11.74 -40.29 15.87
C TYR U 37 10.55 -41.09 16.36
N MET U 38 9.94 -40.69 17.47
CA MET U 38 8.72 -41.36 17.90
C MET U 38 7.73 -41.43 16.77
N MET U 39 7.46 -40.28 16.14
CA MET U 39 6.54 -40.26 15.02
C MET U 39 7.07 -41.09 13.87
N THR U 40 8.29 -40.81 13.44
CA THR U 40 8.79 -41.39 12.20
C THR U 40 9.22 -42.82 12.38
N LYS U 41 9.99 -43.10 13.43
CA LYS U 41 10.66 -44.38 13.58
C LYS U 41 11.59 -44.64 12.41
N ASN U 42 12.17 -43.56 11.89
CA ASN U 42 13.22 -43.64 10.89
C ASN U 42 14.50 -43.17 11.53
N VAL U 43 15.62 -43.68 11.04
CA VAL U 43 16.84 -43.11 11.55
C VAL U 43 17.13 -41.95 10.63
N LYS U 44 16.85 -40.77 11.12
CA LYS U 44 17.09 -39.53 10.42
C LYS U 44 17.71 -38.52 11.36
N PHE U 45 17.00 -38.22 12.42
CA PHE U 45 17.07 -36.95 13.12
C PHE U 45 18.25 -36.86 14.05
N LEU U 46 19.06 -37.89 14.14
CA LEU U 46 20.24 -37.79 14.99
C LEU U 46 21.45 -37.51 14.09
N ALA U 47 21.67 -36.22 13.83
CA ALA U 47 22.79 -35.85 12.99
C ALA U 47 23.36 -34.50 13.38
N GLY U 48 22.62 -33.45 13.01
CA GLY U 48 22.96 -32.10 13.43
C GLY U 48 23.05 -32.03 14.93
N PHE U 49 22.38 -32.96 15.60
CA PHE U 49 22.63 -33.27 16.98
C PHE U 49 24.12 -33.21 17.22
N ALA U 50 24.87 -34.08 16.56
CA ALA U 50 26.30 -33.90 16.48
C ALA U 50 26.70 -32.86 15.44
N ILE U 51 26.10 -32.91 14.25
CA ILE U 51 26.61 -32.16 13.13
C ILE U 51 26.52 -30.65 13.38
N ILE U 52 25.33 -30.16 13.72
CA ILE U 52 25.20 -28.74 13.94
C ILE U 52 26.24 -28.28 14.95
N SER U 53 26.49 -29.10 15.97
CA SER U 53 27.51 -28.76 16.94
C SER U 53 28.82 -28.45 16.25
N VAL U 54 29.34 -29.40 15.50
CA VAL U 54 30.58 -29.12 14.78
C VAL U 54 30.32 -28.08 13.71
N PHE U 55 29.15 -28.12 13.08
CA PHE U 55 28.78 -27.02 12.22
C PHE U 55 28.85 -25.69 12.97
N ILE U 56 28.24 -25.63 14.14
CA ILE U 56 28.43 -24.46 14.97
C ILE U 56 29.91 -24.18 15.14
N ALA U 57 30.65 -25.21 15.56
CA ALA U 57 32.06 -25.05 15.83
C ALA U 57 32.78 -24.39 14.66
N VAL U 58 32.57 -24.92 13.46
CA VAL U 58 33.35 -24.45 12.33
C VAL U 58 33.02 -22.99 12.02
N GLY U 59 31.74 -22.66 11.87
CA GLY U 59 31.38 -21.27 11.62
C GLY U 59 31.85 -20.36 12.72
N MET U 60 31.58 -20.75 13.97
CA MET U 60 32.20 -20.04 15.08
C MET U 60 33.70 -19.95 14.87
N ALA U 61 34.35 -21.06 14.55
CA ALA U 61 35.76 -21.01 14.21
C ALA U 61 36.00 -20.17 12.97
N VAL U 62 35.11 -20.27 11.99
CA VAL U 62 35.26 -19.46 10.79
C VAL U 62 35.26 -17.98 11.15
N VAL U 63 34.17 -17.51 11.75
CA VAL U 63 34.09 -16.10 12.05
C VAL U 63 34.85 -15.85 13.34
N GLY U 64 34.26 -16.24 14.47
CA GLY U 64 34.88 -15.97 15.75
C GLY U 64 35.32 -14.54 15.90
N LEU U 65 34.48 -13.60 15.49
CA LEU U 65 34.84 -12.19 15.50
C LEU U 65 36.13 -11.96 14.72
N GLN V 1 38.88 18.04 -9.73
CA GLN V 1 39.50 18.36 -8.44
C GLN V 1 39.35 17.22 -7.45
N ASP V 2 39.05 17.59 -6.22
CA ASP V 2 38.80 16.63 -5.17
C ASP V 2 37.31 16.32 -5.08
N LEU V 3 36.98 15.04 -5.18
CA LEU V 3 35.60 14.65 -4.96
C LEU V 3 35.30 14.77 -3.48
N MET V 4 34.25 15.51 -3.16
CA MET V 4 34.10 15.93 -1.78
C MET V 4 33.75 14.78 -0.86
N ALA V 5 33.01 13.79 -1.35
CA ALA V 5 32.75 12.62 -0.52
C ALA V 5 34.02 11.85 -0.20
N SER V 6 35.16 12.22 -0.78
CA SER V 6 36.40 11.51 -0.53
C SER V 6 36.92 11.83 0.86
N GLY V 7 38.12 11.37 1.13
CA GLY V 7 38.57 11.34 2.49
C GLY V 7 37.71 10.37 3.25
N ASN V 8 37.77 10.50 4.58
CA ASN V 8 36.99 9.67 5.47
C ASN V 8 37.34 8.22 5.23
N THR V 9 36.36 7.42 4.79
CA THR V 9 36.56 6.03 4.44
C THR V 9 37.09 5.24 5.62
N THR V 10 36.89 5.75 6.83
CA THR V 10 36.68 4.85 7.95
C THR V 10 35.47 3.99 7.67
N VAL V 11 34.68 4.44 6.70
CA VAL V 11 33.67 3.67 6.01
C VAL V 11 34.26 2.31 5.72
N LYS V 12 35.46 2.31 5.13
CA LYS V 12 36.13 1.03 4.94
C LYS V 12 36.31 0.33 6.26
N ALA V 13 37.02 0.98 7.19
CA ALA V 13 37.16 0.41 8.51
C ALA V 13 35.81 -0.04 9.04
N THR V 14 34.79 0.79 8.84
CA THR V 14 33.45 0.43 9.28
C THR V 14 33.01 -0.89 8.65
N PHE V 15 33.07 -0.97 7.34
CA PHE V 15 32.51 -2.11 6.61
C PHE V 15 33.56 -3.09 6.12
N GLY V 16 34.84 -2.87 6.43
CA GLY V 16 35.92 -3.58 5.76
C GLY V 16 35.84 -5.09 5.92
N LYS V 17 36.63 -5.77 5.08
CA LYS V 17 36.70 -7.23 5.16
C LYS V 17 36.90 -7.66 6.60
N ASP V 18 37.79 -6.98 7.30
CA ASP V 18 37.82 -7.03 8.75
C ASP V 18 36.99 -5.85 9.24
N SER V 19 35.83 -6.18 9.77
CA SER V 19 34.97 -5.22 10.42
C SER V 19 34.05 -5.97 11.35
N SER V 20 33.54 -5.27 12.35
CA SER V 20 32.55 -5.87 13.22
C SER V 20 31.40 -6.34 12.34
N VAL V 21 30.78 -5.39 11.64
CA VAL V 21 29.53 -5.64 10.93
C VAL V 21 29.62 -6.90 10.11
N VAL V 22 30.69 -7.03 9.32
CA VAL V 22 30.87 -8.22 8.51
C VAL V 22 30.74 -9.45 9.36
N LYS V 23 31.52 -9.52 10.43
CA LYS V 23 31.47 -10.66 11.32
C LYS V 23 30.08 -10.88 11.88
N TRP V 24 29.39 -9.79 12.20
CA TRP V 24 28.00 -9.88 12.62
C TRP V 24 27.18 -10.71 11.66
N VAL V 25 27.28 -10.43 10.37
CA VAL V 25 26.40 -11.04 9.39
C VAL V 25 26.46 -12.55 9.50
N VAL V 26 27.59 -13.12 9.14
CA VAL V 26 27.71 -14.57 9.07
C VAL V 26 27.29 -15.19 10.38
N LEU V 27 27.59 -14.52 11.49
CA LEU V 27 27.19 -15.01 12.79
C LEU V 27 25.72 -15.40 12.78
N ALA V 28 24.84 -14.40 12.70
CA ALA V 28 23.43 -14.67 12.66
C ALA V 28 23.09 -15.64 11.53
N GLU V 29 23.78 -15.51 10.40
CA GLU V 29 23.61 -16.49 9.35
C GLU V 29 23.83 -17.90 9.86
N VAL V 30 24.97 -18.13 10.51
CA VAL V 30 25.20 -19.43 11.12
C VAL V 30 24.02 -19.83 11.99
N LEU V 31 23.55 -18.90 12.80
CA LEU V 31 22.44 -19.20 13.70
C LEU V 31 21.22 -19.67 12.92
N VAL V 32 20.63 -18.77 12.15
CA VAL V 32 19.34 -19.03 11.54
C VAL V 32 19.36 -20.32 10.75
N GLY V 33 20.42 -20.55 9.97
CA GLY V 33 20.53 -21.81 9.27
C GLY V 33 20.44 -22.98 10.22
N ALA V 34 21.31 -22.99 11.23
CA ALA V 34 21.19 -24.00 12.28
C ALA V 34 19.79 -24.04 12.84
N VAL V 35 19.23 -22.86 13.14
CA VAL V 35 17.84 -22.80 13.55
C VAL V 35 16.97 -23.50 12.53
N MET V 36 16.94 -22.97 11.30
CA MET V 36 16.07 -23.51 10.27
C MET V 36 16.17 -25.02 10.18
N TYR V 37 17.39 -25.55 10.24
CA TYR V 37 17.53 -26.98 10.04
C TYR V 37 16.73 -27.77 11.05
N MET V 38 16.70 -27.32 12.30
CA MET V 38 15.84 -27.97 13.27
C MET V 38 14.42 -28.10 12.75
N MET V 39 13.88 -26.98 12.28
CA MET V 39 12.54 -27.00 11.73
C MET V 39 12.48 -27.89 10.50
N THR V 40 13.35 -27.63 9.53
CA THR V 40 13.23 -28.25 8.22
C THR V 40 13.72 -29.67 8.23
N LYS V 41 14.90 -29.90 8.80
CA LYS V 41 15.59 -31.17 8.66
C LYS V 41 15.88 -31.48 7.20
N ASN V 42 16.11 -30.43 6.44
CA ASN V 42 16.57 -30.55 5.07
C ASN V 42 17.99 -30.04 5.01
N VAL V 43 18.77 -30.57 4.07
CA VAL V 43 20.08 -29.97 3.93
C VAL V 43 19.87 -28.85 2.93
N LYS V 44 19.83 -27.65 3.45
CA LYS V 44 19.68 -26.44 2.69
C LYS V 44 20.63 -25.39 3.18
N PHE V 45 20.50 -25.04 4.45
CA PHE V 45 20.86 -23.75 4.98
C PHE V 45 22.34 -23.61 5.24
N LEU V 46 23.12 -24.63 4.98
CA LEU V 46 24.55 -24.48 5.17
C LEU V 46 25.20 -24.24 3.81
N ALA V 47 25.23 -22.98 3.42
CA ALA V 47 25.82 -22.63 2.13
C ALA V 47 26.47 -21.26 2.16
N GLY V 48 25.62 -20.23 2.14
CA GLY V 48 26.09 -18.87 2.31
C GLY V 48 26.88 -18.72 3.59
N PHE V 49 26.62 -19.63 4.52
CA PHE V 49 27.50 -19.89 5.64
C PHE V 49 28.92 -19.80 5.14
N ALA V 50 29.29 -20.70 4.25
CA ALA V 50 30.51 -20.52 3.48
C ALA V 50 30.36 -19.52 2.35
N ILE V 51 29.26 -19.62 1.59
CA ILE V 51 29.18 -18.92 0.33
C ILE V 51 29.18 -17.42 0.53
N ILE V 52 28.27 -16.92 1.37
CA ILE V 52 28.23 -15.48 1.59
C ILE V 52 29.60 -14.98 1.96
N SER V 53 30.33 -15.75 2.77
CA SER V 53 31.67 -15.36 3.15
C SER V 53 32.50 -15.07 1.91
N VAL V 54 32.64 -16.06 1.03
CA VAL V 54 33.38 -15.80 -0.19
C VAL V 54 32.63 -14.81 -1.06
N PHE V 55 31.30 -14.88 -1.06
CA PHE V 55 30.53 -13.82 -1.67
C PHE V 55 30.92 -12.46 -1.10
N ILE V 56 30.93 -12.34 0.22
CA ILE V 56 31.47 -11.14 0.82
C ILE V 56 32.84 -10.86 0.26
N ALA V 57 33.72 -11.86 0.32
CA ALA V 57 35.09 -11.68 -0.11
C ALA V 57 35.15 -11.08 -1.50
N VAL V 58 34.41 -11.66 -2.44
CA VAL V 58 34.56 -11.22 -3.83
C VAL V 58 34.09 -9.79 -3.99
N GLY V 59 32.88 -9.46 -3.54
CA GLY V 59 32.41 -8.10 -3.64
C GLY V 59 33.32 -7.13 -2.93
N MET V 60 33.69 -7.46 -1.69
CA MET V 60 34.74 -6.72 -1.02
C MET V 60 35.96 -6.62 -1.91
N ALA V 61 36.40 -7.74 -2.46
CA ALA V 61 37.50 -7.70 -3.42
C ALA V 61 37.10 -6.92 -4.66
N VAL V 62 35.85 -7.06 -5.10
CA VAL V 62 35.41 -6.31 -6.26
C VAL V 62 35.54 -4.82 -5.99
N VAL V 63 34.85 -4.33 -4.98
CA VAL V 63 34.90 -2.89 -4.73
C VAL V 63 36.16 -2.59 -3.96
N GLY V 64 36.18 -2.94 -2.67
CA GLY V 64 37.32 -2.60 -1.83
C GLY V 64 37.74 -1.17 -1.96
N LEU V 65 36.79 -0.25 -1.96
CA LEU V 65 37.08 1.17 -2.17
C LEU V 65 37.85 1.35 -3.48
N GLN W 1 28.08 30.26 -27.44
CA GLN W 1 29.22 30.64 -26.61
C GLN W 1 29.58 29.55 -25.62
N ASP W 2 29.89 29.98 -24.41
CA ASP W 2 30.17 29.04 -23.33
C ASP W 2 28.91 28.74 -22.54
N LEU W 3 28.60 27.46 -22.41
CA LEU W 3 27.49 27.07 -21.57
C LEU W 3 27.91 27.26 -20.13
N MET W 4 27.11 28.01 -19.38
CA MET W 4 27.63 28.50 -18.10
C MET W 4 27.78 27.38 -17.09
N ALA W 5 26.92 26.37 -17.13
CA ALA W 5 27.11 25.24 -16.23
C ALA W 5 28.39 24.49 -16.52
N SER W 6 29.11 24.83 -17.58
CA SER W 6 30.34 24.14 -17.91
C SER W 6 31.45 24.53 -16.94
N GLY W 7 32.65 24.08 -17.25
CA GLY W 7 33.69 24.10 -16.27
C GLY W 7 33.30 23.17 -15.14
N ASN W 8 33.98 23.36 -14.02
CA ASN W 8 33.73 22.57 -12.83
C ASN W 8 33.96 21.11 -13.15
N THR W 9 32.90 20.30 -13.05
CA THR W 9 32.95 18.88 -13.40
C THR W 9 33.99 18.14 -12.58
N THR W 10 34.38 18.71 -11.44
CA THR W 10 34.73 17.86 -10.32
C THR W 10 33.56 16.99 -9.97
N VAL W 11 32.39 17.39 -10.46
CA VAL W 11 31.20 16.58 -10.57
C VAL W 11 31.62 15.22 -11.05
N LYS W 12 32.39 15.19 -12.13
CA LYS W 12 32.92 13.91 -12.57
C LYS W 12 33.72 13.28 -11.46
N ALA W 13 34.76 13.97 -11.00
CA ALA W 13 35.52 13.46 -9.88
C ALA W 13 34.59 13.03 -8.76
N THR W 14 33.58 13.83 -8.49
CA THR W 14 32.60 13.49 -7.47
C THR W 14 31.96 12.15 -7.76
N PHE W 15 31.40 12.00 -8.94
CA PHE W 15 30.59 10.84 -9.27
C PHE W 15 31.32 9.84 -10.17
N GLY W 16 32.58 10.08 -10.50
CA GLY W 16 33.23 9.34 -11.57
C GLY W 16 33.28 7.84 -11.34
N LYS W 17 33.59 7.12 -12.42
CA LYS W 17 33.73 5.68 -12.33
C LYS W 17 34.59 5.31 -11.14
N ASP W 18 35.69 6.03 -10.96
CA ASP W 18 36.40 6.04 -9.69
C ASP W 18 35.86 7.23 -8.92
N SER W 19 35.09 6.93 -7.89
CA SER W 19 34.63 7.91 -6.95
C SER W 19 34.26 7.19 -5.68
N SER W 20 34.27 7.93 -4.58
CA SER W 20 33.80 7.38 -3.33
C SER W 20 32.40 6.86 -3.55
N VAL W 21 31.49 7.78 -3.89
CA VAL W 21 30.07 7.49 -3.93
C VAL W 21 29.79 6.19 -4.66
N VAL W 22 30.37 6.04 -5.85
CA VAL W 22 30.17 4.82 -6.61
C VAL W 22 30.49 3.61 -5.74
N LYS W 23 31.68 3.60 -5.16
CA LYS W 23 32.08 2.50 -4.31
C LYS W 23 31.12 2.31 -3.16
N TRP W 24 30.63 3.41 -2.60
CA TRP W 24 29.60 3.34 -1.57
C TRP W 24 28.46 2.45 -2.00
N VAL W 25 27.93 2.68 -3.20
CA VAL W 25 26.70 2.03 -3.62
C VAL W 25 26.84 0.52 -3.49
N VAL W 26 27.70 -0.07 -4.32
CA VAL W 26 27.79 -1.51 -4.38
C VAL W 26 28.06 -2.08 -3.01
N LEU W 27 28.81 -1.36 -2.19
CA LEU W 27 29.09 -1.80 -0.84
C LEU W 27 27.80 -2.18 -0.14
N ALA W 28 26.97 -1.19 0.15
CA ALA W 28 25.70 -1.48 0.80
C ALA W 28 24.90 -2.50 0.00
N GLU W 29 24.98 -2.41 -1.32
CA GLU W 29 24.35 -3.43 -2.14
C GLU W 29 24.83 -4.82 -1.74
N VAL W 30 26.13 -5.02 -1.68
CA VAL W 30 26.65 -6.29 -1.21
C VAL W 30 26.03 -6.65 0.13
N LEU W 31 25.97 -5.68 1.03
CA LEU W 31 25.43 -5.95 2.34
C LEU W 31 24.00 -6.46 2.25
N VAL W 32 23.09 -5.59 1.81
CA VAL W 32 21.66 -5.88 1.89
C VAL W 32 21.35 -7.21 1.24
N GLY W 33 21.93 -7.47 0.06
CA GLY W 33 21.73 -8.76 -0.56
C GLY W 33 22.12 -9.89 0.37
N ALA W 34 23.36 -9.85 0.86
CA ALA W 34 23.77 -10.82 1.86
C ALA W 34 22.80 -10.83 3.02
N VAL W 35 22.43 -9.65 3.50
CA VAL W 35 21.39 -9.57 4.51
C VAL W 35 20.15 -10.32 4.05
N MET W 36 19.54 -9.84 2.97
CA MET W 36 18.30 -10.43 2.48
C MET W 36 18.39 -11.94 2.41
N TYR W 37 19.50 -12.47 1.92
CA TYR W 37 19.55 -13.91 1.72
C TYR W 37 19.34 -14.65 3.02
N MET W 38 19.89 -14.15 4.13
CA MET W 38 19.61 -14.76 5.41
C MET W 38 18.11 -14.91 5.62
N MET W 39 17.39 -13.81 5.42
CA MET W 39 15.95 -13.86 5.55
C MET W 39 15.34 -14.81 4.52
N THR W 40 15.65 -14.59 3.25
CA THR W 40 14.94 -15.26 2.19
C THR W 40 15.41 -16.70 2.01
N LYS W 41 16.73 -16.89 1.98
CA LYS W 41 17.31 -18.16 1.58
C LYS W 41 16.88 -18.53 0.17
N ASN W 42 16.70 -17.51 -0.66
CA ASN W 42 16.47 -17.69 -2.08
C ASN W 42 17.68 -17.19 -2.82
N VAL W 43 17.94 -17.75 -3.98
CA VAL W 43 19.01 -17.16 -4.75
C VAL W 43 18.34 -16.08 -5.57
N LYS W 44 18.52 -14.86 -5.14
CA LYS W 44 18.00 -13.68 -5.80
C LYS W 44 19.04 -12.60 -5.85
N PHE W 45 19.51 -12.20 -4.68
CA PHE W 45 20.04 -10.89 -4.43
C PHE W 45 21.48 -10.74 -4.89
N LEU W 46 22.07 -11.77 -5.47
CA LEU W 46 23.42 -11.61 -5.97
C LEU W 46 23.34 -11.42 -7.48
N ALA W 47 23.16 -10.17 -7.88
CA ALA W 47 23.07 -9.89 -9.30
C ALA W 47 23.63 -8.51 -9.64
N GLY W 48 22.84 -7.49 -9.30
CA GLY W 48 23.31 -6.11 -9.42
C GLY W 48 24.59 -5.92 -8.67
N PHE W 49 24.83 -6.78 -7.69
CA PHE W 49 26.13 -6.98 -7.11
C PHE W 49 27.15 -6.92 -8.21
N ALA W 50 27.08 -7.85 -9.15
CA ALA W 50 27.80 -7.70 -10.40
C ALA W 50 27.10 -6.76 -11.36
N ILE W 51 25.78 -6.90 -11.52
CA ILE W 51 25.10 -6.25 -12.62
C ILE W 51 25.16 -4.73 -12.49
N ILE W 52 24.74 -4.20 -11.34
CA ILE W 52 24.77 -2.75 -11.20
C ILE W 52 26.15 -2.23 -11.52
N SER W 53 27.18 -2.96 -11.12
CA SER W 53 28.54 -2.55 -11.44
C SER W 53 28.69 -2.32 -12.93
N VAL W 54 28.41 -3.35 -13.73
CA VAL W 54 28.48 -3.14 -15.17
C VAL W 54 27.40 -2.19 -15.61
N PHE W 55 26.22 -2.27 -14.99
CA PHE W 55 25.23 -1.23 -15.22
C PHE W 55 25.81 0.14 -14.94
N ILE W 56 26.44 0.32 -13.78
CA ILE W 56 27.17 1.56 -13.55
C ILE W 56 28.10 1.82 -14.71
N ALA W 57 28.93 0.83 -15.02
CA ALA W 57 29.94 0.98 -16.06
C ALA W 57 29.32 1.52 -17.34
N VAL W 58 28.25 0.90 -17.80
CA VAL W 58 27.72 1.27 -19.10
C VAL W 58 27.20 2.71 -19.08
N GLY W 59 26.33 3.04 -18.13
CA GLY W 59 25.83 4.40 -18.05
C GLY W 59 26.96 5.40 -17.89
N MET W 60 27.87 5.12 -16.95
CA MET W 60 29.09 5.90 -16.89
C MET W 60 29.74 5.96 -18.24
N ALA W 61 29.90 4.82 -18.90
CA ALA W 61 30.42 4.82 -20.25
C ALA W 61 29.46 5.54 -21.19
N VAL W 62 28.16 5.38 -20.99
CA VAL W 62 27.20 6.08 -21.83
C VAL W 62 27.41 7.58 -21.72
N VAL W 63 27.28 8.11 -20.51
CA VAL W 63 27.39 9.56 -20.37
C VAL W 63 28.86 9.90 -20.29
N GLY W 64 29.49 9.60 -19.16
CA GLY W 64 30.88 9.98 -18.96
C GLY W 64 31.17 11.41 -19.34
N LEU W 65 30.30 12.33 -18.92
CA LEU W 65 30.42 13.74 -19.30
C LEU W 65 30.49 13.87 -20.81
N GLN X 1 9.97 41.75 -38.37
CA GLN X 1 11.35 42.16 -38.18
C GLN X 1 12.16 41.10 -37.44
N ASP X 2 13.00 41.58 -36.53
CA ASP X 2 13.78 40.70 -35.68
C ASP X 2 13.04 40.43 -34.38
N LEU X 3 12.84 39.16 -34.08
CA LEU X 3 12.27 38.80 -32.80
C LEU X 3 13.32 39.05 -31.73
N MET X 4 12.95 39.83 -30.73
CA MET X 4 13.99 40.37 -29.85
C MET X 4 14.63 39.29 -28.99
N ALA X 5 13.87 38.28 -28.60
CA ALA X 5 14.48 37.19 -27.85
C ALA X 5 15.50 36.43 -28.68
N SER X 6 15.63 36.73 -29.97
CA SER X 6 16.57 36.03 -30.81
C SER X 6 18.00 36.47 -30.49
N GLY X 7 18.92 36.01 -31.30
CA GLY X 7 20.30 36.07 -30.92
C GLY X 7 20.51 35.19 -29.72
N ASN X 8 21.63 35.43 -29.04
CA ASN X 8 21.98 34.68 -27.86
C ASN X 8 22.06 33.20 -28.20
N THR X 9 21.20 32.40 -27.59
CA THR X 9 21.11 30.98 -27.87
C THR X 9 22.43 30.26 -27.60
N THR X 10 23.28 30.89 -26.79
CA THR X 10 24.15 30.09 -25.94
C THR X 10 23.29 29.22 -25.06
N VAL X 11 22.03 29.60 -24.96
CA VAL X 11 20.95 28.79 -24.47
C VAL X 11 21.11 27.40 -25.04
N LYS X 12 21.29 27.33 -26.35
CA LYS X 12 21.58 26.05 -26.95
C LYS X 12 22.82 25.46 -26.33
N ALA X 13 23.95 26.16 -26.43
CA ALA X 13 25.16 25.70 -25.78
C ALA X 13 24.87 25.32 -24.34
N THR X 14 24.07 26.13 -23.66
CA THR X 14 23.71 25.83 -22.29
C THR X 14 23.02 24.48 -22.18
N PHE X 15 21.98 24.28 -22.97
CA PHE X 15 21.14 23.10 -22.84
C PHE X 15 21.38 22.06 -23.93
N GLY X 16 22.33 22.30 -24.83
CA GLY X 16 22.42 21.52 -26.05
C GLY X 16 22.60 20.03 -25.81
N LYS X 17 22.39 19.27 -26.89
CA LYS X 17 22.59 17.83 -26.82
C LYS X 17 23.92 17.51 -26.17
N ASP X 18 24.96 18.24 -26.54
CA ASP X 18 26.17 18.30 -25.76
C ASP X 18 26.04 19.53 -24.88
N SER X 19 25.86 19.26 -23.59
CA SER X 19 25.85 20.29 -22.57
C SER X 19 26.14 19.61 -21.26
N SER X 20 26.65 20.40 -20.32
CA SER X 20 26.85 19.91 -18.97
C SER X 20 25.51 19.37 -18.49
N VAL X 21 24.53 20.27 -18.41
CA VAL X 21 23.26 19.97 -17.76
C VAL X 21 22.70 18.64 -18.23
N VAL X 22 22.66 18.45 -19.54
CA VAL X 22 22.15 17.19 -20.08
C VAL X 22 22.86 16.02 -19.41
N LYS X 23 24.19 16.04 -19.46
CA LYS X 23 24.97 14.98 -18.87
C LYS X 23 24.66 14.83 -17.39
N TRP X 24 24.48 15.95 -16.70
CA TRP X 24 24.05 15.92 -15.32
C TRP X 24 22.85 15.01 -15.12
N VAL X 25 21.82 15.19 -15.94
CA VAL X 25 20.56 14.51 -15.71
C VAL X 25 20.77 13.01 -15.61
N VAL X 26 21.14 12.39 -16.73
CA VAL X 26 21.24 10.95 -16.77
C VAL X 26 22.13 10.44 -15.67
N LEU X 27 23.16 11.20 -15.33
CA LEU X 27 24.04 10.81 -14.24
C LEU X 27 23.24 10.45 -13.01
N ALA X 28 22.63 11.46 -12.40
CA ALA X 28 21.82 11.20 -11.22
C ALA X 28 20.76 10.15 -11.51
N GLU X 29 20.20 10.17 -12.72
CA GLU X 29 19.29 9.11 -13.12
C GLU X 29 19.93 7.75 -12.94
N VAL X 30 21.11 7.55 -13.50
CA VAL X 30 21.83 6.31 -13.27
C VAL X 30 21.90 6.00 -11.79
N LEU X 31 22.25 7.01 -11.00
CA LEU X 31 22.39 6.79 -9.57
C LEU X 31 21.10 6.28 -8.97
N VAL X 32 20.08 7.12 -8.96
CA VAL X 32 18.86 6.83 -8.21
C VAL X 32 18.31 5.47 -8.59
N GLY X 33 18.27 5.17 -9.88
CA GLY X 33 17.82 3.86 -10.30
C GLY X 33 18.64 2.76 -9.63
N ALA X 34 19.95 2.82 -9.78
CA ALA X 34 20.82 1.90 -9.06
C ALA X 34 20.50 1.93 -7.57
N VAL X 35 20.37 3.13 -7.01
CA VAL X 35 19.93 3.25 -5.63
C VAL X 35 18.64 2.48 -5.44
N MET X 36 17.58 2.90 -6.12
CA MET X 36 16.26 2.30 -5.95
C MET X 36 16.34 0.78 -6.00
N TYR X 37 17.10 0.24 -6.94
CA TYR X 37 17.10 -1.20 -7.09
C TYR X 37 17.53 -1.90 -5.82
N MET X 38 18.53 -1.34 -5.12
CA MET X 38 18.89 -1.91 -3.83
C MET X 38 17.68 -2.04 -2.94
N MET X 39 16.92 -0.97 -2.81
CA MET X 39 15.70 -1.02 -2.00
C MET X 39 14.72 -2.00 -2.60
N THR X 40 14.38 -1.83 -3.87
CA THR X 40 13.27 -2.56 -4.46
C THR X 40 13.64 -3.99 -4.78
N LYS X 41 14.79 -4.18 -5.43
CA LYS X 41 15.14 -5.47 -6.01
C LYS X 41 14.10 -5.90 -7.04
N ASN X 42 13.54 -4.91 -7.71
CA ASN X 42 12.67 -5.15 -8.85
C ASN X 42 13.38 -4.67 -10.09
N VAL X 43 13.08 -5.28 -11.22
CA VAL X 43 13.65 -4.72 -12.42
C VAL X 43 12.65 -3.68 -12.87
N LYS X 44 12.99 -2.45 -12.62
CA LYS X 44 12.19 -1.30 -12.99
C LYS X 44 13.07 -0.21 -13.57
N PHE X 45 14.02 0.23 -12.77
CA PHE X 45 14.57 1.56 -12.85
C PHE X 45 15.62 1.69 -13.94
N LEU X 46 15.90 0.64 -14.68
CA LEU X 46 16.86 0.78 -15.77
C LEU X 46 16.07 0.91 -17.07
N ALA X 47 15.69 2.14 -17.39
CA ALA X 47 14.94 2.37 -18.61
C ALA X 47 15.24 3.73 -19.21
N GLY X 48 14.69 4.77 -18.58
CA GLY X 48 15.01 6.13 -18.95
C GLY X 48 16.50 6.36 -18.90
N PHE X 49 17.17 5.55 -18.11
CA PHE X 49 18.61 5.37 -18.20
C PHE X 49 18.99 5.40 -19.67
N ALA X 50 18.51 4.42 -20.43
CA ALA X 50 18.55 4.53 -21.87
C ALA X 50 17.46 5.43 -22.43
N ILE X 51 16.23 5.28 -21.93
CA ILE X 51 15.09 5.87 -22.61
C ILE X 51 15.18 7.39 -22.58
N ILE X 52 15.33 7.97 -21.39
CA ILE X 52 15.40 9.42 -21.33
C ILE X 52 16.45 9.93 -22.28
N SER X 53 17.57 9.22 -22.38
CA SER X 53 18.61 9.62 -23.31
C SER X 53 18.03 9.79 -24.71
N VAL X 54 17.44 8.73 -25.24
CA VAL X 54 16.83 8.88 -26.56
C VAL X 54 15.63 9.81 -26.48
N PHE X 55 14.89 9.75 -25.37
CA PHE X 55 13.88 10.78 -25.14
C PHE X 55 14.50 12.17 -25.22
N ILE X 56 15.59 12.39 -24.49
CA ILE X 56 16.32 13.63 -24.67
C ILE X 56 16.59 13.85 -26.15
N ALA X 57 17.20 12.85 -26.77
CA ALA X 57 17.60 12.96 -28.16
C ALA X 57 16.44 13.45 -29.03
N VAL X 58 15.29 12.80 -28.91
CA VAL X 58 14.20 13.13 -29.82
C VAL X 58 13.72 14.55 -29.61
N GLY X 59 13.39 14.92 -28.37
CA GLY X 59 12.96 16.28 -28.12
C GLY X 59 14.01 17.29 -28.53
N MET X 60 15.26 17.06 -28.13
CA MET X 60 16.35 17.84 -28.67
C MET X 60 16.29 17.85 -30.18
N ALA X 61 16.15 16.68 -30.79
CA ALA X 61 15.96 16.63 -32.23
C ALA X 61 14.67 17.30 -32.64
N VAL X 62 13.62 17.15 -31.84
CA VAL X 62 12.36 17.82 -32.16
C VAL X 62 12.57 19.31 -32.21
N VAL X 63 13.00 19.90 -31.10
CA VAL X 63 13.14 21.34 -31.08
C VAL X 63 14.47 21.70 -31.72
N GLY X 64 15.56 21.45 -31.00
CA GLY X 64 16.87 21.84 -31.49
C GLY X 64 16.92 23.25 -32.00
N LEU X 65 16.32 24.19 -31.26
CA LEU X 65 16.22 25.58 -31.70
C LEU X 65 15.56 25.64 -33.08
N GLN Y 1 -11.45 52.68 -39.93
CA GLN Y 1 -10.14 53.11 -40.43
C GLN Y 1 -9.06 52.08 -40.12
N ASP Y 2 -7.91 52.61 -39.73
CA ASP Y 2 -6.80 51.76 -39.32
C ASP Y 2 -6.84 51.54 -37.81
N LEU Y 3 -6.84 50.28 -37.41
CA LEU Y 3 -6.73 49.98 -36.00
C LEU Y 3 -5.30 50.27 -35.56
N MET Y 4 -5.17 51.09 -34.53
CA MET Y 4 -3.86 51.67 -34.27
C MET Y 4 -2.87 50.64 -33.77
N ALA Y 5 -3.33 49.64 -33.03
CA ALA Y 5 -2.42 48.58 -32.62
C ALA Y 5 -1.89 47.79 -33.81
N SER Y 6 -2.38 48.04 -35.01
CA SER Y 6 -1.94 47.31 -36.18
C SER Y 6 -0.53 47.76 -36.57
N GLY Y 7 -0.10 47.27 -37.71
CA GLY Y 7 1.30 47.35 -38.03
C GLY Y 7 2.07 46.52 -37.04
N ASN Y 8 3.36 46.79 -36.99
CA ASN Y 8 4.26 46.10 -36.07
C ASN Y 8 4.20 44.61 -36.36
N THR Y 9 3.75 43.83 -35.38
CA THR Y 9 3.56 42.39 -35.53
C THR Y 9 4.87 41.70 -35.90
N THR Y 10 5.99 42.36 -35.61
CA THR Y 10 7.17 41.60 -35.24
C THR Y 10 6.86 40.77 -34.02
N VAL Y 11 5.77 41.14 -33.36
CA VAL Y 11 5.07 40.35 -32.38
C VAL Y 11 4.98 38.94 -32.92
N LYS Y 12 4.51 38.82 -34.16
CA LYS Y 12 4.52 37.51 -34.78
C LYS Y 12 5.93 36.95 -34.79
N ALA Y 13 6.86 37.65 -35.43
CA ALA Y 13 8.24 37.23 -35.41
C ALA Y 13 8.66 36.90 -33.99
N THR Y 14 8.27 37.74 -33.04
CA THR Y 14 8.60 37.50 -31.65
C THR Y 14 8.08 36.15 -31.20
N PHE Y 15 6.79 35.91 -31.38
CA PHE Y 15 6.13 34.74 -30.84
C PHE Y 15 5.86 33.65 -31.87
N GLY Y 16 6.27 33.85 -33.12
CA GLY Y 16 5.79 33.03 -34.21
C GLY Y 16 6.10 31.55 -34.04
N LYS Y 17 5.42 30.74 -34.86
CA LYS Y 17 5.66 29.31 -34.84
C LYS Y 17 7.15 29.02 -34.88
N ASP Y 18 7.87 29.73 -35.73
CA ASP Y 18 9.31 29.84 -35.61
C ASP Y 18 9.58 31.10 -34.81
N SER Y 19 10.03 30.88 -33.58
CA SER Y 19 10.49 31.95 -32.72
C SER Y 19 11.38 31.34 -31.67
N SER Y 20 12.24 32.17 -31.12
CA SER Y 20 13.06 31.73 -30.00
C SER Y 20 12.12 31.21 -28.93
N VAL Y 21 11.27 32.11 -28.42
CA VAL Y 21 10.46 31.84 -27.24
C VAL Y 21 9.78 30.49 -27.34
N VAL Y 22 9.13 30.23 -28.48
CA VAL Y 22 8.47 28.95 -28.66
C VAL Y 22 9.43 27.83 -28.37
N LYS Y 23 10.57 27.84 -29.04
CA LYS Y 23 11.56 26.80 -28.85
C LYS Y 23 11.99 26.71 -27.39
N TRP Y 24 12.13 27.87 -26.74
CA TRP Y 24 12.41 27.89 -25.31
C TRP Y 24 11.45 26.99 -24.55
N VAL Y 25 10.16 27.13 -24.80
CA VAL Y 25 9.16 26.46 -23.97
C VAL Y 25 9.43 24.97 -23.93
N VAL Y 26 9.26 24.31 -25.06
CA VAL Y 26 9.35 22.85 -25.09
C VAL Y 26 10.66 22.40 -24.52
N LEU Y 27 11.72 23.17 -24.75
CA LEU Y 27 13.02 22.84 -24.19
C LEU Y 27 12.90 22.53 -22.71
N ALA Y 28 12.63 23.55 -21.91
CA ALA Y 28 12.46 23.34 -20.48
C ALA Y 28 11.42 22.27 -20.21
N GLU Y 29 10.36 22.25 -21.01
CA GLU Y 29 9.40 21.17 -20.89
C GLU Y 29 10.08 19.81 -20.98
N VAL Y 30 10.86 19.60 -22.03
CA VAL Y 30 11.62 18.37 -22.13
C VAL Y 30 12.40 18.13 -20.84
N LEU Y 31 13.05 19.15 -20.35
CA LEU Y 31 13.86 19.00 -19.15
C LEU Y 31 13.01 18.52 -17.98
N VAL Y 32 12.09 19.36 -17.52
CA VAL Y 32 11.38 19.09 -16.28
C VAL Y 32 10.74 17.71 -16.31
N GLY Y 33 10.10 17.36 -17.42
CA GLY Y 33 9.55 16.03 -17.53
C GLY Y 33 10.61 14.97 -17.28
N ALA Y 34 11.70 15.03 -18.04
CA ALA Y 34 12.82 14.14 -17.77
C ALA Y 34 13.24 14.24 -16.32
N VAL Y 35 13.36 15.45 -15.81
CA VAL Y 35 13.60 15.63 -14.38
C VAL Y 35 12.59 14.86 -13.58
N MET Y 36 11.31 15.25 -13.70
CA MET Y 36 10.26 14.65 -12.90
C MET Y 36 10.34 13.14 -12.93
N TYR Y 37 10.57 12.55 -14.10
CA TYR Y 37 10.52 11.12 -14.18
C TYR Y 37 11.52 10.47 -13.24
N MET Y 38 12.72 11.06 -13.11
CA MET Y 38 13.67 10.55 -12.12
C MET Y 38 13.01 10.44 -10.77
N MET Y 39 12.38 11.53 -10.32
CA MET Y 39 11.69 11.50 -9.05
C MET Y 39 10.55 10.50 -9.07
N THR Y 40 9.66 10.61 -10.04
CA THR Y 40 8.42 9.86 -10.01
C THR Y 40 8.63 8.41 -10.42
N LYS Y 41 9.34 8.20 -11.51
CA LYS Y 41 9.41 6.89 -12.15
C LYS Y 41 8.02 6.41 -12.55
N ASN Y 42 7.18 7.37 -12.92
CA ASN Y 42 5.89 7.08 -13.51
C ASN Y 42 5.92 7.50 -14.95
N VAL Y 43 5.14 6.84 -15.79
CA VAL Y 43 5.06 7.36 -17.14
C VAL Y 43 3.94 8.38 -17.09
N LYS Y 44 4.33 9.62 -17.07
CA LYS Y 44 3.42 10.75 -17.07
C LYS Y 44 3.90 11.81 -18.03
N PHE Y 45 5.10 12.29 -17.79
CA PHE Y 45 5.53 13.62 -18.17
C PHE Y 45 5.94 13.71 -19.62
N LEU Y 46 5.86 12.63 -20.37
CA LEU Y 46 6.18 12.73 -21.78
C LEU Y 46 4.88 12.80 -22.56
N ALA Y 47 4.38 14.01 -22.71
CA ALA Y 47 3.13 14.19 -23.44
C ALA Y 47 3.08 15.52 -24.16
N GLY Y 48 2.86 16.58 -23.38
CA GLY Y 48 2.94 17.93 -23.90
C GLY Y 48 4.27 18.17 -24.57
N PHE Y 49 5.26 17.38 -24.18
CA PHE Y 49 6.49 17.21 -24.93
C PHE Y 49 6.13 17.17 -26.39
N ALA Y 50 5.37 16.17 -26.79
CA ALA Y 50 4.73 16.22 -28.10
C ALA Y 50 3.49 17.08 -28.10
N ILE Y 51 2.64 16.95 -27.10
CA ILE Y 51 1.29 17.53 -27.17
C ILE Y 51 1.36 19.04 -27.23
N ILE Y 52 2.04 19.66 -26.28
CA ILE Y 52 2.10 21.11 -26.30
C ILE Y 52 2.56 21.59 -27.66
N SER Y 53 3.51 20.88 -28.25
CA SER Y 53 3.98 21.25 -29.57
C SER Y 53 2.82 21.36 -30.54
N VAL Y 54 2.07 20.28 -30.70
CA VAL Y 54 0.91 20.36 -31.57
C VAL Y 54 -0.13 21.29 -30.97
N PHE Y 55 -0.27 21.28 -29.64
CA PHE Y 55 -1.06 22.31 -29.01
C PHE Y 55 -0.59 23.69 -29.41
N ILE Y 56 0.70 23.95 -29.30
CA ILE Y 56 1.23 25.19 -29.84
C ILE Y 56 0.78 25.34 -31.28
N ALA Y 57 1.05 24.32 -32.08
CA ALA Y 57 0.73 24.38 -33.50
C ALA Y 57 -0.70 24.82 -33.73
N VAL Y 58 -1.65 24.19 -33.06
CA VAL Y 58 -3.04 24.46 -33.36
C VAL Y 58 -3.40 25.89 -33.00
N GLY Y 59 -3.11 26.31 -31.77
CA GLY Y 59 -3.41 27.68 -31.40
C GLY Y 59 -2.69 28.67 -32.29
N MET Y 60 -1.40 28.46 -32.51
CA MET Y 60 -0.71 29.23 -33.53
C MET Y 60 -1.47 29.17 -34.83
N ALA Y 61 -1.87 27.97 -35.26
CA ALA Y 61 -2.70 27.86 -36.45
C ALA Y 61 -4.05 28.52 -36.22
N VAL Y 62 -4.60 28.39 -35.02
CA VAL Y 62 -5.87 29.03 -34.72
C VAL Y 62 -5.74 30.54 -34.92
N VAL Y 63 -4.86 31.17 -34.17
CA VAL Y 63 -4.75 32.62 -34.27
C VAL Y 63 -3.89 32.94 -35.47
N GLY Y 64 -2.59 32.73 -35.34
CA GLY Y 64 -1.68 33.10 -36.40
C GLY Y 64 -1.90 34.49 -36.93
N LEU Y 65 -2.09 35.46 -36.03
CA LEU Y 65 -2.43 36.82 -36.41
C LEU Y 65 -3.65 36.83 -37.32
N GLN Z 1 -31.33 63.42 -31.58
CA GLN Z 1 -30.43 63.83 -32.65
C GLN Z 1 -29.30 62.83 -32.85
N ASP Z 2 -28.11 63.37 -33.07
CA ASP Z 2 -26.92 62.56 -33.19
C ASP Z 2 -26.24 62.41 -31.84
N LEU Z 3 -26.02 61.17 -31.45
CA LEU Z 3 -25.26 60.91 -30.24
C LEU Z 3 -23.81 61.24 -30.52
N MET Z 4 -23.23 62.10 -29.71
CA MET Z 4 -21.96 62.69 -30.12
C MET Z 4 -20.83 61.69 -30.11
N ALA Z 5 -20.86 60.72 -29.19
CA ALA Z 5 -19.84 59.69 -29.23
C ALA Z 5 -19.90 58.85 -30.50
N SER Z 6 -20.91 59.05 -31.33
CA SER Z 6 -21.04 58.28 -32.55
C SER Z 6 -19.99 58.71 -33.57
N GLY Z 7 -20.13 58.18 -34.76
CA GLY Z 7 -19.06 58.27 -35.70
C GLY Z 7 -17.89 57.47 -35.16
N ASN Z 8 -16.73 57.76 -35.73
CA ASN Z 8 -15.49 57.11 -35.32
C ASN Z 8 -15.64 55.60 -35.50
N THR Z 9 -15.56 54.86 -34.40
CA THR Z 9 -15.76 53.42 -34.40
C THR Z 9 -14.76 52.73 -35.31
N THR Z 10 -13.65 53.40 -35.61
CA THR Z 10 -12.41 52.67 -35.80
C THR Z 10 -12.10 51.88 -34.55
N VAL Z 11 -12.76 52.28 -33.47
CA VAL Z 11 -12.91 51.53 -32.24
C VAL Z 11 -13.20 50.10 -32.62
N LYS Z 12 -14.18 49.92 -33.50
CA LYS Z 12 -14.44 48.58 -34.01
C LYS Z 12 -13.18 48.04 -34.66
N ALA Z 13 -12.69 48.71 -35.69
CA ALA Z 13 -11.44 48.29 -36.30
C ALA Z 13 -10.39 48.03 -35.24
N THR Z 14 -10.32 48.92 -34.25
CA THR Z 14 -9.37 48.73 -33.16
C THR Z 14 -9.59 47.39 -32.47
N PHE Z 15 -10.80 47.14 -32.03
CA PHE Z 15 -11.10 45.99 -31.19
C PHE Z 15 -11.80 44.85 -31.94
N GLY Z 16 -12.03 45.01 -33.25
CA GLY Z 16 -12.93 44.14 -33.95
C GLY Z 16 -12.55 42.67 -33.89
N LYS Z 17 -13.51 41.82 -34.28
CA LYS Z 17 -13.25 40.39 -34.32
C LYS Z 17 -11.95 40.11 -35.05
N ASP Z 18 -11.74 40.79 -36.15
CA ASP Z 18 -10.41 40.91 -36.73
C ASP Z 18 -9.82 42.21 -36.19
N SER Z 19 -8.85 42.05 -35.30
CA SER Z 19 -8.07 43.15 -34.81
C SER Z 19 -6.77 42.59 -34.28
N SER Z 20 -5.76 43.44 -34.22
CA SER Z 20 -4.52 43.06 -33.60
C SER Z 20 -4.83 42.58 -32.19
N VAL Z 21 -5.36 43.49 -31.38
CA VAL Z 21 -5.52 43.26 -29.96
C VAL Z 21 -6.13 41.90 -29.68
N VAL Z 22 -7.23 41.60 -30.36
CA VAL Z 22 -7.88 40.31 -30.17
C VAL Z 22 -6.85 39.20 -30.33
N LYS Z 23 -6.16 39.19 -31.47
CA LYS Z 23 -5.17 38.17 -31.72
C LYS Z 23 -4.11 38.15 -30.63
N TRP Z 24 -3.71 39.33 -30.15
CA TRP Z 24 -2.80 39.41 -29.03
C TRP Z 24 -3.26 38.54 -27.87
N VAL Z 25 -4.52 38.66 -27.50
CA VAL Z 25 -5.00 38.02 -26.28
C VAL Z 25 -4.70 36.53 -26.31
N VAL Z 26 -5.38 35.82 -27.20
CA VAL Z 26 -5.27 34.37 -27.23
C VAL Z 26 -3.82 33.95 -27.33
N LEU Z 27 -3.02 34.72 -28.04
CA LEU Z 27 -1.60 34.42 -28.15
C LEU Z 27 -1.01 34.17 -26.78
N ALA Z 28 -0.90 35.22 -25.98
CA ALA Z 28 -0.37 35.07 -24.64
C ALA Z 28 -1.14 34.01 -23.87
N GLU Z 29 -2.45 33.94 -24.08
CA GLU Z 29 -3.22 32.87 -23.49
C GLU Z 29 -2.63 31.52 -23.84
N VAL Z 30 -2.42 31.26 -25.12
CA VAL Z 30 -1.76 30.03 -25.52
C VAL Z 30 -0.47 29.84 -24.75
N LEU Z 31 0.32 30.91 -24.65
CA LEU Z 31 1.59 30.80 -23.97
C LEU Z 31 1.41 30.35 -22.53
N VAL Z 32 0.78 31.21 -21.71
CA VAL Z 32 0.74 30.99 -20.27
C VAL Z 32 0.20 29.62 -19.96
N GLY Z 33 -0.88 29.21 -20.63
CA GLY Z 33 -1.38 27.88 -20.42
C GLY Z 33 -0.31 26.83 -20.65
N ALA Z 34 0.30 26.86 -21.84
CA ALA Z 34 1.44 25.99 -22.09
C ALA Z 34 2.50 26.15 -21.02
N VAL Z 35 2.81 27.39 -20.66
CA VAL Z 35 3.69 27.63 -19.53
C VAL Z 35 3.18 26.89 -18.31
N MET Z 36 1.99 27.27 -17.84
CA MET Z 36 1.44 26.69 -16.63
C MET Z 36 1.53 25.18 -16.63
N TYR Z 37 1.22 24.55 -17.74
CA TYR Z 37 1.18 23.10 -17.76
C TYR Z 37 2.52 22.51 -17.37
N MET Z 38 3.62 23.11 -17.83
CA MET Z 38 4.92 22.65 -17.39
C MET Z 38 4.99 22.60 -15.88
N MET Z 39 4.60 23.69 -15.23
CA MET Z 39 4.59 23.72 -13.78
C MET Z 39 3.61 22.70 -13.23
N THR Z 40 2.36 22.77 -13.68
CA THR Z 40 1.30 22.01 -13.04
C THR Z 40 1.32 20.56 -13.45
N LYS Z 41 1.44 20.30 -14.75
CA LYS Z 41 1.25 18.97 -15.29
C LYS Z 41 -0.16 18.47 -14.98
N ASN Z 42 -1.09 19.40 -14.94
CA ASN Z 42 -2.50 19.07 -14.84
C ASN Z 42 -3.16 19.44 -16.16
N VAL Z 43 -4.23 18.74 -16.49
CA VAL Z 43 -4.94 19.20 -17.66
C VAL Z 43 -5.93 20.21 -17.14
N LYS Z 44 -5.61 21.46 -17.34
CA LYS Z 44 -6.44 22.58 -16.95
C LYS Z 44 -6.50 23.60 -18.07
N PHE Z 45 -5.33 24.10 -18.43
CA PHE Z 45 -5.16 25.40 -19.02
C PHE Z 45 -5.49 25.44 -20.48
N LEU Z 46 -5.88 24.33 -21.08
CA LEU Z 46 -6.25 24.38 -22.48
C LEU Z 46 -7.78 24.40 -22.56
N ALA Z 47 -8.33 25.61 -22.49
CA ALA Z 47 -9.77 25.75 -22.56
C ALA Z 47 -10.19 27.04 -23.23
N GLY Z 48 -10.04 28.14 -22.46
CA GLY Z 48 -10.25 29.46 -23.01
C GLY Z 48 -9.39 29.69 -24.23
N PHE Z 49 -8.31 28.92 -24.31
CA PHE Z 49 -7.58 28.72 -25.54
C PHE Z 49 -8.58 28.63 -26.67
N ALA Z 50 -9.41 27.60 -26.64
CA ALA Z 50 -10.59 27.58 -27.49
C ALA Z 50 -11.71 28.45 -26.94
N ILE Z 51 -11.99 28.35 -25.64
CA ILE Z 51 -13.22 28.91 -25.11
C ILE Z 51 -13.24 30.42 -25.24
N ILE Z 52 -12.20 31.09 -24.75
CA ILE Z 52 -12.20 32.54 -24.84
C ILE Z 52 -12.43 32.96 -26.26
N SER Z 53 -11.85 32.23 -27.22
CA SER Z 53 -12.07 32.55 -28.61
C SER Z 53 -13.55 32.60 -28.93
N VAL Z 54 -14.26 31.52 -28.67
CA VAL Z 54 -15.70 31.56 -28.90
C VAL Z 54 -16.36 32.51 -27.91
N PHE Z 55 -15.85 32.55 -26.68
CA PHE Z 55 -16.29 33.60 -25.77
C PHE Z 55 -16.10 34.96 -26.41
N ILE Z 56 -14.90 35.24 -26.92
CA ILE Z 56 -14.72 36.46 -27.68
C ILE Z 56 -15.79 36.56 -28.76
N ALA Z 57 -15.91 35.49 -29.55
CA ALA Z 57 -16.86 35.49 -30.66
C ALA Z 57 -18.24 35.92 -30.21
N VAL Z 58 -18.75 35.29 -29.15
CA VAL Z 58 -20.13 35.56 -28.77
C VAL Z 58 -20.32 37.00 -28.34
N GLY Z 59 -19.49 37.47 -27.40
CA GLY Z 59 -19.61 38.86 -26.97
C GLY Z 59 -19.42 39.81 -28.13
N MET Z 60 -18.38 39.60 -28.92
CA MET Z 60 -18.27 40.32 -30.17
C MET Z 60 -19.55 40.21 -30.97
N ALA Z 61 -20.06 39.00 -31.12
CA ALA Z 61 -21.36 38.83 -31.77
C ALA Z 61 -22.46 39.48 -30.96
N VAL Z 62 -22.38 39.40 -29.63
CA VAL Z 62 -23.37 40.05 -28.80
C VAL Z 62 -23.40 41.54 -29.08
N VAL Z 63 -22.28 42.21 -28.86
CA VAL Z 63 -22.27 43.65 -29.04
C VAL Z 63 -22.08 43.94 -30.52
N GLY Z 64 -20.87 43.75 -31.01
CA GLY Z 64 -20.56 44.07 -32.39
C GLY Z 64 -21.05 45.44 -32.79
N LEU Z 65 -20.81 46.44 -31.94
CA LEU Z 65 -21.33 47.78 -32.17
C LEU Z 65 -22.83 47.74 -32.40
N GLN AA 1 -45.19 74.47 -15.32
CA GLN AA 1 -44.91 74.83 -16.69
C GLN AA 1 -43.98 73.84 -17.36
N ASP AA 2 -43.04 74.37 -18.13
CA ASP AA 2 -42.03 73.56 -18.77
C ASP AA 2 -40.79 73.45 -17.88
N LEU AA 3 -40.39 72.24 -17.60
CA LEU AA 3 -39.14 72.04 -16.88
C LEU AA 3 -38.00 72.35 -17.83
N MET AA 4 -37.12 73.26 -17.40
CA MET AA 4 -36.21 73.83 -18.38
C MET AA 4 -35.18 72.83 -18.85
N ALA AA 5 -34.76 71.90 -18.01
CA ALA AA 5 -33.84 70.87 -18.48
C ALA AA 5 -34.48 69.98 -19.54
N SER AA 6 -35.76 70.15 -19.81
CA SER AA 6 -36.43 69.32 -20.80
C SER AA 6 -36.00 69.72 -22.20
N GLY AA 7 -36.66 69.14 -23.18
CA GLY AA 7 -36.15 69.18 -24.51
C GLY AA 7 -34.85 68.42 -24.55
N ASN AA 8 -34.09 68.69 -25.61
CA ASN AA 8 -32.79 68.06 -25.80
C ASN AA 8 -32.97 66.55 -25.84
N THR AA 9 -32.38 65.86 -24.87
CA THR AA 9 -32.52 64.42 -24.73
C THR AA 9 -32.04 63.68 -25.98
N THR AA 10 -31.22 64.35 -26.79
CA THR AA 10 -30.21 63.61 -27.51
C THR AA 10 -29.33 62.89 -26.52
N VAL AA 11 -29.41 63.32 -25.28
CA VAL AA 11 -28.95 62.61 -24.10
C VAL AA 11 -29.36 61.17 -24.26
N LYS AA 12 -30.63 60.95 -24.56
CA LYS AA 12 -31.06 59.60 -24.84
C LYS AA 12 -30.24 59.03 -25.98
N ALA AA 13 -30.30 59.66 -27.15
CA ALA AA 13 -29.48 59.23 -28.26
C ALA AA 13 -28.05 59.01 -27.80
N THR AA 14 -27.54 59.93 -26.99
CA THR AA 14 -26.20 59.79 -26.47
C THR AA 14 -26.03 58.50 -25.71
N PHE AA 15 -26.89 58.25 -24.74
CA PHE AA 15 -26.74 57.13 -23.83
C PHE AA 15 -27.68 55.97 -24.12
N GLY AA 16 -28.49 56.07 -25.17
CA GLY AA 16 -29.61 55.16 -25.34
C GLY AA 16 -29.20 53.70 -25.42
N LYS AA 17 -30.22 52.83 -25.28
CA LYS AA 17 -29.98 51.40 -25.39
C LYS AA 17 -29.16 51.10 -26.63
N ASP AA 18 -29.50 51.74 -27.73
CA ASP AA 18 -28.60 51.83 -28.86
C ASP AA 18 -27.86 53.16 -28.71
N SER AA 19 -26.58 53.03 -28.38
CA SER AA 19 -25.68 54.16 -28.34
C SER AA 19 -24.28 53.62 -28.45
N SER AA 20 -23.38 54.49 -28.90
CA SER AA 20 -21.97 54.13 -28.92
C SER AA 20 -21.59 53.70 -27.52
N VAL AA 21 -21.71 54.65 -26.59
CA VAL AA 21 -21.17 54.48 -25.24
C VAL AA 21 -21.55 53.13 -24.67
N VAL AA 22 -22.83 52.80 -24.74
CA VAL AA 22 -23.29 51.52 -24.24
C VAL AA 22 -22.44 50.40 -24.82
N LYS AA 23 -22.35 50.35 -26.14
CA LYS AA 23 -21.57 49.32 -26.79
C LYS AA 23 -20.13 49.35 -26.32
N TRP AA 24 -19.58 50.55 -26.13
CA TRP AA 24 -18.24 50.68 -25.56
C TRP AA 24 -18.09 49.85 -24.30
N VAL AA 25 -19.03 49.99 -23.38
CA VAL AA 25 -18.87 49.39 -22.06
C VAL AA 25 -18.59 47.91 -22.17
N VAL AA 26 -19.59 47.16 -22.63
CA VAL AA 26 -19.48 45.71 -22.65
C VAL AA 26 -18.24 45.29 -23.39
N LEU AA 27 -17.87 46.03 -24.43
CA LEU AA 27 -16.66 45.73 -25.17
C LEU AA 27 -15.50 45.54 -24.24
N ALA AA 28 -15.06 46.63 -23.61
CA ALA AA 28 -13.95 46.53 -22.67
C ALA AA 28 -14.25 45.50 -21.60
N GLU AA 29 -15.51 45.42 -21.16
CA GLU AA 29 -15.89 44.36 -20.25
C GLU AA 29 -15.50 43.00 -20.78
N VAL AA 30 -15.90 42.70 -22.01
CA VAL AA 30 -15.48 41.45 -22.63
C VAL AA 30 -13.98 41.31 -22.54
N LEU AA 31 -13.26 42.36 -22.86
CA LEU AA 31 -11.81 42.30 -22.84
C LEU AA 31 -11.29 41.91 -21.47
N VAL AA 32 -11.48 42.79 -20.49
CA VAL AA 32 -10.84 42.64 -19.20
C VAL AA 32 -11.15 41.27 -18.61
N GLY AA 33 -12.39 40.83 -18.69
CA GLY AA 33 -12.72 39.50 -18.22
C GLY AA 33 -11.85 38.45 -18.90
N ALA AA 34 -11.87 38.44 -20.23
CA ALA AA 34 -10.96 37.57 -20.96
C ALA AA 34 -9.54 37.78 -20.49
N VAL AA 35 -9.12 39.04 -20.38
CA VAL AA 35 -7.82 39.32 -19.80
C VAL AA 35 -7.68 38.63 -18.45
N MET AA 36 -8.52 39.02 -17.50
CA MET AA 36 -8.42 38.49 -16.14
C MET AA 36 -8.31 36.98 -16.14
N TYR AA 37 -9.10 36.30 -16.96
CA TYR AA 37 -9.10 34.85 -16.90
C TYR AA 37 -7.72 34.29 -17.16
N MET AA 38 -6.99 34.87 -18.10
CA MET AA 38 -5.62 34.43 -18.31
C MET AA 38 -4.85 34.44 -17.00
N MET AA 39 -4.91 35.56 -16.29
CA MET AA 39 -4.25 35.65 -15.01
C MET AA 39 -4.84 34.65 -14.02
N THR AA 40 -6.15 34.70 -13.84
CA THR AA 40 -6.78 33.96 -12.75
C THR AA 40 -6.91 32.48 -13.08
N LYS AA 41 -7.41 32.18 -14.27
CA LYS AA 41 -7.81 30.82 -14.61
C LYS AA 41 -8.89 30.33 -13.66
N ASN AA 42 -9.73 31.26 -13.23
CA ASN AA 42 -10.92 30.94 -12.47
C ASN AA 42 -12.12 31.24 -13.33
N VAL AA 43 -13.20 30.53 -13.11
CA VAL AA 43 -14.39 30.94 -13.83
C VAL AA 43 -15.05 31.96 -12.94
N LYS AA 44 -14.88 33.21 -13.31
CA LYS AA 44 -15.46 34.34 -12.61
C LYS AA 44 -16.04 35.32 -13.61
N PHE AA 45 -15.21 35.80 -14.49
CA PHE AA 45 -15.35 37.08 -15.13
C PHE AA 45 -16.33 37.06 -16.28
N LEU AA 46 -16.92 35.93 -16.58
CA LEU AA 46 -17.91 35.91 -17.64
C LEU AA 46 -19.30 35.93 -17.01
N ALA AA 47 -19.78 37.14 -16.72
CA ALA AA 47 -21.09 37.26 -16.12
C ALA AA 47 -21.80 38.54 -16.55
N GLY AA 48 -21.34 39.66 -15.99
CA GLY AA 48 -21.81 40.96 -16.42
C GLY AA 48 -21.61 41.13 -17.91
N PHE AA 49 -20.69 40.37 -18.46
CA PHE AA 49 -20.61 40.12 -19.88
C PHE AA 49 -22.02 39.97 -20.41
N ALA AA 50 -22.72 38.95 -19.96
CA ALA AA 50 -24.15 38.89 -20.16
C ALA AA 50 -24.91 39.77 -19.18
N ILE AA 51 -24.54 39.73 -17.90
CA ILE AA 51 -25.39 40.30 -16.87
C ILE AA 51 -25.51 41.81 -17.03
N ILE AA 52 -24.38 42.51 -17.10
CA ILE AA 52 -24.45 43.95 -17.24
C ILE AA 52 -25.34 44.32 -18.40
N SER AA 53 -25.24 43.55 -19.48
CA SER AA 53 -26.09 43.81 -20.62
C SER AA 53 -27.55 43.85 -20.22
N VAL AA 54 -28.04 42.76 -19.62
CA VAL AA 54 -29.41 42.79 -19.15
C VAL AA 54 -29.55 43.77 -18.01
N PHE AA 55 -28.54 43.87 -17.16
CA PHE AA 55 -28.53 44.96 -16.19
C PHE AA 55 -28.69 46.29 -16.88
N ILE AA 56 -27.87 46.55 -17.90
CA ILE AA 56 -28.09 47.75 -18.71
C ILE AA 56 -29.55 47.79 -19.15
N ALA AA 57 -30.00 46.69 -19.76
CA ALA AA 57 -31.34 46.65 -20.31
C ALA AA 57 -32.36 47.09 -19.28
N VAL AA 58 -32.31 46.51 -18.08
CA VAL AA 58 -33.36 46.78 -17.11
C VAL AA 58 -33.35 48.23 -16.69
N GLY AA 59 -32.20 48.75 -16.26
CA GLY AA 59 -32.14 50.15 -15.88
C GLY AA 59 -32.53 51.06 -17.02
N MET AA 60 -31.97 50.82 -18.20
CA MET AA 60 -32.48 51.50 -19.38
C MET AA 60 -33.98 51.34 -19.48
N ALA AA 61 -34.48 50.11 -19.33
CA ALA AA 61 -35.91 49.91 -19.29
C ALA AA 61 -36.52 50.60 -18.09
N VAL AA 62 -35.83 50.58 -16.95
CA VAL AA 62 -36.35 51.26 -15.77
C VAL AA 62 -36.53 52.74 -16.06
N VAL AA 63 -35.45 53.42 -16.41
CA VAL AA 63 -35.56 54.85 -16.63
C VAL AA 63 -36.08 55.08 -18.03
N GLY AA 64 -35.23 54.86 -19.03
CA GLY AA 64 -35.63 55.13 -20.40
C GLY AA 64 -36.26 56.48 -20.57
N LEU AA 65 -35.69 57.51 -19.97
CA LEU AA 65 -36.27 58.85 -19.99
C LEU AA 65 -37.72 58.80 -19.47
N GLN BA 1 -50.02 86.20 5.18
CA GLN BA 1 -50.43 86.51 3.82
C GLN BA 1 -49.90 85.48 2.83
N ASP BA 2 -49.45 85.98 1.69
CA ASP BA 2 -48.85 85.14 0.68
C ASP BA 2 -47.34 85.09 0.87
N LEU BA 3 -46.81 83.87 0.98
CA LEU BA 3 -45.37 83.72 1.04
C LEU BA 3 -44.82 83.99 -0.35
N MET BA 4 -43.87 84.91 -0.43
CA MET BA 4 -43.53 85.45 -1.74
C MET BA 4 -42.83 84.43 -2.62
N ALA BA 5 -42.05 83.54 -2.03
CA ALA BA 5 -41.44 82.49 -2.83
C ALA BA 5 -42.48 81.56 -3.44
N SER BA 6 -43.75 81.70 -3.07
CA SER BA 6 -44.78 80.83 -3.59
C SER BA 6 -45.07 81.17 -5.05
N GLY BA 7 -46.11 80.55 -5.57
CA GLY BA 7 -46.29 80.53 -6.99
C GLY BA 7 -45.14 79.78 -7.62
N ASN BA 8 -44.97 79.99 -8.91
CA ASN BA 8 -43.92 79.36 -9.67
C ASN BA 8 -44.05 77.85 -9.56
N THR BA 9 -43.06 77.20 -8.97
CA THR BA 9 -43.08 75.76 -8.72
C THR BA 9 -43.23 74.99 -10.01
N THR BA 10 -42.90 75.61 -11.13
CA THR BA 10 -42.34 74.84 -12.23
C THR BA 10 -41.07 74.17 -11.75
N VAL BA 11 -40.57 74.65 -10.63
CA VAL BA 11 -39.59 74.00 -9.78
C VAL BA 11 -39.99 72.55 -9.68
N LYS BA 12 -41.26 72.32 -9.33
CA LYS BA 12 -41.74 70.95 -9.33
C LYS BA 12 -41.55 70.33 -10.69
N ALA BA 13 -42.16 70.92 -11.71
CA ALA BA 13 -41.94 70.43 -13.06
C ALA BA 13 -40.47 70.25 -13.32
N THR BA 14 -39.65 71.19 -12.89
CA THR BA 14 -38.23 71.08 -13.07
C THR BA 14 -37.69 69.82 -12.42
N PHE BA 15 -37.98 69.62 -11.15
CA PHE BA 15 -37.39 68.54 -10.38
C PHE BA 15 -38.33 67.36 -10.15
N GLY BA 16 -39.55 67.41 -10.70
CA GLY BA 16 -40.59 66.49 -10.28
C GLY BA 16 -40.24 65.04 -10.48
N LYS BA 17 -41.04 64.18 -9.85
CA LYS BA 17 -40.85 62.74 -10.00
C LYS BA 17 -40.70 62.38 -11.47
N ASP BA 18 -41.54 62.97 -12.30
CA ASP BA 18 -41.29 63.02 -13.72
C ASP BA 18 -40.59 64.35 -14.00
N SER BA 19 -39.31 64.24 -14.31
CA SER BA 19 -38.52 65.38 -14.73
C SER BA 19 -37.33 64.84 -15.48
N SER BA 20 -36.77 65.68 -16.33
CA SER BA 20 -35.54 65.31 -17.00
C SER BA 20 -34.52 64.96 -15.94
N VAL BA 21 -34.20 65.95 -15.10
CA VAL BA 21 -33.09 65.84 -14.16
C VAL BA 21 -33.13 64.52 -13.42
N VAL BA 22 -34.29 64.18 -12.86
CA VAL BA 22 -34.41 62.92 -12.16
C VAL BA 22 -33.92 61.78 -13.03
N LYS BA 23 -34.47 61.68 -14.23
CA LYS BA 23 -34.06 60.62 -15.14
C LYS BA 23 -32.58 60.67 -15.41
N TRP BA 24 -32.02 61.88 -15.55
CA TRP BA 24 -30.58 62.04 -15.69
C TRP BA 24 -29.83 61.26 -14.61
N VAL BA 25 -30.23 61.44 -13.36
CA VAL BA 25 -29.45 60.91 -12.24
C VAL BA 25 -29.22 59.43 -12.43
N VAL BA 26 -30.30 58.64 -12.33
CA VAL BA 26 -30.18 57.20 -12.34
C VAL BA 26 -29.42 56.75 -13.56
N LEU BA 27 -29.62 57.45 -14.68
CA LEU BA 27 -28.90 57.11 -15.89
C LEU BA 27 -27.42 56.96 -15.61
N ALA BA 28 -26.75 58.08 -15.32
CA ALA BA 28 -25.34 58.03 -15.01
C ALA BA 28 -25.07 57.05 -13.88
N GLU BA 29 -25.97 56.99 -12.91
CA GLU BA 29 -25.84 55.97 -11.88
C GLU BA 29 -25.73 54.59 -12.48
N VAL BA 30 -26.66 54.22 -13.36
CA VAL BA 30 -26.55 52.95 -14.06
C VAL BA 30 -25.17 52.82 -14.67
N LEU BA 31 -24.72 53.86 -15.34
CA LEU BA 31 -23.43 53.80 -16.01
C LEU BA 31 -22.33 53.47 -15.03
N VAL BA 32 -22.05 54.41 -14.13
CA VAL BA 32 -20.87 54.30 -13.28
C VAL BA 32 -20.82 52.97 -12.57
N GLY BA 33 -21.96 52.52 -12.03
CA GLY BA 33 -21.98 51.21 -11.41
C GLY BA 33 -21.52 50.14 -12.37
N ALA BA 34 -22.16 50.07 -13.53
CA ALA BA 34 -21.69 49.16 -14.58
C ALA BA 34 -20.22 49.39 -14.85
N VAL BA 35 -19.82 50.65 -14.99
CA VAL BA 35 -18.41 50.96 -15.11
C VAL BA 35 -17.64 50.33 -13.97
N MET BA 36 -17.93 50.77 -12.74
CA MET BA 36 -17.19 50.30 -11.57
C MET BA 36 -17.06 48.80 -11.57
N TYR BA 37 -18.13 48.08 -11.89
CA TYR BA 37 -18.07 46.64 -11.77
C TYR BA 37 -16.97 46.06 -12.64
N MET BA 38 -16.78 46.59 -13.84
CA MET BA 38 -15.66 46.16 -14.66
C MET BA 38 -14.37 46.23 -13.86
N MET BA 39 -14.11 47.38 -13.26
CA MET BA 39 -12.92 47.52 -12.45
C MET BA 39 -12.95 46.57 -11.26
N THR BA 40 -14.02 46.62 -10.48
CA THR BA 40 -14.04 45.94 -9.20
C THR BA 40 -14.28 44.45 -9.36
N LYS BA 41 -15.27 44.08 -10.17
CA LYS BA 41 -15.75 42.71 -10.22
C LYS BA 41 -16.25 42.26 -8.86
N ASN BA 42 -16.80 43.20 -8.12
CA ASN BA 42 -17.48 42.92 -6.87
C ASN BA 42 -18.95 43.19 -7.07
N VAL BA 43 -19.79 42.48 -6.34
CA VAL BA 43 -21.19 42.85 -6.42
C VAL BA 43 -21.36 43.91 -5.37
N LYS BA 44 -21.42 45.14 -5.82
CA LYS BA 44 -21.63 46.30 -4.99
C LYS BA 44 -22.64 47.22 -5.61
N PHE BA 45 -22.33 47.68 -6.81
CA PHE BA 45 -22.78 48.93 -7.35
C PHE BA 45 -24.19 48.86 -7.90
N LEU BA 46 -24.83 47.70 -7.83
CA LEU BA 46 -26.20 47.64 -8.30
C LEU BA 46 -27.12 47.68 -7.09
N ALA BA 47 -27.44 48.90 -6.66
CA ALA BA 47 -28.31 49.06 -5.51
C ALA BA 47 -29.17 50.30 -5.61
N GLY BA 48 -28.52 51.44 -5.37
CA GLY BA 48 -29.17 52.73 -5.58
C GLY BA 48 -29.71 52.84 -6.98
N PHE BA 49 -29.14 52.05 -7.88
CA PHE BA 49 -29.74 51.74 -9.16
C PHE BA 49 -31.22 51.57 -8.95
N ALA BA 50 -31.60 50.56 -8.18
CA ALA BA 50 -32.95 50.49 -7.68
C ALA BA 50 -33.18 51.42 -6.49
N ILE BA 51 -32.26 51.43 -5.53
CA ILE BA 51 -32.53 52.05 -4.24
C ILE BA 51 -32.74 53.54 -4.39
N ILE BA 52 -31.79 54.25 -5.01
CA ILE BA 52 -31.94 55.68 -5.16
C ILE BA 52 -33.30 55.98 -5.77
N SER BA 53 -33.71 55.16 -6.74
CA SER BA 53 -35.01 55.38 -7.36
C SER BA 53 -36.09 55.44 -6.30
N VAL BA 54 -36.22 54.37 -5.51
CA VAL BA 54 -37.21 54.42 -4.45
C VAL BA 54 -36.82 55.45 -3.40
N PHE BA 55 -35.51 55.59 -3.15
CA PHE BA 55 -35.07 56.72 -2.35
C PHE BA 55 -35.56 58.03 -2.93
N ILE BA 56 -35.34 58.24 -4.23
CA ILE BA 56 -35.95 59.39 -4.87
C ILE BA 56 -37.43 59.41 -4.58
N ALA BA 57 -38.10 58.29 -4.86
CA ALA BA 57 -39.54 58.21 -4.70
C ALA BA 57 -39.97 58.70 -3.32
N VAL BA 58 -39.34 58.18 -2.27
CA VAL BA 58 -39.81 58.48 -0.93
C VAL BA 58 -39.63 59.96 -0.62
N GLY BA 59 -38.43 60.49 -0.81
CA GLY BA 59 -38.22 61.91 -0.56
C GLY BA 59 -39.13 62.77 -1.41
N MET BA 60 -39.19 62.47 -2.70
CA MET BA 60 -40.21 63.09 -3.53
C MET BA 60 -41.57 62.94 -2.90
N ALA BA 61 -41.92 61.72 -2.49
CA ALA BA 61 -43.17 61.52 -1.77
C ALA BA 61 -43.15 62.25 -0.44
N VAL BA 62 -41.99 62.28 0.23
CA VAL BA 62 -41.92 63.02 1.48
C VAL BA 62 -42.25 64.48 1.26
N VAL BA 63 -41.48 65.15 0.42
CA VAL BA 63 -41.71 66.56 0.22
C VAL BA 63 -42.84 66.73 -0.77
N GLY BA 64 -42.55 66.47 -2.04
CA GLY BA 64 -43.55 66.68 -3.08
C GLY BA 64 -44.23 68.02 -2.98
N LEU BA 65 -43.46 69.08 -2.76
CA LEU BA 65 -44.02 70.41 -2.54
C LEU BA 65 -45.03 70.38 -1.41
N GLN CA 1 -44.79 98.75 25.15
CA GLN CA 1 -45.81 98.99 24.13
C GLN CA 1 -45.79 97.93 23.05
N ASP CA 2 -45.94 98.38 21.82
CA ASP CA 2 -45.86 97.50 20.67
C ASP CA 2 -44.44 97.46 20.13
N LEU CA 3 -43.91 96.26 20.01
CA LEU CA 3 -42.61 96.11 19.38
C LEU CA 3 -42.79 96.33 17.88
N MET CA 4 -42.02 97.24 17.33
CA MET CA 4 -42.36 97.73 16.01
C MET CA 4 -42.14 96.68 14.94
N ALA CA 5 -41.13 95.81 15.11
CA ALA CA 5 -40.96 94.73 14.15
C ALA CA 5 -42.14 93.76 14.15
N SER CA 6 -43.08 93.92 15.07
CA SER CA 6 -44.22 93.02 15.12
C SER CA 6 -45.18 93.30 13.97
N GLY CA 7 -46.32 92.65 14.04
CA GLY CA 7 -47.15 92.58 12.88
C GLY CA 7 -46.42 91.80 11.81
N ASN CA 8 -46.91 91.96 10.58
CA ASN CA 8 -46.31 91.30 9.44
C ASN CA 8 -46.34 89.80 9.65
N THR CA 9 -45.17 89.18 9.72
CA THR CA 9 -45.05 87.75 10.00
C THR CA 9 -45.77 86.91 8.97
N THR CA 10 -46.03 87.50 7.80
CA THR CA 10 -46.03 86.68 6.59
C THR CA 10 -44.68 86.03 6.45
N VAL CA 11 -43.71 86.57 7.16
CA VAL CA 11 -42.44 85.95 7.47
C VAL CA 11 -42.70 84.51 7.81
N LYS CA 12 -43.65 84.29 8.72
CA LYS CA 12 -44.04 82.92 9.01
C LYS CA 12 -44.49 82.24 7.73
N ALA CA 13 -45.54 82.78 7.11
CA ALA CA 13 -45.98 82.25 5.84
C ALA CA 13 -44.81 82.05 4.91
N THR CA 14 -43.91 83.01 4.88
CA THR CA 14 -42.72 82.91 4.03
C THR CA 14 -41.92 81.67 4.39
N PHE CA 15 -41.58 81.53 5.66
CA PHE CA 15 -40.66 80.49 6.10
C PHE CA 15 -41.35 79.31 6.79
N GLY CA 16 -42.67 79.34 6.88
CA GLY CA 16 -43.38 78.44 7.78
C GLY CA 16 -43.13 76.97 7.49
N LYS CA 17 -43.52 76.13 8.46
CA LYS CA 17 -43.39 74.69 8.28
C LYS CA 17 -43.95 74.28 6.94
N ASP CA 18 -45.10 74.82 6.58
CA ASP CA 18 -45.55 74.81 5.21
C ASP CA 18 -45.10 76.12 4.59
N SER CA 19 -44.11 76.02 3.71
CA SER CA 19 -43.65 77.13 2.92
C SER CA 19 -42.94 76.56 1.71
N SER CA 20 -42.87 77.37 0.68
CA SER CA 20 -42.10 76.99 -0.49
C SER CA 20 -40.69 76.68 -0.03
N VAL CA 21 -40.04 77.70 0.53
CA VAL CA 21 -38.61 77.64 0.83
C VAL CA 21 -38.26 76.36 1.54
N VAL CA 22 -39.01 76.03 2.59
CA VAL CA 22 -38.76 74.80 3.32
C VAL CA 22 -38.70 73.62 2.36
N LYS CA 23 -39.75 73.47 1.57
CA LYS CA 23 -39.80 72.38 0.61
C LYS CA 23 -38.62 72.42 -0.34
N TRP CA 24 -38.23 73.62 -0.75
CA TRP CA 24 -37.03 73.78 -1.57
C TRP CA 24 -35.85 73.06 -0.95
N VAL CA 25 -35.60 73.29 0.33
CA VAL CA 25 -34.38 72.81 0.95
C VAL CA 25 -34.24 71.31 0.74
N VAL CA 26 -35.11 70.53 1.37
CA VAL CA 26 -34.98 69.09 1.35
C VAL CA 26 -34.89 68.59 -0.07
N LEU CA 27 -35.61 69.24 -0.98
CA LEU CA 27 -35.54 68.86 -2.38
C LEU CA 27 -34.11 68.73 -2.83
N ALA CA 28 -33.41 69.86 -2.93
CA ALA CA 28 -32.01 69.82 -3.33
C ALA CA 28 -31.21 68.89 -2.43
N GLU CA 29 -31.55 68.87 -1.14
CA GLU CA 29 -30.92 67.89 -0.26
C GLU CA 29 -31.07 66.49 -0.79
N VAL CA 30 -32.30 66.09 -1.11
CA VAL CA 30 -32.50 64.79 -1.72
C VAL CA 30 -31.59 64.63 -2.93
N LEU CA 31 -31.53 65.65 -3.77
CA LEU CA 31 -30.71 65.57 -4.97
C LEU CA 31 -29.26 65.29 -4.62
N VAL CA 32 -28.61 66.25 -3.98
CA VAL CA 32 -27.17 66.20 -3.79
C VAL CA 32 -26.76 64.89 -3.15
N GLY CA 33 -27.49 64.46 -2.12
CA GLY CA 33 -27.19 63.18 -1.52
C GLY CA 33 -27.22 62.07 -2.54
N ALA CA 34 -28.33 61.95 -3.26
CA ALA CA 34 -28.39 60.99 -4.36
C ALA CA 34 -27.23 61.22 -5.32
N VAL CA 35 -26.98 62.47 -5.66
CA VAL CA 35 -25.80 62.78 -6.45
C VAL CA 35 -24.56 62.22 -5.80
N MET CA 36 -24.25 62.70 -4.60
CA MET CA 36 -23.04 62.27 -3.91
C MET CA 36 -22.87 60.77 -3.91
N TYR CA 37 -23.96 60.05 -3.66
CA TYR CA 37 -23.81 58.61 -3.53
C TYR CA 37 -23.24 57.99 -4.80
N MET CA 38 -23.65 58.48 -5.96
CA MET CA 38 -23.04 58.01 -7.20
C MET CA 38 -21.54 58.12 -7.12
N MET CA 39 -21.05 59.30 -6.75
CA MET CA 39 -19.62 59.48 -6.60
C MET CA 39 -19.06 58.58 -5.52
N THR CA 40 -19.64 58.66 -4.32
CA THR CA 40 -19.02 58.02 -3.16
C THR CA 40 -19.28 56.54 -3.14
N LYS CA 41 -20.52 56.13 -3.36
CA LYS CA 41 -20.94 54.76 -3.13
C LYS CA 41 -20.72 54.36 -1.68
N ASN CA 42 -20.88 55.34 -0.80
CA ASN CA 42 -20.88 55.10 0.63
C ASN CA 42 -22.27 55.35 1.14
N VAL CA 43 -22.64 54.67 2.22
CA VAL CA 43 -23.92 55.04 2.79
C VAL CA 43 -23.60 56.15 3.77
N LYS CA 44 -23.90 57.36 3.35
CA LYS CA 44 -23.71 58.55 4.15
C LYS CA 44 -24.92 59.45 4.03
N PHE CA 45 -25.22 59.84 2.81
CA PHE CA 45 -25.92 61.07 2.52
C PHE CA 45 -27.40 60.96 2.71
N LEU CA 46 -27.92 59.81 3.11
CA LEU CA 46 -29.34 59.73 3.35
C LEU CA 46 -29.58 59.82 4.86
N ALA CA 47 -29.68 61.05 5.34
CA ALA CA 47 -29.91 61.25 6.76
C ALA CA 47 -30.74 62.49 7.04
N GLY CA 48 -30.08 63.66 6.89
CA GLY CA 48 -30.78 64.91 6.98
C GLY CA 48 -31.92 64.96 5.99
N PHE CA 49 -31.82 64.14 4.96
CA PHE CA 49 -32.95 63.78 4.13
C PHE CA 49 -34.16 63.60 5.02
N ALA CA 50 -34.10 62.63 5.92
CA ALA CA 50 -35.05 62.58 7.01
C ALA CA 50 -34.71 63.56 8.13
N ILE CA 51 -33.44 63.61 8.53
CA ILE CA 51 -33.08 64.28 9.77
C ILE CA 51 -33.37 65.78 9.69
N ILE CA 52 -32.85 66.44 8.66
CA ILE CA 52 -33.09 67.87 8.56
C ILE CA 52 -34.57 68.15 8.65
N SER CA 53 -35.38 67.29 8.02
CA SER CA 53 -36.81 67.46 8.09
C SER CA 53 -37.27 67.57 9.53
N VAL CA 54 -36.98 66.54 10.33
CA VAL CA 54 -37.35 66.64 11.73
C VAL CA 54 -36.53 67.71 12.42
N PHE CA 55 -35.27 67.86 12.03
CA PHE CA 55 -34.53 69.02 12.47
C PHE CA 55 -35.27 70.31 12.15
N ILE CA 56 -35.69 70.46 10.91
CA ILE CA 56 -36.56 71.58 10.58
C ILE CA 56 -37.73 71.61 11.54
N ALA CA 57 -38.42 70.48 11.66
CA ALA CA 57 -39.61 70.40 12.48
C ALA CA 57 -39.34 70.94 13.88
N VAL CA 58 -38.28 70.46 14.52
CA VAL CA 58 -38.06 70.83 15.91
C VAL CA 58 -37.79 72.32 16.05
N GLY CA 59 -36.84 72.85 15.29
CA GLY CA 59 -36.57 74.27 15.36
C GLY CA 59 -37.79 75.09 15.02
N MET CA 60 -38.46 74.75 13.92
CA MET CA 60 -39.76 75.32 13.65
C MET CA 60 -40.66 75.18 14.87
N ALA CA 61 -40.73 73.99 15.43
CA ALA CA 61 -41.49 73.81 16.66
C ALA CA 61 -40.85 74.61 17.80
N VAL CA 62 -39.52 74.66 17.83
CA VAL CA 62 -38.87 75.45 18.88
C VAL CA 62 -39.31 76.91 18.78
N VAL CA 63 -39.04 77.54 17.64
CA VAL CA 63 -39.37 78.95 17.54
C VAL CA 63 -40.84 79.06 17.20
N GLY CA 64 -41.18 78.76 15.95
CA GLY CA 64 -42.57 78.92 15.51
C GLY CA 64 -43.15 80.25 15.87
N LEU CA 65 -42.38 81.33 15.66
CA LEU CA 65 -42.80 82.66 16.06
C LEU CA 65 -43.17 82.68 17.55
N GLN DA 1 -30.78 112.24 39.68
CA GLN DA 1 -32.17 112.44 39.27
C GLN DA 1 -32.65 111.31 38.35
N ASP DA 2 -33.38 111.72 37.34
CA ASP DA 2 -33.85 110.79 36.33
C ASP DA 2 -32.87 110.73 35.16
N LEU DA 3 -32.42 109.52 34.85
CA LEU DA 3 -31.58 109.35 33.68
C LEU DA 3 -32.46 109.51 32.45
N MET DA 4 -32.08 110.40 31.56
CA MET DA 4 -33.02 110.82 30.55
C MET DA 4 -33.31 109.72 29.54
N ALA DA 5 -32.34 108.88 29.24
CA ALA DA 5 -32.63 107.76 28.36
C ALA DA 5 -33.63 106.78 28.96
N SER DA 6 -34.02 106.97 30.22
CA SER DA 6 -34.97 106.08 30.85
C SER DA 6 -36.37 106.30 30.30
N GLY DA 7 -37.32 105.65 30.91
CA GLY DA 7 -38.61 105.52 30.30
C GLY DA 7 -38.47 104.70 29.05
N ASN DA 8 -39.48 104.81 28.20
CA ASN DA 8 -39.50 104.10 26.94
C ASN DA 8 -39.39 102.61 27.19
N THR DA 9 -38.32 101.99 26.71
CA THR DA 9 -38.03 100.59 26.94
C THR DA 9 -39.15 99.70 26.42
N THR DA 10 -39.95 100.22 25.51
CA THR DA 10 -40.51 99.37 24.48
C THR DA 10 -39.38 98.70 23.73
N VAL DA 11 -38.20 99.29 23.87
CA VAL DA 11 -36.93 98.69 23.54
C VAL DA 11 -36.96 97.27 24.02
N LYS DA 12 -37.33 97.08 25.28
CA LYS DA 12 -37.51 95.72 25.76
C LYS DA 12 -38.51 94.98 24.90
N ALA DA 13 -39.74 95.49 24.84
CA ALA DA 13 -40.72 94.90 23.95
C ALA DA 13 -40.14 94.67 22.58
N THR DA 14 -39.39 95.64 22.08
CA THR DA 14 -38.75 95.49 20.79
C THR DA 14 -37.84 94.28 20.75
N PHE DA 15 -36.92 94.19 21.70
CA PHE DA 15 -35.89 93.17 21.68
C PHE DA 15 -36.13 92.03 22.66
N GLY DA 16 -37.26 92.05 23.38
CA GLY DA 16 -37.41 91.19 24.53
C GLY DA 16 -37.30 89.72 24.22
N LYS DA 17 -37.15 88.91 25.28
CA LYS DA 17 -37.09 87.47 25.12
C LYS DA 17 -38.21 86.99 24.23
N ASP DA 18 -39.41 87.52 24.45
CA ASP DA 18 -40.47 87.44 23.46
C ASP DA 18 -40.40 88.73 22.67
N SER DA 19 -39.95 88.60 21.43
CA SER DA 19 -39.96 89.67 20.47
C SER DA 19 -39.91 89.05 19.08
N SER DA 20 -40.37 89.82 18.11
CA SER DA 20 -40.25 89.38 16.74
C SER DA 20 -38.78 89.10 16.47
N VAL DA 21 -37.97 90.15 16.60
CA VAL DA 21 -36.57 90.11 16.19
C VAL DA 21 -35.88 88.86 16.68
N VAL DA 22 -36.03 88.58 17.97
CA VAL DA 22 -35.43 87.38 18.54
C VAL DA 22 -35.81 86.17 17.71
N LYS DA 23 -37.10 85.97 17.53
CA LYS DA 23 -37.58 84.84 16.77
C LYS DA 23 -37.01 84.84 15.37
N TRP DA 24 -36.90 86.03 14.77
CA TRP DA 24 -36.25 86.15 13.47
C TRP DA 24 -34.90 85.47 13.46
N VAL DA 25 -34.07 85.75 14.46
CA VAL DA 25 -32.69 85.29 14.43
C VAL DA 25 -32.62 83.80 14.22
N VAL DA 26 -33.06 83.05 15.23
CA VAL DA 26 -32.93 81.60 15.20
C VAL DA 26 -33.52 81.04 13.93
N LEU DA 27 -34.60 81.65 13.46
CA LEU DA 27 -35.20 81.21 12.21
C LEU DA 27 -34.16 81.06 11.13
N ALA DA 28 -33.63 82.19 10.67
CA ALA DA 28 -32.60 82.15 9.64
C ALA DA 28 -31.44 81.25 10.08
N GLU DA 29 -31.11 81.28 11.37
CA GLU DA 29 -30.12 80.36 11.88
C GLU DA 29 -30.47 78.92 11.53
N VAL DA 30 -31.69 78.51 11.86
CA VAL DA 30 -32.13 77.18 11.46
C VAL DA 30 -31.91 76.98 9.98
N LEU DA 31 -32.28 77.96 9.19
CA LEU DA 31 -32.14 77.82 7.74
C LEU DA 31 -30.70 77.56 7.36
N VAL DA 32 -29.84 78.56 7.56
CA VAL DA 32 -28.49 78.51 7.03
C VAL DA 32 -27.78 77.24 7.45
N GLY DA 33 -27.92 76.86 8.73
CA GLY DA 33 -27.33 75.60 9.16
C GLY DA 33 -27.83 74.45 8.30
N ALA DA 34 -29.14 74.29 8.22
CA ALA DA 34 -29.70 73.29 7.32
C ALA DA 34 -29.16 73.47 5.92
N VAL DA 35 -29.13 74.72 5.44
CA VAL DA 35 -28.49 74.99 4.17
C VAL DA 35 -27.07 74.45 4.17
N MET DA 36 -26.23 74.99 5.05
CA MET DA 36 -24.83 74.61 5.09
C MET DA 36 -24.65 73.11 5.06
N TYR DA 37 -25.46 72.39 5.83
CA TYR DA 37 -25.24 70.96 5.92
C TYR DA 37 -25.33 70.30 4.57
N MET DA 38 -26.27 70.73 3.73
CA MET DA 38 -26.32 70.21 2.37
C MET DA 38 -24.96 70.32 1.71
N MET DA 39 -24.39 71.51 1.75
CA MET DA 39 -23.06 71.71 1.18
C MET DA 39 -22.03 70.86 1.90
N THR DA 40 -21.96 70.99 3.22
CA THR DA 40 -20.86 70.41 3.96
C THR DA 40 -21.03 68.93 4.17
N LYS DA 41 -22.21 68.51 4.58
CA LYS DA 41 -22.44 67.14 5.04
C LYS DA 41 -21.54 66.81 6.21
N ASN DA 42 -21.26 67.83 7.02
CA ASN DA 42 -20.58 67.64 8.28
C ASN DA 42 -21.56 67.92 9.40
N VAL DA 43 -21.35 67.28 10.53
CA VAL DA 43 -22.20 67.67 11.64
C VAL DA 43 -21.48 68.82 12.29
N LYS DA 44 -21.98 70.01 12.03
CA LYS DA 44 -21.45 71.23 12.59
C LYS DA 44 -22.59 72.12 13.05
N PHE DA 45 -23.45 72.47 12.11
CA PHE DA 45 -24.23 73.68 12.15
C PHE DA 45 -25.43 73.57 13.03
N LEU DA 46 -25.66 72.44 13.67
CA LEU DA 46 -26.80 72.35 14.58
C LEU DA 46 -26.28 72.51 16.00
N ALA DA 47 -26.17 73.77 16.43
CA ALA DA 47 -25.69 74.02 17.78
C ALA DA 47 -26.31 75.28 18.37
N GLY DA 48 -25.83 76.43 17.88
CA GLY DA 48 -26.44 77.70 18.26
C GLY DA 48 -27.91 77.70 17.94
N PHE DA 49 -28.31 76.83 17.02
CA PHE DA 49 -29.68 76.43 16.85
C PHE DA 49 -30.30 76.29 18.22
N ALA DA 50 -29.80 75.35 19.01
CA ALA DA 50 -30.10 75.35 20.43
C ALA DA 50 -29.29 76.37 21.21
N ILE DA 51 -27.99 76.45 20.94
CA ILE DA 51 -27.09 77.17 21.83
C ILE DA 51 -27.42 78.66 21.85
N ILE DA 52 -27.47 79.29 20.67
CA ILE DA 52 -27.77 80.71 20.65
C ILE DA 52 -29.04 80.98 21.42
N SER DA 53 -30.01 80.09 21.29
CA SER DA 53 -31.25 80.27 22.05
C SER DA 53 -30.95 80.43 23.53
N VAL DA 54 -30.29 79.44 24.12
CA VAL DA 54 -29.94 79.59 25.52
C VAL DA 54 -28.93 80.70 25.69
N PHE DA 55 -28.02 80.84 24.73
CA PHE DA 55 -27.17 82.02 24.72
C PHE DA 55 -28.01 83.28 24.75
N ILE DA 56 -28.98 83.39 23.86
CA ILE DA 56 -29.93 84.48 23.95
C ILE DA 56 -30.49 84.55 25.36
N ALA DA 57 -31.01 83.42 25.82
CA ALA DA 57 -31.65 83.38 27.14
C ALA DA 57 -30.76 83.98 28.20
N VAL DA 58 -29.50 83.54 28.26
CA VAL DA 58 -28.66 83.96 29.38
C VAL DA 58 -28.40 85.46 29.31
N GLY DA 59 -27.93 85.96 28.16
CA GLY DA 59 -27.70 87.39 28.05
C GLY DA 59 -28.95 88.19 28.31
N MET DA 60 -30.05 87.78 27.68
CA MET DA 60 -31.34 88.35 28.05
C MET DA 60 -31.54 88.26 29.54
N ALA DA 61 -31.31 87.08 30.12
CA ALA DA 61 -31.36 86.97 31.56
C ALA DA 61 -30.29 87.81 32.23
N VAL DA 62 -29.10 87.88 31.62
CA VAL DA 62 -28.05 88.71 32.18
C VAL DA 62 -28.52 90.16 32.25
N VAL DA 63 -28.84 90.74 31.12
CA VAL DA 63 -29.21 92.14 31.13
C VAL DA 63 -30.67 92.23 31.53
N GLY DA 64 -31.57 91.87 30.62
CA GLY DA 64 -32.99 92.01 30.89
C GLY DA 64 -33.36 93.35 31.44
N LEU DA 65 -32.82 94.42 30.86
CA LEU DA 65 -33.02 95.77 31.36
C LEU DA 65 -32.63 95.85 32.83
N GLN EA 1 -23.58 -62.81 -32.08
CA GLN EA 1 -22.83 -62.41 -33.26
C GLN EA 1 -21.73 -63.42 -33.59
N ASP EA 2 -20.57 -62.89 -33.96
CA ASP EA 2 -19.42 -63.71 -34.23
C ASP EA 2 -18.57 -63.86 -32.97
N LEU EA 3 -18.30 -65.10 -32.59
CA LEU EA 3 -17.39 -65.33 -31.49
C LEU EA 3 -15.99 -65.02 -31.97
N MET EA 4 -15.30 -64.15 -31.25
CA MET EA 4 -14.10 -63.56 -31.82
C MET EA 4 -12.98 -64.58 -31.94
N ALA EA 5 -12.90 -65.53 -31.03
CA ALA EA 5 -11.89 -66.57 -31.17
C ALA EA 5 -12.11 -67.43 -32.41
N SER EA 6 -13.23 -67.24 -33.11
CA SER EA 6 -13.51 -68.03 -34.29
C SER EA 6 -12.62 -67.61 -35.44
N GLY EA 7 -12.91 -68.16 -36.60
CA GLY EA 7 -11.96 -68.10 -37.67
C GLY EA 7 -10.73 -68.88 -37.27
N ASN EA 8 -9.65 -68.61 -37.99
CA ASN EA 8 -8.38 -69.27 -37.73
C ASN EA 8 -8.55 -70.77 -37.87
N THR EA 9 -8.34 -71.49 -36.78
CA THR EA 9 -8.54 -72.93 -36.72
C THR EA 9 -7.66 -73.65 -37.74
N THR EA 10 -6.60 -72.99 -38.19
CA THR EA 10 -5.41 -73.74 -38.53
C THR EA 10 -4.94 -74.50 -37.32
N VAL EA 11 -5.45 -74.08 -36.17
CA VAL EA 11 -5.44 -74.82 -34.93
C VAL EA 11 -5.78 -76.25 -35.25
N LYS EA 12 -6.87 -76.44 -35.99
CA LYS EA 12 -7.19 -77.78 -36.44
C LYS EA 12 -6.04 -78.35 -37.23
N ALA EA 13 -5.69 -77.69 -38.33
CA ALA EA 13 -4.52 -78.12 -39.10
C ALA EA 13 -3.35 -78.38 -38.18
N THR EA 14 -3.14 -77.48 -37.21
CA THR EA 14 -2.06 -77.65 -36.25
C THR EA 14 -2.19 -78.98 -35.52
N PHE EA 15 -3.34 -79.21 -34.92
CA PHE EA 15 -3.53 -80.35 -34.03
C PHE EA 15 -4.32 -81.49 -34.68
N GLY EA 16 -4.71 -81.35 -35.94
CA GLY EA 16 -5.71 -82.23 -36.51
C GLY EA 16 -5.33 -83.70 -36.48
N LYS EA 17 -6.33 -84.55 -36.72
CA LYS EA 17 -6.09 -85.98 -36.77
C LYS EA 17 -4.89 -86.29 -37.65
N ASP EA 18 -4.82 -85.61 -38.79
CA ASP EA 18 -3.57 -85.52 -39.53
C ASP EA 18 -2.92 -84.21 -39.10
N SER EA 19 -1.85 -84.36 -38.35
CA SER EA 19 -1.01 -83.26 -37.97
C SER EA 19 0.35 -83.82 -37.60
N SER EA 20 1.36 -82.97 -37.68
CA SER EA 20 2.67 -83.35 -37.23
C SER EA 20 2.54 -83.82 -35.78
N VAL EA 21 2.12 -82.89 -34.93
CA VAL EA 21 2.14 -83.09 -33.49
C VAL EA 21 1.57 -84.44 -33.11
N VAL EA 22 0.39 -84.74 -33.64
CA VAL EA 22 -0.22 -86.03 -33.35
C VAL EA 22 0.76 -87.15 -33.62
N LYS EA 23 1.30 -87.17 -34.84
CA LYS EA 23 2.25 -88.20 -35.20
C LYS EA 23 3.44 -88.22 -34.26
N TRP EA 24 3.90 -87.04 -33.86
CA TRP EA 24 4.95 -86.94 -32.86
C TRP EA 24 4.65 -87.80 -31.64
N VAL EA 25 3.44 -87.66 -31.10
CA VAL EA 25 3.11 -88.28 -29.83
C VAL EA 25 3.41 -89.76 -29.88
N VAL EA 26 2.62 -90.49 -30.67
CA VAL EA 26 2.71 -91.94 -30.68
C VAL EA 26 4.14 -92.37 -30.96
N LEU EA 27 4.84 -91.61 -31.78
CA LEU EA 27 6.23 -91.93 -32.07
C LEU EA 27 7.00 -92.16 -30.78
N ALA EA 28 7.21 -91.09 -30.01
CA ALA EA 28 7.91 -91.23 -28.76
C ALA EA 28 7.24 -92.27 -27.87
N GLU EA 29 5.91 -92.34 -27.92
CA GLU EA 29 5.23 -93.40 -27.21
C GLU EA 29 5.76 -94.76 -27.61
N VAL EA 30 5.80 -95.03 -28.91
CA VAL EA 30 6.40 -96.28 -29.37
C VAL EA 30 7.78 -96.45 -28.76
N LEU EA 31 8.58 -95.41 -28.78
CA LEU EA 31 9.93 -95.50 -28.28
C LEU EA 31 9.93 -95.92 -26.82
N VAL EA 32 9.42 -95.05 -25.94
CA VAL EA 32 9.56 -95.24 -24.51
C VAL EA 32 9.07 -96.62 -24.10
N GLY EA 33 7.91 -97.03 -24.63
CA GLY EA 33 7.43 -98.36 -24.32
C GLY EA 33 8.46 -99.41 -24.69
N ALA EA 34 8.91 -99.40 -25.94
CA ALA EA 34 10.00 -100.27 -26.33
C ALA EA 34 11.18 -100.11 -25.39
N VAL EA 35 11.54 -98.86 -25.10
CA VAL EA 35 12.56 -98.62 -24.10
C VAL EA 35 12.22 -99.33 -22.81
N MET EA 36 11.11 -98.94 -22.19
CA MET EA 36 10.71 -99.50 -20.90
C MET EA 36 10.80 -101.02 -20.90
N TYR EA 37 10.34 -101.65 -21.96
CA TYR EA 37 10.29 -103.10 -21.94
C TYR EA 37 11.67 -103.70 -21.72
N MET EA 38 12.69 -103.12 -22.34
CA MET EA 38 14.05 -103.57 -22.06
C MET EA 38 14.30 -103.60 -20.56
N MET EA 39 14.01 -102.50 -19.89
CA MET EA 39 14.19 -102.45 -18.46
C MET EA 39 13.28 -103.45 -17.77
N THR EA 40 11.98 -103.38 -18.05
CA THR EA 40 11.02 -104.13 -17.27
C THR EA 40 10.98 -105.59 -17.65
N LYS EA 41 10.94 -105.87 -18.95
CA LYS EA 41 10.66 -107.21 -19.45
C LYS EA 41 9.30 -107.69 -18.95
N ASN EA 42 8.38 -106.75 -18.81
CA ASN EA 42 7.00 -107.07 -18.52
C ASN EA 42 6.17 -106.72 -19.74
N VAL EA 43 5.07 -107.42 -19.93
CA VAL EA 43 4.22 -106.97 -21.01
C VAL EA 43 3.30 -105.95 -20.37
N LYS EA 44 3.60 -104.71 -20.63
CA LYS EA 44 2.84 -103.58 -20.16
C LYS EA 44 2.64 -102.57 -21.27
N PHE EA 45 3.75 -102.08 -21.80
CA PHE EA 45 3.85 -100.78 -22.41
C PHE EA 45 3.33 -100.76 -23.83
N LEU EA 46 2.87 -101.88 -24.35
CA LEU EA 46 2.31 -101.86 -25.69
C LEU EA 46 0.79 -101.82 -25.57
N ALA EA 47 0.27 -100.61 -25.45
CA ALA EA 47 -1.18 -100.47 -25.34
C ALA EA 47 -1.68 -99.18 -25.96
N GLY EA 48 -1.42 -98.07 -25.25
CA GLY EA 48 -1.70 -96.76 -25.78
C GLY EA 48 -1.00 -96.56 -27.10
N PHE EA 49 0.06 -97.33 -27.32
CA PHE EA 49 0.62 -97.55 -28.62
C PHE EA 49 -0.52 -97.66 -29.61
N ALA EA 50 -1.34 -98.68 -29.46
CA ALA EA 50 -2.62 -98.70 -30.15
C ALA EA 50 -3.66 -97.82 -29.47
N ILE EA 51 -3.77 -97.90 -28.15
CA ILE EA 51 -4.91 -97.33 -27.47
C ILE EA 51 -4.95 -95.82 -27.62
N ILE EA 52 -3.85 -95.14 -27.26
CA ILE EA 52 -3.85 -93.69 -27.39
C ILE EA 52 -4.27 -93.29 -28.78
N SER EA 53 -3.82 -94.05 -29.78
CA SER EA 53 -4.21 -93.75 -31.14
C SER EA 53 -5.73 -93.68 -31.27
N VAL EA 54 -6.40 -94.77 -30.90
CA VAL EA 54 -7.85 -94.71 -30.95
C VAL EA 54 -8.38 -93.76 -29.90
N PHE EA 55 -7.71 -93.70 -28.74
CA PHE EA 55 -8.02 -92.63 -27.81
C PHE EA 55 -7.91 -91.27 -28.48
N ILE EA 56 -6.79 -91.02 -29.14
CA ILE EA 56 -6.71 -89.81 -29.95
C ILE EA 56 -7.91 -89.72 -30.87
N ALA EA 57 -8.14 -90.80 -31.63
CA ALA EA 57 -9.21 -90.80 -32.60
C ALA EA 57 -10.52 -90.36 -31.98
N VAL EA 58 -10.89 -90.97 -30.85
CA VAL EA 58 -12.21 -90.69 -30.31
C VAL EA 58 -12.33 -89.25 -29.88
N GLY EA 59 -11.40 -88.76 -29.06
CA GLY EA 59 -11.46 -87.38 -28.65
C GLY EA 59 -11.42 -86.43 -29.83
N MET EA 60 -10.48 -86.66 -30.75
CA MET EA 60 -10.53 -85.95 -32.01
C MET EA 60 -11.91 -86.08 -32.63
N ALA EA 61 -12.44 -87.29 -32.70
CA ALA EA 61 -13.80 -87.46 -33.17
C ALA EA 61 -14.78 -86.79 -32.24
N VAL EA 62 -14.53 -86.85 -30.93
CA VAL EA 62 -15.42 -86.18 -29.99
C VAL EA 62 -15.47 -84.69 -30.29
N VAL EA 63 -14.33 -84.03 -30.23
CA VAL EA 63 -14.34 -82.59 -30.43
C VAL EA 63 -14.34 -82.33 -31.92
N GLY EA 64 -13.20 -82.54 -32.56
CA GLY EA 64 -13.08 -82.23 -33.98
C GLY EA 64 -13.60 -80.87 -34.33
N LEU EA 65 -13.26 -79.86 -33.54
CA LEU EA 65 -13.79 -78.52 -33.72
C LEU EA 65 -15.32 -78.54 -33.74
N GLN FA 1 -35.90 -51.61 -14.81
CA GLN FA 1 -35.79 -51.27 -16.23
C GLN FA 1 -34.94 -52.29 -16.97
N ASP FA 2 -34.10 -51.77 -17.86
CA ASP FA 2 -33.17 -52.61 -18.60
C ASP FA 2 -31.84 -52.68 -17.87
N LEU FA 3 -31.40 -53.90 -17.61
CA LEU FA 3 -30.08 -54.08 -17.03
C LEU FA 3 -29.05 -53.78 -18.11
N MET FA 4 -28.14 -52.87 -17.82
CA MET FA 4 -27.35 -52.32 -18.91
C MET FA 4 -26.39 -53.34 -19.50
N ALA FA 5 -25.86 -54.25 -18.68
CA ALA FA 5 -25.02 -55.28 -19.24
C ALA FA 5 -25.77 -56.20 -20.19
N SER FA 6 -27.08 -56.04 -20.30
CA SER FA 6 -27.85 -56.90 -21.18
C SER FA 6 -27.60 -56.53 -22.64
N GLY FA 7 -28.38 -57.13 -23.51
CA GLY FA 7 -28.02 -57.12 -24.90
C GLY FA 7 -26.74 -57.88 -25.08
N ASN FA 8 -26.11 -57.64 -26.22
CA ASN FA 8 -24.85 -58.28 -26.55
C ASN FA 8 -25.02 -59.79 -26.54
N THR FA 9 -24.31 -60.46 -25.63
CA THR FA 9 -24.44 -61.90 -25.44
C THR FA 9 -24.11 -62.66 -26.71
N THR FA 10 -23.39 -62.01 -27.63
CA THR FA 10 -22.47 -62.78 -28.45
C THR FA 10 -21.48 -63.48 -27.56
N VAL FA 11 -21.41 -63.01 -26.32
CA VAL FA 11 -20.82 -63.68 -25.20
C VAL FA 11 -21.24 -65.14 -25.27
N LYS FA 12 -22.54 -65.36 -25.41
CA LYS FA 12 -22.99 -66.71 -25.61
C LYS FA 12 -22.31 -67.32 -26.82
N ALA FA 13 -22.52 -66.71 -27.99
CA ALA FA 13 -21.83 -67.17 -29.17
C ALA FA 13 -20.36 -67.38 -28.89
N THR FA 14 -19.76 -66.44 -28.16
CA THR FA 14 -18.35 -66.57 -27.81
C THR FA 14 -18.10 -67.86 -27.04
N PHE FA 15 -18.84 -68.06 -25.97
CA PHE FA 15 -18.58 -69.16 -25.06
C PHE FA 15 -19.55 -70.33 -25.20
N GLY FA 16 -20.47 -70.26 -26.15
CA GLY FA 16 -21.60 -71.17 -26.17
C GLY FA 16 -21.21 -72.63 -26.26
N LYS FA 17 -22.20 -73.49 -25.98
CA LYS FA 17 -21.97 -74.93 -26.08
C LYS FA 17 -21.30 -75.26 -27.40
N ASP FA 18 -21.78 -74.65 -28.47
CA ASP FA 18 -21.01 -74.58 -29.70
C ASP FA 18 -20.27 -73.26 -29.67
N SER FA 19 -18.97 -73.37 -29.49
CA SER FA 19 -18.06 -72.24 -29.59
C SER FA 19 -16.68 -72.79 -29.86
N SER FA 20 -15.85 -71.93 -30.44
CA SER FA 20 -14.46 -72.30 -30.61
C SER FA 20 -13.90 -72.69 -29.26
N VAL FA 21 -13.91 -71.72 -28.34
CA VAL FA 21 -13.21 -71.85 -27.07
C VAL FA 21 -13.52 -73.18 -26.42
N VAL FA 22 -14.81 -73.52 -26.33
CA VAL FA 22 -15.19 -74.79 -25.75
C VAL FA 22 -14.41 -75.92 -26.39
N LYS FA 23 -14.49 -76.00 -27.71
CA LYS FA 23 -13.78 -77.04 -28.43
C LYS FA 23 -12.30 -77.01 -28.14
N TRP FA 24 -11.73 -75.80 -28.04
CA TRP FA 24 -10.34 -75.66 -27.64
C TRP FA 24 -10.04 -76.46 -26.39
N VAL FA 25 -10.86 -76.30 -25.36
CA VAL FA 25 -10.55 -76.86 -24.06
C VAL FA 25 -10.28 -78.35 -24.18
N VAL FA 26 -11.32 -79.11 -24.48
CA VAL FA 26 -11.21 -80.56 -24.48
C VAL FA 26 -10.06 -81.00 -25.37
N LEU FA 27 -9.83 -80.28 -26.45
CA LEU FA 27 -8.72 -80.61 -27.33
C LEU FA 27 -7.45 -80.77 -26.53
N ALA FA 28 -6.93 -79.67 -25.99
CA ALA FA 28 -5.73 -79.75 -25.19
C ALA FA 28 -5.89 -80.75 -24.06
N GLU FA 29 -7.08 -80.82 -23.49
CA GLU FA 29 -7.34 -81.85 -22.50
C GLU FA 29 -7.03 -83.23 -23.05
N VAL FA 30 -7.57 -83.56 -24.20
CA VAL FA 30 -7.23 -84.82 -24.84
C VAL FA 30 -5.73 -84.97 -24.93
N LEU FA 31 -5.05 -83.91 -25.35
CA LEU FA 31 -3.61 -83.98 -25.51
C LEU FA 31 -2.93 -84.34 -24.21
N VAL FA 32 -3.00 -83.43 -23.24
CA VAL FA 32 -2.21 -83.56 -22.03
C VAL FA 32 -2.44 -84.90 -21.37
N GLY FA 33 -3.69 -85.35 -21.29
CA GLY FA 33 -3.95 -86.67 -20.75
C GLY FA 33 -3.18 -87.73 -21.50
N ALA FA 34 -3.35 -87.77 -22.82
CA ALA FA 34 -2.54 -88.66 -23.63
C ALA FA 34 -1.06 -88.45 -23.36
N VAL FA 35 -0.63 -87.18 -23.31
CA VAL FA 35 0.72 -86.90 -22.90
C VAL FA 35 1.02 -87.55 -21.57
N MET FA 36 0.31 -87.13 -20.53
CA MET FA 36 0.56 -87.63 -19.19
C MET FA 36 0.69 -89.14 -19.16
N TYR FA 37 -0.20 -89.84 -19.86
CA TYR FA 37 -0.19 -91.28 -19.76
C TYR FA 37 1.14 -91.86 -20.18
N MET FA 38 1.76 -91.31 -21.21
CA MET FA 38 3.10 -91.74 -21.57
C MET FA 38 4.01 -91.71 -20.36
N MET FA 39 4.04 -90.57 -19.68
CA MET FA 39 4.85 -90.45 -18.49
C MET FA 39 4.39 -91.42 -17.42
N THR FA 40 3.11 -91.37 -17.08
CA THR FA 40 2.62 -92.08 -15.90
C THR FA 40 2.45 -93.55 -16.17
N LYS FA 41 1.82 -93.90 -17.29
CA LYS FA 41 1.38 -95.26 -17.55
C LYS FA 41 0.42 -95.73 -16.47
N ASN FA 42 -0.36 -94.78 -15.96
CA ASN FA 42 -1.45 -95.09 -15.05
C ASN FA 42 -2.75 -94.80 -15.77
N VAL FA 43 -3.80 -95.50 -15.40
CA VAL FA 43 -5.06 -95.11 -15.98
C VAL FA 43 -5.61 -94.07 -15.03
N LYS FA 44 -5.49 -92.84 -15.46
CA LYS FA 44 -5.98 -91.69 -14.74
C LYS FA 44 -6.68 -90.73 -15.67
N PHE FA 45 -5.97 -90.27 -16.66
CA PHE FA 45 -6.19 -89.00 -17.31
C PHE FA 45 -7.29 -89.05 -18.33
N LEU FA 46 -7.92 -90.19 -18.53
CA LEU FA 46 -9.03 -90.23 -19.46
C LEU FA 46 -10.33 -90.20 -18.67
N ALA FA 47 -10.77 -88.99 -18.36
CA ALA FA 47 -12.01 -88.85 -17.60
C ALA FA 47 -12.76 -87.58 -17.98
N GLY FA 48 -12.23 -86.45 -17.50
CA GLY FA 48 -12.76 -85.16 -17.91
C GLY FA 48 -12.75 -85.02 -19.40
N PHE FA 49 -11.89 -85.79 -20.05
CA PHE FA 49 -11.98 -86.08 -21.46
C PHE FA 49 -13.45 -86.24 -21.82
N ALA FA 50 -14.08 -87.25 -21.26
CA ALA FA 50 -15.53 -87.31 -21.28
C ALA FA 50 -16.17 -86.40 -20.24
N ILE FA 51 -15.65 -86.42 -19.02
CA ILE FA 51 -16.37 -85.82 -17.90
C ILE FA 51 -16.51 -84.31 -18.08
N ILE FA 52 -15.39 -83.62 -18.30
CA ILE FA 52 -15.48 -82.18 -18.46
C ILE FA 52 -16.50 -81.85 -19.52
N SER FA 53 -16.54 -82.64 -20.59
CA SER FA 53 -17.52 -82.41 -21.64
C SER FA 53 -18.92 -82.36 -21.04
N VAL FA 54 -19.34 -83.42 -20.37
CA VAL FA 54 -20.65 -83.38 -19.74
C VAL FA 54 -20.65 -82.37 -18.61
N PHE FA 55 -19.54 -82.26 -17.90
CA PHE FA 55 -19.41 -81.14 -16.97
C PHE FA 55 -19.64 -79.82 -17.66
N ILE FA 56 -18.97 -79.59 -18.78
CA ILE FA 56 -19.29 -78.43 -19.58
C ILE FA 56 -20.78 -78.39 -19.85
N ALA FA 57 -21.30 -79.49 -20.38
CA ALA FA 57 -22.71 -79.56 -20.75
C ALA FA 57 -23.60 -79.09 -19.61
N VAL FA 58 -23.39 -79.63 -18.41
CA VAL FA 58 -24.33 -79.35 -17.33
C VAL FA 58 -24.26 -77.88 -16.95
N GLY FA 59 -23.07 -77.35 -16.68
CA GLY FA 59 -22.96 -75.94 -16.35
C GLY FA 59 -23.49 -75.06 -17.45
N MET FA 60 -23.09 -75.33 -18.69
CA MET FA 60 -23.73 -74.68 -19.81
C MET FA 60 -25.23 -74.83 -19.72
N ALA FA 61 -25.70 -76.06 -19.49
CA ALA FA 61 -27.13 -76.25 -19.28
C ALA FA 61 -27.59 -75.53 -18.02
N VAL FA 62 -26.77 -75.54 -16.98
CA VAL FA 62 -27.14 -74.83 -15.76
C VAL FA 62 -27.35 -73.35 -16.06
N VAL FA 63 -26.33 -72.69 -16.56
CA VAL FA 63 -26.47 -71.27 -16.79
C VAL FA 63 -27.15 -71.07 -18.13
N GLY FA 64 -26.42 -71.31 -19.21
CA GLY FA 64 -26.98 -71.06 -20.54
C GLY FA 64 -27.64 -69.73 -20.67
N LEU FA 65 -27.00 -68.67 -20.16
CA LEU FA 65 -27.59 -67.35 -20.13
C LEU FA 65 -28.94 -67.38 -19.45
N GLN GA 1 -38.00 -39.43 6.07
CA GLN GA 1 -38.58 -39.16 4.77
C GLN GA 1 -38.20 -40.21 3.75
N ASP GA 2 -37.91 -39.74 2.55
CA ASP GA 2 -37.44 -40.60 1.48
C ASP GA 2 -35.92 -40.66 1.46
N LEU GA 3 -35.39 -41.86 1.54
CA LEU GA 3 -33.96 -42.02 1.39
C LEU GA 3 -33.60 -41.78 -0.06
N MET GA 4 -32.67 -40.86 -0.30
CA MET GA 4 -32.52 -40.35 -1.65
C MET GA 4 -31.94 -41.40 -2.59
N ALA GA 5 -31.08 -42.28 -2.09
CA ALA GA 5 -30.59 -43.34 -2.95
C ALA GA 5 -31.69 -44.29 -3.38
N SER GA 6 -32.90 -44.14 -2.84
CA SER GA 6 -34.00 -45.02 -3.21
C SER GA 6 -34.49 -44.72 -4.61
N GLY GA 7 -35.57 -45.36 -4.97
CA GLY GA 7 -35.95 -45.41 -6.35
C GLY GA 7 -34.89 -46.18 -7.10
N ASN GA 8 -34.92 -45.99 -8.42
CA ASN GA 8 -33.96 -46.65 -9.29
C ASN GA 8 -34.08 -48.16 -9.14
N THR GA 9 -33.01 -48.79 -8.67
CA THR GA 9 -33.00 -50.22 -8.39
C THR GA 9 -33.33 -51.04 -9.63
N THR GA 10 -33.16 -50.43 -10.80
CA THR GA 10 -32.74 -51.23 -11.93
C THR GA 10 -31.42 -51.90 -11.62
N VAL GA 11 -30.76 -51.38 -10.59
CA VAL GA 11 -29.69 -52.01 -9.87
C VAL GA 11 -30.06 -53.46 -9.67
N LYS GA 12 -31.27 -53.68 -9.15
CA LYS GA 12 -31.74 -55.06 -9.05
C LYS GA 12 -31.73 -55.71 -10.41
N ALA GA 13 -32.49 -55.14 -11.34
CA ALA GA 13 -32.46 -55.66 -12.71
C ALA GA 13 -31.03 -55.86 -13.16
N THR GA 14 -30.16 -54.89 -12.86
CA THR GA 14 -28.76 -55.01 -13.23
C THR GA 14 -28.14 -56.26 -12.64
N PHE GA 15 -28.26 -56.43 -11.33
CA PHE GA 15 -27.58 -57.49 -10.62
C PHE GA 15 -28.47 -58.66 -10.24
N GLY GA 16 -29.74 -58.62 -10.61
CA GLY GA 16 -30.72 -59.53 -10.03
C GLY GA 16 -30.40 -60.99 -10.25
N LYS GA 17 -31.11 -61.83 -9.49
CA LYS GA 17 -30.93 -63.28 -9.63
C LYS GA 17 -30.98 -63.67 -11.09
N ASP GA 18 -31.94 -63.10 -11.82
CA ASP GA 18 -31.88 -63.09 -13.27
C ASP GA 18 -31.22 -61.76 -13.66
N SER GA 19 -30.00 -61.88 -14.14
CA SER GA 19 -29.28 -60.76 -14.70
C SER GA 19 -28.20 -61.32 -15.59
N SER GA 20 -27.76 -60.50 -16.53
CA SER GA 20 -26.63 -60.88 -17.36
C SER GA 20 -25.48 -61.21 -16.43
N VAL GA 21 -25.06 -60.20 -15.67
CA VAL GA 21 -23.83 -60.28 -14.89
C VAL GA 21 -23.76 -61.59 -14.11
N VAL GA 22 -24.82 -61.91 -13.41
CA VAL GA 22 -24.85 -63.15 -12.66
C VAL GA 22 -24.47 -64.32 -13.55
N LYS GA 23 -25.18 -64.45 -14.66
CA LYS GA 23 -24.90 -65.53 -15.60
C LYS GA 23 -23.47 -65.48 -16.07
N TRP GA 24 -22.95 -64.28 -16.31
CA TRP GA 24 -21.53 -64.13 -16.64
C TRP GA 24 -20.65 -64.88 -15.67
N VAL GA 25 -20.86 -64.66 -14.38
CA VAL GA 25 -19.95 -65.17 -13.37
C VAL GA 25 -19.74 -66.67 -13.54
N VAL GA 26 -20.79 -67.44 -13.27
CA VAL GA 26 -20.67 -68.89 -13.27
C VAL GA 26 -20.09 -69.37 -14.58
N LEU GA 27 -20.43 -68.69 -15.67
CA LEU GA 27 -19.89 -69.06 -16.96
C LEU GA 27 -18.37 -69.20 -16.88
N ALA GA 28 -17.68 -68.08 -16.71
CA ALA GA 28 -16.24 -68.12 -16.60
C ALA GA 28 -15.82 -69.08 -15.49
N GLU GA 29 -16.58 -69.11 -14.40
CA GLU GA 29 -16.30 -70.10 -13.37
C GLU GA 29 -16.27 -71.50 -13.95
N VAL GA 30 -17.32 -71.89 -14.68
CA VAL GA 30 -17.30 -73.17 -15.36
C VAL GA 30 -16.02 -73.33 -16.16
N LEU GA 31 -15.66 -72.30 -16.91
CA LEU GA 31 -14.48 -72.37 -17.74
C LEU GA 31 -13.24 -72.68 -16.92
N VAL GA 32 -12.85 -71.73 -16.08
CA VAL GA 32 -11.56 -71.80 -15.40
C VAL GA 32 -11.42 -73.13 -14.67
N GLY GA 33 -12.47 -73.55 -13.96
CA GLY GA 33 -12.41 -74.85 -13.32
C GLY GA 33 -12.07 -75.95 -14.31
N ALA GA 34 -12.87 -76.05 -15.37
CA ALA GA 34 -12.55 -76.98 -16.44
C ALA GA 34 -11.12 -76.76 -16.93
N VAL GA 35 -10.76 -75.50 -17.14
CA VAL GA 35 -9.37 -75.20 -17.47
C VAL GA 35 -8.45 -75.79 -16.43
N MET GA 36 -8.56 -75.33 -15.18
CA MET GA 36 -7.68 -75.77 -14.11
C MET GA 36 -7.54 -77.28 -14.09
N TYR GA 37 -8.64 -78.00 -14.25
CA TYR GA 37 -8.56 -79.44 -14.11
C TYR GA 37 -7.59 -80.04 -15.09
N MET GA 38 -7.57 -79.53 -16.32
CA MET GA 38 -6.57 -79.99 -17.28
C MET GA 38 -5.18 -79.90 -16.67
N MET GA 39 -4.85 -78.74 -16.13
CA MET GA 39 -3.55 -78.57 -15.49
C MET GA 39 -3.42 -79.49 -14.30
N THR GA 40 -4.37 -79.42 -13.38
CA THR GA 40 -4.21 -80.08 -12.08
C THR GA 40 -4.47 -81.57 -12.18
N LYS GA 41 -5.56 -81.96 -12.83
CA LYS GA 41 -6.05 -83.32 -12.79
C LYS GA 41 -6.35 -83.74 -11.36
N ASN GA 42 -6.80 -82.78 -10.57
CA ASN GA 42 -7.30 -83.04 -9.23
C ASN GA 42 -8.79 -82.77 -9.24
N VAL GA 43 -9.51 -83.46 -8.37
CA VAL GA 43 -10.91 -83.09 -8.28
C VAL GA 43 -10.94 -82.00 -7.24
N LYS GA 44 -11.06 -80.78 -7.71
CA LYS GA 44 -11.16 -79.60 -6.88
C LYS GA 44 -12.25 -78.69 -7.39
N PHE GA 45 -12.11 -78.27 -8.63
CA PHE GA 45 -12.64 -77.03 -9.13
C PHE GA 45 -14.10 -77.12 -9.48
N LEU GA 46 -14.72 -78.26 -9.30
CA LEU GA 46 -16.15 -78.34 -9.57
C LEU GA 46 -16.89 -78.27 -8.25
N ALA GA 47 -17.15 -77.04 -7.81
CA ALA GA 47 -17.86 -76.86 -6.56
C ALA GA 47 -18.73 -75.62 -6.57
N GLY GA 48 -18.06 -74.46 -6.45
CA GLY GA 48 -18.73 -73.19 -6.60
C GLY GA 48 -19.46 -73.11 -7.92
N PHE GA 49 -19.01 -73.92 -8.86
CA PHE GA 49 -19.78 -74.26 -10.04
C PHE GA 49 -21.22 -74.43 -9.63
N ALA GA 50 -21.49 -75.41 -8.79
CA ALA GA 50 -22.76 -75.46 -8.10
C ALA GA 50 -22.83 -74.51 -6.92
N ILE GA 51 -21.77 -74.47 -6.11
CA ILE GA 51 -21.87 -73.82 -4.80
C ILE GA 51 -22.10 -72.33 -4.96
N ILE GA 52 -21.25 -71.65 -5.71
CA ILE GA 52 -21.44 -70.22 -5.87
C ILE GA 52 -22.84 -69.93 -6.31
N SER GA 53 -23.39 -70.77 -7.19
CA SER GA 53 -24.76 -70.57 -7.63
C SER GA 53 -25.69 -70.50 -6.44
N VAL GA 54 -25.70 -71.53 -5.61
CA VAL GA 54 -26.54 -71.45 -4.42
C VAL GA 54 -26.02 -70.40 -3.47
N PHE GA 55 -24.69 -70.25 -3.40
CA PHE GA 55 -24.14 -69.11 -2.70
C PHE GA 55 -24.71 -67.81 -3.23
N ILE GA 56 -24.67 -67.64 -4.55
CA ILE GA 56 -25.37 -66.51 -5.14
C ILE GA 56 -26.80 -66.47 -4.65
N ALA GA 57 -27.49 -67.60 -4.80
CA ALA GA 57 -28.90 -67.67 -4.44
C ALA GA 57 -29.13 -67.14 -3.04
N VAL GA 58 -28.36 -67.65 -2.07
CA VAL GA 58 -28.65 -67.31 -0.69
C VAL GA 58 -28.44 -65.82 -0.43
N GLY GA 59 -27.27 -65.29 -0.81
CA GLY GA 59 -27.03 -63.87 -0.62
C GLY GA 59 -28.05 -63.03 -1.35
N MET GA 60 -28.29 -63.35 -2.62
CA MET GA 60 -29.41 -62.76 -3.32
C MET GA 60 -30.68 -62.90 -2.51
N ALA GA 61 -30.96 -64.10 -2.02
CA ALA GA 61 -32.10 -64.28 -1.13
C ALA GA 61 -31.90 -63.51 0.17
N VAL GA 62 -30.66 -63.47 0.67
CA VAL GA 62 -30.41 -62.71 1.88
C VAL GA 62 -30.77 -61.25 1.67
N VAL GA 63 -30.13 -60.61 0.71
CA VAL GA 63 -30.38 -59.20 0.52
C VAL GA 63 -31.65 -59.06 -0.32
N GLY GA 64 -31.54 -59.34 -1.61
CA GLY GA 64 -32.67 -59.16 -2.51
C GLY GA 64 -33.33 -57.82 -2.35
N LEU GA 65 -32.54 -56.75 -2.26
CA LEU GA 65 -33.06 -55.42 -2.00
C LEU GA 65 -33.92 -55.42 -0.74
N GLN HA 1 -31.34 -26.72 25.09
CA GLN HA 1 -32.46 -26.49 24.18
C GLN HA 1 -32.56 -27.58 23.13
N ASP HA 2 -32.85 -27.15 21.91
CA ASP HA 2 -32.88 -28.06 20.78
C ASP HA 2 -31.54 -28.09 20.08
N LEU HA 3 -31.00 -29.30 19.95
CA LEU HA 3 -29.77 -29.46 19.17
C LEU HA 3 -30.11 -29.26 17.71
N MET HA 4 -29.41 -28.35 17.06
CA MET HA 4 -29.90 -27.90 15.77
C MET HA 4 -29.78 -28.97 14.70
N ALA HA 5 -28.77 -29.82 14.79
CA ALA HA 5 -28.68 -30.91 13.83
C ALA HA 5 -29.85 -31.89 13.97
N SER HA 6 -30.69 -31.72 14.98
CA SER HA 6 -31.81 -32.63 15.18
C SER HA 6 -32.88 -32.38 14.13
N GLY HA 7 -34.00 -33.04 14.33
CA GLY HA 7 -34.95 -33.14 13.26
C GLY HA 7 -34.33 -33.94 12.14
N ASN HA 8 -34.95 -33.80 10.97
CA ASN HA 8 -34.47 -34.49 9.78
C ASN HA 8 -34.47 -35.99 10.02
N THR HA 9 -33.29 -36.60 9.98
CA THR HA 9 -33.12 -38.01 10.27
C THR HA 9 -33.95 -38.87 9.34
N THR HA 10 -34.34 -38.31 8.19
CA THR HA 10 -34.46 -39.15 7.02
C THR HA 10 -33.12 -39.80 6.73
N VAL HA 11 -32.09 -39.24 7.34
CA VAL HA 11 -30.79 -39.83 7.51
C VAL HA 11 -31.00 -41.27 7.91
N LYS HA 12 -31.83 -41.48 8.92
CA LYS HA 12 -32.17 -42.85 9.26
C LYS HA 12 -32.77 -43.55 8.07
N ALA HA 13 -33.88 -43.04 7.55
CA ALA HA 13 -34.45 -43.61 6.33
C ALA HA 13 -33.37 -43.81 5.30
N THR HA 14 -32.49 -42.83 5.14
CA THR HA 14 -31.40 -42.96 4.19
C THR HA 14 -30.56 -44.18 4.48
N PHE HA 15 -30.07 -44.29 5.70
CA PHE HA 15 -29.11 -45.31 6.06
C PHE HA 15 -29.71 -46.47 6.84
N GLY HA 16 -31.01 -46.46 7.08
CA GLY HA 16 -31.61 -47.36 8.06
C GLY HA 16 -31.38 -48.83 7.77
N LYS HA 17 -31.65 -49.64 8.80
CA LYS HA 17 -31.53 -51.08 8.64
C LYS HA 17 -32.23 -51.53 7.37
N ASP HA 18 -33.42 -51.00 7.12
CA ASP HA 18 -34.01 -51.05 5.81
C ASP HA 18 -33.63 -49.74 5.13
N SER HA 19 -32.75 -49.86 4.15
CA SER HA 19 -32.40 -48.75 3.28
C SER HA 19 -31.81 -49.34 2.02
N SER HA 20 -31.86 -48.55 0.97
CA SER HA 20 -31.21 -48.95 -0.27
C SER HA 20 -29.76 -49.24 0.05
N VAL HA 21 -29.06 -48.20 0.50
CA VAL HA 21 -27.61 -48.25 0.66
C VAL HA 21 -27.17 -49.52 1.35
N VAL HA 22 -27.81 -49.82 2.48
CA VAL HA 22 -27.46 -51.04 3.20
C VAL HA 22 -27.49 -52.23 2.27
N LYS HA 23 -28.62 -52.42 1.59
CA LYS HA 23 -28.77 -53.52 0.68
C LYS HA 23 -27.70 -53.48 -0.40
N TRP HA 24 -27.37 -52.29 -0.89
CA TRP HA 24 -26.26 -52.14 -1.83
C TRP HA 24 -25.01 -52.85 -1.33
N VAL HA 25 -24.63 -52.58 -0.09
CA VAL HA 25 -23.34 -53.05 0.41
C VAL HA 25 -23.21 -54.54 0.21
N VAL HA 26 -24.01 -55.32 0.95
CA VAL HA 26 -23.87 -56.76 0.95
C VAL HA 26 -23.92 -57.28 -0.47
N LEU HA 27 -24.74 -56.66 -1.31
CA LEU HA 27 -24.82 -57.07 -2.71
C LEU HA 27 -23.43 -57.20 -3.30
N ALA HA 28 -22.77 -56.06 -3.49
CA ALA HA 28 -21.42 -56.10 -4.05
C ALA HA 28 -20.52 -57.00 -3.22
N GLU HA 29 -20.71 -57.00 -1.90
CA GLU HA 29 -19.98 -57.95 -1.07
C GLU HA 29 -20.18 -59.37 -1.56
N VAL HA 30 -21.44 -59.79 -1.73
CA VAL HA 30 -21.69 -61.10 -2.31
C VAL HA 30 -20.91 -61.28 -3.59
N LEU HA 31 -20.94 -60.27 -4.45
CA LEU HA 31 -20.27 -60.37 -5.73
C LEU HA 31 -18.79 -60.64 -5.53
N VAL HA 32 -18.08 -59.65 -4.98
CA VAL HA 32 -16.62 -59.70 -4.96
C VAL HA 32 -16.13 -60.99 -4.33
N GLY HA 33 -16.74 -61.39 -3.22
CA GLY HA 33 -16.37 -62.66 -2.63
C GLY HA 33 -16.50 -63.79 -3.63
N ALA HA 34 -17.68 -63.94 -4.22
CA ALA HA 34 -17.84 -64.92 -5.29
C ALA HA 34 -16.80 -64.70 -6.36
N VAL HA 35 -16.60 -63.45 -6.77
CA VAL HA 35 -15.51 -63.15 -7.68
C VAL HA 35 -14.21 -63.70 -7.15
N MET HA 36 -13.77 -63.19 -6.00
CA MET HA 36 -12.49 -63.58 -5.43
C MET HA 36 -12.32 -65.08 -5.43
N TYR HA 37 -13.36 -65.82 -5.05
CA TYR HA 37 -13.18 -67.25 -4.92
C TYR HA 37 -12.75 -67.88 -6.22
N MET HA 38 -13.29 -67.43 -7.34
CA MET HA 38 -12.81 -67.91 -8.63
C MET HA 38 -11.30 -67.79 -8.71
N MET HA 39 -10.79 -66.61 -8.42
CA MET HA 39 -9.36 -66.40 -8.44
C MET HA 39 -8.67 -67.29 -7.40
N THR HA 40 -9.11 -67.18 -6.15
CA THR HA 40 -8.38 -67.79 -5.05
C THR HA 40 -8.62 -69.28 -4.98
N LYS HA 41 -9.87 -69.69 -5.05
CA LYS HA 41 -10.25 -71.07 -4.75
C LYS HA 41 -9.87 -71.43 -3.32
N ASN HA 42 -9.94 -70.44 -2.45
CA ASN HA 42 -9.78 -70.65 -1.02
C ASN HA 42 -11.12 -70.40 -0.37
N VAL HA 43 -11.36 -71.06 0.75
CA VAL HA 43 -12.58 -70.69 1.45
C VAL HA 43 -12.16 -69.56 2.36
N LYS HA 44 -12.52 -68.37 1.95
CA LYS HA 44 -12.26 -67.16 2.71
C LYS HA 44 -13.48 -66.27 2.71
N PHE HA 45 -13.91 -65.90 1.52
CA PHE HA 45 -14.65 -64.69 1.28
C PHE HA 45 -16.11 -64.79 1.63
N LEU HA 46 -16.56 -65.94 2.10
CA LEU HA 46 -17.95 -66.04 2.50
C LEU HA 46 -18.02 -65.91 4.02
N ALA HA 47 -18.09 -64.68 4.49
CA ALA HA 47 -18.16 -64.45 5.92
C ALA HA 47 -18.97 -63.21 6.26
N GLY HA 48 -18.34 -62.05 6.03
CA GLY HA 48 -19.04 -60.79 6.17
C GLY HA 48 -20.28 -60.77 5.31
N PHE HA 49 -20.29 -61.61 4.28
CA PHE HA 49 -21.49 -62.00 3.59
C PHE HA 49 -22.59 -62.16 4.61
N ALA HA 50 -22.44 -63.12 5.51
CA ALA HA 50 -23.26 -63.15 6.70
C ALA HA 50 -22.81 -62.16 7.76
N ILE HA 51 -21.51 -62.08 8.02
CA ILE HA 51 -21.02 -61.38 9.19
C ILE HA 51 -21.34 -59.90 9.12
N ILE HA 52 -20.93 -59.24 8.04
CA ILE HA 52 -21.20 -57.82 7.93
C ILE HA 52 -22.67 -57.55 8.17
N SER HA 53 -23.52 -58.43 7.65
CA SER HA 53 -24.95 -58.27 7.87
C SER HA 53 -25.25 -58.14 9.35
N VAL HA 54 -24.87 -59.14 10.13
CA VAL HA 54 -25.08 -59.03 11.56
C VAL HA 54 -24.21 -57.93 12.14
N PHE HA 55 -23.00 -57.78 11.61
CA PHE HA 55 -22.22 -56.61 11.95
C PHE HA 55 -23.00 -55.34 11.69
N ILE HA 56 -23.55 -55.20 10.49
CA ILE HA 56 -24.46 -54.10 10.24
C ILE HA 56 -25.53 -54.07 11.33
N ALA HA 57 -26.19 -55.20 11.53
CA ALA HA 57 -27.28 -55.27 12.49
C ALA HA 57 -26.87 -54.69 13.83
N VAL HA 58 -25.73 -55.15 14.35
CA VAL HA 58 -25.38 -54.76 15.72
C VAL HA 58 -25.11 -53.26 15.80
N GLY HA 59 -24.25 -52.74 14.93
CA GLY HA 59 -23.99 -51.32 14.95
C GLY HA 59 -25.25 -50.51 14.72
N MET HA 60 -26.02 -50.89 13.70
CA MET HA 60 -27.36 -50.32 13.57
C MET HA 60 -28.12 -50.44 14.87
N ALA HA 61 -28.12 -51.63 15.47
CA ALA HA 61 -28.73 -51.78 16.78
C ALA HA 61 -27.99 -50.96 17.81
N VAL HA 62 -26.66 -50.89 17.71
CA VAL HA 62 -25.91 -50.08 18.66
C VAL HA 62 -26.37 -48.64 18.58
N VAL HA 63 -26.23 -48.02 17.42
CA VAL HA 63 -26.58 -46.62 17.32
C VAL HA 63 -28.08 -46.52 17.13
N GLY HA 64 -28.56 -46.86 15.95
CA GLY HA 64 -29.97 -46.71 15.65
C GLY HA 64 -30.53 -45.37 16.04
N LEU HA 65 -29.80 -44.30 15.74
CA LEU HA 65 -30.19 -42.96 16.16
C LEU HA 65 -30.39 -42.92 17.67
N GLN IA 1 -16.38 -13.11 37.97
CA GLN IA 1 -17.80 -12.92 37.70
C GLN IA 1 -18.35 -14.04 36.84
N ASP IA 2 -19.19 -13.66 35.89
CA ASP IA 2 -19.74 -14.61 34.93
C ASP IA 2 -18.87 -14.68 33.69
N LEU IA 3 -18.45 -15.89 33.35
CA LEU IA 3 -17.72 -16.07 32.12
C LEU IA 3 -18.71 -15.94 30.97
N MET IA 4 -18.41 -15.05 30.03
CA MET IA 4 -19.46 -14.64 29.11
C MET IA 4 -19.84 -15.75 28.14
N ALA IA 5 -18.89 -16.60 27.77
CA ALA IA 5 -19.25 -17.73 26.93
C ALA IA 5 -20.19 -18.70 27.63
N SER IA 6 -20.46 -18.50 28.92
CA SER IA 6 -21.33 -19.39 29.64
C SER IA 6 -22.78 -19.18 29.22
N GLY IA 7 -23.67 -19.83 29.94
CA GLY IA 7 -25.01 -19.98 29.46
C GLY IA 7 -24.97 -20.81 28.19
N ASN IA 8 -26.07 -20.72 27.44
CA ASN IA 8 -26.19 -21.44 26.19
C ASN IA 8 -26.06 -22.93 26.46
N THR IA 9 -25.02 -23.54 25.89
CA THR IA 9 -24.71 -24.95 26.11
C THR IA 9 -25.86 -25.84 25.70
N THR IA 10 -26.75 -25.33 24.86
CA THR IA 10 -27.40 -26.20 23.90
C THR IA 10 -26.34 -26.87 23.04
N VAL IA 11 -25.16 -26.29 23.08
CA VAL IA 11 -23.91 -26.88 22.63
C VAL IA 11 -23.89 -28.30 23.14
N LYS IA 12 -24.16 -28.48 24.43
CA LYS IA 12 -24.27 -29.83 24.94
C LYS IA 12 -25.34 -30.57 24.18
N ALA IA 13 -26.57 -30.07 24.23
CA ALA IA 13 -27.64 -30.69 23.45
C ALA IA 13 -27.18 -30.94 22.04
N THR IA 14 -26.48 -29.96 21.45
CA THR IA 14 -25.97 -30.12 20.10
C THR IA 14 -25.07 -31.33 20.01
N PHE IA 15 -24.06 -31.40 20.86
CA PHE IA 15 -23.02 -32.42 20.76
C PHE IA 15 -23.17 -33.54 21.77
N GLY IA 16 -24.22 -33.52 22.59
CA GLY IA 16 -24.27 -34.37 23.76
C GLY IA 16 -24.17 -35.85 23.45
N LYS IA 17 -23.92 -36.63 24.51
CA LYS IA 17 -23.86 -38.08 24.36
C LYS IA 17 -25.06 -38.57 23.59
N ASP IA 18 -26.23 -38.05 23.91
CA ASP IA 18 -27.38 -38.14 23.02
C ASP IA 18 -27.39 -36.86 22.20
N SER IA 19 -27.06 -37.02 20.93
CA SER IA 19 -27.16 -35.95 19.96
C SER IA 19 -27.24 -36.59 18.59
N SER IA 20 -27.80 -35.84 17.65
CA SER IA 20 -27.80 -36.28 16.28
C SER IA 20 -26.36 -36.56 15.89
N VAL IA 21 -25.55 -35.51 15.93
CA VAL IA 21 -24.19 -35.55 15.38
C VAL IA 21 -23.46 -36.79 15.84
N VAL IA 22 -23.47 -37.06 17.14
CA VAL IA 22 -22.81 -38.24 17.65
C VAL IA 22 -23.27 -39.46 16.88
N LYS IA 23 -24.57 -39.67 16.82
CA LYS IA 23 -25.11 -40.82 16.12
C LYS IA 23 -24.68 -40.83 14.67
N TRP IA 24 -24.63 -39.65 14.05
CA TRP IA 24 -24.10 -39.53 12.70
C TRP IA 24 -22.75 -40.22 12.56
N VAL IA 25 -21.84 -39.91 13.48
CA VAL IA 25 -20.46 -40.36 13.33
C VAL IA 25 -20.40 -41.86 13.14
N VAL IA 26 -20.75 -42.60 14.19
CA VAL IA 26 -20.60 -44.04 14.16
C VAL IA 26 -21.31 -44.62 12.96
N LEU IA 27 -22.44 -44.02 12.58
CA LEU IA 27 -23.15 -44.50 11.41
C LEU IA 27 -22.20 -44.64 10.23
N ALA IA 28 -21.73 -43.52 9.71
CA ALA IA 28 -20.80 -43.57 8.60
C ALA IA 28 -19.60 -44.45 8.93
N GLU IA 29 -19.15 -44.40 10.19
CA GLU IA 29 -18.11 -45.32 10.61
C GLU IA 29 -18.49 -46.76 10.31
N VAL IA 30 -19.67 -47.17 10.76
CA VAL IA 30 -20.13 -48.51 10.43
C VAL IA 30 -20.04 -48.74 8.93
N LEU IA 31 -20.50 -47.76 8.15
CA LEU IA 31 -20.50 -47.91 6.71
C LEU IA 31 -19.10 -48.17 6.19
N VAL IA 32 -18.23 -47.17 6.31
CA VAL IA 32 -16.93 -47.21 5.65
C VAL IA 32 -16.18 -48.48 6.03
N GLY IA 33 -16.19 -48.84 7.30
CA GLY IA 33 -15.57 -50.09 7.69
C GLY IA 33 -16.13 -51.26 6.91
N ALA IA 34 -17.45 -51.42 6.95
CA ALA IA 34 -18.08 -52.44 6.12
C ALA IA 34 -17.67 -52.26 4.66
N VAL IA 35 -17.69 -51.03 4.17
CA VAL IA 35 -17.17 -50.77 2.84
C VAL IA 35 -15.76 -51.29 2.72
N MET IA 36 -14.84 -50.75 3.51
CA MET IA 36 -13.44 -51.11 3.42
C MET IA 36 -13.26 -52.62 3.40
N TYR IA 37 -13.99 -53.34 4.25
CA TYR IA 37 -13.75 -54.76 4.34
C TYR IA 37 -13.96 -55.44 3.00
N MET IA 38 -14.98 -55.02 2.24
CA MET IA 38 -15.15 -55.56 0.91
C MET IA 38 -13.86 -55.45 0.12
N MET IA 39 -13.29 -54.25 0.10
CA MET IA 39 -12.03 -54.06 -0.60
C MET IA 39 -10.92 -54.89 0.03
N THR IA 40 -10.74 -54.74 1.34
CA THR IA 40 -9.56 -55.31 1.98
C THR IA 40 -9.71 -56.80 2.21
N LYS IA 41 -10.85 -57.21 2.75
CA LYS IA 41 -11.02 -58.57 3.23
C LYS IA 41 -10.00 -58.89 4.32
N ASN IA 42 -9.67 -57.87 5.09
CA ASN IA 42 -8.86 -58.02 6.28
C ASN IA 42 -9.75 -57.74 7.48
N VAL IA 43 -9.42 -58.36 8.61
CA VAL IA 43 -10.18 -57.96 9.78
C VAL IA 43 -9.40 -56.81 10.35
N LYS IA 44 -9.91 -55.62 10.12
CA LYS IA 44 -9.36 -54.39 10.62
C LYS IA 44 -10.45 -53.50 11.17
N PHE IA 45 -11.40 -53.18 10.32
CA PHE IA 45 -12.18 -51.96 10.40
C PHE IA 45 -13.30 -52.07 11.40
N LEU IA 46 -13.46 -53.19 12.07
CA LEU IA 46 -14.50 -53.26 13.08
C LEU IA 46 -13.85 -53.09 14.45
N ALA IA 47 -13.71 -51.84 14.85
CA ALA IA 47 -13.10 -51.56 16.14
C ALA IA 47 -13.68 -50.30 16.77
N GLY IA 48 -13.26 -49.15 16.24
CA GLY IA 48 -13.83 -47.88 16.64
C GLY IA 48 -15.33 -47.90 16.47
N PHE IA 49 -15.80 -48.77 15.60
CA PHE IA 49 -17.18 -49.19 15.56
C PHE IA 49 -17.67 -49.31 16.98
N ALA IA 50 -17.10 -50.23 17.74
CA ALA IA 50 -17.27 -50.22 19.18
C ALA IA 50 -16.39 -49.18 19.86
N ILE IA 51 -15.12 -49.10 19.48
CA ILE IA 51 -14.15 -48.36 20.27
C ILE IA 51 -14.49 -46.88 20.30
N ILE IA 52 -14.65 -46.27 19.13
CA ILE IA 52 -14.96 -44.85 19.12
C ILE IA 52 -16.15 -44.57 20.00
N SER IA 53 -17.13 -45.46 19.98
CA SER IA 53 -18.29 -45.29 20.83
C SER IA 53 -17.86 -45.11 22.28
N VAL IA 54 -17.13 -46.09 22.82
CA VAL IA 54 -16.66 -45.91 24.18
C VAL IA 54 -15.64 -44.80 24.25
N PHE IA 55 -14.81 -44.67 23.20
CA PHE IA 55 -13.99 -43.49 23.11
C PHE IA 55 -14.83 -42.22 23.20
N ILE IA 56 -15.88 -42.14 22.39
CA ILE IA 56 -16.82 -41.04 22.57
C ILE IA 56 -17.25 -40.96 24.01
N ALA IA 57 -17.72 -42.08 24.55
CA ALA IA 57 -18.24 -42.11 25.90
C ALA IA 57 -17.25 -41.49 26.87
N VAL IA 58 -15.99 -41.94 26.83
CA VAL IA 58 -15.05 -41.49 27.85
C VAL IA 58 -14.80 -39.99 27.74
N GLY IA 59 -14.45 -39.51 26.56
CA GLY IA 59 -14.24 -38.08 26.40
C GLY IA 59 -15.47 -37.29 26.76
N MET IA 60 -16.62 -37.70 26.24
CA MET IA 60 -17.87 -37.14 26.73
C MET IA 60 -17.93 -37.21 28.24
N ALA IA 61 -17.64 -38.37 28.80
CA ALA IA 61 -17.56 -38.48 30.25
C ALA IA 61 -16.43 -37.61 30.79
N VAL IA 62 -15.31 -37.55 30.08
CA VAL IA 62 -14.21 -36.71 30.53
C VAL IA 62 -14.67 -35.26 30.64
N VAL IA 63 -15.11 -34.70 29.52
CA VAL IA 63 -15.49 -33.30 29.55
C VAL IA 63 -16.91 -33.20 30.09
N GLY IA 64 -17.88 -33.58 29.27
CA GLY IA 64 -19.27 -33.45 29.67
C GLY IA 64 -19.60 -32.10 30.24
N LEU IA 65 -19.12 -31.04 29.59
CA LEU IA 65 -19.29 -29.68 30.09
C LEU IA 65 -18.75 -29.58 31.51
N GLN JA 1 2.59 1.23 41.64
CA GLN JA 1 1.20 1.40 42.06
C GLN JA 1 0.34 0.23 41.61
N ASP JA 2 -0.85 0.56 41.15
CA ASP JA 2 -1.77 -0.42 40.61
C ASP JA 2 -1.59 -0.55 39.11
N LEU JA 3 -1.34 -1.77 38.66
CA LEU JA 3 -1.28 -2.01 37.22
C LEU JA 3 -2.70 -1.93 36.68
N MET JA 4 -2.89 -1.09 35.68
CA MET JA 4 -4.26 -0.73 35.34
C MET JA 4 -5.01 -1.88 34.71
N ALA JA 5 -4.33 -2.75 33.97
CA ALA JA 5 -5.02 -3.92 33.45
C ALA JA 5 -5.50 -4.86 34.55
N SER JA 6 -5.14 -4.58 35.80
CA SER JA 6 -5.55 -5.44 36.90
C SER JA 6 -7.03 -5.27 37.19
N GLY JA 7 -7.46 -5.88 38.26
CA GLY JA 7 -8.86 -6.05 38.47
C GLY JA 7 -9.41 -6.94 37.38
N ASN JA 8 -10.72 -6.89 37.23
CA ASN JA 8 -11.41 -7.67 36.22
C ASN JA 8 -11.13 -9.14 36.45
N THR JA 9 -10.47 -9.78 35.48
CA THR JA 9 -10.06 -11.17 35.59
C THR JA 9 -11.24 -12.10 35.81
N THR JA 10 -12.44 -11.62 35.47
CA THR JA 10 -13.44 -12.54 34.97
C THR JA 10 -12.89 -13.25 33.75
N VAL JA 11 -11.85 -12.66 33.19
CA VAL JA 11 -10.94 -13.27 32.24
C VAL JA 11 -10.65 -14.66 32.73
N LYS JA 12 -10.27 -14.78 33.99
CA LYS JA 12 -10.10 -16.10 34.55
C LYS JA 12 -11.39 -16.88 34.42
N ALA JA 13 -12.46 -16.38 35.02
CA ALA JA 13 -13.75 -17.03 34.86
C ALA JA 13 -14.00 -17.35 33.40
N THR JA 14 -13.70 -16.40 32.53
CA THR JA 14 -13.87 -16.63 31.10
C THR JA 14 -13.09 -17.84 30.64
N PHE JA 15 -11.80 -17.87 30.92
CA PHE JA 15 -10.91 -18.88 30.39
C PHE JA 15 -10.54 -19.96 31.39
N GLY JA 16 -11.06 -19.91 32.61
CA GLY JA 16 -10.54 -20.69 33.70
C GLY JA 16 -10.57 -22.18 33.45
N LYS JA 17 -9.83 -22.92 34.28
CA LYS JA 17 -9.82 -24.37 34.18
C LYS JA 17 -11.22 -24.91 34.09
N ASP JA 18 -12.13 -24.37 34.90
CA ASP JA 18 -13.54 -24.50 34.66
C ASP JA 18 -13.97 -23.26 33.90
N SER JA 19 -14.28 -23.48 32.63
CA SER JA 19 -14.85 -22.46 31.78
C SER JA 19 -15.54 -23.15 30.63
N SER JA 20 -16.48 -22.45 30.04
CA SER JA 20 -17.13 -22.97 28.84
C SER JA 20 -16.03 -23.26 27.83
N VAL JA 21 -15.33 -22.20 27.44
CA VAL JA 21 -14.40 -22.27 26.32
C VAL JA 21 -13.50 -23.48 26.43
N VAL JA 22 -12.90 -23.68 27.60
CA VAL JA 22 -12.05 -24.84 27.78
C VAL JA 22 -12.78 -26.11 27.37
N LYS JA 23 -13.95 -26.32 27.94
CA LYS JA 23 -14.73 -27.49 27.63
C LYS JA 23 -15.02 -27.57 26.13
N TRP JA 24 -15.31 -26.43 25.52
CA TRP JA 24 -15.47 -26.38 24.07
C TRP JA 24 -14.33 -27.06 23.35
N VAL JA 25 -13.10 -26.71 23.71
CA VAL JA 25 -11.95 -27.16 22.95
C VAL JA 25 -11.95 -28.67 22.82
N VAL JA 26 -11.75 -29.36 23.94
CA VAL JA 26 -11.60 -30.80 23.91
C VAL JA 26 -12.77 -31.44 23.20
N LEU JA 27 -13.95 -30.87 23.37
CA LEU JA 27 -15.13 -31.39 22.69
C LEU JA 27 -14.84 -31.59 21.22
N ALA JA 28 -14.70 -30.49 20.49
CA ALA JA 28 -14.39 -30.59 19.07
C ALA JA 28 -13.16 -31.45 18.84
N GLU JA 29 -12.17 -31.34 19.73
CA GLU JA 29 -11.04 -32.23 19.65
C GLU JA 29 -11.48 -33.68 19.63
N VAL JA 30 -12.30 -34.09 20.59
CA VAL JA 30 -12.84 -35.44 20.57
C VAL JA 30 -13.45 -35.73 19.22
N LEU JA 31 -14.24 -34.80 18.72
CA LEU JA 31 -14.91 -35.02 17.45
C LEU JA 31 -13.91 -35.30 16.34
N VAL JA 32 -13.12 -34.29 16.00
CA VAL JA 32 -12.28 -34.36 14.81
C VAL JA 32 -11.41 -35.61 14.83
N GLY JA 33 -10.82 -35.92 15.98
CA GLY JA 33 -10.05 -37.14 16.07
C GLY JA 33 -10.88 -38.34 15.70
N ALA JA 34 -12.02 -38.51 16.36
CA ALA JA 34 -12.95 -39.56 15.96
C ALA JA 34 -13.27 -39.45 14.49
N VAL JA 35 -13.55 -38.25 14.02
CA VAL JA 35 -13.73 -38.04 12.59
C VAL JA 35 -12.53 -38.58 11.84
N MET JA 36 -11.37 -37.99 12.08
CA MET JA 36 -10.16 -38.36 11.36
C MET JA 36 -9.98 -39.86 11.31
N TYR JA 37 -10.20 -40.54 12.43
CA TYR JA 37 -9.92 -41.96 12.45
C TYR JA 37 -10.72 -42.70 11.40
N MET JA 38 -11.98 -42.32 11.20
CA MET JA 38 -12.75 -42.92 10.12
C MET JA 38 -11.98 -42.84 8.82
N MET JA 39 -11.52 -41.65 8.48
CA MET JA 39 -10.74 -41.48 7.27
C MET JA 39 -9.45 -42.28 7.33
N THR JA 40 -8.67 -42.09 8.39
CA THR JA 40 -7.32 -42.61 8.43
C THR JA 40 -7.30 -44.09 8.76
N LYS JA 41 -8.05 -44.48 9.78
CA LYS JA 41 -7.93 -45.81 10.36
C LYS JA 41 -6.52 -46.07 10.85
N ASN JA 42 -5.88 -45.01 11.33
CA ASN JA 42 -4.61 -45.11 12.00
C ASN JA 42 -4.83 -44.78 13.46
N VAL JA 43 -4.00 -45.34 14.33
CA VAL JA 43 -4.12 -44.90 15.70
C VAL JA 43 -3.19 -43.71 15.79
N LYS JA 44 -3.80 -42.55 15.79
CA LYS JA 44 -3.09 -41.29 15.91
C LYS JA 44 -3.82 -40.37 16.87
N PHE JA 45 -5.07 -40.09 16.55
CA PHE JA 45 -5.74 -38.87 16.94
C PHE JA 45 -6.26 -38.93 18.35
N LEU JA 46 -6.06 -40.02 19.07
CA LEU JA 46 -6.50 -40.06 20.45
C LEU JA 46 -5.28 -39.81 21.35
N ALA JA 47 -5.00 -38.54 21.59
CA ALA JA 47 -3.88 -38.20 22.42
C ALA JA 47 -4.11 -36.92 23.20
N GLY JA 48 -4.01 -35.79 22.48
CA GLY JA 48 -4.36 -34.51 23.06
C GLY JA 48 -5.76 -34.53 23.62
N PHE JA 49 -6.57 -35.45 23.11
CA PHE JA 49 -7.80 -35.87 23.74
C PHE JA 49 -7.56 -35.93 25.23
N ALA JA 50 -6.67 -36.81 25.66
CA ALA JA 50 -6.14 -36.74 27.00
C ALA JA 50 -5.08 -35.66 27.16
N ILE JA 51 -4.14 -35.59 26.21
CA ILE JA 51 -2.93 -34.82 26.42
C ILE JA 51 -3.24 -33.33 26.55
N ILE JA 52 -3.95 -32.78 25.57
CA ILE JA 52 -4.27 -31.37 25.64
C ILE JA 52 -4.90 -31.05 26.98
N SER JA 53 -5.76 -31.94 27.45
CA SER JA 53 -6.38 -31.73 28.75
C SER JA 53 -5.33 -31.49 29.81
N VAL JA 54 -4.41 -32.43 29.99
CA VAL JA 54 -3.36 -32.20 30.96
C VAL JA 54 -2.46 -31.08 30.48
N PHE JA 55 -2.22 -30.99 29.17
CA PHE JA 55 -1.57 -29.80 28.65
C PHE JA 55 -2.30 -28.55 29.07
N ILE JA 56 -3.61 -28.51 28.86
CA ILE JA 56 -4.38 -27.40 29.40
C ILE JA 56 -4.08 -27.26 30.88
N ALA JA 57 -4.21 -28.36 31.62
CA ALA JA 57 -4.03 -28.31 33.06
C ALA JA 57 -2.71 -27.65 33.42
N VAL JA 58 -1.63 -28.09 32.81
CA VAL JA 58 -0.32 -27.60 33.24
C VAL JA 58 -0.19 -26.11 32.97
N GLY JA 59 -0.45 -25.67 31.74
CA GLY JA 59 -0.37 -24.26 31.45
C GLY JA 59 -1.30 -23.45 32.32
N MET JA 60 -2.56 -23.89 32.42
CA MET JA 60 -3.44 -23.31 33.41
C MET JA 60 -2.79 -23.31 34.77
N ALA JA 61 -2.23 -24.45 35.18
CA ALA JA 61 -1.47 -24.47 36.42
C ALA JA 61 -0.24 -23.59 36.33
N VAL JA 62 0.41 -23.56 35.18
CA VAL JA 62 1.56 -22.69 35.02
C VAL JA 62 1.17 -21.25 35.27
N VAL JA 63 0.25 -20.73 34.48
CA VAL JA 63 -0.11 -19.34 34.63
C VAL JA 63 -1.10 -19.22 35.76
N GLY JA 64 -2.34 -19.64 35.51
CA GLY JA 64 -3.38 -19.49 36.52
C GLY JA 64 -3.43 -18.11 37.11
N LEU JA 65 -3.34 -17.08 36.27
CA LEU JA 65 -3.28 -15.71 36.74
C LEU JA 65 -2.14 -15.54 37.75
N GLN KA 1 20.91 15.60 35.50
CA GLN KA 1 19.87 15.78 36.51
C GLN KA 1 18.93 14.60 36.58
N ASP KA 2 17.65 14.93 36.72
CA ASP KA 2 16.61 13.91 36.71
C ASP KA 2 16.07 13.72 35.30
N LEU KA 3 16.10 12.48 34.83
CA LEU KA 3 15.48 12.18 33.56
C LEU KA 3 13.98 12.23 33.74
N MET KA 4 13.32 13.03 32.92
CA MET KA 4 11.94 13.38 33.24
C MET KA 4 11.01 12.20 33.09
N ALA KA 5 11.27 11.30 32.15
CA ALA KA 5 10.44 10.11 32.06
C ALA KA 5 10.56 9.22 33.29
N SER KA 6 11.45 9.54 34.21
CA SER KA 6 11.62 8.74 35.40
C SER KA 6 10.45 8.93 36.35
N GLY KA 7 10.59 8.37 37.53
CA GLY KA 7 9.45 8.20 38.37
C GLY KA 7 8.48 7.27 37.71
N ASN KA 8 7.24 7.32 38.19
CA ASN KA 8 6.17 6.49 37.65
C ASN KA 8 6.56 5.03 37.78
N THR KA 9 6.70 4.35 36.64
CA THR KA 9 7.14 2.96 36.60
C THR KA 9 6.21 2.06 37.39
N THR KA 10 5.00 2.52 37.63
CA THR KA 10 3.89 1.57 37.69
C THR KA 10 3.81 0.81 36.38
N VAL KA 11 4.47 1.38 35.38
CA VAL KA 11 4.82 0.74 34.14
C VAL KA 11 5.34 -0.65 34.48
N LYS KA 12 6.28 -0.70 35.43
CA LYS KA 12 6.71 -2.00 35.89
C LYS KA 12 5.53 -2.79 36.41
N ALA KA 13 4.85 -2.27 37.43
CA ALA KA 13 3.65 -2.92 37.92
C ALA KA 13 2.75 -3.29 36.77
N THR KA 14 2.59 -2.39 35.81
CA THR KA 14 1.78 -2.67 34.64
C THR KA 14 2.27 -3.91 33.91
N PHE KA 15 3.54 -3.92 33.56
CA PHE KA 15 4.09 -4.96 32.71
C PHE KA 15 4.92 -5.99 33.46
N GLY KA 16 5.02 -5.89 34.78
CA GLY KA 16 6.01 -6.64 35.53
C GLY KA 16 5.89 -8.14 35.37
N LYS KA 17 6.95 -8.82 35.80
CA LYS KA 17 6.94 -10.29 35.75
C LYS KA 17 5.66 -10.82 36.35
N ASP KA 18 5.25 -10.24 37.47
CA ASP KA 18 3.88 -10.38 37.94
C ASP KA 18 3.12 -9.18 37.41
N SER KA 19 2.26 -9.46 36.45
CA SER KA 19 1.34 -8.47 35.93
C SER KA 19 0.20 -9.21 35.27
N SER KA 20 -0.93 -8.54 35.16
CA SER KA 20 -2.04 -9.10 34.43
C SER KA 20 -1.54 -9.44 33.04
N VAL KA 21 -1.12 -8.40 32.32
CA VAL KA 21 -0.82 -8.51 30.89
C VAL KA 21 0.03 -9.73 30.61
N VAL KA 22 1.12 -9.88 31.37
CA VAL KA 22 1.99 -11.03 31.18
C VAL KA 22 1.17 -12.31 31.21
N LYS KA 23 0.40 -12.50 32.28
CA LYS KA 23 -0.42 -13.68 32.40
C LYS KA 23 -1.37 -13.82 31.23
N TRP KA 24 -1.93 -12.70 30.78
CA TRP KA 24 -2.76 -12.71 29.58
C TRP KA 24 -2.08 -13.43 28.43
N VAL KA 25 -0.83 -13.08 28.17
CA VAL KA 25 -0.16 -13.56 26.97
C VAL KA 25 -0.20 -15.07 26.92
N VAL KA 26 0.53 -15.71 27.83
CA VAL KA 26 0.67 -17.15 27.79
C VAL KA 26 -0.68 -17.82 27.74
N LEU KA 27 -1.66 -17.23 28.42
CA LEU KA 27 -3.01 -17.78 28.40
C LEU KA 27 -3.44 -18.06 26.97
N ALA KA 28 -3.67 -16.98 26.21
CA ALA KA 28 -4.07 -17.15 24.83
C ALA KA 28 -3.07 -18.02 24.08
N GLU KA 29 -1.79 -17.88 24.39
CA GLU KA 29 -0.81 -18.78 23.82
C GLU KA 29 -1.17 -20.22 24.06
N VAL KA 30 -1.43 -20.58 25.31
CA VAL KA 30 -1.89 -21.93 25.61
C VAL KA 30 -3.07 -22.28 24.72
N LEU KA 31 -4.02 -21.37 24.61
CA LEU KA 31 -5.21 -21.64 23.81
C LEU KA 31 -4.84 -21.98 22.38
N VAL KA 32 -4.32 -20.98 21.66
CA VAL KA 32 -4.13 -21.11 20.22
C VAL KA 32 -3.34 -22.35 19.89
N GLY KA 33 -2.26 -22.60 20.63
CA GLY KA 33 -1.52 -23.82 20.40
C GLY KA 33 -2.41 -25.04 20.50
N ALA KA 34 -3.10 -25.18 21.63
CA ALA KA 34 -4.08 -26.25 21.76
C ALA KA 34 -5.07 -26.21 20.60
N VAL KA 35 -5.56 -25.02 20.27
CA VAL KA 35 -6.38 -24.88 19.09
C VAL KA 35 -5.67 -25.44 17.89
N MET KA 36 -4.54 -24.84 17.52
CA MET KA 36 -3.80 -25.25 16.34
C MET KA 36 -3.64 -26.75 16.26
N TYR KA 37 -3.30 -27.38 17.39
CA TYR KA 37 -3.00 -28.80 17.33
C TYR KA 37 -4.19 -29.59 16.81
N MET KA 38 -5.40 -29.21 17.21
CA MET KA 38 -6.58 -29.85 16.64
C MET KA 38 -6.52 -29.83 15.13
N MET KA 39 -6.29 -28.66 14.57
CA MET KA 39 -6.18 -28.55 13.13
C MET KA 39 -4.99 -29.35 12.61
N THR KA 40 -3.81 -29.10 13.17
CA THR KA 40 -2.59 -29.63 12.58
C THR KA 40 -2.40 -31.09 12.93
N LYS KA 41 -2.56 -31.43 14.20
CA LYS KA 41 -2.17 -32.75 14.70
C LYS KA 41 -0.68 -32.99 14.48
N ASN KA 42 0.07 -31.90 14.57
CA ASN KA 42 1.53 -31.98 14.57
C ASN KA 42 2.00 -31.58 15.94
N VAL KA 43 3.15 -32.11 16.34
CA VAL KA 43 3.69 -31.60 17.58
C VAL KA 43 4.52 -30.41 17.19
N LYS KA 44 3.97 -29.25 17.42
CA LYS KA 44 4.62 -27.99 17.14
C LYS KA 44 4.42 -27.03 18.30
N PHE KA 45 3.17 -26.76 18.60
CA PHE KA 45 2.73 -25.53 19.21
C PHE KA 45 2.93 -25.52 20.71
N LEU KA 46 3.47 -26.59 21.27
CA LEU KA 46 3.73 -26.56 22.70
C LEU KA 46 5.21 -26.27 22.92
N ALA KA 47 5.54 -24.99 22.94
CA ALA KA 47 6.94 -24.61 23.14
C ALA KA 47 7.07 -23.31 23.88
N GLY KA 48 6.79 -22.21 23.16
CA GLY KA 48 6.73 -20.90 23.78
C GLY KA 48 5.75 -20.90 24.93
N PHE KA 49 4.82 -21.84 24.90
CA PHE KA 49 4.04 -22.23 26.05
C PHE KA 49 4.96 -22.22 27.25
N ALA KA 50 5.95 -23.08 27.25
CA ALA KA 50 7.05 -22.95 28.19
C ALA KA 50 8.05 -21.88 27.77
N ILE KA 51 8.43 -21.85 26.50
CA ILE KA 51 9.58 -21.07 26.09
C ILE KA 51 9.33 -19.59 26.29
N ILE KA 52 8.23 -19.07 25.74
CA ILE KA 52 7.98 -17.65 25.89
C ILE KA 52 8.02 -17.28 27.35
N SER KA 53 7.52 -18.14 28.22
CA SER KA 53 7.57 -17.88 29.63
C SER KA 53 8.99 -17.58 30.08
N VAL KA 54 9.90 -18.52 29.84
CA VAL KA 54 11.28 -18.25 30.18
C VAL KA 54 11.83 -17.16 29.30
N PHE KA 55 11.42 -17.12 28.03
CA PHE KA 55 11.73 -15.96 27.22
C PHE KA 55 11.26 -14.69 27.88
N ILE KA 56 10.01 -14.65 28.31
CA ILE KA 56 9.57 -13.52 29.11
C ILE KA 56 10.52 -13.31 30.25
N ALA KA 57 10.76 -14.38 31.02
CA ALA KA 57 11.60 -14.28 32.20
C ALA KA 57 12.92 -13.61 31.88
N VAL KA 58 13.61 -14.07 30.84
CA VAL KA 58 14.95 -13.57 30.59
C VAL KA 58 14.91 -12.09 30.23
N GLY KA 59 14.09 -11.71 29.25
CA GLY KA 59 14.00 -10.30 28.90
C GLY KA 59 13.57 -9.45 30.07
N MET KA 60 12.52 -9.89 30.77
CA MET KA 60 12.19 -9.26 32.04
C MET KA 60 13.41 -9.21 32.93
N ALA KA 61 14.11 -10.33 33.07
CA ALA KA 61 15.36 -10.30 33.82
C ALA KA 61 16.40 -9.42 33.13
N VAL KA 62 16.42 -9.44 31.80
CA VAL KA 62 17.36 -8.59 31.09
C VAL KA 62 17.10 -7.13 31.43
N VAL KA 63 15.90 -6.65 31.14
CA VAL KA 63 15.63 -5.25 31.39
C VAL KA 63 15.28 -5.08 32.85
N GLY KA 64 14.09 -5.51 33.23
CA GLY KA 64 13.63 -5.31 34.60
C GLY KA 64 13.84 -3.91 35.09
N LEU KA 65 13.50 -2.92 34.27
CA LEU KA 65 13.75 -1.52 34.60
C LEU KA 65 15.22 -1.31 34.95
N GLN LA 1 33.94 29.63 20.90
CA GLN LA 1 33.49 29.88 22.27
C GLN LA 1 32.71 28.70 22.82
N ASP LA 2 31.64 29.03 23.53
CA ASP LA 2 30.74 28.02 24.05
C ASP LA 2 29.60 27.76 23.07
N LEU LA 3 29.42 26.50 22.70
CA LEU LA 3 28.29 26.15 21.87
C LEU LA 3 27.04 26.22 22.74
N MET LA 4 26.06 26.99 22.29
CA MET LA 4 25.00 27.35 23.20
C MET LA 4 24.11 26.16 23.56
N ALA LA 5 23.93 25.23 22.64
CA ALA LA 5 23.17 24.04 22.99
C ALA LA 5 23.87 23.21 24.06
N SER LA 6 25.09 23.56 24.44
CA SER LA 6 25.82 22.80 25.44
C SER LA 6 25.22 23.04 26.82
N GLY LA 7 25.90 22.52 27.82
CA GLY LA 7 25.30 22.42 29.11
C GLY LA 7 24.14 21.44 29.01
N ASN LA 8 23.27 21.52 30.02
CA ASN LA 8 22.10 20.67 30.07
C ASN LA 8 22.53 19.21 30.06
N THR LA 9 22.12 18.49 29.02
CA THR LA 9 22.51 17.10 28.83
C THR LA 9 22.08 16.23 30.01
N THR LA 10 21.11 16.70 30.77
CA THR LA 10 20.19 15.76 31.37
C THR LA 10 19.51 14.96 30.29
N VAL LA 11 19.60 15.48 29.07
CA VAL LA 11 19.36 14.77 27.84
C VAL LA 11 19.99 13.41 27.95
N LYS LA 12 21.26 13.39 28.35
CA LYS LA 12 21.89 12.11 28.62
C LYS LA 12 21.11 11.35 29.66
N ALA LA 13 20.97 11.92 30.85
CA ALA LA 13 20.15 11.30 31.87
C ALA LA 13 18.83 10.87 31.29
N THR LA 14 18.22 11.73 30.48
CA THR LA 14 16.97 11.40 29.85
C THR LA 14 17.08 10.14 29.02
N PHE LA 15 18.03 10.10 28.12
CA PHE LA 15 18.14 9.02 27.14
C PHE LA 15 19.24 8.02 27.46
N GLY LA 16 19.95 8.19 28.57
CA GLY LA 16 21.18 7.47 28.80
C GLY LA 16 21.04 5.97 28.78
N LYS LA 17 22.19 5.29 28.67
CA LYS LA 17 22.19 3.83 28.71
C LYS LA 17 21.35 3.33 29.86
N ASP LA 18 21.49 3.95 31.02
CA ASP LA 18 20.50 3.83 32.07
C ASP LA 18 19.57 5.02 31.92
N SER LA 19 18.36 4.70 31.49
CA SER LA 19 17.28 5.67 31.42
C SER LA 19 15.99 4.90 31.40
N SER LA 20 14.93 5.57 31.81
CA SER LA 20 13.61 4.99 31.71
C SER LA 20 13.40 4.58 30.26
N VAL LA 21 13.42 5.58 29.39
CA VAL LA 21 13.01 5.41 28.00
C VAL LA 21 13.66 4.18 27.39
N VAL LA 22 14.97 4.05 27.56
CA VAL LA 22 15.67 2.90 27.03
C VAL LA 22 14.99 1.63 27.49
N LYS LA 23 14.81 1.48 28.79
CA LYS LA 23 14.17 0.31 29.34
C LYS LA 23 12.79 0.12 28.77
N TRP LA 24 12.05 1.22 28.59
CA TRP LA 24 10.77 1.16 27.91
C TRP LA 24 10.84 0.39 26.61
N VAL LA 25 11.81 0.74 25.77
CA VAL LA 25 11.85 0.20 24.42
C VAL LA 25 11.82 -1.32 24.45
N VAL LA 26 12.90 -1.91 24.95
CA VAL LA 26 13.03 -3.36 24.90
C VAL LA 26 11.82 -4.03 25.52
N LEU LA 27 11.26 -3.40 26.55
CA LEU LA 27 10.08 -3.95 27.19
C LEU LA 27 9.03 -4.28 26.14
N ALA LA 28 8.45 -3.24 25.54
CA ALA LA 28 7.46 -3.47 24.51
C ALA LA 28 8.00 -4.38 23.42
N GLU LA 29 9.27 -4.22 23.09
CA GLU LA 29 9.89 -5.15 22.16
C GLU LA 29 9.70 -6.58 22.60
N VAL LA 30 10.07 -6.88 23.85
CA VAL LA 30 9.82 -8.22 24.37
C VAL LA 30 8.38 -8.61 24.15
N LEU LA 31 7.46 -7.69 24.46
CA LEU LA 31 6.05 -7.99 24.33
C LEU LA 31 5.71 -8.39 22.90
N VAL LA 32 5.81 -7.43 21.98
CA VAL LA 32 5.30 -7.62 20.64
C VAL LA 32 5.87 -8.88 20.01
N GLY LA 33 7.17 -9.11 20.17
CA GLY LA 33 7.74 -10.34 19.67
C GLY LA 33 7.03 -11.55 20.24
N ALA LA 34 6.96 -11.64 21.56
CA ALA LA 34 6.16 -12.69 22.17
C ALA LA 34 4.75 -12.69 21.61
N VAL LA 35 4.14 -11.53 21.51
CA VAL LA 35 2.86 -11.43 20.85
C VAL LA 35 2.93 -12.05 19.47
N MET LA 36 3.76 -11.47 18.59
CA MET LA 36 3.85 -11.93 17.21
C MET LA 36 3.99 -13.44 17.14
N TYR LA 37 4.82 -14.02 17.99
CA TYR LA 37 5.08 -15.44 17.87
C TYR LA 37 3.81 -16.24 17.98
N MET LA 38 2.92 -15.85 18.90
CA MET LA 38 1.62 -16.52 18.97
C MET LA 38 0.97 -16.56 17.61
N MET LA 39 0.88 -15.41 16.96
CA MET LA 39 0.31 -15.36 15.62
C MET LA 39 1.12 -16.19 14.65
N THR LA 40 2.42 -15.91 14.57
CA THR LA 40 3.23 -16.47 13.51
C THR LA 40 3.60 -17.92 13.77
N LYS LA 41 4.05 -18.21 14.99
CA LYS LA 41 4.65 -19.49 15.30
C LYS LA 41 5.87 -19.75 14.43
N ASN LA 42 6.56 -18.67 14.10
CA ASN LA 42 7.84 -18.74 13.43
C ASN LA 42 8.91 -18.29 14.39
N VAL LA 43 10.12 -18.80 14.22
CA VAL LA 43 11.16 -18.24 15.05
C VAL LA 43 11.69 -17.08 14.26
N LYS LA 44 11.29 -15.90 14.68
CA LYS LA 44 11.71 -14.66 14.09
C LYS LA 44 12.06 -13.65 15.16
N PHE LA 45 11.08 -13.35 16.00
CA PHE LA 45 10.97 -12.10 16.69
C PHE LA 45 11.85 -12.03 17.92
N LEU LA 46 12.61 -13.07 18.22
CA LEU LA 46 13.50 -12.98 19.35
C LEU LA 46 14.92 -12.70 18.83
N ALA LA 47 15.20 -11.42 18.64
CA ALA LA 47 16.51 -11.03 18.14
C ALA LA 47 16.95 -9.69 18.69
N GLY LA 48 16.35 -8.63 18.14
CA GLY LA 48 16.56 -7.30 18.67
C GLY LA 48 16.24 -7.24 20.14
N PHE LA 49 15.42 -8.17 20.59
CA PHE LA 49 15.28 -8.51 21.98
C PHE LA 49 16.65 -8.45 22.61
N ALA LA 50 17.54 -9.33 22.18
CA ALA LA 50 18.95 -9.15 22.48
C ALA LA 50 19.62 -8.10 21.61
N ILE LA 51 19.36 -8.13 20.30
CA ILE LA 51 20.17 -7.37 19.37
C ILE LA 51 20.02 -5.88 19.60
N ILE LA 52 18.78 -5.39 19.61
CA ILE LA 52 18.60 -3.96 19.82
C ILE LA 52 19.32 -3.52 21.07
N SER LA 53 19.29 -4.36 22.10
CA SER LA 53 20.00 -4.02 23.32
C SER LA 53 21.45 -3.71 23.03
N VAL LA 54 22.16 -4.67 22.43
CA VAL LA 54 23.53 -4.38 22.08
C VAL LA 54 23.59 -3.33 20.99
N PHE LA 55 22.63 -3.35 20.06
CA PHE LA 55 22.50 -2.24 19.15
C PHE LA 55 22.38 -0.93 19.91
N ILE LA 56 21.47 -0.86 20.87
CA ILE LA 56 21.43 0.30 21.74
C ILE LA 56 22.82 0.56 22.30
N ALA LA 57 23.40 -0.48 22.90
CA ALA LA 57 24.70 -0.33 23.54
C ALA LA 57 25.70 0.33 22.61
N VAL LA 58 25.82 -0.19 21.40
CA VAL LA 58 26.88 0.31 20.52
C VAL LA 58 26.66 1.76 20.17
N GLY LA 59 25.47 2.11 19.68
CA GLY LA 59 25.20 3.49 19.35
C GLY LA 59 25.35 4.39 20.56
N MET LA 60 24.75 4.00 21.68
CA MET LA 60 25.05 4.67 22.93
C MET LA 60 26.54 4.77 23.13
N ALA LA 61 27.25 3.66 22.98
CA ALA LA 61 28.71 3.70 23.05
C ALA LA 61 29.27 4.54 21.91
N VAL LA 62 28.69 4.47 20.73
CA VAL LA 62 29.15 5.30 19.64
C VAL LA 62 29.06 6.77 19.99
N VAL LA 63 27.86 7.24 20.29
CA VAL LA 63 27.70 8.64 20.58
C VAL LA 63 28.09 8.88 22.03
N GLY LA 64 27.21 8.47 22.94
CA GLY LA 64 27.45 8.73 24.35
C GLY LA 64 27.85 10.15 24.63
N LEU LA 65 27.15 11.11 24.03
CA LEU LA 65 27.50 12.52 24.15
C LEU LA 65 28.95 12.73 23.75
N GLN MA 1 38.25 43.08 1.42
CA GLN MA 1 38.50 43.38 2.83
C GLN MA 1 38.09 42.23 3.72
N ASP MA 2 37.47 42.58 4.84
CA ASP MA 2 36.93 41.60 5.75
C ASP MA 2 35.47 41.31 5.44
N LEU MA 3 35.18 40.03 5.24
CA LEU MA 3 33.80 39.63 5.05
C LEU MA 3 33.10 39.75 6.40
N MET MA 4 32.00 40.49 6.43
CA MET MA 4 31.49 40.90 7.73
C MET MA 4 30.91 39.73 8.51
N ALA MA 5 30.32 38.75 7.82
CA ALA MA 5 29.85 37.57 8.53
C ALA MA 5 30.97 36.79 9.17
N SER MA 6 32.23 37.16 8.92
CA SER MA 6 33.35 36.45 9.49
C SER MA 6 33.47 36.74 10.98
N GLY MA 7 34.55 36.27 11.56
CA GLY MA 7 34.62 36.21 12.99
C GLY MA 7 33.57 35.24 13.48
N ASN MA 8 33.28 35.36 14.77
CA ASN MA 8 32.28 34.51 15.40
C ASN MA 8 32.68 33.05 15.24
N THR MA 9 31.86 32.29 14.54
CA THR MA 9 32.14 30.90 14.25
C THR MA 9 32.33 30.08 15.51
N THR MA 10 31.81 30.57 16.62
CA THR MA 10 31.30 29.67 17.64
C THR MA 10 30.21 28.81 17.02
N VAL MA 11 29.72 29.28 15.89
CA VAL MA 11 28.93 28.53 14.93
C VAL MA 11 29.58 27.17 14.80
N LYS MA 12 30.89 27.17 14.55
CA LYS MA 12 31.58 25.90 14.52
C LYS MA 12 31.40 25.18 15.84
N ALA MA 13 31.83 25.80 16.93
CA ALA MA 13 31.60 25.21 18.24
C ALA MA 13 30.16 24.76 18.37
N THR MA 14 29.23 25.60 17.91
CA THR MA 14 27.83 25.24 17.96
C THR MA 14 27.56 23.94 17.23
N PHE MA 15 27.99 23.87 15.98
CA PHE MA 15 27.65 22.75 15.11
C PHE MA 15 28.78 21.76 14.91
N GLY MA 16 29.93 21.98 15.55
CA GLY MA 16 31.14 21.27 15.19
C GLY MA 16 31.02 19.76 15.30
N LYS MA 17 32.01 19.08 14.70
CA LYS MA 17 32.05 17.63 14.78
C LYS MA 17 31.86 17.17 16.22
N ASP MA 18 32.52 17.85 17.14
CA ASP MA 18 32.15 17.76 18.54
C ASP MA 18 31.23 18.95 18.80
N SER MA 19 29.96 18.61 18.99
CA SER MA 19 28.96 19.58 19.41
C SER MA 19 27.82 18.81 20.03
N SER MA 20 27.06 19.50 20.87
CA SER MA 20 25.87 18.90 21.42
C SER MA 20 25.01 18.45 20.25
N VAL MA 21 24.59 19.41 19.43
CA VAL MA 21 23.59 19.17 18.40
C VAL MA 21 23.91 17.92 17.61
N VAL MA 22 25.14 17.81 17.15
CA VAL MA 22 25.54 16.62 16.40
C VAL MA 22 25.17 15.37 17.16
N LYS MA 23 25.63 15.29 18.40
CA LYS MA 23 25.34 14.13 19.23
C LYS MA 23 23.85 13.93 19.38
N TRP MA 24 23.10 15.01 19.52
CA TRP MA 24 21.65 14.92 19.55
C TRP MA 24 21.12 14.11 18.39
N VAL MA 25 21.58 14.41 17.17
CA VAL MA 25 20.99 13.82 15.98
C VAL MA 25 21.00 12.31 16.08
N VAL MA 26 22.20 11.73 16.04
CA VAL MA 26 22.32 10.28 15.99
C VAL MA 26 21.57 9.65 17.12
N LEU MA 27 21.55 10.30 18.27
CA LEU MA 27 20.81 9.78 19.41
C LEU MA 27 19.40 9.42 19.00
N ALA MA 28 18.58 10.42 18.70
CA ALA MA 28 17.22 10.15 18.26
C ALA MA 28 17.20 9.21 17.08
N GLU MA 29 18.17 9.34 16.18
CA GLU MA 29 18.30 8.39 15.11
C GLU MA 29 18.38 6.96 15.64
N VAL MA 30 19.29 6.72 16.57
CA VAL MA 30 19.34 5.41 17.20
C VAL MA 30 17.97 5.01 17.70
N LEU MA 31 17.29 5.93 18.37
CA LEU MA 31 15.98 5.63 18.93
C LEU MA 31 15.03 5.17 17.85
N VAL MA 32 14.66 6.09 16.95
CA VAL MA 32 13.58 5.85 16.01
C VAL MA 32 13.82 4.56 15.24
N GLY MA 33 15.05 4.34 14.78
CA GLY MA 33 15.35 3.08 14.12
C GLY MA 33 15.00 1.90 14.99
N ALA MA 34 15.55 1.87 16.20
CA ALA MA 34 15.16 0.84 17.15
C ALA MA 34 13.66 0.81 17.32
N VAL MA 35 13.05 1.98 17.47
CA VAL MA 35 11.60 2.05 17.49
C VAL MA 35 11.03 1.37 16.26
N MET MA 36 11.33 1.91 15.08
CA MET MA 36 10.78 1.39 13.84
C MET MA 36 10.91 -0.11 13.76
N TYR MA 37 12.05 -0.65 14.14
CA TYR MA 37 12.24 -2.08 13.96
C TYR MA 37 11.19 -2.88 14.70
N MET MA 38 10.83 -2.44 15.90
CA MET MA 38 9.74 -3.11 16.60
C MET MA 38 8.52 -3.21 15.70
N MET MA 39 8.11 -2.09 15.14
CA MET MA 39 6.98 -2.09 14.22
C MET MA 39 7.26 -2.97 13.01
N THR MA 40 8.37 -2.69 12.32
CA THR MA 40 8.59 -3.30 11.02
C THR MA 40 9.07 -4.74 11.14
N LYS MA 41 10.04 -4.97 12.02
CA LYS MA 41 10.75 -6.25 12.05
C LYS MA 41 11.41 -6.53 10.71
N ASN MA 42 11.86 -5.47 10.06
CA ASN MA 42 12.67 -5.57 8.87
C ASN MA 42 14.05 -5.08 9.21
N VAL MA 43 15.06 -5.59 8.51
CA VAL MA 43 16.35 -5.00 8.73
C VAL MA 43 16.43 -3.87 7.73
N LYS MA 44 16.24 -2.67 8.25
CA LYS MA 44 16.31 -1.45 7.48
C LYS MA 44 17.10 -0.41 8.24
N PHE MA 45 16.63 -0.09 9.42
CA PHE MA 45 16.84 1.20 10.04
C PHE MA 45 18.18 1.32 10.70
N LEU MA 46 19.01 0.30 10.65
CA LEU MA 46 20.34 0.44 11.22
C LEU MA 46 21.32 0.69 10.10
N ALA MA 47 21.46 1.97 9.74
CA ALA MA 47 22.39 2.33 8.68
C ALA MA 47 23.01 3.70 8.90
N GLY MA 48 22.20 4.73 8.66
CA GLY MA 48 22.60 6.09 8.97
C GLY MA 48 23.00 6.21 10.43
N PHE MA 49 22.51 5.29 11.23
CA PHE MA 49 23.04 5.01 12.55
C PHE MA 49 24.55 5.09 12.46
N ALA MA 50 25.16 4.22 11.68
CA ALA MA 50 26.54 4.39 11.29
C ALA MA 50 26.70 5.41 10.17
N ILE MA 51 25.85 5.32 9.14
CA ILE MA 51 26.11 6.04 7.90
C ILE MA 51 26.05 7.55 8.13
N ILE MA 52 24.96 8.04 8.70
CA ILE MA 52 24.86 9.47 8.92
C ILE MA 52 26.09 9.96 9.66
N SER MA 53 26.55 9.18 10.62
CA SER MA 53 27.75 9.56 11.35
C SER MA 53 28.89 9.85 10.39
N VAL MA 54 29.25 8.88 9.57
CA VAL MA 54 30.30 9.14 8.60
C VAL MA 54 29.82 10.15 7.57
N PHE MA 55 28.54 10.09 7.21
CA PHE MA 55 27.97 11.17 6.43
C PHE MA 55 28.19 12.51 7.10
N ILE MA 56 27.84 12.60 8.38
CA ILE MA 56 28.20 13.81 9.12
C ILE MA 56 29.67 14.08 8.96
N ALA MA 57 30.49 13.08 9.24
CA ALA MA 57 31.93 13.25 9.20
C ALA MA 57 32.37 13.87 7.88
N VAL MA 58 31.92 13.31 6.76
CA VAL MA 58 32.44 13.77 5.49
C VAL MA 58 32.04 15.21 5.23
N GLY MA 59 30.75 15.52 5.33
CA GLY MA 59 30.33 16.90 5.13
C GLY MA 59 31.01 17.84 6.09
N MET MA 60 31.02 17.50 7.37
CA MET MA 60 31.85 18.22 8.30
C MET MA 60 33.27 18.33 7.78
N ALA MA 61 33.84 17.21 7.36
CA ALA MA 61 35.15 17.26 6.73
C ALA MA 61 35.12 18.06 5.44
N VAL MA 62 34.03 17.94 4.67
CA VAL MA 62 33.92 18.71 3.45
C VAL MA 62 33.98 20.19 3.76
N VAL MA 63 33.05 20.67 4.56
CA VAL MA 63 33.02 22.10 4.84
C VAL MA 63 34.03 22.39 5.93
N GLY MA 64 33.70 22.02 7.16
CA GLY MA 64 34.57 22.33 8.28
C GLY MA 64 35.01 23.77 8.30
N LEU MA 65 34.10 24.70 8.06
CA LEU MA 65 34.44 26.11 7.95
C LEU MA 65 35.53 26.32 6.90
N GLN NA 1 32.67 55.67 -18.35
CA GLN NA 1 33.54 56.02 -17.24
C GLN NA 1 33.63 54.91 -16.21
N ASP NA 2 33.60 55.31 -14.95
CA ASP NA 2 33.58 54.37 -13.85
C ASP NA 2 32.15 54.07 -13.43
N LEU NA 3 31.81 52.79 -13.42
CA LEU NA 3 30.51 52.38 -12.92
C LEU NA 3 30.53 52.55 -11.41
N MET NA 4 29.56 53.29 -10.89
CA MET NA 4 29.72 53.76 -9.52
C MET NA 4 29.59 52.62 -8.52
N ALA NA 5 28.77 51.62 -8.81
CA ALA NA 5 28.70 50.47 -7.92
C ALA NA 5 30.02 49.72 -7.85
N SER NA 6 31.00 50.08 -8.67
CA SER NA 6 32.27 49.39 -8.67
C SER NA 6 33.07 49.74 -7.43
N GLY NA 7 34.30 49.30 -7.41
CA GLY NA 7 35.04 49.30 -6.18
C GLY NA 7 34.37 48.35 -5.22
N ASN NA 8 34.71 48.52 -3.95
CA ASN NA 8 34.14 47.71 -2.89
C ASN NA 8 34.46 46.25 -3.16
N THR NA 9 33.41 45.44 -3.36
CA THR NA 9 33.55 44.04 -3.71
C THR NA 9 34.33 43.27 -2.65
N THR NA 10 34.38 43.82 -1.44
CA THR NA 10 34.42 42.96 -0.28
C THR NA 10 33.20 42.09 -0.28
N VAL NA 11 32.21 42.50 -1.06
CA VAL NA 11 31.09 41.70 -1.49
C VAL NA 11 31.62 40.34 -1.87
N LYS NA 12 32.66 40.33 -2.71
CA LYS NA 12 33.29 39.05 -3.00
C LYS NA 12 33.76 38.40 -1.73
N ALA NA 13 34.63 39.07 -1.00
CA ALA NA 13 35.06 38.54 0.29
C ALA NA 13 33.86 38.09 1.10
N THR NA 14 32.81 38.90 1.09
CA THR NA 14 31.60 38.55 1.82
C THR NA 14 31.05 37.22 1.34
N PHE NA 15 30.83 37.09 0.04
CA PHE NA 15 30.15 35.95 -0.52
C PHE NA 15 31.08 34.94 -1.20
N GLY NA 16 32.38 35.19 -1.17
CA GLY NA 16 33.31 34.47 -2.03
C GLY NA 16 33.29 32.97 -1.83
N LYS NA 17 33.88 32.26 -2.80
CA LYS NA 17 33.98 30.81 -2.70
C LYS NA 17 34.49 30.41 -1.32
N ASP NA 18 35.50 31.12 -0.84
CA ASP NA 18 35.83 31.11 0.57
C ASP NA 18 35.12 32.30 1.19
N SER NA 19 34.10 31.98 1.97
CA SER NA 19 33.39 32.95 2.77
C SER NA 19 32.69 32.22 3.88
N SER NA 20 32.40 32.94 4.95
CA SER NA 20 31.62 32.37 6.02
C SER NA 20 30.32 31.86 5.42
N VAL NA 21 29.55 32.79 4.86
CA VAL NA 21 28.18 32.52 4.42
C VAL NA 21 28.12 31.23 3.63
N VAL NA 22 28.99 31.10 2.65
CA VAL NA 22 29.01 29.88 1.84
C VAL NA 22 29.07 28.66 2.74
N LYS NA 23 30.07 28.63 3.62
CA LYS NA 23 30.23 27.51 4.52
C LYS NA 23 28.99 27.31 5.37
N TRP NA 24 28.37 28.41 5.80
CA TRP NA 24 27.09 28.32 6.51
C TRP NA 24 26.10 27.44 5.77
N VAL NA 25 25.93 27.71 4.48
CA VAL NA 25 24.86 27.06 3.73
C VAL NA 25 24.94 25.56 3.86
N VAL NA 26 25.99 24.97 3.28
CA VAL NA 26 26.10 23.53 3.23
C VAL NA 26 25.99 22.93 4.62
N LEU NA 27 26.51 23.65 5.61
CA LEU NA 27 26.39 23.18 6.98
C LEU NA 27 24.96 22.79 7.30
N ALA NA 28 24.08 23.78 7.38
CA ALA NA 28 22.68 23.50 7.65
C ALA NA 28 22.13 22.50 6.65
N GLU NA 29 22.56 22.60 5.39
CA GLU NA 29 22.18 21.59 4.42
C GLU NA 29 22.53 20.20 4.91
N VAL NA 30 23.78 19.99 5.31
CA VAL NA 30 24.14 18.72 5.89
C VAL NA 30 23.18 18.34 7.00
N LEU NA 31 22.88 19.29 7.87
CA LEU NA 31 21.99 19.00 8.99
C LEU NA 31 20.65 18.51 8.51
N VAL NA 32 19.89 19.38 7.85
CA VAL NA 32 18.50 19.10 7.54
C VAL NA 32 18.37 17.78 6.80
N GLY NA 33 19.25 17.54 5.82
CA GLY NA 33 19.22 16.27 5.14
C GLY NA 33 19.35 15.12 6.12
N ALA NA 34 20.40 15.14 6.92
CA ALA NA 34 20.53 14.15 7.99
C ALA NA 34 19.28 14.13 8.85
N VAL NA 35 18.79 15.30 9.22
CA VAL NA 35 17.52 15.37 9.92
C VAL NA 35 16.45 14.64 9.13
N MET NA 36 16.16 15.13 7.92
CA MET NA 36 15.09 14.56 7.11
C MET NA 36 15.19 13.06 7.04
N TYR NA 37 16.40 12.52 6.85
CA TYR NA 37 16.51 11.09 6.66
C TYR NA 37 15.94 10.33 7.84
N MET NA 38 16.18 10.81 9.05
CA MET NA 38 15.56 10.18 10.21
C MET NA 38 14.07 10.04 10.00
N MET NA 39 13.41 11.14 9.64
CA MET NA 39 11.99 11.09 9.38
C MET NA 39 11.68 10.18 8.20
N THR NA 40 12.32 10.42 7.07
CA THR NA 40 11.93 9.75 5.84
C THR NA 40 12.43 8.33 5.77
N LYS NA 41 13.70 8.13 6.09
CA LYS NA 41 14.37 6.86 5.84
C LYS NA 41 14.33 6.52 4.36
N ASN NA 42 14.39 7.55 3.54
CA ASN NA 42 14.56 7.39 2.11
C ASN NA 42 15.92 7.90 1.73
N VAL NA 43 16.49 7.35 0.67
CA VAL NA 43 17.72 7.95 0.23
C VAL NA 43 17.30 9.04 -0.72
N LYS NA 44 17.37 10.25 -0.23
CA LYS NA 44 17.04 11.44 -0.99
C LYS NA 44 18.06 12.52 -0.73
N PHE NA 45 18.20 12.89 0.52
CA PHE NA 45 18.64 14.20 0.93
C PHE NA 45 20.15 14.35 0.87
N LEU NA 46 20.87 13.33 0.47
CA LEU NA 46 22.30 13.49 0.34
C LEU NA 46 22.64 13.70 -1.12
N ALA NA 47 22.58 14.95 -1.55
CA ALA NA 47 22.88 15.27 -2.93
C ALA NA 47 23.51 16.65 -3.08
N GLY NA 48 22.66 17.67 -2.95
CA GLY NA 48 23.14 19.03 -2.92
C GLY NA 48 24.17 19.21 -1.84
N PHE NA 49 24.13 18.33 -0.85
CA PHE NA 49 25.23 18.11 0.06
C PHE NA 49 26.52 18.19 -0.73
N ALA NA 50 26.70 17.27 -1.66
CA ALA NA 50 27.73 17.44 -2.67
C ALA NA 50 27.32 18.40 -3.77
N ILE NA 51 26.10 18.28 -4.27
CA ILE NA 51 25.73 18.95 -5.51
C ILE NA 51 25.76 20.45 -5.35
N ILE NA 52 25.05 20.98 -4.35
CA ILE NA 52 25.04 22.42 -4.17
C ILE NA 52 26.46 22.94 -4.11
N SER NA 53 27.34 22.19 -3.45
CA SER NA 53 28.73 22.60 -3.38
C SER NA 53 29.27 22.85 -4.78
N VAL NA 54 29.23 21.84 -5.64
CA VAL NA 54 29.70 22.07 -6.99
C VAL NA 54 28.76 23.03 -7.71
N PHE NA 55 27.47 22.95 -7.42
CA PHE NA 55 26.58 24.00 -7.89
C PHE NA 55 27.07 25.37 -7.45
N ILE NA 56 27.35 25.53 -6.16
CA ILE NA 56 27.99 26.75 -5.71
C ILE NA 56 29.21 27.03 -6.56
N ALA NA 57 30.09 26.03 -6.66
CA ALA NA 57 31.34 26.19 -7.38
C ALA NA 57 31.09 26.77 -8.77
N VAL NA 58 30.18 26.16 -9.53
CA VAL NA 58 30.02 26.55 -10.91
C VAL NA 58 29.52 27.99 -11.01
N GLY NA 59 28.42 28.30 -10.32
CA GLY NA 59 27.94 29.67 -10.36
C GLY NA 59 28.97 30.66 -9.87
N MET NA 60 29.58 30.36 -8.73
CA MET NA 60 30.75 31.14 -8.33
C MET NA 60 31.75 31.21 -9.46
N ALA NA 61 32.08 30.08 -10.06
CA ALA NA 61 32.94 30.10 -11.23
C ALA NA 61 32.28 30.84 -12.38
N VAL NA 62 30.97 30.69 -12.54
CA VAL NA 62 30.28 31.41 -13.60
C VAL NA 62 30.45 32.90 -13.40
N VAL NA 63 30.00 33.42 -12.28
CA VAL NA 63 30.07 34.85 -12.08
C VAL NA 63 31.47 35.19 -11.60
N GLY NA 64 31.75 34.87 -10.35
CA GLY NA 64 33.05 35.24 -9.78
C GLY NA 64 33.43 36.67 -10.03
N LEU NA 65 32.48 37.59 -9.85
CA LEU NA 65 32.70 38.99 -10.15
C LEU NA 65 33.17 39.15 -11.60
N GLN OA 1 18.17 67.36 -33.64
CA GLN OA 1 19.46 67.76 -33.07
C GLN OA 1 20.03 66.69 -32.16
N ASP OA 2 20.59 67.15 -31.05
CA ASP OA 2 21.11 66.27 -30.03
C ASP OA 2 20.04 65.98 -28.98
N LEU OA 3 19.78 64.70 -28.76
CA LEU OA 3 18.88 64.32 -27.70
C LEU OA 3 19.60 64.56 -26.37
N MET OA 4 18.97 65.32 -25.50
CA MET OA 4 19.74 65.84 -24.38
C MET OA 4 20.12 64.75 -23.39
N ALA OA 5 19.28 63.74 -23.23
CA ALA OA 5 19.66 62.64 -22.36
C ALA OA 5 20.88 61.88 -22.89
N SER OA 6 21.35 62.21 -24.09
CA SER OA 6 22.49 61.52 -24.65
C SER OA 6 23.76 61.94 -23.94
N GLY OA 7 24.88 61.49 -24.49
CA GLY OA 7 26.10 61.55 -23.75
C GLY OA 7 25.98 60.64 -22.54
N ASN OA 8 26.87 60.87 -21.60
CA ASN OA 8 26.89 60.11 -20.36
C ASN OA 8 27.06 58.62 -20.69
N THR OA 9 26.06 57.82 -20.35
CA THR OA 9 26.05 56.41 -20.66
C THR OA 9 27.25 55.69 -20.05
N THR OA 10 27.86 56.29 -19.05
CA THR OA 10 28.46 55.48 -18.00
C THR OA 10 27.39 54.60 -17.39
N VAL OA 11 26.15 54.98 -17.63
CA VAL OA 11 24.97 54.17 -17.46
C VAL OA 11 25.28 52.79 -17.99
N LYS OA 12 25.81 52.74 -19.21
CA LYS OA 12 26.27 51.45 -19.72
C LYS OA 12 27.29 50.85 -18.79
N ALA OA 13 28.40 51.56 -18.58
CA ALA OA 13 29.38 51.08 -17.62
C ALA OA 13 28.71 50.68 -16.33
N THR OA 14 27.76 51.50 -15.87
CA THR OA 14 27.04 51.17 -14.66
C THR OA 14 26.35 49.82 -14.76
N PHE OA 15 25.56 49.63 -15.81
CA PHE OA 15 24.72 48.46 -15.93
C PHE OA 15 25.25 47.43 -16.92
N GLY OA 16 26.41 47.67 -17.53
CA GLY OA 16 26.83 46.91 -18.68
C GLY OA 16 26.94 45.43 -18.43
N LYS OA 17 27.04 44.68 -19.54
CA LYS OA 17 27.21 43.23 -19.44
C LYS OA 17 28.30 42.90 -18.46
N ASP OA 18 29.40 43.63 -18.54
CA ASP OA 18 30.36 43.68 -17.44
C ASP OA 18 29.99 44.90 -16.61
N SER OA 19 29.46 44.61 -15.42
CA SER OA 19 29.19 45.62 -14.43
C SER OA 19 29.11 44.93 -13.09
N SER OA 20 29.34 45.71 -12.05
CA SER OA 20 29.16 45.18 -10.71
C SER OA 20 27.74 44.65 -10.62
N VAL OA 21 26.78 45.55 -10.79
CA VAL OA 21 25.38 45.25 -10.51
C VAL OA 21 24.98 43.93 -11.13
N VAL OA 22 25.28 43.75 -12.41
CA VAL OA 22 24.95 42.51 -13.07
C VAL OA 22 25.45 41.34 -12.26
N LYS OA 23 26.75 41.34 -11.95
CA LYS OA 23 27.34 40.27 -11.18
C LYS OA 23 26.63 40.10 -9.85
N TRP OA 24 26.27 41.21 -9.21
CA TRP OA 24 25.48 41.16 -7.99
C TRP OA 24 24.27 40.26 -8.15
N VAL OA 25 23.51 40.45 -9.22
CA VAL OA 25 22.23 39.77 -9.36
C VAL OA 25 22.40 38.27 -9.22
N VAL OA 26 23.07 37.67 -10.20
CA VAL OA 26 23.17 36.22 -10.24
C VAL OA 26 23.73 35.69 -8.94
N LEU OA 27 24.63 36.45 -8.32
CA LEU OA 27 25.19 36.04 -7.05
C LEU OA 27 24.08 35.67 -6.08
N ALA OA 28 23.32 36.66 -5.64
CA ALA OA 28 22.22 36.39 -4.73
C ALA OA 28 21.29 35.35 -5.32
N GLU OA 29 21.08 35.39 -6.63
CA GLU OA 29 20.31 34.34 -7.27
C GLU OA 29 20.87 32.97 -6.95
N VAL OA 30 22.17 32.78 -7.16
CA VAL OA 30 22.79 31.53 -6.77
C VAL OA 30 22.47 31.21 -5.33
N LEU OA 31 22.58 32.19 -4.46
CA LEU OA 31 22.34 31.96 -3.05
C LEU OA 31 20.93 31.44 -2.83
N VAL OA 32 19.93 32.29 -3.08
CA VAL OA 32 18.57 31.99 -2.70
C VAL OA 32 18.13 30.64 -3.24
N GLY OA 33 18.46 30.36 -4.50
CA GLY OA 33 18.14 29.05 -5.03
C GLY OA 33 18.74 27.94 -4.19
N ALA OA 34 20.05 28.00 -3.97
CA ALA OA 34 20.67 27.07 -3.05
C ALA OA 34 19.98 27.08 -1.70
N VAL OA 35 19.70 28.27 -1.19
CA VAL OA 35 18.90 28.37 0.01
C VAL OA 35 17.60 27.60 -0.16
N MET OA 36 16.76 28.04 -1.09
CA MET OA 36 15.46 27.43 -1.30
C MET OA 36 15.54 25.93 -1.34
N TYR OA 37 16.53 25.39 -2.05
CA TYR OA 37 16.57 23.95 -2.22
C TYR OA 37 16.64 23.24 -0.88
N MET OA 38 17.40 23.78 0.06
CA MET OA 38 17.41 23.19 1.40
C MET OA 38 15.99 23.05 1.92
N MET OA 39 15.23 24.12 1.86
CA MET OA 39 13.85 24.07 2.30
C MET OA 39 13.05 23.10 1.45
N THR OA 40 13.09 23.29 0.13
CA THR OA 40 12.17 22.57 -0.75
C THR OA 40 12.61 21.15 -0.98
N LYS OA 41 13.90 20.96 -1.29
CA LYS OA 41 14.40 19.67 -1.77
C LYS OA 41 13.67 19.26 -3.04
N ASN OA 42 13.32 20.27 -3.84
CA ASN OA 42 12.79 20.04 -5.18
C ASN OA 42 13.81 20.53 -6.16
N VAL OA 43 13.83 19.94 -7.34
CA VAL OA 43 14.71 20.52 -8.34
C VAL OA 43 13.86 21.56 -9.02
N LYS OA 44 14.11 22.80 -8.67
CA LYS OA 44 13.45 23.95 -9.23
C LYS OA 44 14.45 25.04 -9.53
N PHE OA 45 15.15 25.48 -8.50
CA PHE OA 45 15.71 26.79 -8.40
C PHE OA 45 17.01 26.94 -9.17
N LEU OA 46 17.48 25.90 -9.82
CA LEU OA 46 18.69 26.06 -10.60
C LEU OA 46 18.29 26.21 -12.07
N ALA OA 47 18.01 27.44 -12.45
CA ALA OA 47 17.62 27.69 -13.83
C ALA OA 47 18.07 29.06 -14.31
N GLY OA 48 17.36 30.09 -13.84
CA GLY OA 48 17.78 31.45 -14.09
C GLY OA 48 19.19 31.69 -13.63
N PHE OA 49 19.63 30.85 -12.71
CA PHE OA 49 21.03 30.67 -12.41
C PHE OA 49 21.80 30.71 -13.71
N ALA OA 50 21.54 29.76 -14.58
CA ALA OA 50 21.98 29.87 -15.96
C ALA OA 50 21.08 30.78 -16.78
N ILE OA 51 19.77 30.64 -16.65
CA ILE OA 51 18.85 31.26 -17.60
C ILE OA 51 18.92 32.76 -17.52
N ILE OA 52 18.75 33.33 -16.33
CA ILE OA 52 18.80 34.77 -16.21
C ILE OA 52 20.06 35.30 -16.85
N SER OA 53 21.16 34.58 -16.65
CA SER OA 53 22.42 35.00 -17.26
C SER OA 53 22.25 35.19 -18.76
N VAL OA 54 21.82 34.13 -19.46
CA VAL OA 54 21.59 34.31 -20.88
C VAL OA 54 20.42 35.23 -21.11
N PHE OA 55 19.40 35.17 -20.25
CA PHE OA 55 18.37 36.20 -20.28
C PHE OA 55 18.98 37.58 -20.18
N ILE OA 56 19.83 37.79 -19.19
CA ILE OA 56 20.58 39.04 -19.14
C ILE OA 56 21.25 39.27 -20.47
N ALA OA 57 22.01 38.28 -20.93
CA ALA OA 57 22.76 38.41 -22.16
C ALA OA 57 21.88 38.91 -23.29
N VAL OA 58 20.74 38.27 -23.50
CA VAL OA 58 19.95 38.61 -24.68
C VAL OA 58 19.42 40.03 -24.58
N GLY OA 59 18.78 40.38 -23.47
CA GLY OA 59 18.29 41.75 -23.33
C GLY OA 59 19.42 42.75 -23.43
N MET OA 60 20.50 42.51 -22.69
CA MET OA 60 21.69 43.29 -22.91
C MET OA 60 22.05 43.33 -24.39
N ALA OA 61 22.08 42.17 -25.03
CA ALA OA 61 22.30 42.14 -26.46
C ALA OA 61 21.17 42.83 -27.20
N VAL OA 62 19.93 42.66 -26.72
CA VAL OA 62 18.81 43.33 -27.35
C VAL OA 62 19.02 44.84 -27.33
N VAL OA 63 19.14 45.40 -26.14
CA VAL OA 63 19.26 46.84 -26.05
C VAL OA 63 20.71 47.21 -26.31
N GLY OA 64 21.57 46.94 -25.32
CA GLY OA 64 22.96 47.34 -25.43
C GLY OA 64 23.14 48.76 -25.89
N LEU OA 65 22.38 49.67 -25.32
CA LEU OA 65 22.40 51.07 -25.75
C LEU OA 65 22.14 51.16 -27.25
N GLN PA 1 -1.97 78.41 -40.74
CA GLN PA 1 -0.58 78.85 -40.86
C GLN PA 1 0.37 77.82 -40.29
N ASP PA 2 1.38 78.33 -39.59
CA ASP PA 2 2.33 77.48 -38.89
C ASP PA 2 1.88 77.24 -37.45
N LEU PA 3 1.77 75.97 -37.09
CA LEU PA 3 1.49 75.63 -35.72
C LEU PA 3 2.74 75.93 -34.89
N MET PA 4 2.58 76.72 -33.86
CA MET PA 4 3.76 77.29 -33.23
C MET PA 4 4.58 76.25 -32.50
N ALA PA 5 3.93 75.24 -31.93
CA ALA PA 5 4.70 74.18 -31.31
C ALA PA 5 5.54 73.40 -32.31
N SER PA 6 5.39 73.67 -33.59
CA SER PA 6 6.15 72.96 -34.61
C SER PA 6 7.60 73.41 -34.60
N GLY PA 7 8.34 72.94 -35.57
CA GLY PA 7 9.76 73.03 -35.50
C GLY PA 7 10.24 72.18 -34.34
N ASN PA 8 11.46 72.45 -33.93
CA ASN PA 8 12.07 71.73 -32.82
C ASN PA 8 12.10 70.25 -33.13
N THR PA 9 11.40 69.46 -32.34
CA THR PA 9 11.27 68.03 -32.55
C THR PA 9 12.63 67.33 -32.56
N THR PA 10 13.62 67.98 -31.96
CA THR PA 10 14.66 67.21 -31.29
C THR PA 10 14.02 66.37 -30.23
N VAL PA 11 12.80 66.73 -29.87
CA VAL PA 11 11.85 65.93 -29.14
C VAL PA 11 11.91 64.52 -29.70
N LYS PA 12 11.81 64.42 -31.02
CA LYS PA 12 12.00 63.13 -31.64
C LYS PA 12 13.35 62.56 -31.27
N ALA PA 13 14.41 63.27 -31.64
CA ALA PA 13 15.74 62.84 -31.23
C ALA PA 13 15.76 62.49 -29.76
N THR PA 14 15.12 63.32 -28.94
CA THR PA 14 15.05 63.05 -27.52
C THR PA 14 14.42 61.70 -27.24
N PHE PA 15 13.24 61.46 -27.79
CA PHE PA 15 12.46 60.28 -27.46
C PHE PA 15 12.48 59.21 -28.55
N GLY PA 16 13.22 59.44 -29.63
CA GLY PA 16 13.07 58.63 -30.83
C GLY PA 16 13.32 57.15 -30.60
N LYS PA 17 12.90 56.35 -31.59
CA LYS PA 17 13.13 54.92 -31.53
C LYS PA 17 14.56 54.63 -31.16
N ASP PA 18 15.49 55.36 -31.76
CA ASP PA 18 16.84 55.46 -31.26
C ASP PA 18 16.87 56.70 -30.39
N SER PA 19 16.96 56.46 -29.09
CA SER PA 19 17.17 57.52 -28.12
C SER PA 19 17.74 56.88 -26.87
N SER PA 20 18.42 57.70 -26.09
CA SER PA 20 18.89 57.24 -24.80
C SER PA 20 17.69 56.71 -24.04
N VAL PA 21 16.75 57.60 -23.77
CA VAL PA 21 15.64 57.31 -22.86
C VAL PA 21 15.01 55.96 -23.17
N VAL PA 22 14.70 55.73 -24.43
CA VAL PA 22 14.11 54.46 -24.82
C VAL PA 22 14.97 53.32 -24.30
N LYS PA 23 16.24 53.34 -24.63
CA LYS PA 23 17.15 52.30 -24.19
C LYS PA 23 17.16 52.19 -22.67
N TRP PA 24 17.10 53.33 -21.99
CA TRP PA 24 16.98 53.33 -20.54
C TRP PA 24 15.86 52.42 -20.08
N VAL PA 25 14.68 52.57 -20.67
CA VAL PA 25 13.50 51.88 -20.17
C VAL PA 25 13.75 50.39 -20.07
N VAL PA 26 13.89 49.75 -21.22
CA VAL PA 26 14.00 48.30 -21.26
C VAL PA 26 15.11 47.83 -20.35
N LEU PA 27 16.18 48.60 -20.25
CA LEU PA 27 17.28 48.26 -19.37
C LEU PA 27 16.75 47.93 -17.99
N ALA PA 28 16.26 48.93 -17.28
CA ALA PA 28 15.72 48.70 -15.96
C ALA PA 28 14.64 47.63 -15.99
N GLU PA 29 13.84 47.62 -17.05
CA GLU PA 29 12.89 46.55 -17.23
C GLU PA 29 13.56 45.19 -17.15
N VAL PA 30 14.61 44.99 -17.94
CA VAL PA 30 15.37 43.76 -17.85
C VAL PA 30 15.76 43.49 -16.40
N LEU PA 31 16.25 44.51 -15.73
CA LEU PA 31 16.70 44.34 -14.35
C LEU PA 31 15.56 43.83 -13.48
N VAL PA 32 14.55 44.67 -13.27
CA VAL PA 32 13.52 44.39 -12.29
C VAL PA 32 12.92 43.01 -12.51
N GLY PA 33 12.62 42.67 -13.77
CA GLY PA 33 12.12 41.34 -14.04
C GLY PA 33 13.06 40.28 -13.53
N ALA PA 34 14.32 40.34 -13.95
CA ALA PA 34 15.32 39.46 -13.40
C ALA PA 34 15.33 39.53 -11.89
N VAL PA 35 15.30 40.73 -11.34
CA VAL PA 35 15.15 40.88 -9.91
C VAL PA 35 13.94 40.11 -9.42
N MET PA 36 12.76 40.51 -9.89
CA MET PA 36 11.53 39.89 -9.43
C MET PA 36 11.61 38.38 -9.45
N TYR PA 37 12.17 37.82 -10.52
CA TYR PA 37 12.14 36.37 -10.63
C TYR PA 37 12.84 35.72 -9.46
N MET PA 38 13.95 36.29 -9.00
CA MET PA 38 14.59 35.77 -7.80
C MET PA 38 13.58 35.65 -6.68
N MET PA 39 12.86 36.71 -6.42
CA MET PA 39 11.85 36.68 -5.38
C MET PA 39 10.76 35.67 -5.72
N THR PA 40 10.17 35.81 -6.91
CA THR PA 40 8.97 35.06 -7.23
C THR PA 40 9.29 33.62 -7.59
N LYS PA 41 10.27 33.42 -8.45
CA LYS PA 41 10.51 32.12 -9.06
C LYS PA 41 9.29 31.65 -9.83
N ASN PA 42 8.59 32.61 -10.40
CA ASN PA 42 7.50 32.33 -11.33
C ASN PA 42 7.94 32.79 -12.71
N VAL PA 43 7.42 32.14 -13.74
CA VAL PA 43 7.71 32.69 -15.05
C VAL PA 43 6.62 33.70 -15.29
N LYS PA 44 6.99 34.95 -15.14
CA LYS PA 44 6.11 36.08 -15.37
C LYS PA 44 6.83 37.15 -16.15
N PHE PA 45 7.92 37.62 -15.58
CA PHE PA 45 8.44 38.95 -15.80
C PHE PA 45 9.23 39.07 -17.08
N LEU PA 46 9.35 38.00 -17.84
CA LEU PA 46 10.06 38.12 -19.11
C LEU PA 46 9.02 38.21 -20.22
N ALA PA 47 8.57 39.43 -20.48
CA ALA PA 47 7.57 39.62 -21.53
C ALA PA 47 7.73 40.97 -22.22
N GLY PA 48 7.29 42.01 -21.50
CA GLY PA 48 7.52 43.37 -21.96
C GLY PA 48 8.98 43.62 -22.23
N PHE PA 49 9.82 42.83 -21.58
CA PHE PA 49 11.21 42.65 -21.97
C PHE PA 49 11.27 42.64 -23.48
N ALA PA 50 10.66 41.66 -24.09
CA ALA PA 50 10.40 41.72 -25.52
C ALA PA 50 9.20 42.59 -25.85
N ILE PA 51 8.11 42.45 -25.12
CA ILE PA 51 6.84 43.02 -25.55
C ILE PA 51 6.91 44.53 -25.58
N ILE PA 52 7.30 45.15 -24.47
CA ILE PA 52 7.36 46.60 -24.44
C ILE PA 52 8.18 47.09 -25.62
N SER PA 53 9.25 46.39 -25.93
CA SER PA 53 10.07 46.77 -27.07
C SER PA 53 9.22 46.90 -28.31
N VAL PA 54 8.54 45.82 -28.69
CA VAL PA 54 7.67 45.93 -29.85
C VAL PA 54 6.50 46.84 -29.54
N PHE PA 55 6.01 46.82 -28.30
CA PHE PA 55 5.07 47.84 -27.89
C PHE PA 55 5.62 49.23 -28.13
N ILE PA 56 6.84 49.49 -27.66
CA ILE PA 56 7.49 50.73 -28.01
C ILE PA 56 7.46 50.92 -29.51
N ALA PA 57 7.94 49.90 -30.23
CA ALA PA 57 8.03 49.99 -31.68
C ALA PA 57 6.71 50.44 -32.29
N VAL PA 58 5.62 49.78 -31.91
CA VAL PA 58 4.36 50.06 -32.59
C VAL PA 58 3.91 51.50 -32.32
N GLY PA 59 3.84 51.89 -31.05
CA GLY PA 59 3.46 53.26 -30.74
C GLY PA 59 4.38 54.26 -31.39
N MET PA 60 5.69 54.05 -31.24
CA MET PA 60 6.63 54.83 -32.02
C MET PA 60 6.26 54.80 -33.49
N ALA PA 61 6.01 53.61 -34.03
CA ALA PA 61 5.53 53.52 -35.40
C ALA PA 61 4.17 54.18 -35.54
N VAL PA 62 3.31 54.03 -34.54
CA VAL PA 62 2.00 54.68 -34.60
C VAL PA 62 2.17 56.18 -34.73
N VAL PA 63 2.82 56.79 -33.76
CA VAL PA 63 2.94 58.24 -33.80
C VAL PA 63 4.11 58.59 -34.70
N GLY PA 64 5.32 58.38 -34.22
CA GLY PA 64 6.49 58.76 -34.99
C GLY PA 64 6.41 60.16 -35.54
N LEU PA 65 5.98 61.11 -34.70
CA LEU PA 65 5.77 62.48 -35.15
C LEU PA 65 4.84 62.51 -36.35
N GLN QA 1 -23.34 89.23 -37.92
CA GLN QA 1 -22.18 89.64 -38.70
C GLN QA 1 -21.04 88.64 -38.60
N ASP QA 2 -19.84 89.18 -38.49
CA ASP QA 2 -18.66 88.36 -38.30
C ASP QA 2 -18.37 88.18 -36.81
N LEU QA 3 -18.27 86.92 -36.40
CA LEU QA 3 -17.86 86.65 -35.03
C LEU QA 3 -16.38 86.97 -34.91
N MET QA 4 -16.04 87.82 -33.95
CA MET QA 4 -14.71 88.41 -33.99
C MET QA 4 -13.63 87.39 -33.69
N ALA QA 5 -13.91 86.42 -32.84
CA ALA QA 5 -12.91 85.38 -32.61
C ALA QA 5 -12.64 84.56 -33.87
N SER QA 6 -13.39 84.77 -34.94
CA SER QA 6 -13.18 84.01 -36.16
C SER QA 6 -11.90 84.46 -36.85
N GLY QA 7 -11.72 83.95 -38.05
CA GLY QA 7 -10.42 84.04 -38.66
C GLY QA 7 -9.45 83.23 -37.83
N ASN QA 8 -8.17 83.51 -38.06
CA ASN QA 8 -7.10 82.85 -37.34
C ASN QA 8 -7.19 81.35 -37.58
N THR QA 9 -7.42 80.59 -36.51
CA THR QA 9 -7.61 79.15 -36.58
C THR QA 9 -6.41 78.46 -37.20
N THR QA 10 -5.26 79.13 -37.18
CA THR QA 10 -4.02 78.39 -37.05
C THR QA 10 -4.06 77.59 -35.77
N VAL QA 11 -4.98 77.97 -34.90
CA VAL QA 11 -5.45 77.20 -33.77
C VAL QA 11 -5.65 75.78 -34.25
N LYS QA 12 -6.36 75.62 -35.36
CA LYS QA 12 -6.46 74.29 -35.94
C LYS QA 12 -5.09 73.74 -36.23
N ALA QA 13 -4.33 74.44 -37.08
CA ALA QA 13 -2.97 74.02 -37.34
C ALA QA 13 -2.24 73.74 -36.04
N THR QA 14 -2.44 74.60 -35.05
CA THR QA 14 -1.82 74.39 -33.75
C THR QA 14 -2.21 73.05 -33.17
N PHE QA 15 -3.51 72.80 -33.06
CA PHE QA 15 -4.02 71.64 -32.36
C PHE QA 15 -4.50 70.52 -33.29
N GLY QA 16 -4.36 70.70 -34.60
CA GLY QA 16 -5.05 69.84 -35.55
C GLY QA 16 -4.70 68.37 -35.41
N LYS QA 17 -5.52 67.53 -36.05
CA LYS QA 17 -5.27 66.10 -36.05
C LYS QA 17 -3.83 65.82 -36.39
N ASP QA 18 -3.31 66.52 -37.40
CA ASP QA 18 -1.88 66.64 -37.59
C ASP QA 18 -1.45 67.92 -36.89
N SER QA 19 -0.76 67.74 -35.78
CA SER QA 19 -0.13 68.83 -35.07
C SER QA 19 0.96 68.25 -34.22
N SER QA 20 1.93 69.09 -33.87
CA SER QA 20 2.96 68.68 -32.95
C SER QA 20 2.27 68.19 -31.69
N VAL QA 21 1.55 69.10 -31.04
CA VAL QA 21 1.01 68.86 -29.71
C VAL QA 21 0.34 67.50 -29.63
N VAL QA 22 -0.54 67.21 -30.58
CA VAL QA 22 -1.21 65.92 -30.60
C VAL QA 22 -0.19 64.80 -30.50
N LYS QA 23 0.78 64.81 -31.40
CA LYS QA 23 1.80 63.78 -31.40
C LYS QA 23 2.53 63.74 -30.06
N TRP QA 24 2.79 64.91 -29.48
CA TRP QA 24 3.37 64.97 -28.14
C TRP QA 24 2.61 64.08 -27.17
N VAL QA 25 1.28 64.20 -27.14
CA VAL QA 25 0.49 63.55 -26.12
C VAL QA 25 0.79 62.06 -26.08
N VAL QA 26 0.38 61.36 -27.14
CA VAL QA 26 0.48 59.92 -27.17
C VAL QA 26 1.89 59.48 -26.88
N LEU QA 27 2.87 60.26 -27.33
CA LEU QA 27 4.26 59.95 -27.06
C LEU QA 27 4.46 59.68 -25.58
N ALA QA 28 4.35 60.72 -24.76
CA ALA QA 28 4.50 60.54 -23.33
C ALA QA 28 3.55 59.48 -22.81
N GLU QA 29 2.34 59.43 -23.38
CA GLU QA 29 1.44 58.34 -23.03
C GLU QA 29 2.09 57.00 -23.23
N VAL QA 30 2.64 56.76 -24.42
CA VAL QA 30 3.38 55.53 -24.64
C VAL QA 30 4.41 55.32 -23.55
N LEU QA 31 5.15 56.37 -23.22
CA LEU QA 31 6.19 56.25 -22.22
C LEU QA 31 5.62 55.78 -20.90
N VAL QA 32 4.81 56.63 -20.27
CA VAL QA 32 4.37 56.40 -18.89
C VAL QA 32 3.76 55.01 -18.75
N GLY QA 33 2.91 54.62 -19.70
CA GLY QA 33 2.36 53.29 -19.65
C GLY QA 33 3.45 52.25 -19.61
N ALA QA 34 4.35 52.29 -20.59
CA ALA QA 34 5.52 51.42 -20.54
C ALA QA 34 6.24 51.55 -19.21
N VAL QA 35 6.44 52.79 -18.77
CA VAL QA 35 7.00 52.99 -17.44
C VAL QA 35 6.18 52.24 -16.42
N MET QA 36 4.91 52.63 -16.27
CA MET QA 36 4.05 52.03 -15.26
C MET QA 36 4.13 50.53 -15.26
N TYR QA 37 4.13 49.91 -16.44
CA TYR QA 37 4.08 48.46 -16.47
C TYR QA 37 5.27 47.86 -15.75
N MET QA 38 6.45 48.45 -15.89
CA MET QA 38 7.59 47.98 -15.12
C MET QA 38 7.24 47.90 -13.65
N MET QA 39 6.70 48.99 -13.11
CA MET QA 39 6.30 48.99 -11.73
C MET QA 39 5.21 47.98 -11.47
N THR QA 40 4.13 48.06 -12.24
CA THR QA 40 2.92 47.30 -11.92
C THR QA 40 3.05 45.85 -12.34
N LYS QA 41 3.52 45.61 -13.55
CA LYS QA 41 3.47 44.29 -14.16
C LYS QA 41 2.03 43.79 -14.24
N ASN QA 42 1.12 44.73 -14.45
CA ASN QA 42 -0.26 44.41 -14.74
C ASN QA 42 -0.54 44.80 -16.17
N VAL QA 43 -1.48 44.12 -16.81
CA VAL QA 43 -1.84 44.60 -18.11
C VAL QA 43 -2.94 45.61 -17.86
N LYS QA 44 -2.56 46.86 -17.95
CA LYS QA 44 -3.46 47.99 -17.78
C LYS QA 44 -3.21 49.02 -18.84
N PHE QA 45 -2.00 49.52 -18.88
CA PHE QA 45 -1.68 50.84 -19.37
C PHE QA 45 -1.58 50.90 -20.87
N LEU QA 46 -1.81 49.79 -21.57
CA LEU QA 46 -1.79 49.87 -23.01
C LEU QA 46 -3.23 49.90 -23.51
N ALA QA 47 -3.78 51.11 -23.56
CA ALA QA 47 -5.15 51.26 -24.03
C ALA QA 47 -5.37 52.57 -24.76
N GLY QA 48 -5.43 53.65 -23.96
CA GLY QA 48 -5.48 54.99 -24.53
C GLY QA 48 -4.31 55.22 -25.46
N PHE QA 49 -3.26 54.45 -25.27
CA PHE QA 49 -2.22 54.26 -26.26
C PHE QA 49 -2.87 54.19 -27.62
N ALA QA 50 -3.69 53.17 -27.83
CA ALA QA 50 -4.60 53.18 -28.96
C ALA QA 50 -5.82 54.04 -28.72
N ILE QA 51 -6.44 53.92 -27.55
CA ILE QA 51 -7.76 54.49 -27.35
C ILE QA 51 -7.75 55.99 -27.46
N ILE QA 52 -6.88 56.66 -26.69
CA ILE QA 52 -6.85 58.11 -26.76
C ILE QA 52 -6.68 58.54 -28.19
N SER QA 53 -5.87 57.82 -28.96
CA SER QA 53 -5.70 58.17 -30.36
C SER QA 53 -7.04 58.24 -31.05
N VAL QA 54 -7.80 57.15 -31.03
CA VAL QA 54 -9.12 57.21 -31.64
C VAL QA 54 -10.02 58.15 -30.85
N PHE QA 55 -9.87 58.17 -29.52
CA PHE QA 55 -10.52 59.20 -28.75
C PHE QA 55 -10.16 60.58 -29.28
N ILE QA 56 -8.88 60.86 -29.46
CA ILE QA 56 -8.49 62.09 -30.12
C ILE QA 56 -9.23 62.20 -31.44
N ALA QA 57 -9.14 61.15 -32.26
CA ALA QA 57 -9.74 61.18 -33.58
C ALA QA 57 -11.19 61.60 -33.50
N VAL QA 58 -11.98 60.97 -32.64
CA VAL QA 58 -13.41 61.24 -32.65
C VAL QA 58 -13.70 62.67 -32.25
N GLY QA 59 -13.15 63.13 -31.12
CA GLY QA 59 -13.38 64.51 -30.72
C GLY QA 59 -12.89 65.47 -31.76
N MET QA 60 -11.67 65.27 -32.25
CA MET QA 60 -11.22 66.02 -33.41
C MET QA 60 -12.24 65.92 -34.52
N ALA QA 61 -12.69 64.71 -34.83
CA ALA QA 61 -13.76 64.56 -35.81
C ALA QA 61 -15.04 65.21 -35.31
N VAL QA 62 -15.32 65.11 -34.01
CA VAL QA 62 -16.51 65.77 -33.48
C VAL QA 62 -16.45 67.26 -33.73
N VAL QA 63 -15.43 67.91 -33.20
CA VAL QA 63 -15.36 69.36 -33.36
C VAL QA 63 -14.78 69.66 -34.71
N GLY QA 64 -13.48 69.46 -34.87
CA GLY QA 64 -12.82 69.80 -36.11
C GLY QA 64 -13.16 71.18 -36.60
N LEU QA 65 -13.17 72.17 -35.71
CA LEU QA 65 -13.59 73.52 -36.05
C LEU QA 65 -14.98 73.50 -36.67
N GLN RA 1 -41.07 100.12 -25.68
CA GLN RA 1 -40.44 100.51 -26.93
C GLN RA 1 -39.37 99.51 -27.34
N ASP RA 2 -38.26 100.05 -27.82
CA ASP RA 2 -37.11 99.24 -28.20
C ASP RA 2 -36.15 99.12 -27.02
N LEU RA 3 -35.84 97.88 -26.66
CA LEU RA 3 -34.83 97.67 -25.64
C LEU RA 3 -33.47 98.00 -26.25
N MET RA 4 -32.73 98.89 -25.59
CA MET RA 4 -31.60 99.48 -26.28
C MET RA 4 -30.48 98.47 -26.50
N ALA RA 5 -30.31 97.53 -25.58
CA ALA RA 5 -29.30 96.50 -25.81
C ALA RA 5 -29.64 95.62 -27.01
N SER RA 6 -30.81 95.80 -27.61
CA SER RA 6 -31.19 94.99 -28.75
C SER RA 6 -30.41 95.40 -29.98
N GLY RA 7 -30.80 94.83 -31.11
CA GLY RA 7 -29.95 94.90 -32.26
C GLY RA 7 -28.68 94.13 -31.97
N ASN RA 8 -27.68 94.41 -32.78
CA ASN RA 8 -26.39 93.76 -32.64
C ASN RA 8 -26.55 92.26 -32.75
N THR RA 9 -26.23 91.55 -31.67
CA THR RA 9 -26.40 90.11 -31.58
C THR RA 9 -25.62 89.39 -32.67
N THR RA 10 -24.62 90.06 -33.23
CA THR RA 10 -23.45 89.32 -33.67
C THR RA 10 -22.86 88.58 -32.50
N VAL RA 11 -23.26 89.00 -31.31
CA VAL RA 11 -23.13 88.28 -30.07
C VAL RA 11 -23.48 86.84 -30.34
N LYS RA 12 -24.64 86.63 -30.97
CA LYS RA 12 -24.99 85.28 -31.37
C LYS RA 12 -23.90 84.71 -32.27
N ALA RA 13 -23.65 85.37 -33.40
CA ALA RA 13 -22.57 84.95 -34.26
C ALA RA 13 -21.30 84.72 -33.45
N THR RA 14 -21.02 85.62 -32.52
CA THR RA 14 -19.86 85.46 -31.67
C THR RA 14 -19.90 84.15 -30.90
N PHE RA 15 -20.98 83.91 -30.20
CA PHE RA 15 -21.08 82.77 -29.30
C PHE RA 15 -21.92 81.63 -29.84
N GLY RA 16 -22.43 81.73 -31.06
CA GLY RA 16 -23.46 80.84 -31.53
C GLY RA 16 -23.06 79.39 -31.52
N LYS RA 17 -24.08 78.52 -31.66
CA LYS RA 17 -23.82 77.08 -31.72
C LYS RA 17 -22.71 76.79 -32.70
N ASP RA 18 -22.74 77.45 -33.86
CA ASP RA 18 -21.57 77.55 -34.72
C ASP RA 18 -20.90 78.87 -34.35
N SER RA 19 -19.75 78.74 -33.70
CA SER RA 19 -18.89 79.85 -33.40
C SER RA 19 -17.51 79.30 -33.16
N SER RA 20 -16.52 80.17 -33.35
CA SER RA 20 -15.16 79.80 -33.01
C SER RA 20 -15.16 79.36 -31.56
N VAL RA 21 -15.51 80.29 -30.67
CA VAL RA 21 -15.35 80.11 -29.24
C VAL RA 21 -15.87 78.76 -28.80
N VAL RA 22 -17.09 78.44 -29.22
CA VAL RA 22 -17.66 77.15 -28.86
C VAL RA 22 -16.70 76.03 -29.21
N LYS RA 23 -16.26 76.00 -30.46
CA LYS RA 23 -15.34 74.97 -30.90
C LYS RA 23 -14.07 74.98 -30.08
N TRP RA 24 -13.59 76.18 -29.73
CA TRP RA 24 -12.45 76.29 -28.83
C TRP RA 24 -12.63 75.45 -27.59
N VAL RA 25 -13.79 75.58 -26.94
CA VAL RA 25 -13.98 74.97 -25.63
C VAL RA 25 -13.68 73.48 -25.70
N VAL RA 26 -14.53 72.75 -26.40
CA VAL RA 26 -14.42 71.30 -26.41
C VAL RA 26 -13.03 70.87 -26.81
N LEU RA 27 -12.41 71.63 -27.70
CA LEU RA 27 -11.04 71.33 -28.11
C LEU RA 27 -10.16 71.12 -26.90
N ALA RA 28 -9.90 72.20 -26.17
CA ALA RA 28 -9.07 72.09 -24.98
C ALA RA 28 -9.65 71.05 -24.03
N GLU RA 29 -10.98 70.97 -23.95
CA GLU RA 29 -11.58 69.90 -23.18
C GLU RA 29 -11.07 68.55 -23.61
N VAL RA 30 -11.14 68.26 -24.90
CA VAL RA 30 -10.58 67.01 -25.41
C VAL RA 30 -9.14 66.85 -24.92
N LEU RA 31 -8.37 67.92 -25.03
CA LEU RA 31 -6.97 67.84 -24.64
C LEU RA 31 -6.83 67.44 -23.19
N VAL RA 32 -7.27 68.31 -22.28
CA VAL RA 32 -6.99 68.14 -20.86
C VAL RA 32 -7.44 66.77 -20.39
N GLY RA 33 -8.63 66.33 -20.81
CA GLY RA 33 -9.06 65.00 -20.46
C GLY RA 33 -8.06 63.96 -20.90
N ALA RA 34 -7.72 63.95 -22.18
CA ALA RA 34 -6.67 63.09 -22.65
C ALA RA 34 -5.41 63.28 -21.84
N VAL RA 35 -5.04 64.53 -21.60
CA VAL RA 35 -3.92 64.80 -20.70
C VAL RA 35 -4.15 64.10 -19.37
N MET RA 36 -5.20 64.48 -18.66
CA MET RA 36 -5.47 63.93 -17.33
C MET RA 36 -5.36 62.43 -17.32
N TYR RA 37 -5.91 61.76 -18.34
CA TYR RA 37 -5.94 60.32 -18.29
C TYR RA 37 -4.54 59.74 -18.20
N MET RA 38 -3.58 60.33 -18.91
CA MET RA 38 -2.20 59.88 -18.75
C MET RA 38 -1.80 59.87 -17.28
N MET RA 39 -2.05 60.98 -16.61
CA MET RA 39 -1.74 61.05 -15.19
C MET RA 39 -2.57 60.05 -14.41
N THR RA 40 -3.88 60.09 -14.57
CA THR RA 40 -4.78 59.35 -13.69
C THR RA 40 -4.82 57.88 -14.07
N LYS RA 41 -4.99 57.60 -15.35
CA LYS RA 41 -5.29 56.25 -15.79
C LYS RA 41 -6.59 55.75 -15.17
N ASN RA 42 -7.51 56.67 -14.96
CA ASN RA 42 -8.86 56.35 -14.54
C ASN RA 42 -9.79 56.68 -15.68
N VAL RA 43 -10.90 55.97 -15.76
CA VAL RA 43 -11.85 56.40 -16.76
C VAL RA 43 -12.71 57.41 -16.06
N LYS RA 44 -12.45 58.66 -16.36
CA LYS RA 44 -13.19 59.78 -15.83
C LYS RA 44 -13.49 60.77 -16.93
N PHE RA 45 -12.45 61.26 -17.55
CA PHE RA 45 -12.43 62.56 -18.19
C PHE RA 45 -13.07 62.55 -19.55
N LEU RA 46 -13.57 61.42 -20.01
CA LEU RA 46 -14.24 61.43 -21.29
C LEU RA 46 -15.74 61.45 -21.05
N ALA RA 47 -16.28 62.66 -20.89
CA ALA RA 47 -17.70 62.79 -20.64
C ALA RA 47 -18.27 64.06 -21.23
N GLY RA 48 -17.97 65.18 -20.55
CA GLY RA 48 -18.30 66.48 -21.08
C GLY RA 48 -17.74 66.68 -22.46
N PHE RA 49 -16.69 65.92 -22.75
CA PHE RA 49 -16.25 65.68 -24.11
C PHE RA 49 -17.47 65.56 -24.99
N ALA RA 50 -18.27 64.52 -24.75
CA ALA RA 50 -19.60 64.48 -25.32
C ALA RA 50 -20.58 65.36 -24.56
N ILE RA 51 -20.56 65.30 -23.23
CA ILE RA 51 -21.66 65.87 -22.45
C ILE RA 51 -21.72 67.37 -22.62
N ILE RA 52 -20.60 68.06 -22.38
CA ILE RA 52 -20.63 69.51 -22.51
C ILE RA 52 -21.18 69.89 -23.86
N SER RA 53 -20.82 69.13 -24.89
CA SER RA 53 -21.33 69.41 -26.22
C SER RA 53 -22.85 69.46 -26.19
N VAL RA 54 -23.48 68.36 -25.76
CA VAL RA 54 -24.93 68.41 -25.67
C VAL RA 54 -25.36 69.37 -24.59
N PHE RA 55 -24.60 69.45 -23.50
CA PHE RA 55 -24.84 70.52 -22.56
C PHE RA 55 -24.81 71.87 -23.23
N ILE RA 56 -23.75 72.14 -24.02
CA ILE RA 56 -23.76 73.34 -24.83
C ILE RA 56 -25.04 73.39 -25.64
N ALA RA 57 -25.32 72.31 -26.36
CA ALA RA 57 -26.48 72.28 -27.23
C ALA RA 57 -27.74 72.72 -26.50
N VAL RA 58 -28.00 72.12 -25.34
CA VAL RA 58 -29.27 72.38 -24.68
C VAL RA 58 -29.36 73.84 -24.24
N GLY RA 59 -28.36 74.34 -23.53
CA GLY RA 59 -28.39 75.73 -23.12
C GLY RA 59 -28.47 76.66 -24.31
N MET RA 60 -27.62 76.43 -25.31
CA MET RA 60 -27.80 77.12 -26.58
C MET RA 60 -29.22 76.98 -27.07
N ALA RA 61 -29.75 75.75 -27.07
CA ALA RA 61 -31.15 75.56 -27.41
C ALA RA 61 -32.05 76.24 -26.40
N VAL RA 62 -31.68 76.20 -25.12
CA VAL RA 62 -32.48 76.87 -24.11
C VAL RA 62 -32.58 78.35 -24.42
N VAL RA 63 -31.44 79.03 -24.46
CA VAL RA 63 -31.48 80.46 -24.68
C VAL RA 63 -31.63 80.71 -26.16
N GLY RA 64 -30.54 80.50 -26.91
CA GLY RA 64 -30.56 80.79 -28.34
C GLY RA 64 -31.13 82.15 -28.66
N LEU RA 65 -30.73 83.18 -27.90
CA LEU RA 65 -31.29 84.51 -28.05
C LEU RA 65 -32.81 84.46 -27.93
N GLN SA 1 -50.94 111.62 -6.70
CA GLN SA 1 -50.99 111.94 -8.13
C GLN SA 1 -50.23 110.93 -8.97
N ASP SA 2 -49.51 111.45 -9.95
CA ASP SA 2 -48.66 110.61 -10.78
C ASP SA 2 -47.26 110.55 -10.22
N LEU SA 3 -46.78 109.34 -9.99
CA LEU SA 3 -45.40 109.17 -9.59
C LEU SA 3 -44.51 109.46 -10.78
N MET SA 4 -43.57 110.39 -10.60
CA MET SA 4 -42.92 110.94 -11.78
C MET SA 4 -42.03 109.92 -12.47
N ALA SA 5 -41.41 109.02 -11.71
CA ALA SA 5 -40.62 107.98 -12.36
C ALA SA 5 -41.47 107.06 -13.21
N SER SA 6 -42.79 107.20 -13.17
CA SER SA 6 -43.66 106.34 -13.96
C SER SA 6 -43.57 106.70 -15.43
N GLY SA 7 -44.44 106.09 -16.21
CA GLY SA 7 -44.26 106.09 -17.62
C GLY SA 7 -42.99 105.34 -17.95
N ASN SA 8 -42.51 105.58 -19.16
CA ASN SA 8 -41.29 104.94 -19.63
C ASN SA 8 -41.45 103.43 -19.58
N THR SA 9 -40.64 102.78 -18.77
CA THR SA 9 -40.72 101.34 -18.55
C THR SA 9 -40.55 100.57 -19.85
N THR SA 10 -39.95 101.21 -20.85
CA THR SA 10 -39.13 100.46 -21.77
C THR SA 10 -38.02 99.77 -21.00
N VAL SA 11 -37.82 100.24 -19.79
CA VAL SA 11 -37.09 99.58 -18.74
C VAL SA 11 -37.50 98.12 -18.74
N LYS SA 12 -38.81 97.89 -18.73
CA LYS SA 12 -39.28 96.53 -18.87
C LYS SA 12 -38.74 95.93 -20.15
N ALA SA 13 -39.09 96.53 -21.28
CA ALA SA 13 -38.54 96.06 -22.54
C ALA SA 13 -37.04 95.86 -22.43
N THR SA 14 -36.37 96.80 -21.79
CA THR SA 14 -34.93 96.70 -21.60
C THR SA 14 -34.58 95.41 -20.86
N PHE SA 15 -35.19 95.21 -19.71
CA PHE SA 15 -34.82 94.11 -18.82
C PHE SA 15 -35.78 92.94 -18.85
N GLY SA 16 -36.82 93.00 -19.69
CA GLY SA 16 -37.94 92.08 -19.56
C GLY SA 16 -37.55 90.62 -19.69
N LYS SA 17 -38.48 89.76 -19.29
CA LYS SA 17 -38.27 88.32 -19.41
C LYS SA 17 -37.75 87.98 -20.79
N ASP SA 18 -38.35 88.59 -21.81
CA ASP SA 18 -37.74 88.65 -23.12
C ASP SA 18 -37.01 89.98 -23.19
N SER SA 19 -35.68 89.88 -23.16
CA SER SA 19 -34.81 91.00 -23.37
C SER SA 19 -33.47 90.47 -23.80
N SER SA 20 -32.72 91.33 -24.47
CA SER SA 20 -31.35 90.96 -24.81
C SER SA 20 -30.63 90.59 -23.53
N VAL SA 21 -30.54 91.57 -22.63
CA VAL SA 21 -29.70 91.44 -21.44
C VAL SA 21 -29.92 90.11 -20.75
N VAL SA 22 -31.18 89.78 -20.51
CA VAL SA 22 -31.49 88.50 -19.88
C VAL SA 22 -30.78 87.37 -20.61
N LYS SA 23 -31.01 87.28 -21.90
CA LYS SA 23 -30.39 86.24 -22.70
C LYS SA 23 -28.88 86.28 -22.58
N TRP SA 24 -28.32 87.49 -22.56
CA TRP SA 24 -26.89 87.65 -22.33
C TRP SA 24 -26.43 86.86 -21.11
N VAL SA 25 -27.13 87.02 -20.00
CA VAL SA 25 -26.66 86.46 -18.73
C VAL SA 25 -26.40 84.98 -18.87
N VAL SA 26 -27.46 84.21 -19.06
CA VAL SA 26 -27.35 82.76 -19.06
C VAL SA 26 -26.30 82.33 -20.06
N LEU SA 27 -26.20 83.04 -21.18
CA LEU SA 27 -25.20 82.72 -22.18
C LEU SA 27 -23.84 82.57 -21.53
N ALA SA 28 -23.29 83.68 -21.06
CA ALA SA 28 -21.98 83.61 -20.41
C ALA SA 28 -22.01 82.61 -19.26
N GLU SA 29 -23.13 82.54 -18.56
CA GLU SA 29 -23.26 81.51 -17.53
C GLU SA 29 -23.00 80.14 -18.11
N VAL SA 30 -23.69 79.79 -19.19
CA VAL SA 30 -23.41 78.53 -19.86
C VAL SA 30 -21.92 78.40 -20.13
N LEU SA 31 -21.31 79.45 -20.63
CA LEU SA 31 -19.90 79.39 -20.96
C LEU SA 31 -19.07 79.05 -19.74
N VAL SA 32 -19.03 79.96 -18.77
CA VAL SA 32 -18.09 79.85 -17.66
C VAL SA 32 -18.23 78.50 -16.98
N GLY SA 33 -19.47 78.05 -16.75
CA GLY SA 33 -19.65 76.73 -16.18
C GLY SA 33 -18.97 75.67 -17.00
N ALA SA 34 -19.29 75.61 -18.29
CA ALA SA 34 -18.57 74.72 -19.19
C ALA SA 34 -17.08 74.95 -19.09
N VAL SA 35 -16.67 76.21 -19.10
CA VAL SA 35 -15.27 76.52 -18.86
C VAL SA 35 -14.81 75.88 -17.57
N MET SA 36 -15.40 76.30 -16.45
CA MET SA 36 -14.98 75.81 -15.14
C MET SA 36 -14.84 74.30 -15.12
N TYR SA 37 -15.81 73.60 -15.72
CA TYR SA 37 -15.77 72.15 -15.61
C TYR SA 37 -14.50 71.57 -16.17
N MET SA 38 -14.00 72.13 -17.28
CA MET SA 38 -12.71 71.69 -17.80
C MET SA 38 -11.67 71.75 -16.71
N MET SA 39 -11.57 72.89 -16.03
CA MET SA 39 -10.62 73.02 -14.95
C MET SA 39 -10.95 72.06 -13.82
N THR SA 40 -12.18 72.10 -13.33
CA THR SA 40 -12.52 71.39 -12.10
C THR SA 40 -12.72 69.90 -12.34
N LYS SA 41 -13.47 69.56 -13.38
CA LYS SA 41 -13.93 68.19 -13.57
C LYS SA 41 -14.75 67.73 -12.39
N ASN SA 42 -15.47 68.67 -11.79
CA ASN SA 42 -16.44 68.36 -10.76
C ASN SA 42 -17.82 68.64 -11.33
N VAL SA 43 -18.81 67.93 -10.83
CA VAL SA 43 -20.14 68.30 -11.26
C VAL SA 43 -20.58 69.35 -10.26
N LYS SA 44 -20.52 70.59 -10.72
CA LYS SA 44 -20.94 71.73 -9.94
C LYS SA 44 -21.75 72.68 -10.79
N PHE SA 45 -21.15 73.14 -11.86
CA PHE SA 45 -21.45 74.41 -12.48
C PHE SA 45 -22.68 74.34 -13.37
N LEU SA 46 -23.31 73.19 -13.48
CA LEU SA 46 -24.52 73.14 -14.28
C LEU SA 46 -25.72 73.17 -13.34
N ALA SA 47 -26.13 74.37 -12.99
CA ALA SA 47 -27.27 74.52 -12.09
C ALA SA 47 -28.07 75.77 -12.39
N GLY SA 48 -27.50 76.92 -11.98
CA GLY SA 48 -28.08 78.20 -12.32
C GLY SA 48 -28.25 78.33 -13.82
N PHE SA 49 -27.47 77.55 -14.55
CA PHE SA 49 -27.72 77.27 -15.94
C PHE SA 49 -29.21 77.10 -16.12
N ALA SA 50 -29.77 76.08 -15.48
CA ALA SA 50 -31.22 76.01 -15.33
C ALA SA 50 -31.73 76.92 -14.24
N ILE SA 51 -31.07 76.92 -13.07
CA ILE SA 51 -31.66 77.52 -11.89
C ILE SA 51 -31.83 79.02 -12.06
N ILE SA 52 -30.75 79.72 -12.41
CA ILE SA 52 -30.87 81.16 -12.58
C ILE SA 52 -32.02 81.48 -13.51
N SER SA 53 -32.17 80.68 -14.56
CA SER SA 53 -33.27 80.89 -15.48
C SER SA 53 -34.59 80.94 -14.73
N VAL SA 54 -34.91 79.88 -14.01
CA VAL SA 54 -36.14 79.92 -13.24
C VAL SA 54 -36.02 80.93 -12.12
N PHE SA 55 -34.83 81.06 -11.53
CA PHE SA 55 -34.59 82.17 -10.63
C PHE SA 55 -34.93 83.50 -11.30
N ILE SA 56 -34.39 83.72 -12.49
CA ILE SA 56 -34.81 84.89 -13.26
C ILE SA 56 -36.32 84.91 -13.35
N ALA SA 57 -36.90 83.80 -13.80
CA ALA SA 57 -38.33 83.72 -14.01
C ALA SA 57 -39.08 84.19 -12.78
N VAL SA 58 -38.74 83.65 -11.61
CA VAL SA 58 -39.54 83.94 -10.43
C VAL SA 58 -39.44 85.42 -10.07
N GLY SA 59 -38.23 85.94 -9.94
CA GLY SA 59 -38.09 87.35 -9.62
C GLY SA 59 -38.76 88.22 -10.66
N MET SA 60 -38.49 87.95 -11.94
CA MET SA 60 -39.27 88.59 -12.98
C MET SA 60 -40.75 88.42 -12.72
N ALA SA 61 -41.18 87.21 -12.43
CA ALA SA 61 -42.57 87.00 -12.05
C ALA SA 61 -42.89 87.73 -10.74
N VAL SA 62 -41.95 87.74 -9.80
CA VAL SA 62 -42.18 88.45 -8.56
C VAL SA 62 -42.44 89.92 -8.84
N VAL SA 63 -41.48 90.59 -9.45
CA VAL SA 63 -41.66 92.01 -9.68
C VAL SA 63 -42.50 92.20 -10.93
N GLY SA 64 -41.90 91.96 -12.09
CA GLY SA 64 -42.61 92.18 -13.33
C GLY SA 64 -43.29 93.52 -13.40
N LEU SA 65 -42.60 94.57 -12.98
CA LEU SA 65 -43.19 95.91 -12.88
C LEU SA 65 -44.47 95.87 -12.04
N GLN TA 1 25.32 -58.84 -37.83
CA GLN TA 1 26.66 -58.44 -37.44
C GLN TA 1 27.35 -59.51 -36.60
N ASP TA 2 28.05 -59.05 -35.58
CA ASP TA 2 28.68 -59.93 -34.63
C ASP TA 2 27.77 -60.21 -33.45
N LEU TA 3 27.53 -61.49 -33.20
CA LEU TA 3 26.78 -61.86 -32.02
C LEU TA 3 27.66 -61.62 -30.80
N MET TA 4 27.16 -60.84 -29.86
CA MET TA 4 28.06 -60.32 -28.84
C MET TA 4 28.56 -61.41 -27.91
N ALA TA 5 27.75 -62.42 -27.63
CA ALA TA 5 28.24 -63.52 -26.82
C ALA TA 5 29.36 -64.28 -27.49
N SER TA 6 29.68 -63.97 -28.75
CA SER TA 6 30.73 -64.67 -29.45
C SER TA 6 32.09 -64.25 -28.92
N GLY TA 7 33.12 -64.71 -29.60
CA GLY TA 7 34.43 -64.64 -29.03
C GLY TA 7 34.47 -65.54 -27.81
N ASN TA 8 35.48 -65.32 -26.99
CA ASN TA 8 35.65 -66.08 -25.76
C ASN TA 8 35.77 -67.55 -26.10
N THR TA 9 34.83 -68.35 -25.63
CA THR TA 9 34.77 -69.77 -25.93
C THR TA 9 36.03 -70.50 -25.48
N THR TA 10 36.77 -69.89 -24.56
CA THR TA 10 37.49 -70.69 -23.60
C THR TA 10 36.51 -71.56 -22.85
N VAL TA 11 35.25 -71.18 -22.94
CA VAL TA 11 34.10 -71.99 -22.61
C VAL TA 11 34.34 -73.37 -23.17
N LYS TA 12 34.71 -73.44 -24.45
CA LYS TA 12 35.08 -74.72 -25.00
C LYS TA 12 36.22 -75.32 -24.21
N ALA TA 13 37.34 -74.63 -24.15
CA ALA TA 13 38.45 -75.09 -23.32
C ALA TA 13 37.95 -75.49 -21.96
N THR TA 14 37.07 -74.67 -21.38
CA THR TA 14 36.51 -74.99 -20.08
C THR TA 14 35.82 -76.34 -20.09
N PHE TA 15 34.89 -76.52 -21.02
CA PHE TA 15 34.03 -77.69 -21.03
C PHE TA 15 34.43 -78.73 -22.07
N GLY TA 16 35.50 -78.49 -22.83
CA GLY TA 16 35.76 -79.26 -24.03
C GLY TA 16 35.90 -80.74 -23.79
N LYS TA 17 35.84 -81.50 -24.89
CA LYS TA 17 36.01 -82.95 -24.81
C LYS TA 17 37.23 -83.28 -23.97
N ASP TA 18 38.33 -82.55 -24.20
CA ASP TA 18 39.41 -82.50 -23.23
C ASP TA 18 39.16 -81.27 -22.36
N SER TA 19 38.79 -81.55 -21.13
CA SER TA 19 38.65 -80.54 -20.11
C SER TA 19 38.75 -81.23 -18.77
N SER TA 20 39.11 -80.45 -17.76
CA SER TA 20 39.11 -80.96 -16.41
C SER TA 20 37.70 -81.49 -16.13
N VAL TA 21 36.73 -80.59 -16.18
CA VAL TA 21 35.38 -80.87 -15.73
C VAL TA 21 34.88 -82.20 -16.29
N VAL TA 22 35.03 -82.39 -17.59
CA VAL TA 22 34.61 -83.63 -18.19
C VAL TA 22 35.21 -84.80 -17.46
N LYS TA 23 36.53 -84.80 -17.32
CA LYS TA 23 37.21 -85.87 -16.63
C LYS TA 23 36.69 -86.03 -15.21
N TRP TA 24 36.41 -84.91 -14.54
CA TRP TA 24 35.78 -84.96 -13.23
C TRP TA 24 34.57 -85.86 -13.22
N VAL TA 25 33.67 -85.66 -14.18
CA VAL TA 25 32.38 -86.34 -14.15
C VAL TA 25 32.57 -87.84 -14.03
N VAL TA 26 33.10 -88.46 -15.08
CA VAL TA 26 33.19 -89.90 -15.12
C VAL TA 26 33.91 -90.43 -13.90
N LEU TA 27 34.88 -89.67 -13.42
CA LEU TA 27 35.61 -90.07 -12.22
C LEU TA 27 34.63 -90.43 -11.12
N ALA TA 28 33.94 -89.43 -10.59
CA ALA TA 28 32.97 -89.70 -9.54
C ALA TA 28 31.95 -90.74 -10.00
N GLU TA 29 31.58 -90.70 -11.27
CA GLU TA 29 30.73 -91.75 -11.81
C GLU TA 29 31.32 -93.12 -11.55
N VAL TA 30 32.58 -93.32 -11.94
CA VAL TA 30 33.25 -94.57 -11.62
C VAL TA 30 33.10 -94.89 -10.14
N LEU TA 31 33.35 -93.90 -9.30
CA LEU TA 31 33.28 -94.12 -7.87
C LEU TA 31 31.91 -94.64 -7.47
N VAL TA 32 30.90 -93.79 -7.59
CA VAL TA 32 29.58 -94.08 -7.03
C VAL TA 32 29.08 -95.43 -7.51
N GLY TA 33 29.24 -95.72 -8.79
CA GLY TA 33 28.85 -97.03 -9.28
C GLY TA 33 29.54 -98.13 -8.51
N ALA TA 34 30.87 -98.08 -8.47
CA ALA TA 34 31.62 -99.01 -7.63
C ALA TA 34 31.10 -98.98 -6.21
N VAL TA 35 30.89 -97.79 -5.67
CA VAL TA 35 30.25 -97.69 -4.37
C VAL TA 35 28.94 -98.45 -4.37
N MET TA 36 28.00 -98.01 -5.19
CA MET TA 36 26.67 -98.62 -5.21
C MET TA 36 26.74 -100.12 -5.27
N TYR TA 37 27.63 -100.67 -6.09
CA TYR TA 37 27.63 -102.11 -6.25
C TYR TA 37 27.88 -102.81 -4.94
N MET TA 38 28.77 -102.28 -4.10
CA MET TA 38 28.94 -102.84 -2.78
C MET TA 38 27.61 -102.99 -2.08
N MET TA 39 26.84 -101.91 -2.04
CA MET TA 39 25.53 -101.95 -1.44
C MET TA 39 24.63 -102.92 -2.16
N THR TA 40 24.49 -102.74 -3.47
CA THR TA 40 23.46 -103.46 -4.22
C THR TA 40 23.87 -104.89 -4.50
N LYS TA 41 25.09 -105.08 -4.98
CA LYS TA 41 25.52 -106.37 -5.51
C LYS TA 41 24.64 -106.78 -6.68
N ASN TA 42 24.19 -105.79 -7.43
CA ASN TA 42 23.49 -106.02 -8.68
C ASN TA 42 24.38 -105.53 -9.80
N VAL TA 43 24.24 -106.13 -10.97
CA VAL TA 43 24.98 -105.55 -12.08
C VAL TA 43 24.06 -104.51 -12.65
N LYS TA 44 24.37 -103.28 -12.33
CA LYS TA 44 23.64 -102.12 -12.81
C LYS TA 44 24.59 -101.04 -13.24
N PHE TA 45 25.42 -100.60 -12.31
CA PHE TA 45 25.99 -99.28 -12.29
C PHE TA 45 27.18 -99.15 -13.22
N LEU TA 46 27.56 -100.19 -13.92
CA LEU TA 46 28.66 -100.05 -14.86
C LEU TA 46 28.07 -99.90 -16.26
N ALA TA 47 27.75 -98.66 -16.62
CA ALA TA 47 27.18 -98.42 -17.93
C ALA TA 47 27.58 -97.06 -18.47
N GLY TA 48 26.95 -96.02 -17.91
CA GLY TA 48 27.32 -94.66 -18.23
C GLY TA 48 28.79 -94.44 -17.96
N PHE TA 49 29.35 -95.26 -17.09
CA PHE TA 49 30.77 -95.45 -16.98
C PHE TA 49 31.36 -95.41 -18.36
N ALA TA 50 30.99 -96.38 -19.19
CA ALA TA 50 31.24 -96.27 -20.61
C ALA TA 50 30.25 -95.36 -21.31
N ILE TA 51 28.96 -95.50 -21.01
CA ILE TA 51 27.94 -94.88 -21.84
C ILE TA 51 28.01 -93.37 -21.77
N ILE TA 52 28.01 -92.80 -20.58
CA ILE TA 52 28.07 -91.36 -20.49
C ILE TA 52 29.25 -90.84 -21.28
N SER TA 53 30.36 -91.56 -21.22
CA SER TA 53 31.52 -91.16 -21.99
C SER TA 53 31.17 -90.97 -23.45
N VAL TA 54 30.65 -92.01 -24.08
CA VAL TA 54 30.23 -91.85 -25.47
C VAL TA 54 29.04 -90.92 -25.55
N PHE TA 55 28.15 -90.98 -24.56
CA PHE TA 55 27.13 -89.96 -24.47
C PHE TA 55 27.75 -88.57 -24.45
N ILE TA 56 28.73 -88.35 -23.57
CA ILE TA 56 29.47 -87.11 -23.63
C ILE TA 56 29.97 -86.89 -25.04
N ALA TA 57 30.65 -87.88 -25.59
CA ALA TA 57 31.25 -87.75 -26.91
C ALA TA 57 30.23 -87.26 -27.91
N VAL TA 58 29.06 -87.90 -27.98
CA VAL TA 58 28.13 -87.56 -29.03
C VAL TA 58 27.63 -86.13 -28.88
N GLY TA 59 27.13 -85.78 -27.70
CA GLY TA 59 26.68 -84.41 -27.50
C GLY TA 59 27.78 -83.41 -27.75
N MET TA 60 28.95 -83.65 -27.16
CA MET TA 60 30.11 -82.86 -27.54
C MET TA 60 30.28 -82.85 -29.04
N ALA TA 61 30.21 -84.01 -29.67
CA ALA TA 61 30.24 -84.05 -31.13
C ALA TA 61 29.02 -83.36 -31.72
N VAL TA 62 27.86 -83.52 -31.08
CA VAL TA 62 26.67 -82.84 -31.56
C VAL TA 62 26.89 -81.34 -31.57
N VAL TA 63 27.15 -80.77 -30.41
CA VAL TA 63 27.30 -79.33 -30.35
C VAL TA 63 28.71 -78.97 -30.79
N GLY TA 64 29.68 -79.23 -29.93
CA GLY TA 64 31.05 -78.85 -30.22
C GLY TA 64 31.18 -77.44 -30.71
N LEU TA 65 30.49 -76.51 -30.05
CA LEU TA 65 30.46 -75.11 -30.48
C LEU TA 65 30.01 -75.03 -31.93
N GLN UA 1 4.69 -47.80 -43.15
CA GLN UA 1 6.06 -47.39 -43.45
C GLN UA 1 7.07 -48.42 -42.98
N ASP UA 2 8.15 -47.92 -42.41
CA ASP UA 2 9.17 -48.77 -41.83
C ASP UA 2 8.90 -48.99 -40.35
N LEU UA 3 8.83 -50.26 -39.96
CA LEU UA 3 8.70 -50.57 -38.55
C LEU UA 3 10.04 -50.29 -37.88
N MET UA 4 10.02 -49.47 -36.84
CA MET UA 4 11.28 -48.91 -36.39
C MET UA 4 12.17 -49.96 -35.74
N ALA UA 5 11.58 -50.95 -35.08
CA ALA UA 5 12.42 -52.02 -34.54
C ALA UA 5 13.12 -52.81 -35.63
N SER UA 6 12.82 -52.56 -36.90
CA SER UA 6 13.44 -53.29 -37.98
C SER UA 6 14.88 -52.86 -38.15
N GLY UA 7 15.49 -53.34 -39.21
CA GLY UA 7 16.91 -53.28 -39.31
C GLY UA 7 17.52 -54.12 -38.21
N ASN UA 8 18.79 -53.86 -37.94
CA ASN UA 8 19.52 -54.57 -36.91
C ASN UA 8 19.50 -56.06 -37.21
N THR UA 9 18.88 -56.83 -36.32
CA THR UA 9 18.71 -58.27 -36.51
C THR UA 9 20.05 -58.98 -36.66
N THR UA 10 21.12 -58.33 -36.20
CA THR UA 10 22.22 -59.11 -35.66
C THR UA 10 21.71 -59.94 -34.50
N VAL UA 11 20.54 -59.55 -34.02
CA VAL UA 11 19.68 -60.34 -33.16
C VAL UA 11 19.66 -61.75 -33.71
N LYS UA 12 19.39 -61.86 -35.01
CA LYS UA 12 19.48 -63.17 -35.63
C LYS UA 12 20.87 -63.75 -35.41
N ALA UA 13 21.89 -63.05 -35.91
CA ALA UA 13 23.26 -63.49 -35.67
C ALA UA 13 23.45 -63.83 -34.20
N THR UA 14 22.92 -62.98 -33.33
CA THR UA 14 23.02 -63.23 -31.90
C THR UA 14 22.41 -64.57 -31.54
N PHE UA 15 21.17 -64.80 -31.93
CA PHE UA 15 20.42 -65.96 -31.49
C PHE UA 15 20.31 -67.05 -32.56
N GLY UA 16 20.91 -66.84 -33.73
CA GLY UA 16 20.60 -67.66 -34.89
C GLY UA 16 20.86 -69.14 -34.68
N LYS UA 17 20.31 -69.95 -35.60
CA LYS UA 17 20.52 -71.39 -35.54
C LYS UA 17 21.99 -71.69 -35.34
N ASP UA 18 22.84 -70.98 -36.07
CA ASP UA 18 24.25 -70.90 -35.73
C ASP UA 18 24.41 -69.64 -34.89
N SER UA 19 24.66 -69.86 -33.61
CA SER UA 19 24.99 -68.80 -32.68
C SER UA 19 25.70 -69.43 -31.51
N SER UA 20 26.47 -68.61 -30.82
CA SER UA 20 27.09 -69.06 -29.59
C SER UA 20 26.00 -69.57 -28.68
N VAL UA 21 25.09 -68.67 -28.31
CA VAL UA 21 24.10 -68.93 -27.28
C VAL UA 21 23.43 -70.26 -27.49
N VAL UA 22 22.97 -70.51 -28.71
CA VAL UA 22 22.33 -71.78 -29.00
C VAL UA 22 23.22 -72.93 -28.58
N LYS UA 23 24.45 -72.92 -29.05
CA LYS UA 23 25.39 -73.97 -28.70
C LYS UA 23 25.58 -74.06 -27.21
N TRP UA 24 25.62 -72.92 -26.54
CA TRP UA 24 25.67 -72.90 -25.08
C TRP UA 24 24.61 -73.79 -24.48
N VAL UA 25 23.37 -73.63 -24.92
CA VAL UA 25 22.25 -74.29 -24.27
C VAL UA 25 22.50 -75.79 -24.19
N VAL UA 26 22.48 -76.45 -25.34
CA VAL UA 26 22.57 -77.90 -25.37
C VAL UA 26 23.78 -78.37 -24.60
N LEU UA 27 24.85 -77.61 -24.64
CA LEU UA 27 26.05 -77.96 -23.89
C LEU UA 27 25.69 -78.28 -22.45
N ALA UA 28 25.31 -77.25 -21.70
CA ALA UA 28 24.93 -77.46 -20.32
C ALA UA 28 23.83 -78.51 -20.22
N GLU UA 29 22.92 -78.53 -21.18
CA GLU UA 29 21.93 -79.60 -21.22
C GLU UA 29 22.60 -80.95 -21.20
N VAL UA 30 23.55 -81.17 -22.12
CA VAL UA 30 24.30 -82.42 -22.09
C VAL UA 30 24.85 -82.68 -20.71
N LEU UA 31 25.44 -81.65 -20.11
CA LEU UA 31 26.04 -81.81 -18.80
C LEU UA 31 25.02 -82.30 -17.79
N VAL UA 32 24.05 -81.45 -17.48
CA VAL UA 32 23.15 -81.71 -16.36
C VAL UA 32 22.51 -83.07 -16.49
N GLY UA 33 22.05 -83.42 -17.69
CA GLY UA 33 21.50 -84.74 -17.89
C GLY UA 33 22.49 -85.81 -17.48
N ALA UA 34 23.69 -85.77 -18.06
CA ALA UA 34 24.74 -86.67 -17.62
C ALA UA 34 24.94 -86.58 -16.12
N VAL UA 35 24.99 -85.36 -15.59
CA VAL UA 35 25.01 -85.20 -14.15
C VAL UA 35 23.87 -85.95 -13.51
N MET UA 36 22.64 -85.55 -13.84
CA MET UA 36 21.46 -86.14 -13.22
C MET UA 36 21.52 -87.65 -13.24
N TYR UA 37 21.94 -88.23 -14.35
CA TYR UA 37 21.89 -89.68 -14.45
C TYR UA 37 22.72 -90.33 -13.36
N MET UA 38 23.88 -89.76 -13.04
CA MET UA 38 24.66 -90.28 -11.93
C MET UA 38 23.80 -90.38 -10.69
N MET UA 39 23.12 -89.29 -10.36
CA MET UA 39 22.23 -89.31 -9.20
C MET UA 39 21.11 -90.31 -9.39
N THR UA 40 20.39 -90.18 -10.50
CA THR UA 40 19.14 -90.92 -10.66
C THR UA 40 19.39 -92.36 -11.05
N LYS UA 41 20.27 -92.58 -12.02
CA LYS UA 41 20.42 -93.89 -12.63
C LYS UA 41 19.10 -94.35 -13.26
N ASN UA 42 18.34 -93.39 -13.75
CA ASN UA 42 17.15 -93.66 -14.53
C ASN UA 42 17.42 -93.23 -15.95
N VAL UA 43 16.76 -93.88 -16.90
CA VAL UA 43 16.91 -93.35 -18.24
C VAL UA 43 15.81 -92.33 -18.37
N LYS UA 44 16.21 -91.09 -18.28
CA LYS UA 44 15.33 -89.95 -18.41
C LYS UA 44 15.96 -88.90 -19.28
N PHE UA 45 17.11 -88.43 -18.86
CA PHE UA 45 17.61 -87.10 -19.16
C PHE UA 45 18.24 -87.01 -20.52
N LEU UA 46 18.27 -88.10 -21.28
CA LEU UA 46 18.81 -87.99 -22.62
C LEU UA 46 17.65 -87.91 -23.60
N ALA UA 47 17.18 -86.69 -23.82
CA ALA UA 47 16.07 -86.50 -24.75
C ALA UA 47 16.15 -85.16 -25.46
N GLY UA 48 15.83 -84.10 -24.71
CA GLY UA 48 15.99 -82.75 -25.22
C GLY UA 48 17.42 -82.53 -25.66
N PHE UA 49 18.33 -83.32 -25.12
CA PHE UA 49 19.64 -83.51 -25.66
C PHE UA 49 19.53 -83.54 -27.17
N ALA UA 50 18.84 -84.54 -27.70
CA ALA UA 50 18.40 -84.48 -29.08
C ALA UA 50 17.18 -83.60 -29.28
N ILE UA 51 16.19 -83.72 -28.42
CA ILE UA 51 14.88 -83.13 -28.70
C ILE UA 51 14.96 -81.62 -28.75
N ILE UA 52 15.49 -81.00 -27.70
CA ILE UA 52 15.58 -79.55 -27.71
C ILE UA 52 16.25 -79.07 -28.97
N SER UA 53 17.28 -79.80 -29.40
CA SER UA 53 17.95 -79.43 -30.63
C SER UA 53 16.95 -79.32 -31.77
N VAL UA 54 16.22 -80.38 -32.05
CA VAL UA 54 15.22 -80.28 -33.10
C VAL UA 54 14.11 -79.34 -32.66
N PHE UA 55 13.77 -79.35 -31.37
CA PHE UA 55 12.89 -78.32 -30.86
C PHE UA 55 13.44 -76.94 -31.19
N ILE UA 56 14.70 -76.70 -30.87
CA ILE UA 56 15.31 -75.45 -31.32
C ILE UA 56 15.11 -75.29 -32.81
N ALA UA 57 15.47 -76.32 -33.56
CA ALA UA 57 15.39 -76.26 -35.01
C ALA UA 57 14.02 -75.79 -35.46
N VAL UA 58 12.97 -76.42 -34.95
CA VAL UA 58 11.65 -76.13 -35.48
C VAL UA 58 11.25 -74.70 -35.16
N GLY UA 59 11.35 -74.29 -33.90
CA GLY UA 59 11.02 -72.91 -33.57
C GLY UA 59 11.86 -71.93 -34.33
N MET UA 60 13.18 -72.15 -34.35
CA MET UA 60 14.03 -71.39 -35.25
C MET UA 60 13.48 -71.44 -36.65
N ALA UA 61 13.15 -72.62 -37.14
CA ALA UA 61 12.50 -72.73 -38.44
C ALA UA 61 11.14 -72.05 -38.43
N VAL UA 62 10.40 -72.18 -37.33
CA VAL UA 62 9.11 -71.52 -37.24
C VAL UA 62 9.29 -70.02 -37.41
N VAL UA 63 10.05 -69.40 -36.52
CA VAL UA 63 10.18 -67.96 -36.60
C VAL UA 63 11.22 -67.63 -37.65
N GLY UA 64 12.50 -67.86 -37.31
CA GLY UA 64 13.57 -67.50 -38.22
C GLY UA 64 13.44 -66.10 -38.77
N LEU UA 65 13.12 -65.14 -37.91
CA LEU UA 65 12.87 -63.77 -38.34
C LEU UA 65 11.80 -63.74 -39.42
N GLN VA 1 -16.20 -36.78 -37.59
CA GLN VA 1 -15.16 -36.38 -38.53
C GLN VA 1 -14.03 -37.40 -38.57
N ASP VA 2 -12.81 -36.88 -38.63
CA ASP VA 2 -11.62 -37.72 -38.59
C ASP VA 2 -11.13 -37.88 -37.16
N LEU VA 3 -10.99 -39.12 -36.74
CA LEU VA 3 -10.40 -39.39 -35.44
C LEU VA 3 -8.91 -39.08 -35.53
N MET VA 4 -8.44 -38.22 -34.64
CA MET VA 4 -7.12 -37.65 -34.87
C MET VA 4 -6.01 -38.68 -34.71
N ALA VA 5 -6.19 -39.65 -33.82
CA ALA VA 5 -5.19 -40.69 -33.72
C ALA VA 5 -5.08 -41.53 -34.98
N SER VA 6 -5.98 -41.32 -35.95
CA SER VA 6 -5.94 -42.09 -37.17
C SER VA 6 -4.77 -41.67 -38.04
N GLY VA 7 -4.76 -42.20 -39.24
CA GLY VA 7 -3.56 -42.14 -40.02
C GLY VA 7 -2.49 -42.94 -39.33
N ASN VA 8 -1.25 -42.67 -39.74
CA ASN VA 8 -0.10 -43.34 -39.16
C ASN VA 8 -0.24 -44.85 -39.37
N THR VA 9 -0.34 -45.59 -38.27
CA THR VA 9 -0.55 -47.02 -38.29
C THR VA 9 0.56 -47.74 -39.06
N THR VA 10 1.70 -47.08 -39.20
CA THR VA 10 2.94 -47.84 -39.24
C THR VA 10 3.07 -48.63 -37.95
N VAL VA 11 2.28 -48.22 -36.97
CA VAL VA 11 1.96 -48.97 -35.78
C VAL VA 11 1.69 -50.39 -36.20
N LYS VA 12 0.84 -50.56 -37.20
CA LYS VA 12 0.64 -51.89 -37.74
C LYS VA 12 1.96 -52.46 -38.21
N ALA VA 13 2.59 -51.79 -39.17
CA ALA VA 13 3.91 -52.23 -39.61
C ALA VA 13 4.79 -52.50 -38.41
N THR VA 14 4.75 -51.63 -37.42
CA THR VA 14 5.54 -51.83 -36.22
C THR VA 14 5.21 -53.16 -35.56
N PHE VA 15 3.95 -53.38 -35.28
CA PHE VA 15 3.52 -54.53 -34.50
C PHE VA 15 2.90 -55.65 -35.34
N GLY VA 16 2.87 -55.50 -36.66
CA GLY VA 16 2.04 -56.37 -37.49
C GLY VA 16 2.39 -57.83 -37.38
N LYS VA 17 1.48 -58.66 -37.89
CA LYS VA 17 1.72 -60.11 -37.90
C LYS VA 17 3.10 -60.40 -38.44
N ASP VA 18 3.48 -59.72 -39.51
CA ASP VA 18 4.87 -59.63 -39.90
C ASP VA 18 5.40 -58.33 -39.29
N SER VA 19 6.25 -58.51 -38.28
CA SER VA 19 6.97 -57.42 -37.68
C SER VA 19 8.17 -58.00 -36.97
N SER VA 20 9.17 -57.17 -36.78
CA SER VA 20 10.32 -57.57 -36.00
C SER VA 20 9.81 -58.05 -34.65
N VAL VA 21 9.18 -57.12 -33.92
CA VAL VA 21 8.83 -57.34 -32.53
C VAL VA 21 8.17 -58.69 -32.34
N VAL VA 22 7.17 -58.97 -33.16
CA VAL VA 22 6.48 -60.25 -33.06
C VAL VA 22 7.50 -61.39 -33.09
N LYS VA 23 8.33 -61.40 -34.11
CA LYS VA 23 9.34 -62.44 -34.24
C LYS VA 23 10.24 -62.47 -33.02
N TRP VA 24 10.59 -61.30 -32.48
CA TRP VA 24 11.34 -61.24 -31.24
C TRP VA 24 10.72 -62.11 -30.16
N VAL VA 25 9.42 -61.96 -29.96
CA VAL VA 25 8.77 -62.60 -28.82
C VAL VA 25 9.05 -64.08 -28.81
N VAL VA 26 8.49 -64.78 -29.79
CA VAL VA 26 8.57 -66.23 -29.81
C VAL VA 26 10.01 -66.68 -29.71
N LEU VA 27 10.92 -65.92 -30.31
CA LEU VA 27 12.33 -66.25 -30.22
C LEU VA 27 12.73 -66.51 -28.78
N ALA VA 28 12.74 -65.45 -27.97
CA ALA VA 28 13.09 -65.61 -26.58
C ALA VA 28 12.21 -66.66 -25.91
N GLU VA 29 10.94 -66.70 -26.30
CA GLU VA 29 10.08 -67.78 -25.82
C GLU VA 29 10.69 -69.14 -26.09
N VAL VA 30 11.07 -69.39 -27.34
CA VAL VA 30 11.76 -70.63 -27.64
C VAL VA 30 12.92 -70.84 -26.70
N LEU VA 31 13.71 -69.79 -26.50
CA LEU VA 31 14.87 -69.91 -25.64
C LEU VA 31 14.49 -70.35 -24.25
N VAL VA 32 13.78 -69.49 -23.53
CA VAL VA 32 13.54 -69.70 -22.11
C VAL VA 32 12.94 -71.07 -21.87
N GLY VA 33 11.96 -71.46 -22.68
CA GLY VA 33 11.41 -72.79 -22.54
C GLY VA 33 12.49 -73.85 -22.63
N ALA VA 34 13.25 -73.83 -23.72
CA ALA VA 34 14.39 -74.72 -23.83
C ALA VA 34 15.29 -74.57 -22.61
N VAL VA 35 15.57 -73.34 -22.22
CA VAL VA 35 16.30 -73.12 -20.98
C VAL VA 35 15.62 -73.84 -19.84
N MET VA 36 14.39 -73.45 -19.52
CA MET VA 36 13.67 -74.02 -18.40
C MET VA 36 13.74 -75.53 -18.39
N TYR VA 37 13.56 -76.15 -19.55
CA TYR VA 37 13.50 -77.60 -19.56
C TYR VA 37 14.77 -78.21 -18.99
N MET VA 38 15.93 -77.63 -19.31
CA MET VA 38 17.16 -78.11 -18.69
C MET VA 38 17.01 -78.17 -17.19
N MET VA 39 16.57 -77.06 -16.60
CA MET VA 39 16.36 -77.04 -15.17
C MET VA 39 15.30 -78.04 -14.76
N THR VA 40 14.12 -77.95 -15.36
CA THR VA 40 12.97 -78.69 -14.88
C THR VA 40 13.03 -80.15 -15.28
N LYS VA 41 13.32 -80.41 -16.55
CA LYS VA 41 13.17 -81.74 -17.12
C LYS VA 41 11.73 -82.21 -17.00
N ASN VA 42 10.81 -81.27 -17.09
CA ASN VA 42 9.40 -81.57 -17.18
C ASN VA 42 8.93 -81.20 -18.57
N VAL VA 43 7.91 -81.87 -19.05
CA VAL VA 43 7.37 -81.40 -20.31
C VAL VA 43 6.33 -80.38 -19.92
N LYS VA 44 6.70 -79.14 -20.07
CA LYS VA 44 5.84 -78.01 -19.80
C LYS VA 44 5.96 -76.99 -20.91
N PHE VA 45 7.16 -76.51 -21.12
CA PHE VA 45 7.43 -75.20 -21.66
C PHE VA 45 7.31 -75.15 -23.16
N LEU VA 46 6.98 -76.26 -23.80
CA LEU VA 46 6.80 -76.21 -25.25
C LEU VA 46 5.30 -76.16 -25.53
N ALA VA 47 4.77 -74.95 -25.54
CA ALA VA 47 3.35 -74.79 -25.80
C ALA VA 47 3.04 -73.48 -26.51
N GLY VA 48 3.11 -72.39 -25.73
CA GLY VA 48 2.99 -71.06 -26.31
C GLY VA 48 4.01 -70.86 -27.40
N PHE VA 49 5.08 -71.64 -27.34
CA PHE VA 49 5.97 -71.85 -28.45
C PHE VA 49 5.13 -71.93 -29.71
N ALA VA 50 4.29 -72.95 -29.79
CA ALA VA 50 3.23 -72.94 -30.79
C ALA VA 50 2.06 -72.06 -30.40
N ILE VA 51 1.61 -72.15 -29.15
CA ILE VA 51 0.33 -71.57 -28.78
C ILE VA 51 0.34 -70.06 -28.92
N ILE VA 52 1.31 -69.41 -28.28
CA ILE VA 52 1.36 -67.96 -28.37
C ILE VA 52 1.32 -67.53 -29.82
N SER VA 53 2.01 -68.27 -30.68
CA SER VA 53 2.00 -67.95 -32.09
C SER VA 53 0.57 -67.87 -32.60
N VAL VA 54 -0.19 -68.95 -32.45
CA VAL VA 54 -1.58 -68.88 -32.87
C VAL VA 54 -2.35 -67.93 -31.99
N PHE VA 55 -2.01 -67.89 -30.69
CA PHE VA 55 -2.55 -66.83 -29.85
C PHE VA 55 -2.26 -65.47 -30.45
N ILE VA 56 -1.00 -65.22 -30.80
CA ILE VA 56 -0.70 -64.00 -31.53
C ILE VA 56 -1.61 -63.89 -32.73
N ALA VA 57 -1.64 -64.95 -33.54
CA ALA VA 57 -2.42 -64.93 -34.76
C ALA VA 57 -3.84 -64.49 -34.51
N VAL VA 58 -4.51 -65.10 -33.52
CA VAL VA 58 -5.92 -64.82 -33.34
C VAL VA 58 -6.13 -63.37 -32.93
N GLY VA 59 -5.44 -62.91 -31.88
CA GLY VA 59 -5.59 -61.53 -31.48
C GLY VA 59 -5.24 -60.57 -32.60
N MET VA 60 -4.10 -60.81 -33.25
CA MET VA 60 -3.81 -60.08 -34.47
C MET VA 60 -4.98 -60.17 -35.43
N ALA VA 61 -5.48 -61.38 -35.64
CA ALA VA 61 -6.67 -61.53 -36.47
C ALA VA 61 -7.87 -60.86 -35.81
N VAL VA 62 -7.97 -60.94 -34.49
CA VAL VA 62 -9.06 -60.27 -33.80
C VAL VA 62 -9.02 -58.77 -34.08
N VAL VA 63 -7.93 -58.13 -33.70
CA VAL VA 63 -7.87 -56.69 -33.88
C VAL VA 63 -7.49 -56.40 -35.31
N GLY VA 64 -6.21 -56.63 -35.64
CA GLY VA 64 -5.72 -56.31 -36.98
C GLY VA 64 -6.12 -54.92 -37.43
N LEU VA 65 -6.00 -53.93 -36.56
CA LEU VA 65 -6.45 -52.57 -36.85
C LEU VA 65 -7.91 -52.59 -37.28
N GLN WA 1 -32.60 -25.76 -24.27
CA GLN WA 1 -32.10 -25.41 -25.59
C GLN WA 1 -31.09 -26.42 -26.10
N ASP WA 2 -30.04 -25.89 -26.71
CA ASP WA 2 -28.94 -26.73 -27.18
C ASP WA 2 -27.85 -26.82 -26.12
N LEU WA 3 -27.51 -28.06 -25.76
CA LEU WA 3 -26.40 -28.25 -24.86
C LEU WA 3 -25.11 -27.95 -25.62
N MET WA 4 -24.31 -27.06 -25.07
CA MET WA 4 -23.26 -26.49 -25.89
C MET WA 4 -22.17 -27.50 -26.20
N ALA WA 5 -21.90 -28.43 -25.29
CA ALA WA 5 -20.93 -29.47 -25.61
C ALA WA 5 -21.40 -30.37 -26.75
N SER WA 6 -22.63 -30.19 -27.22
CA SER WA 6 -23.14 -31.02 -28.30
C SER WA 6 -22.49 -30.63 -29.62
N GLY WA 7 -23.00 -31.22 -30.68
CA GLY WA 7 -22.28 -31.18 -31.92
C GLY WA 7 -21.00 -31.96 -31.75
N ASN WA 8 -20.08 -31.70 -32.68
CA ASN WA 8 -18.78 -32.34 -32.66
C ASN WA 8 -18.96 -33.85 -32.72
N THR WA 9 -18.53 -34.54 -31.67
CA THR WA 9 -18.70 -35.98 -31.55
C THR WA 9 -18.05 -36.73 -32.70
N THR WA 10 -17.11 -36.08 -33.37
CA THR WA 10 -15.99 -36.83 -33.92
C THR WA 10 -15.28 -37.56 -32.80
N VAL WA 11 -15.55 -37.10 -31.59
CA VAL WA 11 -15.30 -37.80 -30.36
C VAL WA 11 -15.69 -39.25 -30.56
N LYS WA 12 -16.90 -39.46 -31.06
CA LYS WA 12 -17.30 -40.81 -31.40
C LYS WA 12 -16.31 -41.40 -32.40
N ALA WA 13 -16.19 -40.76 -33.56
CA ALA WA 13 -15.20 -41.21 -34.52
C ALA WA 13 -13.87 -41.44 -33.85
N THR WA 14 -13.48 -40.52 -32.98
CA THR WA 14 -12.23 -40.67 -32.25
C THR WA 14 -12.20 -41.97 -31.47
N PHE WA 15 -13.21 -42.19 -30.64
CA PHE WA 15 -13.20 -43.30 -29.71
C PHE WA 15 -14.10 -44.47 -30.14
N GLY WA 16 -14.74 -44.36 -31.30
CA GLY WA 16 -15.82 -45.26 -31.65
C GLY WA 16 -15.43 -46.73 -31.64
N LYS WA 17 -16.45 -47.58 -31.66
CA LYS WA 17 -16.22 -49.03 -31.72
C LYS WA 17 -15.21 -49.34 -32.81
N ASP WA 18 -15.37 -48.71 -33.97
CA ASP WA 18 -14.31 -48.62 -34.95
C ASP WA 18 -13.59 -47.30 -34.69
N SER WA 19 -12.39 -47.44 -34.16
CA SER WA 19 -11.49 -46.32 -33.98
C SER WA 19 -10.09 -46.87 -33.87
N SER WA 20 -9.12 -46.01 -34.18
CA SER WA 20 -7.74 -46.39 -33.99
C SER WA 20 -7.57 -46.80 -32.54
N VAL WA 21 -7.82 -45.85 -31.64
CA VAL WA 21 -7.51 -46.02 -30.22
C VAL WA 21 -7.99 -47.35 -29.71
N VAL WA 22 -9.25 -47.68 -29.98
CA VAL WA 22 -9.78 -48.95 -29.55
C VAL WA 22 -8.87 -50.08 -29.98
N LYS WA 23 -8.58 -50.14 -31.26
CA LYS WA 23 -7.71 -51.17 -31.78
C LYS WA 23 -6.36 -51.16 -31.10
N TRP WA 24 -5.83 -49.96 -30.84
CA TRP WA 24 -4.61 -49.84 -30.06
C TRP WA 24 -4.66 -50.67 -28.79
N VAL WA 25 -5.73 -50.51 -28.02
CA VAL WA 25 -5.79 -51.10 -26.69
C VAL WA 25 -5.51 -52.59 -26.76
N VAL WA 26 -6.42 -53.33 -27.36
CA VAL WA 26 -6.33 -54.78 -27.36
C VAL WA 26 -4.99 -55.22 -27.89
N LEU WA 27 -4.46 -54.48 -28.86
CA LEU WA 27 -3.16 -54.81 -29.41
C LEU WA 27 -2.15 -54.99 -28.30
N ALA WA 28 -1.79 -53.91 -27.62
CA ALA WA 28 -0.85 -54.01 -26.52
C ALA WA 28 -1.32 -55.03 -25.50
N GLU WA 29 -2.63 -55.09 -25.27
CA GLU WA 29 -3.16 -56.14 -24.41
C GLU WA 29 -2.71 -57.51 -24.88
N VAL WA 30 -2.92 -57.82 -26.15
CA VAL WA 30 -2.41 -59.07 -26.69
C VAL WA 30 -0.95 -59.23 -26.37
N LEU WA 31 -0.17 -58.17 -26.57
CA LEU WA 31 1.25 -58.25 -26.33
C LEU WA 31 1.54 -58.64 -24.89
N VAL WA 32 1.21 -57.74 -23.96
CA VAL WA 32 1.64 -57.90 -22.59
C VAL WA 32 1.24 -59.26 -22.05
N GLY WA 33 0.01 -59.68 -22.32
CA GLY WA 33 -0.39 -61.01 -21.90
C GLY WA 33 0.56 -62.06 -22.42
N ALA WA 34 0.75 -62.09 -23.74
CA ALA WA 34 1.75 -62.98 -24.31
C ALA WA 34 3.09 -62.78 -23.64
N VAL WA 35 3.49 -61.52 -23.46
CA VAL WA 35 4.69 -61.26 -22.69
C VAL WA 35 4.62 -61.93 -21.34
N MET WA 36 3.64 -61.53 -20.52
CA MET WA 36 3.52 -62.04 -19.16
C MET WA 36 3.62 -63.56 -19.14
N TYR WA 37 2.96 -64.23 -20.07
CA TYR WA 37 2.94 -65.67 -20.00
C TYR WA 37 4.33 -66.26 -20.04
N MET WA 38 5.21 -65.69 -20.86
CA MET WA 38 6.59 -66.14 -20.84
C MET WA 38 7.14 -66.13 -19.44
N MET WA 39 6.98 -65.00 -18.75
CA MET WA 39 7.44 -64.92 -17.38
C MET WA 39 6.70 -65.90 -16.50
N THR WA 40 5.37 -65.85 -16.52
CA THR WA 40 4.57 -66.56 -15.54
C THR WA 40 4.48 -68.04 -15.87
N LYS WA 41 4.18 -68.36 -17.13
CA LYS WA 41 3.82 -69.71 -17.52
C LYS WA 41 2.59 -70.19 -16.75
N ASN WA 42 1.71 -69.24 -16.45
CA ASN WA 42 0.42 -69.55 -15.89
C ASN WA 42 -0.63 -69.24 -16.92
N VAL WA 43 -1.76 -69.95 -16.87
CA VAL WA 43 -2.80 -69.53 -17.77
C VAL WA 43 -3.58 -68.50 -16.99
N LYS WA 44 -3.35 -67.26 -17.35
CA LYS WA 44 -4.01 -66.11 -16.76
C LYS WA 44 -4.43 -65.15 -17.84
N PHE WA 45 -3.46 -64.67 -18.58
CA PHE WA 45 -3.49 -63.38 -19.24
C PHE WA 45 -4.28 -63.41 -20.52
N LEU WA 46 -4.83 -64.55 -20.91
CA LEU WA 46 -5.65 -64.55 -22.11
C LEU WA 46 -7.11 -64.52 -21.70
N ALA WA 47 -7.62 -63.31 -21.51
CA ALA WA 47 -9.01 -63.17 -21.11
C ALA WA 47 -9.63 -61.89 -21.66
N GLY WA 48 -9.25 -60.77 -21.04
CA GLY WA 48 -9.63 -59.47 -21.54
C GLY WA 48 -9.21 -59.31 -22.98
N PHE WA 49 -8.21 -60.08 -23.38
CA PHE WA 49 -7.92 -60.34 -24.77
C PHE WA 49 -9.23 -60.48 -25.51
N ALA WA 50 -10.00 -61.49 -25.16
CA ALA WA 50 -11.39 -61.53 -25.59
C ALA WA 50 -12.29 -60.64 -24.74
N ILE WA 51 -12.12 -60.69 -23.42
CA ILE WA 51 -13.12 -60.09 -22.54
C ILE WA 51 -13.19 -58.59 -22.72
N ILE WA 52 -12.05 -57.90 -22.62
CA ILE WA 52 -12.09 -56.45 -22.77
C ILE WA 52 -12.78 -56.10 -24.07
N SER WA 53 -12.53 -56.87 -25.11
CA SER WA 53 -13.19 -56.62 -26.38
C SER WA 53 -14.70 -56.56 -26.19
N VAL WA 54 -15.28 -57.64 -25.68
CA VAL WA 54 -16.71 -57.59 -25.43
C VAL WA 54 -17.02 -56.60 -24.33
N PHE WA 55 -16.15 -56.51 -23.33
CA PHE WA 55 -16.27 -55.41 -22.38
C PHE WA 55 -16.30 -54.08 -23.09
N ILE WA 56 -15.35 -53.84 -23.98
CA ILE WA 56 -15.43 -52.65 -24.81
C ILE WA 56 -16.79 -52.59 -25.48
N ALA WA 57 -17.16 -53.69 -26.15
CA ALA WA 57 -18.40 -53.73 -26.89
C ALA WA 57 -19.56 -53.28 -26.03
N VAL WA 58 -19.71 -53.85 -24.84
CA VAL WA 58 -20.89 -53.57 -24.05
C VAL WA 58 -20.93 -52.10 -23.64
N GLY WA 59 -19.86 -51.59 -23.03
CA GLY WA 59 -19.83 -50.19 -22.66
C GLY WA 59 -20.04 -49.29 -23.85
N MET WA 60 -19.31 -49.54 -24.93
CA MET WA 60 -19.61 -48.87 -26.18
C MET WA 60 -21.09 -49.01 -26.50
N ALA WA 61 -21.61 -50.23 -26.43
CA ALA WA 61 -23.04 -50.41 -26.62
C ALA WA 61 -23.83 -49.71 -25.53
N VAL WA 62 -23.32 -49.74 -24.30
CA VAL WA 62 -24.00 -49.04 -23.22
C VAL WA 62 -24.13 -47.57 -23.54
N VAL WA 63 -23.00 -46.90 -23.72
CA VAL WA 63 -23.06 -45.47 -23.96
C VAL WA 63 -23.36 -45.24 -25.43
N GLY WA 64 -22.36 -45.48 -26.28
CA GLY WA 64 -22.53 -45.21 -27.70
C GLY WA 64 -23.12 -43.85 -27.97
N LEU WA 65 -22.65 -42.82 -27.29
CA LEU WA 65 -23.21 -41.48 -27.41
C LEU WA 65 -24.71 -41.52 -27.13
N GLN XA 1 -40.60 -14.11 -4.90
CA GLN XA 1 -40.78 -13.81 -6.31
C GLN XA 1 -40.11 -14.84 -7.20
N ASP XA 2 -39.48 -14.33 -8.25
CA ASP XA 2 -38.72 -15.17 -9.15
C ASP XA 2 -37.26 -15.24 -8.72
N LEU XA 3 -36.77 -16.46 -8.53
CA LEU XA 3 -35.36 -16.62 -8.25
C LEU XA 3 -34.59 -16.34 -9.53
N MET XA 4 -33.63 -15.42 -9.45
CA MET XA 4 -33.09 -14.88 -10.69
C MET XA 4 -32.26 -15.90 -11.44
N ALA XA 5 -31.58 -16.79 -10.74
CA ALA XA 5 -30.86 -17.84 -11.45
C ALA XA 5 -31.79 -18.78 -12.20
N SER XA 6 -33.10 -18.63 -12.04
CA SER XA 6 -34.04 -19.50 -12.73
C SER XA 6 -34.09 -19.16 -14.21
N GLY XA 7 -35.03 -19.78 -14.89
CA GLY XA 7 -34.98 -19.79 -16.32
C GLY XA 7 -33.75 -20.55 -16.75
N ASN XA 8 -33.37 -20.33 -18.01
CA ASN XA 8 -32.21 -20.97 -18.58
C ASN XA 8 -32.37 -22.48 -18.51
N THR XA 9 -31.48 -23.13 -17.75
CA THR XA 9 -31.55 -24.56 -17.52
C THR XA 9 -31.49 -25.34 -18.82
N THR XA 10 -30.99 -24.72 -19.87
CA THR XA 10 -30.26 -25.49 -20.86
C THR XA 10 -29.09 -26.17 -20.19
N VAL XA 11 -28.76 -25.68 -19.00
CA VAL XA 11 -27.94 -26.33 -18.01
C VAL XA 11 -28.35 -27.79 -17.96
N LYS XA 12 -29.66 -28.02 -17.82
CA LYS XA 12 -30.13 -29.39 -17.90
C LYS XA 12 -29.73 -30.00 -19.22
N ALA XA 13 -30.17 -29.42 -20.33
CA ALA XA 13 -29.75 -29.90 -21.63
C ALA XA 13 -28.25 -30.10 -21.65
N THR XA 14 -27.51 -29.14 -21.09
CA THR XA 14 -26.06 -29.25 -21.03
C THR XA 14 -25.65 -30.52 -20.31
N PHE XA 15 -26.15 -30.72 -19.11
CA PHE XA 15 -25.69 -31.81 -18.25
C PHE XA 15 -26.65 -32.98 -18.17
N GLY XA 16 -27.77 -32.93 -18.90
CA GLY XA 16 -28.86 -33.84 -18.67
C GLY XA 16 -28.50 -35.30 -18.81
N LYS XA 17 -29.39 -36.15 -18.32
CA LYS XA 17 -29.18 -37.60 -18.43
C LYS XA 17 -28.80 -37.95 -19.86
N ASP XA 18 -29.49 -37.36 -20.82
CA ASP XA 18 -29.01 -37.31 -22.19
C ASP XA 18 -28.28 -35.98 -22.34
N SER XA 19 -26.97 -36.09 -22.43
CA SER XA 19 -26.11 -34.96 -22.73
C SER XA 19 -24.81 -35.51 -23.28
N SER XA 20 -24.13 -34.66 -24.03
CA SER XA 20 -22.80 -35.03 -24.49
C SER XA 20 -21.97 -35.39 -23.28
N VAL XA 21 -21.79 -34.40 -22.40
CA VAL XA 21 -20.85 -34.51 -21.30
C VAL XA 21 -21.00 -35.83 -20.57
N VAL XA 22 -22.24 -36.17 -20.21
CA VAL XA 22 -22.48 -37.43 -19.54
C VAL XA 22 -21.85 -38.57 -20.31
N LYS XA 23 -22.20 -38.68 -21.58
CA LYS XA 23 -21.66 -39.73 -22.42
C LYS XA 23 -20.14 -39.69 -22.45
N TRP XA 24 -19.57 -38.48 -22.49
CA TRP XA 24 -18.13 -38.32 -22.39
C TRP XA 24 -17.57 -39.10 -21.22
N VAL XA 25 -18.16 -38.92 -20.05
CA VAL XA 25 -17.57 -39.46 -18.83
C VAL XA 25 -17.32 -40.94 -18.98
N VAL XA 26 -18.40 -41.72 -19.05
CA VAL XA 26 -18.28 -43.17 -19.04
C VAL XA 26 -17.35 -43.62 -20.13
N LEU XA 27 -17.35 -42.92 -21.26
CA LEU XA 27 -16.45 -43.26 -22.34
C LEU XA 27 -15.03 -43.41 -21.83
N ALA XA 28 -14.42 -42.29 -21.43
CA ALA XA 28 -13.07 -42.35 -20.89
C ALA XA 28 -12.99 -43.33 -19.75
N GLU XA 29 -14.04 -43.39 -18.92
CA GLU XA 29 -14.08 -44.41 -17.89
C GLU XA 29 -13.87 -45.79 -18.47
N VAL XA 30 -14.65 -46.15 -19.48
CA VAL XA 30 -14.43 -47.42 -20.15
C VAL XA 30 -12.98 -47.56 -20.55
N LEU XA 31 -12.42 -46.51 -21.13
CA LEU XA 31 -11.04 -46.57 -21.59
C LEU XA 31 -10.11 -46.91 -20.44
N VAL XA 32 -9.98 -45.98 -19.49
CA VAL XA 32 -8.95 -46.09 -18.47
C VAL XA 32 -9.02 -47.42 -17.76
N GLY XA 33 -10.23 -47.87 -17.42
CA GLY XA 33 -10.36 -49.18 -16.81
C GLY XA 33 -9.75 -50.25 -17.69
N ALA XA 34 -10.20 -50.32 -18.94
CA ALA XA 34 -9.57 -51.22 -19.89
C ALA XA 34 -8.07 -51.00 -19.93
N VAL XA 35 -7.65 -49.74 -19.99
CA VAL XA 35 -6.25 -49.43 -19.89
C VAL XA 35 -5.66 -50.06 -18.64
N MET XA 36 -6.15 -49.63 -17.47
CA MET XA 36 -5.61 -50.09 -16.21
C MET XA 36 -5.48 -51.60 -16.18
N TYR XA 37 -6.48 -52.31 -16.67
CA TYR XA 37 -6.45 -53.76 -16.55
C TYR XA 37 -5.23 -54.34 -17.22
N MET XA 38 -4.84 -53.81 -18.39
CA MET XA 38 -3.60 -54.25 -19.01
C MET XA 38 -2.46 -54.18 -18.01
N MET XA 39 -2.30 -53.03 -17.38
CA MET XA 39 -1.25 -52.89 -16.39
C MET XA 39 -1.47 -53.84 -15.22
N THR XA 40 -2.66 -53.79 -14.62
CA THR XA 40 -2.88 -54.48 -13.35
C THR XA 40 -3.10 -55.96 -13.56
N LYS XA 41 -3.95 -56.32 -14.52
CA LYS XA 41 -4.42 -57.69 -14.65
C LYS XA 41 -5.13 -58.15 -13.38
N ASN XA 42 -5.79 -57.19 -12.74
CA ASN XA 42 -6.66 -57.49 -11.62
C ASN XA 42 -8.09 -57.22 -12.05
N VAL XA 43 -9.03 -57.92 -11.45
CA VAL XA 43 -10.39 -57.54 -11.77
C VAL XA 43 -10.73 -56.48 -10.76
N LYS XA 44 -10.72 -55.25 -11.21
CA LYS XA 44 -11.05 -54.09 -10.42
C LYS XA 44 -11.95 -53.16 -11.21
N PHE XA 45 -11.45 -52.72 -12.33
CA PHE XA 45 -11.81 -51.46 -12.93
C PHE XA 45 -13.11 -51.53 -13.70
N LEU XA 46 -13.75 -52.68 -13.74
CA LEU XA 46 -15.04 -52.73 -14.43
C LEU XA 46 -16.13 -52.70 -13.37
N ALA XA 47 -16.51 -51.48 -13.01
CA ALA XA 47 -17.56 -51.33 -12.00
C ALA XA 47 -18.38 -50.07 -12.24
N GLY XA 48 -17.78 -48.93 -11.91
CA GLY XA 48 -18.39 -47.64 -12.21
C GLY XA 48 -18.69 -47.54 -13.68
N PHE XA 49 -17.99 -48.32 -14.47
CA PHE XA 49 -18.37 -48.62 -15.84
C PHE XA 49 -19.87 -48.79 -15.87
N ALA XA 50 -20.37 -49.80 -15.17
CA ALA XA 50 -21.79 -49.86 -14.89
C ALA XA 50 -22.20 -48.95 -13.75
N ILE XA 51 -21.44 -48.93 -12.66
CA ILE XA 51 -21.91 -48.32 -11.44
C ILE XA 51 -22.10 -46.82 -11.61
N ILE XA 52 -21.06 -46.13 -12.07
CA ILE XA 52 -21.19 -44.69 -12.24
C ILE XA 52 -22.42 -44.38 -13.06
N SER XA 53 -22.67 -45.18 -14.09
CA SER XA 53 -23.85 -44.98 -14.90
C SER XA 53 -25.10 -44.92 -14.03
N VAL XA 54 -25.35 -45.98 -13.26
CA VAL XA 54 -26.50 -45.92 -12.38
C VAL XA 54 -26.28 -44.89 -11.30
N PHE XA 55 -25.04 -44.77 -10.83
CA PHE XA 55 -24.72 -43.64 -9.97
C PHE XA 55 -25.11 -42.33 -10.62
N ILE XA 56 -24.68 -42.12 -11.85
CA ILE XA 56 -25.17 -40.96 -12.59
C ILE XA 56 -26.69 -40.94 -12.54
N ALA XA 57 -27.30 -42.06 -12.92
CA ALA XA 57 -28.75 -42.12 -13.00
C ALA XA 57 -29.38 -41.64 -11.71
N VAL XA 58 -28.93 -42.17 -10.57
CA VAL XA 58 -29.62 -41.86 -9.33
C VAL XA 58 -29.49 -40.39 -8.99
N GLY XA 59 -28.27 -39.86 -8.99
CA GLY XA 59 -28.10 -38.44 -8.70
C GLY XA 59 -28.86 -37.58 -9.68
N MET XA 60 -28.71 -37.87 -10.97
CA MET XA 60 -29.59 -37.25 -11.95
C MET XA 60 -31.04 -37.40 -11.55
N ALA XA 61 -31.44 -38.62 -11.19
CA ALA XA 61 -32.79 -38.82 -10.69
C ALA XA 61 -32.98 -38.08 -9.37
N VAL XA 62 -31.96 -38.06 -8.52
CA VAL XA 62 -32.06 -37.32 -7.27
C VAL XA 62 -32.35 -35.86 -7.54
N VAL XA 63 -31.46 -35.19 -8.25
CA VAL XA 63 -31.65 -33.78 -8.48
C VAL XA 63 -32.61 -33.61 -9.64
N GLY XA 64 -32.13 -33.86 -10.85
CA GLY XA 64 -32.94 -33.65 -12.04
C GLY XA 64 -33.63 -32.31 -12.05
N LEU XA 65 -32.90 -31.26 -11.70
CA LEU XA 65 -33.47 -29.92 -11.58
C LEU XA 65 -34.67 -29.95 -10.63
N GLN YA 1 -38.63 -1.49 15.49
CA GLN YA 1 -39.47 -1.24 14.32
C GLN YA 1 -39.27 -2.32 13.26
N ASP YA 2 -39.23 -1.86 12.01
CA ASP YA 2 -38.96 -2.75 10.90
C ASP YA 2 -37.47 -2.80 10.60
N LEU YA 3 -36.93 -4.01 10.58
CA LEU YA 3 -35.54 -4.17 10.17
C LEU YA 3 -35.47 -3.95 8.66
N MET YA 4 -34.61 -3.03 8.25
CA MET YA 4 -34.72 -2.55 6.88
C MET YA 4 -34.33 -3.60 5.87
N ALA YA 5 -33.38 -4.48 6.21
CA ALA YA 5 -33.06 -5.55 5.28
C ALA YA 5 -34.22 -6.52 5.09
N SER YA 6 -35.31 -6.36 5.84
CA SER YA 6 -36.45 -7.25 5.71
C SER YA 6 -37.19 -6.97 4.42
N GLY YA 7 -38.33 -7.61 4.29
CA GLY YA 7 -38.96 -7.68 3.01
C GLY YA 7 -38.06 -8.47 2.08
N ASN YA 8 -38.34 -8.30 0.79
CA ASN YA 8 -37.57 -8.98 -0.24
C ASN YA 8 -37.64 -10.48 -0.04
N THR YA 9 -36.51 -11.10 0.23
CA THR YA 9 -36.43 -12.53 0.52
C THR YA 9 -36.98 -13.36 -0.61
N THR YA 10 -37.04 -12.79 -1.81
CA THR YA 10 -36.84 -13.60 -3.00
C THR YA 10 -35.49 -14.26 -2.92
N VAL YA 11 -34.65 -13.72 -2.04
CA VAL YA 11 -33.45 -14.34 -1.54
C VAL YA 11 -33.77 -15.78 -1.24
N LYS YA 12 -34.86 -16.00 -0.50
CA LYS YA 12 -35.29 -17.37 -0.28
C LYS YA 12 -35.54 -18.04 -1.61
N ALA YA 13 -36.47 -17.49 -2.40
CA ALA YA 13 -36.70 -18.04 -3.73
C ALA YA 13 -35.38 -18.24 -4.44
N THR YA 14 -34.47 -17.27 -4.33
CA THR YA 14 -33.17 -17.39 -4.96
C THR YA 14 -32.45 -18.63 -4.47
N PHE YA 15 -32.32 -18.78 -3.17
CA PHE YA 15 -31.49 -19.82 -2.58
C PHE YA 15 -32.30 -20.98 -2.01
N GLY YA 16 -33.61 -20.96 -2.14
CA GLY YA 16 -34.46 -21.85 -1.37
C GLY YA 16 -34.17 -23.32 -1.61
N LYS YA 17 -34.72 -24.16 -0.71
CA LYS YA 17 -34.57 -25.59 -0.87
C LYS YA 17 -34.90 -26.02 -2.29
N ASP YA 18 -35.97 -25.46 -2.83
CA ASP YA 18 -36.19 -25.48 -4.27
C ASP YA 18 -35.64 -24.17 -4.80
N SER YA 19 -34.52 -24.28 -5.49
CA SER YA 19 -33.93 -23.16 -6.21
C SER YA 19 -33.03 -23.74 -7.28
N SER YA 20 -32.79 -22.94 -8.29
CA SER YA 20 -31.84 -23.33 -9.32
C SER YA 20 -30.52 -23.64 -8.62
N VAL YA 21 -29.96 -22.62 -7.97
CA VAL YA 21 -28.61 -22.68 -7.43
C VAL YA 21 -28.39 -23.98 -6.67
N VAL YA 22 -29.30 -24.29 -5.76
CA VAL YA 22 -29.18 -25.52 -5.00
C VAL YA 22 -28.97 -26.69 -5.94
N LYS YA 23 -29.87 -26.85 -6.88
CA LYS YA 23 -29.78 -27.94 -7.83
C LYS YA 23 -28.46 -27.90 -8.58
N TRP YA 24 -28.00 -26.71 -8.93
CA TRP YA 24 -26.68 -26.55 -9.52
C TRP YA 24 -25.61 -27.28 -8.73
N VAL YA 25 -25.58 -27.06 -7.42
CA VAL YA 25 -24.49 -27.54 -6.61
C VAL YA 25 -24.31 -29.03 -6.79
N VAL YA 26 -25.28 -29.81 -6.31
CA VAL YA 26 -25.16 -31.25 -6.31
C VAL YA 26 -24.84 -31.76 -7.69
N LEU YA 27 -25.38 -31.10 -8.71
CA LEU YA 27 -25.09 -31.49 -10.08
C LEU YA 27 -23.60 -31.63 -10.28
N ALA YA 28 -22.90 -30.50 -10.27
CA ALA YA 28 -21.45 -30.54 -10.43
C ALA YA 28 -20.82 -31.48 -9.41
N GLU YA 29 -21.36 -31.50 -8.20
CA GLU YA 29 -20.89 -32.46 -7.23
C GLU YA 29 -20.96 -33.87 -7.78
N VAL YA 30 -22.12 -34.26 -8.28
CA VAL YA 30 -22.23 -35.56 -8.92
C VAL YA 30 -21.12 -35.73 -9.96
N LEU YA 31 -20.92 -34.71 -10.78
CA LEU YA 31 -19.92 -34.81 -11.82
C LEU YA 31 -18.55 -35.10 -11.25
N VAL YA 32 -18.01 -34.13 -10.51
CA VAL YA 32 -16.61 -34.19 -10.08
C VAL YA 32 -16.33 -35.50 -9.38
N GLY YA 33 -17.22 -35.92 -8.48
CA GLY YA 33 -17.03 -37.20 -7.84
C GLY YA 33 -16.89 -38.32 -8.85
N ALA YA 34 -17.87 -38.44 -9.74
CA ALA YA 34 -17.75 -39.39 -10.83
C ALA YA 34 -16.45 -39.17 -11.58
N VAL YA 35 -16.14 -37.92 -11.89
CA VAL YA 35 -14.84 -37.61 -12.47
C VAL YA 35 -13.73 -38.19 -11.62
N MET YA 36 -13.62 -37.70 -10.38
CA MET YA 36 -12.54 -38.13 -9.50
C MET YA 36 -12.39 -39.63 -9.48
N TYR YA 37 -13.50 -40.35 -9.41
CA TYR YA 37 -13.39 -41.79 -9.26
C TYR YA 37 -12.62 -42.41 -10.40
N MET YA 38 -12.83 -41.92 -11.63
CA MET YA 38 -12.02 -42.40 -12.74
C MET YA 38 -10.55 -42.30 -12.41
N MET YA 39 -10.12 -41.13 -11.97
CA MET YA 39 -8.74 -40.95 -11.59
C MET YA 39 -8.37 -41.85 -10.43
N THR YA 40 -9.14 -41.76 -9.34
CA THR YA 40 -8.73 -42.39 -8.10
C THR YA 40 -8.99 -43.88 -8.11
N LYS YA 41 -10.18 -44.28 -8.54
CA LYS YA 41 -10.65 -45.66 -8.38
C LYS YA 41 -10.66 -46.04 -6.91
N ASN YA 42 -10.96 -45.06 -6.07
CA ASN YA 42 -11.20 -45.30 -4.67
C ASN YA 42 -12.66 -45.05 -4.38
N VAL YA 43 -13.20 -45.71 -3.39
CA VAL YA 43 -14.56 -45.34 -3.04
C VAL YA 43 -14.39 -44.23 -2.02
N LYS YA 44 -14.62 -43.03 -2.48
CA LYS YA 44 -14.56 -41.84 -1.67
C LYS YA 44 -15.73 -40.94 -1.98
N PHE YA 45 -15.82 -40.54 -3.23
CA PHE YA 45 -16.45 -39.30 -3.64
C PHE YA 45 -17.95 -39.40 -3.71
N LEU YA 46 -18.52 -40.55 -3.39
CA LEU YA 46 -19.97 -40.64 -3.38
C LEU YA 46 -20.45 -40.54 -1.94
N ALA YA 47 -20.63 -39.31 -1.48
CA ALA YA 47 -21.09 -39.10 -0.12
C ALA YA 47 -21.95 -37.86 0.01
N GLY YA 48 -21.27 -36.70 -0.03
CA GLY YA 48 -21.97 -35.43 -0.06
C GLY YA 48 -22.93 -35.38 -1.21
N PHE YA 49 -22.67 -36.20 -2.22
CA PHE YA 49 -23.64 -36.57 -3.22
C PHE YA 49 -24.98 -36.73 -2.54
N ALA YA 50 -25.08 -37.70 -1.65
CA ALA YA 50 -26.20 -37.74 -0.73
C ALA YA 50 -26.04 -36.77 0.43
N ILE YA 51 -24.85 -36.72 1.03
CA ILE YA 51 -24.70 -36.05 2.32
C ILE YA 51 -24.96 -34.56 2.18
N ILE YA 52 -24.28 -33.89 1.26
CA ILE YA 52 -24.49 -32.46 1.12
C ILE YA 52 -25.97 -32.18 0.95
N SER YA 53 -26.66 -33.03 0.21
CA SER YA 53 -28.09 -32.85 0.04
C SER YA 53 -28.78 -32.75 1.39
N VAL YA 54 -28.63 -33.77 2.23
CA VAL YA 54 -29.23 -33.68 3.54
C VAL YA 54 -28.53 -32.60 4.35
N PHE YA 55 -27.22 -32.46 4.18
CA PHE YA 55 -26.55 -31.30 4.74
C PHE YA 55 -27.23 -30.01 4.30
N ILE YA 56 -27.44 -29.86 3.00
CA ILE YA 56 -28.23 -28.74 2.54
C ILE YA 56 -29.54 -28.70 3.28
N ALA YA 57 -30.25 -29.83 3.28
CA ALA YA 57 -31.56 -29.90 3.91
C ALA YA 57 -31.52 -29.34 5.32
N VAL YA 58 -30.58 -29.83 6.14
CA VAL YA 58 -30.60 -29.47 7.54
C VAL YA 58 -30.36 -27.98 7.71
N GLY YA 59 -29.28 -27.45 7.13
CA GLY YA 59 -29.02 -26.03 7.24
C GLY YA 59 -30.17 -25.20 6.70
N MET YA 60 -30.64 -25.56 5.51
CA MET YA 60 -31.88 -24.97 5.02
C MET YA 60 -32.96 -25.10 6.07
N ALA YA 61 -33.14 -26.30 6.61
CA ALA YA 61 -34.09 -26.46 7.71
C ALA YA 61 -33.65 -25.67 8.93
N VAL YA 62 -32.34 -25.61 9.19
CA VAL YA 62 -31.86 -24.83 10.32
C VAL YA 62 -32.27 -23.37 10.16
N VAL YA 63 -31.82 -22.75 9.08
CA VAL YA 63 -32.12 -21.35 8.91
C VAL YA 63 -33.52 -21.21 8.34
N GLY YA 64 -33.65 -21.53 7.05
CA GLY YA 64 -34.94 -21.36 6.38
C GLY YA 64 -35.56 -20.02 6.64
N LEU YA 65 -34.77 -18.95 6.56
CA LEU YA 65 -35.25 -17.62 6.88
C LEU YA 65 -35.85 -17.60 8.29
N GLN ZA 1 -27.56 11.80 32.23
CA GLN ZA 1 -28.85 12.01 31.58
C GLN ZA 1 -29.16 10.89 30.60
N ASP ZA 2 -29.71 11.31 29.46
CA ASP ZA 2 -29.99 10.37 28.38
C ASP ZA 2 -28.81 10.31 27.41
N LEU ZA 3 -28.32 9.10 27.19
CA LEU ZA 3 -27.29 8.91 26.18
C LEU ZA 3 -27.94 9.07 24.82
N MET ZA 4 -27.39 9.97 24.01
CA MET ZA 4 -28.14 10.40 22.85
C MET ZA 4 -28.25 9.31 21.80
N ALA ZA 5 -27.25 8.45 21.68
CA ALA ZA 5 -27.38 7.33 20.76
C ALA ZA 5 -28.48 6.36 21.17
N SER ZA 6 -29.09 6.56 22.33
CA SER ZA 6 -30.13 5.67 22.79
C SER ZA 6 -31.41 5.90 21.99
N GLY ZA 7 -32.47 5.25 22.43
CA GLY ZA 7 -33.62 5.13 21.60
C GLY ZA 7 -33.27 4.31 20.39
N ASN ZA 8 -34.10 4.43 19.37
CA ASN ZA 8 -33.90 3.71 18.12
C ASN ZA 8 -33.85 2.22 18.40
N THR ZA 9 -32.70 1.60 18.12
CA THR ZA 9 -32.48 0.20 18.40
C THR ZA 9 -33.49 -0.69 17.68
N THR ZA 10 -34.11 -0.16 16.64
CA THR ZA 10 -34.48 -1.01 15.53
C THR ZA 10 -33.25 -1.67 14.98
N VAL ZA 11 -32.10 -1.11 15.34
CA VAL ZA 11 -30.80 -1.71 15.24
C VAL ZA 11 -30.92 -3.14 15.71
N LYS ZA 12 -31.52 -3.33 16.88
CA LYS ZA 12 -31.78 -4.68 17.33
C LYS ZA 12 -32.61 -5.41 16.30
N ALA ZA 13 -33.81 -4.89 16.01
CA ALA ZA 13 -34.62 -5.48 14.97
C ALA ZA 13 -33.80 -5.72 13.73
N THR ZA 14 -32.97 -4.75 13.36
CA THR ZA 14 -32.12 -4.89 12.20
C THR ZA 14 -31.22 -6.12 12.34
N PHE ZA 15 -30.49 -6.21 13.43
CA PHE ZA 15 -29.47 -7.23 13.59
C PHE ZA 15 -29.90 -8.37 14.52
N GLY ZA 16 -31.12 -8.35 15.03
CA GLY ZA 16 -31.49 -9.21 16.13
C GLY ZA 16 -31.33 -10.68 15.84
N LYS ZA 17 -31.38 -11.48 16.91
CA LYS ZA 17 -31.30 -12.93 16.76
C LYS ZA 17 -32.25 -13.40 15.68
N ASP ZA 18 -33.47 -12.87 15.68
CA ASP ZA 18 -34.33 -12.93 14.53
C ASP ZA 18 -34.11 -11.64 13.75
N SER ZA 19 -33.45 -11.79 12.62
CA SER ZA 19 -33.28 -10.71 11.67
C SER ZA 19 -32.98 -11.33 10.32
N SER ZA 20 -33.26 -10.57 9.28
CA SER ZA 20 -32.89 -11.00 7.95
C SER ZA 20 -31.40 -11.28 7.96
N VAL ZA 21 -30.62 -10.24 8.23
CA VAL ZA 21 -29.17 -10.29 8.06
C VAL ZA 21 -28.59 -11.56 8.68
N VAL ZA 22 -28.97 -11.82 9.92
CA VAL ZA 22 -28.48 -13.02 10.58
C VAL ZA 22 -28.72 -14.24 9.70
N LYS ZA 23 -29.96 -14.43 9.29
CA LYS ZA 23 -30.30 -15.56 8.44
C LYS ZA 23 -29.49 -15.56 7.17
N TRP ZA 24 -29.27 -14.37 6.60
CA TRP ZA 24 -28.39 -14.25 5.45
C TRP ZA 24 -27.06 -14.95 5.67
N VAL ZA 25 -26.42 -14.66 6.81
CA VAL ZA 25 -25.06 -15.13 7.02
C VAL ZA 25 -24.98 -16.62 6.83
N VAL ZA 26 -25.60 -17.38 7.74
CA VAL ZA 26 -25.46 -18.82 7.74
C VAL ZA 26 -25.82 -19.38 6.39
N LEU ZA 27 -26.79 -18.76 5.71
CA LEU ZA 27 -27.18 -19.20 4.39
C LEU ZA 27 -25.95 -19.35 3.52
N ALA ZA 28 -25.33 -18.22 3.16
CA ALA ZA 28 -24.14 -18.28 2.33
C ALA ZA 28 -23.09 -19.17 2.96
N GLU ZA 29 -22.99 -19.15 4.29
CA GLU ZA 29 -22.11 -20.08 4.97
C GLU ZA 29 -22.40 -21.50 4.57
N VAL ZA 30 -23.66 -21.92 4.67
CA VAL ZA 30 -24.04 -23.24 4.20
C VAL ZA 30 -23.55 -23.45 2.78
N LEU ZA 31 -23.77 -22.47 1.93
CA LEU ZA 31 -23.38 -22.60 0.53
C LEU ZA 31 -21.89 -22.87 0.41
N VAL ZA 32 -21.08 -21.88 0.77
CA VAL ZA 32 -19.65 -21.93 0.49
C VAL ZA 32 -19.04 -23.21 1.03
N GLY ZA 33 -19.40 -23.60 2.26
CA GLY ZA 33 -18.91 -24.85 2.78
C GLY ZA 33 -19.25 -26.01 1.86
N ALA ZA 34 -20.53 -26.15 1.55
CA ALA ZA 34 -20.93 -27.14 0.55
C ALA ZA 34 -20.13 -26.96 -0.73
N VAL ZA 35 -20.02 -25.73 -1.19
CA VAL ZA 35 -19.15 -25.45 -2.33
C VAL ZA 35 -17.77 -26.00 -2.08
N MET ZA 36 -17.09 -25.47 -1.05
CA MET ZA 36 -15.72 -25.86 -0.77
C MET ZA 36 -15.55 -27.36 -0.77
N TYR ZA 37 -16.49 -28.08 -0.16
CA TYR ZA 37 -16.30 -29.50 -0.03
C TYR ZA 37 -16.14 -30.17 -1.38
N MET ZA 38 -16.92 -29.73 -2.37
CA MET ZA 38 -16.73 -30.24 -3.71
C MET ZA 38 -15.27 -30.14 -4.12
N MET ZA 39 -14.70 -28.95 -3.98
CA MET ZA 39 -13.31 -28.76 -4.30
C MET ZA 39 -12.42 -29.62 -3.41
N THR ZA 40 -12.58 -29.49 -2.10
CA THR ZA 40 -11.62 -30.07 -1.17
C THR ZA 40 -11.85 -31.57 -1.01
N LYS ZA 41 -13.09 -31.98 -0.82
CA LYS ZA 41 -13.41 -33.33 -0.41
C LYS ZA 41 -12.72 -33.67 0.91
N ASN ZA 42 -12.60 -32.66 1.76
CA ASN ZA 42 -12.15 -32.84 3.12
C ASN ZA 42 -13.31 -32.57 4.04
N VAL ZA 43 -13.31 -33.20 5.21
CA VAL ZA 43 -14.35 -32.81 6.14
C VAL ZA 43 -13.74 -31.67 6.91
N LYS ZA 44 -14.18 -30.47 6.57
CA LYS ZA 44 -13.76 -29.25 7.21
C LYS ZA 44 -14.95 -28.36 7.46
N PHE ZA 45 -15.63 -28.01 6.40
CA PHE ZA 45 -16.39 -26.79 6.28
C PHE ZA 45 -17.75 -26.89 6.94
N LEU ZA 46 -18.09 -28.02 7.53
CA LEU ZA 46 -19.36 -28.10 8.21
C LEU ZA 46 -19.11 -27.95 9.71
N ALA ZA 47 -19.08 -26.69 10.15
CA ALA ZA 47 -18.83 -26.43 11.56
C ALA ZA 47 -19.55 -25.19 12.03
N GLY ZA 48 -18.99 -24.03 11.64
CA GLY ZA 48 -19.64 -22.76 11.89
C GLY ZA 48 -21.03 -22.76 11.33
N PHE ZA 49 -21.27 -23.62 10.35
CA PHE ZA 49 -22.59 -24.02 9.93
C PHE ZA 49 -23.45 -24.14 11.17
N ALA ZA 50 -23.10 -25.09 12.03
CA ALA ZA 50 -23.65 -25.09 13.38
C ALA ZA 50 -22.98 -24.08 14.29
N ILE ZA 51 -21.66 -24.00 14.26
CA ILE ZA 51 -20.93 -23.27 15.29
C ILE ZA 51 -21.24 -21.79 15.25
N ILE ZA 52 -21.08 -21.16 14.09
CA ILE ZA 52 -21.36 -19.75 14.01
C ILE ZA 52 -22.75 -19.46 14.56
N SER ZA 53 -23.70 -20.34 14.25
CA SER ZA 53 -25.04 -20.17 14.77
C SER ZA 53 -25.01 -20.01 16.27
N VAL ZA 54 -24.48 -21.00 16.98
CA VAL ZA 54 -24.38 -20.85 18.42
C VAL ZA 54 -23.40 -19.75 18.77
N PHE ZA 55 -22.33 -19.61 18.00
CA PHE ZA 55 -21.50 -18.44 18.13
C PHE ZA 55 -22.32 -17.16 18.02
N ILE ZA 56 -23.12 -17.06 16.96
CA ILE ZA 56 -24.06 -15.95 16.89
C ILE ZA 56 -24.86 -15.89 18.17
N ALA ZA 57 -25.47 -17.01 18.53
CA ALA ZA 57 -26.33 -17.05 19.71
C ALA ZA 57 -25.63 -16.45 20.92
N VAL ZA 58 -24.42 -16.90 21.20
CA VAL ZA 58 -23.78 -16.48 22.44
C VAL ZA 58 -23.51 -14.99 22.43
N GLY ZA 59 -22.84 -14.49 21.38
CA GLY ZA 59 -22.58 -13.07 21.31
C GLY ZA 59 -23.86 -12.26 21.34
N MET ZA 60 -24.83 -12.66 20.53
CA MET ZA 60 -26.16 -12.08 20.67
C MET ZA 60 -26.63 -12.16 22.10
N ALA ZA 61 -26.51 -13.34 22.71
CA ALA ZA 61 -26.82 -13.47 24.13
C ALA ZA 61 -25.87 -12.63 24.97
N VAL ZA 62 -24.60 -12.57 24.59
CA VAL ZA 62 -23.66 -11.74 25.32
C VAL ZA 62 -24.12 -10.29 25.31
N VAL ZA 63 -24.23 -9.71 24.13
CA VAL ZA 63 -24.60 -8.30 24.08
C VAL ZA 63 -26.10 -8.20 24.22
N GLY ZA 64 -26.82 -8.56 23.16
CA GLY ZA 64 -28.28 -8.42 23.18
C GLY ZA 64 -28.72 -7.07 23.65
N LEU ZA 65 -28.08 -6.00 23.17
CA LEU ZA 65 -28.37 -4.65 23.63
C LEU ZA 65 -28.24 -4.57 25.15
N GLN AB 1 -10.10 25.67 41.33
CA GLN AB 1 -11.54 25.86 41.35
C GLN AB 1 -12.27 24.71 40.66
N ASP AB 2 -13.28 25.08 39.90
CA ASP AB 2 -14.03 24.11 39.12
C ASP AB 2 -13.44 24.01 37.72
N LEU AB 3 -13.11 22.79 37.33
CA LEU AB 3 -12.67 22.57 35.96
C LEU AB 3 -13.88 22.68 35.06
N MET AB 4 -13.79 23.54 34.06
CA MET AB 4 -15.01 23.93 33.36
C MET AB 4 -15.58 22.79 32.54
N ALA AB 5 -14.73 21.93 31.99
CA ALA AB 5 -15.27 20.78 31.27
C ALA AB 5 -16.03 19.83 32.19
N SER AB 6 -16.02 20.08 33.49
CA SER AB 6 -16.72 19.21 34.41
C SER AB 6 -18.22 19.41 34.30
N GLY AB 7 -18.94 18.78 35.21
CA GLY AB 7 -20.35 18.63 35.03
C GLY AB 7 -20.59 17.77 33.82
N ASN AB 8 -21.81 17.85 33.31
CA ASN AB 8 -22.20 17.09 32.14
C ASN AB 8 -22.01 15.61 32.41
N THR AB 9 -21.13 14.97 31.65
CA THR AB 9 -20.78 13.57 31.83
C THR AB 9 -21.99 12.67 31.71
N THR AB 10 -23.03 13.17 31.05
CA THR AB 10 -23.87 12.27 30.29
C THR AB 10 -23.02 11.58 29.24
N VAL AB 11 -21.86 12.16 29.00
CA VAL AB 11 -20.74 11.56 28.32
C VAL AB 11 -20.61 10.14 28.84
N LYS AB 12 -20.59 10.00 30.16
CA LYS AB 12 -20.59 8.66 30.72
C LYS AB 12 -21.80 7.91 30.23
N ALA AB 13 -22.99 8.42 30.53
CA ALA AB 13 -24.20 7.79 30.01
C ALA AB 13 -24.05 7.49 28.54
N THR AB 14 -23.51 8.46 27.79
CA THR AB 14 -23.29 8.26 26.38
C THR AB 14 -22.42 7.04 26.10
N PHE AB 15 -21.26 6.99 26.73
CA PHE AB 15 -20.27 5.97 26.44
C PHE AB 15 -20.20 4.87 27.48
N GLY AB 16 -21.03 4.92 28.52
CA GLY AB 16 -20.84 4.09 29.69
C GLY AB 16 -20.81 2.61 29.41
N LYS AB 17 -20.34 1.85 30.40
CA LYS AB 17 -20.31 0.40 30.28
C LYS AB 17 -21.66 -0.11 29.80
N ASP AB 18 -22.72 0.43 30.35
CA ASP AB 18 -24.04 0.32 29.74
C ASP AB 18 -24.22 1.58 28.90
N SER AB 19 -24.17 1.38 27.59
CA SER AB 19 -24.48 2.43 26.64
C SER AB 19 -24.85 1.76 25.34
N SER AB 20 -25.60 2.49 24.52
CA SER AB 20 -25.89 2.01 23.19
C SER AB 20 -24.57 1.71 22.51
N VAL AB 21 -23.76 2.76 22.34
CA VAL AB 21 -22.56 2.71 21.52
C VAL AB 21 -21.75 1.47 21.84
N VAL AB 22 -21.48 1.24 23.12
CA VAL AB 22 -20.73 0.06 23.51
C VAL AB 22 -21.34 -1.18 22.89
N LYS AB 23 -22.62 -1.38 23.11
CA LYS AB 23 -23.30 -2.55 22.57
C LYS AB 23 -23.19 -2.59 21.06
N TRP AB 24 -23.27 -1.43 20.41
CA TRP AB 24 -23.04 -1.35 18.98
C TRP AB 24 -21.76 -2.04 18.58
N VAL AB 25 -20.67 -1.73 19.27
CA VAL AB 25 -19.35 -2.19 18.84
C VAL AB 25 -19.34 -3.69 18.68
N VAL AB 26 -19.45 -4.40 19.80
CA VAL AB 26 -19.32 -5.84 19.79
C VAL AB 26 -20.26 -6.45 18.79
N LEU AB 27 -21.44 -5.86 18.63
CA LEU AB 27 -22.39 -6.35 17.65
C LEU AB 27 -21.72 -6.53 16.31
N ALA AB 28 -21.36 -5.43 15.67
CA ALA AB 28 -20.70 -5.51 14.38
C ALA AB 28 -19.46 -6.39 14.48
N GLU AB 29 -18.74 -6.31 15.60
CA GLU AB 29 -17.64 -7.22 15.81
C GLU AB 29 -18.07 -8.66 15.64
N VAL AB 30 -19.12 -9.06 16.34
CA VAL AB 30 -19.65 -10.41 16.15
C VAL AB 30 -19.89 -10.66 14.68
N LEU AB 31 -20.49 -9.71 13.99
CA LEU AB 31 -20.81 -9.90 12.59
C LEU AB 31 -19.54 -10.18 11.79
N VAL AB 32 -18.67 -9.17 11.68
CA VAL AB 32 -17.55 -9.24 10.77
C VAL AB 32 -16.74 -10.51 11.01
N GLY AB 33 -16.47 -10.84 12.27
CA GLY AB 33 -15.78 -12.08 12.54
C GLY AB 33 -16.49 -13.26 11.93
N ALA AB 34 -17.77 -13.42 12.25
CA ALA AB 34 -18.57 -14.45 11.60
C ALA AB 34 -18.48 -14.32 10.10
N VAL AB 35 -18.61 -13.10 9.59
CA VAL AB 35 -18.38 -12.86 8.18
C VAL AB 35 -17.03 -13.41 7.77
N MET AB 36 -15.97 -12.85 8.32
CA MET AB 36 -14.61 -13.22 7.94
C MET AB 36 -14.44 -14.73 7.92
N TYR AB 37 -14.97 -15.42 8.93
CA TYR AB 37 -14.72 -16.84 9.00
C TYR AB 37 -15.22 -17.56 7.76
N MET AB 38 -16.37 -17.16 7.23
CA MET AB 38 -16.82 -17.73 5.97
C MET AB 38 -15.73 -17.64 4.92
N MET AB 39 -15.18 -16.44 4.75
CA MET AB 39 -14.10 -16.28 3.80
C MET AB 39 -12.88 -17.10 4.19
N THR AB 40 -12.41 -16.92 5.43
CA THR AB 40 -11.13 -17.48 5.82
C THR AB 40 -11.23 -18.96 6.11
N LYS AB 41 -12.22 -19.36 6.89
CA LYS AB 41 -12.28 -20.70 7.44
C LYS AB 41 -11.06 -20.98 8.30
N ASN AB 42 -10.57 -19.94 8.95
CA ASN AB 42 -9.53 -20.07 9.95
C ASN AB 42 -10.13 -19.76 11.30
N VAL AB 43 -9.58 -20.35 12.34
CA VAL AB 43 -10.06 -19.93 13.63
C VAL AB 43 -9.18 -18.75 14.00
N LYS AB 44 -9.74 -17.58 13.85
CA LYS AB 44 -9.09 -16.33 14.19
C LYS AB 44 -10.03 -15.43 14.94
N PHE AB 45 -11.14 -15.11 14.30
CA PHE AB 45 -11.88 -13.90 14.52
C PHE AB 45 -12.77 -13.97 15.74
N LEU AB 46 -12.78 -15.07 16.45
CA LEU AB 46 -13.58 -15.12 17.66
C LEU AB 46 -12.65 -14.92 18.85
N ALA AB 47 -12.43 -13.65 19.18
CA ALA AB 47 -11.56 -13.34 20.31
C ALA AB 47 -11.99 -12.07 21.02
N GLY AB 48 -11.70 -10.93 20.37
CA GLY AB 48 -12.17 -9.65 20.86
C GLY AB 48 -13.66 -9.66 21.01
N PHE AB 49 -14.31 -10.56 20.28
CA PHE AB 49 -15.68 -10.96 20.55
C PHE AB 49 -15.84 -11.05 22.06
N ALA AB 50 -15.12 -11.96 22.68
CA ALA AB 50 -14.98 -11.91 24.13
C ALA AB 50 -13.98 -10.86 24.58
N ILE AB 51 -12.82 -10.79 23.93
CA ILE AB 51 -11.71 -10.03 24.48
C ILE AB 51 -12.02 -8.55 24.54
N ILE AB 52 -12.44 -7.97 23.41
CA ILE AB 52 -12.74 -6.55 23.43
C ILE AB 52 -13.71 -6.24 24.55
N SER AB 53 -14.68 -7.13 24.76
CA SER AB 53 -15.62 -6.93 25.84
C SER AB 53 -14.89 -6.71 27.15
N VAL AB 54 -14.08 -7.68 27.55
CA VAL AB 54 -13.32 -7.48 28.78
C VAL AB 54 -12.30 -6.37 28.59
N PHE AB 55 -11.72 -6.26 27.39
CA PHE AB 55 -10.93 -5.09 27.08
C PHE AB 55 -11.74 -3.83 27.32
N ILE AB 56 -12.94 -3.75 26.76
CA ILE AB 56 -13.82 -2.64 27.10
C ILE AB 56 -13.93 -2.53 28.60
N ALA AB 57 -14.28 -3.63 29.26
CA ALA AB 57 -14.49 -3.63 30.69
C ALA AB 57 -13.31 -2.98 31.41
N VAL AB 58 -12.10 -3.43 31.11
CA VAL AB 58 -10.95 -2.97 31.89
C VAL AB 58 -10.75 -1.48 31.69
N GLY AB 59 -10.66 -1.02 30.44
CA GLY AB 59 -10.48 0.40 30.21
C GLY AB 59 -11.60 1.21 30.82
N MET AB 60 -12.84 0.79 30.56
CA MET AB 60 -13.95 1.37 31.29
C MET AB 60 -13.69 1.34 32.77
N ALA AB 61 -13.28 0.19 33.30
CA ALA AB 61 -12.89 0.12 34.70
C ALA AB 61 -11.68 0.98 34.97
N VAL AB 62 -10.73 1.03 34.03
CA VAL AB 62 -9.57 1.88 34.21
C VAL AB 62 -10.00 3.33 34.37
N VAL AB 63 -10.66 3.86 33.36
CA VAL AB 63 -11.03 5.26 33.44
C VAL AB 63 -12.29 5.38 34.26
N GLY AB 64 -13.42 4.99 33.68
CA GLY AB 64 -14.70 5.14 34.37
C GLY AB 64 -14.89 6.51 34.96
N LEU AB 65 -14.56 7.55 34.19
CA LEU AB 65 -14.62 8.91 34.69
C LEU AB 65 -13.79 9.05 35.96
N GLN BB 1 9.29 39.90 40.61
CA GLN BB 1 8.02 40.08 41.30
C GLN BB 1 7.09 38.92 41.09
N ASP BB 2 5.82 39.26 40.88
CA ASP BB 2 4.82 38.26 40.56
C ASP BB 2 4.67 38.10 39.07
N LEU BB 3 4.81 36.87 38.60
CA LEU BB 3 4.56 36.59 37.20
C LEU BB 3 3.07 36.67 36.97
N MET BB 4 2.67 37.49 36.01
CA MET BB 4 1.26 37.85 35.95
C MET BB 4 0.38 36.68 35.53
N ALA BB 5 0.89 35.80 34.68
CA ALA BB 5 0.10 34.62 34.34
C ALA BB 5 -0.13 33.71 35.54
N SER BB 6 0.48 34.01 36.68
CA SER BB 6 0.31 33.17 37.86
C SER BB 6 -1.06 33.38 38.45
N GLY BB 7 -1.26 32.79 39.62
CA GLY BB 7 -2.59 32.64 40.12
C GLY BB 7 -3.35 31.72 39.19
N ASN BB 8 -4.67 31.78 39.32
CA ASN BB 8 -5.55 30.97 38.50
C ASN BB 8 -5.24 29.51 38.70
N THR BB 9 -4.80 28.85 37.63
CA THR BB 9 -4.37 27.45 37.68
C THR BB 9 -5.49 26.55 38.17
N THR BB 10 -6.73 27.03 38.08
CA THR BB 10 -7.82 26.09 37.82
C THR BB 10 -7.54 25.36 36.53
N VAL BB 11 -6.64 25.93 35.74
CA VAL BB 11 -5.96 25.30 34.64
C VAL BB 11 -5.58 23.90 35.09
N LYS BB 12 -4.93 23.82 36.25
CA LYS BB 12 -4.65 22.51 36.79
C LYS BB 12 -5.94 21.73 36.96
N ALA BB 13 -6.86 22.25 37.76
CA ALA BB 13 -8.16 21.61 37.89
C ALA BB 13 -8.71 21.25 36.53
N THR BB 14 -8.59 22.19 35.58
CA THR BB 14 -9.07 21.93 34.24
C THR BB 14 -8.41 20.70 33.64
N PHE BB 15 -7.09 20.67 33.64
CA PHE BB 15 -6.33 19.64 32.96
C PHE BB 15 -5.75 18.58 33.89
N GLY BB 16 -6.02 18.67 35.19
CA GLY BB 16 -5.27 17.89 36.16
C GLY BB 16 -5.36 16.40 35.95
N LYS BB 17 -4.46 15.68 36.63
CA LYS BB 17 -4.48 14.23 36.57
C LYS BB 17 -5.87 13.70 36.78
N ASP BB 18 -6.58 14.26 37.76
CA ASP BB 18 -8.02 14.14 37.84
C ASP BB 18 -8.59 15.36 37.14
N SER BB 19 -9.16 15.12 35.97
CA SER BB 19 -9.89 16.12 35.24
C SER BB 19 -10.82 15.41 34.29
N SER BB 20 -11.87 16.09 33.89
CA SER BB 20 -12.74 15.57 32.87
C SER BB 20 -11.89 15.24 31.66
N VAL BB 21 -11.28 16.28 31.10
CA VAL BB 21 -10.60 16.19 29.81
C VAL BB 21 -9.71 14.97 29.75
N VAL BB 22 -8.89 14.78 30.77
CA VAL BB 22 -8.01 13.62 30.80
C VAL BB 22 -8.82 12.36 30.58
N LYS BB 23 -9.84 12.17 31.39
CA LYS BB 23 -10.68 10.99 31.28
C LYS BB 23 -11.28 10.88 29.89
N TRP BB 24 -11.68 12.02 29.32
CA TRP BB 24 -12.16 12.03 27.94
C TRP BB 24 -11.19 11.33 27.01
N VAL BB 25 -9.91 11.67 27.10
CA VAL BB 25 -8.94 11.20 26.12
C VAL BB 25 -8.99 9.68 26.03
N VAL BB 26 -8.54 9.02 27.10
CA VAL BB 26 -8.41 7.57 27.06
C VAL BB 26 -9.70 6.93 26.64
N LEU BB 27 -10.83 7.51 27.04
CA LEU BB 27 -12.11 6.99 26.64
C LEU BB 27 -12.16 6.75 25.14
N ALA BB 28 -12.16 7.84 24.37
CA ALA BB 28 -12.17 7.69 22.93
C ALA BB 28 -11.01 6.82 22.46
N GLU BB 29 -9.86 6.95 23.11
CA GLU BB 29 -8.77 6.04 22.82
C GLU BB 29 -9.21 4.59 22.92
N VAL BB 30 -9.80 4.22 24.05
CA VAL BB 30 -10.33 2.87 24.18
C VAL BB 30 -11.22 2.55 23.00
N LEU BB 31 -12.11 3.48 22.64
CA LEU BB 31 -13.03 3.24 21.56
C LEU BB 31 -12.29 2.92 20.27
N VAL BB 32 -11.58 3.91 19.74
CA VAL BB 32 -11.01 3.81 18.41
C VAL BB 32 -10.17 2.55 18.27
N GLY BB 33 -9.35 2.28 19.27
CA GLY BB 33 -8.58 1.05 19.24
C GLY BB 33 -9.47 -0.16 19.07
N ALA BB 34 -10.44 -0.30 19.97
CA ALA BB 34 -11.43 -1.35 19.80
C ALA BB 34 -12.07 -1.28 18.41
N VAL BB 35 -12.44 -0.08 17.99
CA VAL BB 35 -12.92 0.09 16.63
C VAL BB 35 -11.90 -0.46 15.66
N MET BB 36 -10.71 0.12 15.63
CA MET BB 36 -9.69 -0.28 14.67
C MET BB 36 -9.52 -1.79 14.63
N TYR BB 37 -9.51 -2.43 15.78
CA TYR BB 37 -9.22 -3.85 15.79
C TYR BB 37 -10.23 -4.62 14.95
N MET BB 38 -11.50 -4.23 15.01
CA MET BB 38 -12.48 -4.85 14.13
C MET BB 38 -12.01 -4.80 12.69
N MET BB 39 -11.62 -3.63 12.24
CA MET BB 39 -11.13 -3.50 10.88
C MET BB 39 -9.85 -4.30 10.69
N THR BB 40 -8.87 -4.07 11.55
CA THR BB 40 -7.54 -4.61 11.31
C THR BB 40 -7.45 -6.09 11.66
N LYS BB 41 -7.97 -6.45 12.84
CA LYS BB 41 -7.75 -7.77 13.40
C LYS BB 41 -6.25 -8.02 13.59
N ASN BB 42 -5.53 -6.96 13.90
CA ASN BB 42 -4.15 -7.06 14.30
C ASN BB 42 -4.04 -6.68 15.76
N VAL BB 43 -3.06 -7.24 16.44
CA VAL BB 43 -2.88 -6.76 17.79
C VAL BB 43 -1.95 -5.57 17.66
N LYS BB 44 -2.53 -4.41 17.76
CA LYS BB 44 -1.82 -3.15 17.70
C LYS BB 44 -2.32 -2.21 18.76
N PHE BB 45 -3.61 -1.92 18.72
CA PHE BB 45 -4.18 -0.70 19.21
C PHE BB 45 -4.40 -0.72 20.70
N LEU BB 46 -4.05 -1.79 21.38
CA LEU BB 46 -4.18 -1.80 22.82
C LEU BB 46 -2.81 -1.54 23.44
N ALA BB 47 -2.48 -0.26 23.58
CA ALA BB 47 -1.19 0.09 24.15
C ALA BB 47 -1.25 1.39 24.93
N GLY BB 48 -1.32 2.50 24.18
CA GLY BB 48 -1.53 3.80 24.79
C GLY BB 48 -2.78 3.79 25.63
N PHE BB 49 -3.68 2.87 25.33
CA PHE BB 49 -4.74 2.48 26.21
C PHE BB 49 -4.19 2.45 27.62
N ALA BB 50 -3.24 1.58 27.87
CA ALA BB 50 -2.44 1.67 29.07
C ALA BB 50 -1.35 2.74 28.96
N ILE BB 51 -0.64 2.78 27.85
CA ILE BB 51 0.59 3.56 27.77
C ILE BB 51 0.30 5.04 27.93
N ILE BB 52 -0.59 5.58 27.11
CA ILE BB 52 -0.88 7.00 27.21
C ILE BB 52 -1.21 7.35 28.65
N SER BB 53 -1.95 6.47 29.32
CA SER BB 53 -2.29 6.72 30.71
C SER BB 53 -1.03 6.98 31.51
N VAL BB 54 -0.11 6.04 31.52
CA VAL BB 54 1.13 6.28 32.23
C VAL BB 54 1.92 7.39 31.55
N PHE BB 55 1.87 7.44 30.22
CA PHE BB 55 2.40 8.60 29.54
C PHE BB 55 1.78 9.88 30.08
N ILE BB 56 0.46 9.93 30.14
CA ILE BB 56 -0.17 11.05 30.82
C ILE BB 56 0.43 11.23 32.19
N ALA BB 57 0.45 10.15 32.96
CA ALA BB 57 0.94 10.21 34.34
C ALA BB 57 2.30 10.87 34.40
N VAL BB 58 3.24 10.42 33.58
CA VAL BB 58 4.60 10.91 33.71
C VAL BB 58 4.67 12.39 33.39
N GLY BB 59 4.16 12.80 32.23
CA GLY BB 59 4.18 14.21 31.89
C GLY BB 59 3.45 15.04 32.92
N MET BB 60 2.24 14.62 33.29
CA MET BB 60 1.59 15.23 34.44
C MET BB 60 2.53 15.26 35.63
N ALA BB 61 3.16 14.12 35.93
CA ALA BB 61 4.16 14.11 36.99
C ALA BB 61 5.34 14.98 36.62
N VAL BB 62 5.73 14.99 35.35
CA VAL BB 62 6.83 15.84 34.93
C VAL BB 62 6.51 17.29 35.23
N VAL BB 63 5.44 17.79 34.63
CA VAL BB 63 5.12 19.20 34.82
C VAL BB 63 4.39 19.35 36.14
N GLY BB 64 3.13 18.94 36.17
CA GLY BB 64 2.32 19.12 37.36
C GLY BB 64 2.40 20.51 37.92
N LEU BB 65 2.32 21.52 37.07
CA LEU BB 65 2.48 22.90 37.47
C LEU BB 65 3.80 23.08 38.21
N GLN CB 1 25.89 54.03 30.35
CA GLN CB 1 25.10 54.25 31.55
C GLN CB 1 24.19 53.07 31.85
N ASP CB 2 22.96 53.41 32.25
CA ASP CB 2 21.94 52.41 32.48
C ASP CB 2 21.11 52.18 31.23
N LEU CB 3 21.04 50.93 30.80
CA LEU CB 3 20.17 50.60 29.69
C LEU CB 3 18.73 50.67 30.19
N MET CB 4 17.92 51.46 29.51
CA MET CB 4 16.65 51.81 30.11
C MET CB 4 15.70 50.64 30.20
N ALA CB 5 15.76 49.73 29.24
CA ALA CB 5 14.92 48.53 29.35
C ALA CB 5 15.30 47.67 30.55
N SER CB 6 16.37 48.00 31.25
CA SER CB 6 16.79 47.23 32.40
C SER CB 6 15.84 47.45 33.56
N GLY CB 7 16.23 46.91 34.71
CA GLY CB 7 15.30 46.78 35.78
C GLY CB 7 14.20 45.83 35.35
N ASN CB 8 13.10 45.91 36.09
CA ASN CB 8 11.95 45.07 35.81
C ASN CB 8 12.35 43.60 35.88
N THR CB 9 12.24 42.90 34.77
CA THR CB 9 12.66 41.51 34.66
C THR CB 9 11.92 40.62 35.65
N THR CB 10 10.77 41.09 36.13
CA THR CB 10 9.71 40.17 36.45
C THR CB 10 9.35 39.39 35.20
N VAL CB 11 9.78 39.92 34.07
CA VAL CB 11 9.87 39.24 32.80
C VAL CB 11 10.44 37.87 33.06
N LYS CB 12 11.55 37.83 33.79
CA LYS CB 12 12.08 36.53 34.18
C LYS CB 12 11.03 35.76 34.96
N ALA CB 13 10.59 36.31 36.08
CA ALA CB 13 9.52 35.68 36.83
C ALA CB 13 8.39 35.28 35.91
N THR CB 14 8.05 36.18 34.98
CA THR CB 14 6.99 35.86 34.02
C THR CB 14 7.32 34.61 33.23
N PHE CB 15 8.48 34.58 32.62
CA PHE CB 15 8.84 33.52 31.70
C PHE CB 15 9.81 32.49 32.28
N GLY CB 16 10.18 32.64 33.54
CA GLY CB 16 11.31 31.90 34.08
C GLY CB 16 11.16 30.40 33.99
N LYS CB 17 12.28 29.71 34.19
CA LYS CB 17 12.27 28.25 34.19
C LYS CB 17 11.15 27.73 35.05
N ASP CB 18 10.98 28.33 36.22
CA ASP CB 18 9.75 28.22 36.98
C ASP CB 18 8.89 29.41 36.60
N SER CB 19 7.84 29.13 35.85
CA SER CB 19 6.83 30.11 35.51
C SER CB 19 5.58 29.35 35.12
N SER CB 20 4.45 30.03 35.25
CA SER CB 20 3.21 29.46 34.78
C SER CB 20 3.40 29.09 33.32
N VAL CB 21 3.65 30.10 32.51
CA VAL CB 21 3.65 29.95 31.06
C VAL CB 21 4.42 28.73 30.63
N VAL CB 22 5.64 28.58 31.14
CA VAL CB 22 6.45 27.42 30.79
C VAL CB 22 5.66 26.16 31.03
N LYS CB 23 5.13 26.00 32.24
CA LYS CB 23 4.36 24.82 32.56
C LYS CB 23 3.18 24.66 31.63
N TRP CB 24 2.53 25.77 31.28
CA TRP CB 24 1.47 25.73 30.29
C TRP CB 24 1.89 24.99 29.03
N VAL CB 25 3.06 25.34 28.50
CA VAL CB 25 3.46 24.82 27.19
C VAL CB 25 3.41 23.31 27.19
N VAL CB 26 4.30 22.68 27.94
CA VAL CB 26 4.44 21.24 27.91
C VAL CB 26 3.11 20.58 28.17
N LEU CB 27 2.29 21.18 29.02
CA LEU CB 27 0.97 20.65 29.30
C LEU CB 27 0.24 20.35 28.01
N ALA CB 28 -0.15 21.40 27.29
CA ALA CB 28 -0.83 21.20 26.03
C ALA CB 28 -0.02 20.31 25.10
N GLU CB 29 1.31 20.46 25.13
CA GLU CB 29 2.14 19.54 24.39
C GLU CB 29 1.83 18.10 24.74
N VAL CB 30 1.85 17.77 26.03
CA VAL CB 30 1.45 16.43 26.43
C VAL CB 30 0.12 16.06 25.83
N LEU CB 31 -0.84 16.99 25.89
CA LEU CB 31 -2.16 16.70 25.38
C LEU CB 31 -2.11 16.34 23.91
N VAL CB 32 -1.76 17.31 23.08
CA VAL CB 32 -1.88 17.15 21.63
C VAL CB 32 -1.18 15.88 21.17
N GLY CB 33 0.03 15.65 21.66
CA GLY CB 33 0.71 14.41 21.31
C GLY CB 33 -0.14 13.20 21.64
N ALA CB 34 -0.58 13.09 22.89
CA ALA CB 34 -1.51 12.05 23.25
C ALA CB 34 -2.72 12.06 22.32
N VAL CB 35 -3.27 13.25 22.08
CA VAL CB 35 -4.33 13.36 21.09
C VAL CB 35 -3.89 12.77 19.78
N MET CB 36 -2.85 13.35 19.17
CA MET CB 36 -2.39 12.91 17.87
C MET CB 36 -2.24 11.41 17.80
N TYR CB 37 -1.67 10.80 18.84
CA TYR CB 37 -1.41 9.38 18.75
C TYR CB 37 -2.68 8.59 18.51
N MET CB 38 -3.77 8.98 19.15
CA MET CB 38 -5.04 8.33 18.87
C MET CB 38 -5.31 8.31 17.37
N MET CB 39 -5.20 9.48 16.75
CA MET CB 39 -5.39 9.56 15.31
C MET CB 39 -4.36 8.73 14.57
N THR CB 40 -3.08 8.99 14.86
CA THR CB 40 -2.02 8.44 14.04
C THR CB 40 -1.75 6.99 14.37
N LYS CB 41 -1.64 6.67 15.65
CA LYS CB 41 -1.15 5.37 16.09
C LYS CB 41 0.25 5.12 15.57
N ASN CB 42 1.01 6.19 15.46
CA ASN CB 42 2.43 6.11 15.16
C ASN CB 42 3.20 6.54 16.39
N VAL CB 43 4.40 6.01 16.55
CA VAL CB 43 5.19 6.55 17.63
C VAL CB 43 5.93 7.71 17.04
N LYS CB 44 5.43 8.89 17.36
CA LYS CB 44 6.01 10.14 16.93
C LYS CB 44 6.05 11.12 18.07
N PHE CB 45 4.90 11.41 18.61
CA PHE CB 45 4.60 12.65 19.29
C PHE CB 45 5.12 12.69 20.70
N LEU CB 46 5.76 11.64 21.17
CA LEU CB 46 6.32 11.71 22.51
C LEU CB 46 7.82 11.98 22.39
N ALA CB 47 8.16 13.26 22.31
CA ALA CB 47 9.56 13.64 22.20
C ALA CB 47 9.84 14.96 22.88
N GLY CB 48 9.42 16.04 22.20
CA GLY CB 48 9.49 17.36 22.79
C GLY CB 48 8.79 17.39 24.12
N PHE CB 49 7.86 16.46 24.31
CA PHE CB 49 7.35 16.10 25.60
C PHE CB 49 8.50 16.13 26.59
N ALA CB 50 9.47 15.26 26.39
CA ALA CB 50 10.75 15.42 27.07
C ALA CB 50 11.63 16.47 26.43
N ILE CB 51 11.73 16.46 25.11
CA ILE CB 51 12.77 17.24 24.43
C ILE CB 51 12.57 18.72 24.65
N ILE CB 52 11.39 19.23 24.33
CA ILE CB 52 11.16 20.66 24.51
C ILE CB 52 11.53 21.07 25.92
N SER CB 53 11.21 20.22 26.89
CA SER CB 53 11.56 20.51 28.26
C SER CB 53 13.05 20.81 28.38
N VAL CB 54 13.89 19.85 27.97
CA VAL CB 54 15.31 20.14 28.01
C VAL CB 54 15.66 21.20 27.00
N PHE CB 55 14.98 21.20 25.85
CA PHE CB 55 15.12 22.34 24.96
C PHE CB 55 14.80 23.64 25.68
N ILE CB 56 13.67 23.70 26.36
CA ILE CB 56 13.40 24.84 27.21
C ILE CB 56 14.58 25.07 28.13
N ALA CB 57 14.99 24.03 28.84
CA ALA CB 57 16.06 24.14 29.81
C ALA CB 57 17.28 24.80 29.21
N VAL CB 58 17.72 24.31 28.06
CA VAL CB 58 18.99 24.81 27.52
C VAL CB 58 18.87 26.27 27.14
N GLY CB 59 17.86 26.63 26.35
CA GLY CB 59 17.70 28.03 25.99
C GLY CB 59 17.53 28.90 27.20
N MET CB 60 16.65 28.50 28.12
CA MET CB 60 16.61 29.16 29.41
C MET CB 60 17.99 29.23 30.02
N ALA CB 61 18.70 28.11 30.04
CA ALA CB 61 20.08 28.13 30.50
C ALA CB 61 20.94 28.99 29.59
N VAL CB 62 20.69 28.94 28.28
CA VAL CB 62 21.45 29.77 27.36
C VAL CB 62 21.27 31.24 27.72
N VAL CB 63 20.04 31.72 27.68
CA VAL CB 63 19.83 33.13 27.95
C VAL CB 63 19.80 33.34 29.46
N GLY CB 64 18.71 32.92 30.08
CA GLY CB 64 18.56 33.15 31.52
C GLY CB 64 18.87 34.56 31.93
N LEU CB 65 18.37 35.54 31.17
CA LEU CB 65 18.68 36.94 31.40
C LEU CB 65 20.19 37.15 31.42
N GLN DB 1 35.47 67.67 12.96
CA GLN DB 1 35.33 67.94 14.38
C GLN DB 1 34.68 66.78 15.11
N ASP DB 2 33.78 67.14 16.03
CA ASP DB 2 33.01 66.15 16.75
C ASP DB 2 31.69 65.88 16.05
N LEU DB 3 31.45 64.61 15.74
CA LEU DB 3 30.16 64.24 15.19
C LEU DB 3 29.13 64.34 16.29
N MET DB 4 28.07 65.10 16.04
CA MET DB 4 27.22 65.50 17.17
C MET DB 4 26.44 64.32 17.72
N ALA DB 5 26.06 63.36 16.89
CA ALA DB 5 25.40 62.18 17.43
C ALA DB 5 26.30 61.37 18.34
N SER DB 6 27.58 61.73 18.45
CA SER DB 6 28.49 60.99 19.28
C SER DB 6 28.21 61.27 20.76
N GLY DB 7 29.08 60.78 21.60
CA GLY DB 7 28.77 60.70 22.99
C GLY DB 7 27.62 59.73 23.17
N ASN DB 8 26.99 59.84 24.33
CA ASN DB 8 25.85 59.01 24.66
C ASN DB 8 26.25 57.54 24.59
N THR DB 9 25.65 56.79 23.68
CA THR DB 9 26.00 55.40 23.44
C THR DB 9 25.82 54.56 24.70
N THR DB 10 25.02 55.05 25.64
CA THR DB 10 24.25 54.14 26.45
C THR DB 10 23.36 53.31 25.56
N VAL DB 11 23.20 53.79 24.34
CA VAL DB 11 22.69 53.07 23.19
C VAL DB 11 23.34 51.70 23.22
N LYS DB 12 24.66 51.69 23.34
CA LYS DB 12 25.34 50.40 23.48
C LYS DB 12 24.79 49.67 24.68
N ALA DB 13 24.91 50.27 25.86
CA ALA DB 13 24.33 49.68 27.05
C ALA DB 13 22.90 49.25 26.78
N THR DB 14 22.15 50.10 26.10
CA THR DB 14 20.78 49.76 25.75
C THR DB 14 20.71 48.47 24.95
N PHE DB 15 21.45 48.41 23.86
CA PHE DB 15 21.35 47.31 22.92
C PHE DB 15 22.50 46.30 23.02
N GLY DB 16 23.42 46.49 23.96
CA GLY DB 16 24.68 45.77 23.92
C GLY DB 16 24.53 44.28 23.97
N LYS DB 17 25.63 43.59 23.65
CA LYS DB 17 25.63 42.13 23.72
C LYS DB 17 25.06 41.65 25.04
N ASP DB 18 25.45 42.30 26.12
CA ASP DB 18 24.71 42.22 27.37
C ASP DB 18 23.76 43.40 27.38
N SER DB 19 22.48 43.09 27.22
CA SER DB 19 21.42 44.06 27.36
C SER DB 19 20.15 43.30 27.64
N SER DB 20 19.20 43.98 28.25
CA SER DB 20 17.89 43.40 28.45
C SER DB 20 17.37 42.97 27.08
N VAL DB 21 17.21 43.95 26.20
CA VAL DB 21 16.52 43.74 24.93
C VAL DB 21 17.02 42.50 24.23
N VAL DB 22 18.34 42.37 24.12
CA VAL DB 22 18.91 41.20 23.49
C VAL DB 22 18.34 39.93 24.11
N LYS DB 23 18.45 39.83 25.42
CA LYS DB 23 17.93 38.67 26.12
C LYS DB 23 16.46 38.48 25.86
N TRP DB 24 15.70 39.57 25.80
CA TRP DB 24 14.30 39.51 25.43
C TRP DB 24 14.10 38.71 24.16
N VAL DB 25 14.87 39.03 23.12
CA VAL DB 25 14.63 38.45 21.81
C VAL DB 25 14.60 36.95 21.88
N VAL DB 26 15.75 36.35 22.15
CA VAL DB 26 15.87 34.91 22.11
C VAL DB 26 14.83 34.26 22.99
N LEU DB 27 14.51 34.90 24.11
CA LEU DB 27 13.48 34.38 24.99
C LEU DB 27 12.23 34.03 24.21
N ALA DB 28 11.54 35.05 23.72
CA ALA DB 28 10.35 34.82 22.93
C ALA DB 28 10.64 33.88 21.76
N GLU DB 29 11.83 34.02 21.17
CA GLU DB 29 12.22 33.06 20.14
C GLU DB 29 12.14 31.64 20.65
N VAL DB 30 12.76 31.37 21.80
CA VAL DB 30 12.63 30.05 22.39
C VAL DB 30 11.16 29.66 22.50
N LEU DB 31 10.34 30.59 22.97
CA LEU DB 31 8.94 30.29 23.16
C LEU DB 31 8.29 29.87 21.85
N VAL DB 32 8.20 30.81 20.90
CA VAL DB 32 7.42 30.58 19.69
C VAL DB 32 7.84 29.31 19.00
N GLY DB 33 9.14 29.07 18.89
CA GLY DB 33 9.60 27.83 18.31
C GLY DB 33 9.02 26.63 19.03
N ALA DB 34 9.23 26.58 20.34
CA ALA DB 34 8.58 25.54 21.15
C ALA DB 34 7.08 25.54 20.90
N VAL DB 35 6.46 26.71 20.89
CA VAL DB 35 5.07 26.79 20.51
C VAL DB 35 4.85 26.13 19.17
N MET DB 36 5.47 26.69 18.13
CA MET DB 36 5.27 26.20 16.77
C MET DB 36 5.39 24.69 16.70
N TYR DB 37 6.38 24.13 17.38
CA TYR DB 37 6.61 22.71 17.23
C TYR DB 37 5.39 21.91 17.64
N MET DB 38 4.71 22.33 18.71
CA MET DB 38 3.46 21.67 19.07
C MET DB 38 2.53 21.60 17.88
N MET DB 39 2.31 22.73 17.23
CA MET DB 39 1.47 22.75 16.06
C MET DB 39 2.06 21.90 14.95
N THR DB 40 3.31 22.16 14.60
CA THR DB 40 3.88 21.57 13.40
C THR DB 40 4.29 20.13 13.61
N LYS DB 41 4.99 19.87 14.71
CA LYS DB 41 5.64 18.59 14.92
C LYS DB 41 6.64 18.31 13.81
N ASN DB 42 7.26 19.37 13.32
CA ASN DB 42 8.37 19.27 12.39
C ASN DB 42 9.61 19.75 13.10
N VAL DB 43 10.75 19.23 12.69
CA VAL DB 43 11.95 19.80 13.27
C VAL DB 43 12.30 20.94 12.35
N LYS DB 44 12.00 22.13 12.81
CA LYS DB 44 12.29 23.36 12.11
C LYS DB 44 12.85 24.38 13.07
N PHE DB 45 12.09 24.70 14.08
CA PHE DB 45 12.12 25.97 14.76
C PHE DB 45 13.24 26.07 15.76
N LEU DB 46 14.04 25.03 15.91
CA LEU DB 46 15.16 25.14 16.83
C LEU DB 46 16.42 25.40 16.02
N ALA DB 47 16.66 26.68 15.74
CA ALA DB 47 17.83 27.05 14.97
C ALA DB 47 18.39 28.40 15.37
N GLY DB 48 17.68 29.45 14.94
CA GLY DB 48 18.01 30.79 15.38
C GLY DB 48 18.00 30.89 16.89
N PHE DB 49 17.29 29.97 17.52
CA PHE DB 49 17.45 29.67 18.92
C PHE DB 49 18.93 29.73 19.24
N ALA DB 50 19.71 28.85 18.65
CA ALA DB 50 21.15 29.02 18.64
C ALA DB 50 21.62 30.05 17.62
N ILE DB 51 21.08 29.98 16.40
CA ILE DB 51 21.68 30.73 15.29
C ILE DB 51 21.58 32.22 15.53
N ILE DB 52 20.37 32.72 15.78
CA ILE DB 52 20.23 34.15 15.98
C ILE DB 52 21.21 34.61 17.04
N SER DB 53 21.40 33.81 18.08
CA SER DB 53 22.35 34.17 19.12
C SER DB 53 23.71 34.45 18.51
N VAL DB 54 24.27 33.49 17.80
CA VAL DB 54 25.54 33.75 17.15
C VAL DB 54 25.37 34.78 16.06
N PHE DB 55 24.23 34.73 15.35
CA PHE DB 55 23.91 35.83 14.46
C PHE DB 55 23.95 37.16 15.19
N ILE DB 56 23.27 37.25 16.33
CA ILE DB 56 23.42 38.43 17.16
C ILE DB 56 24.89 38.69 17.41
N ALA DB 57 25.59 37.67 17.89
CA ALA DB 57 26.99 37.83 18.24
C ALA DB 57 27.78 38.46 17.11
N VAL DB 58 27.63 37.92 15.90
CA VAL DB 58 28.49 38.39 14.82
C VAL DB 58 28.19 39.84 14.48
N GLY DB 59 26.92 40.17 14.24
CA GLY DB 59 26.59 41.55 13.94
C GLY DB 59 26.99 42.48 15.06
N MET DB 60 26.66 42.11 16.30
CA MET DB 60 27.21 42.82 17.44
C MET DB 60 28.71 42.91 17.32
N ALA DB 61 29.37 41.79 17.04
CA ALA DB 61 30.80 41.83 16.80
C ALA DB 61 31.12 42.64 15.56
N VAL DB 62 30.29 42.54 14.53
CA VAL DB 62 30.52 43.34 13.33
C VAL DB 62 30.51 44.82 13.68
N VAL DB 63 29.40 45.30 14.21
CA VAL DB 63 29.31 46.72 14.48
C VAL DB 63 29.99 46.98 15.81
N GLY DB 64 29.33 46.61 16.90
CA GLY DB 64 29.86 46.89 18.23
C GLY DB 64 30.31 48.32 18.38
N LEU DB 65 29.49 49.26 17.91
CA LEU DB 65 29.86 50.67 17.93
C LEU DB 65 31.20 50.87 17.22
N GLN EB 1 35.55 80.61 -7.31
CA GLN EB 1 36.08 80.95 -6.00
C GLN EB 1 35.87 79.83 -5.00
N ASP EB 2 35.49 80.21 -3.79
CA ASP EB 2 35.17 79.26 -2.75
C ASP EB 2 33.68 78.96 -2.76
N LEU EB 3 33.35 77.68 -2.86
CA LEU EB 3 31.95 77.29 -2.74
C LEU EB 3 31.55 77.44 -1.28
N MET EB 4 30.49 78.18 -1.04
CA MET EB 4 30.25 78.62 0.33
C MET EB 4 29.84 77.48 1.24
N ALA EB 5 29.13 76.49 0.71
CA ALA EB 5 28.82 75.33 1.53
C ALA EB 5 30.06 74.56 1.96
N SER EB 6 31.23 74.92 1.44
CA SER EB 6 32.45 74.21 1.78
C SER EB 6 32.88 74.55 3.20
N GLY EB 7 34.05 74.09 3.55
CA GLY EB 7 34.42 74.07 4.94
C GLY EB 7 33.50 73.11 5.66
N ASN EB 8 33.48 73.26 6.98
CA ASN EB 8 32.64 72.44 7.82
C ASN EB 8 33.00 70.97 7.63
N THR EB 9 32.05 70.19 7.13
CA THR EB 9 32.27 68.79 6.82
C THR EB 9 32.72 68.00 8.04
N THR EB 10 32.44 68.53 9.23
CA THR EB 10 32.16 67.65 10.33
C THR EB 10 30.97 66.79 9.99
N VAL EB 11 30.24 67.23 8.97
CA VAL EB 11 29.28 66.46 8.23
C VAL EB 11 29.88 65.09 7.99
N LYS EB 12 31.11 65.07 7.47
CA LYS EB 12 31.79 63.81 7.34
C LYS EB 12 31.88 63.12 8.69
N ALA EB 13 32.53 63.77 9.65
CA ALA EB 13 32.58 63.22 10.99
C ALA EB 13 31.20 62.78 11.43
N THR EB 14 30.20 63.60 11.15
CA THR EB 14 28.83 63.25 11.51
C THR EB 14 28.42 61.93 10.87
N PHE EB 15 28.57 61.83 9.56
CA PHE EB 15 28.06 60.70 8.82
C PHE EB 15 29.14 59.70 8.41
N GLY EB 16 30.39 59.92 8.80
CA GLY EB 16 31.50 59.20 8.21
C GLY EB 16 31.41 57.69 8.38
N LYS EB 17 32.25 56.99 7.60
CA LYS EB 17 32.31 55.54 7.70
C LYS EB 17 32.42 55.13 9.16
N ASP EB 18 33.27 55.82 9.91
CA ASP EB 18 33.19 55.78 11.35
C ASP EB 18 32.34 56.97 11.77
N SER EB 19 31.14 56.65 12.24
CA SER EB 19 30.25 57.62 12.83
C SER EB 19 29.27 56.88 13.69
N SER EB 20 28.70 57.59 14.65
CA SER EB 20 27.64 57.02 15.46
C SER EB 20 26.57 56.53 14.50
N VAL EB 21 25.98 57.48 13.77
CA VAL EB 21 24.79 57.22 12.98
C VAL EB 21 24.93 55.94 12.17
N VAL EB 22 26.04 55.81 11.46
CA VAL EB 22 26.28 54.61 10.68
C VAL EB 22 26.08 53.38 11.54
N LYS EB 23 26.79 53.33 12.66
CA LYS EB 23 26.69 52.20 13.56
C LYS EB 23 25.26 51.99 14.02
N TRP EB 24 24.55 53.10 14.28
CA TRP EB 24 23.13 53.01 14.61
C TRP EB 24 22.38 52.16 13.61
N VAL EB 25 22.57 52.44 12.32
CA VAL EB 25 21.75 51.82 11.29
C VAL EB 25 21.79 50.30 11.43
N VAL EB 26 22.94 49.72 11.15
CA VAL EB 26 23.05 48.27 11.11
C VAL EB 26 22.56 47.67 12.40
N LEU EB 27 22.78 48.36 13.51
CA LEU EB 27 22.30 47.88 14.79
C LEU EB 27 20.83 47.50 14.69
N ALA EB 28 19.97 48.50 14.54
CA ALA EB 28 18.54 48.23 14.41
C ALA EB 28 18.29 47.25 13.28
N GLU EB 29 19.05 47.37 12.19
CA GLU EB 29 18.95 46.37 11.14
C GLU EB 29 19.13 44.96 11.69
N VAL EB 30 20.22 44.73 12.41
CA VAL EB 30 20.40 43.44 13.05
C VAL EB 30 19.17 43.06 13.84
N LEU EB 31 18.65 44.01 14.61
CA LEU EB 31 17.48 43.71 15.44
C LEU EB 31 16.32 43.24 14.59
N VAL EB 32 15.78 44.14 13.77
CA VAL EB 32 14.53 43.87 13.07
C VAL EB 32 14.60 42.57 12.31
N GLY EB 33 15.71 42.33 11.61
CA GLY EB 33 15.85 41.07 10.93
C GLY EB 33 15.70 39.90 11.89
N ALA EB 34 16.50 39.90 12.95
CA ALA EB 34 16.32 38.90 13.99
C ALA EB 34 14.88 38.88 14.48
N VAL EB 35 14.31 40.06 14.72
CA VAL EB 35 12.89 40.13 15.04
C VAL EB 35 12.08 39.41 13.97
N MET EB 36 12.13 39.93 12.74
CA MET EB 36 11.33 39.38 11.66
C MET EB 36 11.44 37.87 11.59
N TYR EB 37 12.64 37.33 11.75
CA TYR EB 37 12.79 35.90 11.57
C TYR EB 37 11.93 35.13 12.52
N MET EB 38 11.82 35.59 13.77
CA MET EB 38 10.89 34.96 14.69
C MET EB 38 9.51 34.84 14.08
N MET EB 39 9.00 35.94 13.57
CA MET EB 39 7.70 35.91 12.93
C MET EB 39 7.73 35.02 11.71
N THR EB 40 8.66 35.27 10.79
CA THR EB 40 8.61 34.63 9.48
C THR EB 40 9.10 33.19 9.54
N LYS EB 41 10.24 32.98 10.20
CA LYS EB 41 10.94 31.70 10.12
C LYS EB 41 11.31 31.37 8.68
N ASN EB 42 11.59 32.42 7.92
CA ASN EB 42 12.14 32.28 6.59
C ASN EB 42 13.57 32.77 6.61
N VAL EB 43 14.40 32.24 5.74
CA VAL EB 43 15.71 32.84 5.67
C VAL EB 43 15.58 33.93 4.65
N LYS EB 44 15.51 35.14 5.16
CA LYS EB 44 15.42 36.34 4.37
C LYS EB 44 16.34 37.41 4.90
N PHE EB 45 16.13 37.77 6.15
CA PHE EB 45 16.46 39.06 6.69
C PHE EB 45 17.91 39.20 7.05
N LEU EB 46 18.71 38.17 6.85
CA LEU EB 46 20.13 38.31 7.13
C LEU EB 46 20.86 38.54 5.81
N ALA EB 47 20.93 39.80 5.41
CA ALA EB 47 21.59 40.13 4.17
C ALA EB 47 22.25 41.50 4.22
N GLY EB 48 21.40 42.54 4.12
CA GLY EB 48 21.87 43.90 4.31
C GLY EB 48 22.57 44.05 5.64
N PHE EB 49 22.25 43.15 6.56
CA PHE EB 49 23.05 42.91 7.73
C PHE EB 49 24.51 42.98 7.34
N ALA EB 50 24.93 42.08 6.47
CA ALA EB 50 26.20 42.25 5.79
C ALA EB 50 26.11 43.23 4.63
N ILE EB 51 25.08 43.12 3.81
CA ILE EB 51 25.08 43.81 2.53
C ILE EB 51 25.07 45.32 2.72
N ILE EB 52 24.12 45.83 3.49
CA ILE EB 52 24.06 47.27 3.69
C ILE EB 52 25.41 47.78 4.14
N SER EB 53 26.08 47.01 5.01
CA SER EB 53 27.39 47.40 5.46
C SER EB 53 28.31 47.67 4.28
N VAL EB 54 28.49 46.67 3.43
CA VAL EB 54 29.31 46.92 2.25
C VAL EB 54 28.63 47.90 1.33
N PHE EB 55 27.29 47.83 1.24
CA PHE EB 55 26.57 48.88 0.56
C PHE EB 55 26.94 50.24 1.14
N ILE EB 56 26.86 50.38 2.46
CA ILE EB 56 27.36 51.59 3.08
C ILE EB 56 28.77 51.86 2.60
N ALA EB 57 29.63 50.86 2.74
CA ALA EB 57 31.03 51.02 2.39
C ALA EB 57 31.18 51.61 1.00
N VAL EB 58 30.51 51.03 0.02
CA VAL EB 58 30.74 51.44 -1.36
C VAL EB 58 30.30 52.88 -1.56
N GLY EB 59 29.06 53.21 -1.20
CA GLY EB 59 28.60 54.58 -1.35
C GLY EB 59 29.47 55.54 -0.58
N MET EB 60 29.75 55.22 0.68
CA MET EB 60 30.75 55.98 1.40
C MET EB 60 32.04 56.06 0.59
N ALA EB 61 32.50 54.93 0.08
CA ALA EB 61 33.66 54.96 -0.81
C ALA EB 61 33.35 55.73 -2.08
N VAL EB 62 32.13 55.58 -2.60
CA VAL EB 62 31.76 56.33 -3.79
C VAL EB 62 31.89 57.82 -3.53
N VAL EB 63 31.14 58.32 -2.56
CA VAL EB 63 31.17 59.75 -2.33
C VAL EB 63 32.39 60.07 -1.49
N GLY EB 64 32.31 59.73 -0.21
CA GLY EB 64 33.40 60.07 0.71
C GLY EB 64 33.84 61.50 0.59
N LEU EB 65 32.89 62.43 0.52
CA LEU EB 65 33.19 63.84 0.30
C LEU EB 65 34.05 64.01 -0.95
N GLN FB 1 25.82 92.82 -25.69
CA GLN FB 1 26.91 93.19 -24.81
C GLN FB 1 27.21 92.10 -23.79
N ASP FB 2 27.46 92.54 -22.56
CA ASP FB 2 27.67 91.62 -21.47
C ASP FB 2 26.36 91.33 -20.74
N LEU FB 3 26.04 90.06 -20.64
CA LEU FB 3 24.88 89.67 -19.85
C LEU FB 3 25.22 89.87 -18.39
N MET FB 4 24.39 90.63 -17.69
CA MET FB 4 24.82 91.12 -16.39
C MET FB 4 24.91 90.01 -15.37
N ALA FB 5 24.05 89.01 -15.45
CA ALA FB 5 24.17 87.89 -14.54
C ALA FB 5 25.47 87.12 -14.74
N SER FB 6 26.26 87.46 -15.75
CA SER FB 6 27.51 86.76 -16.01
C SER FB 6 28.54 87.15 -14.97
N GLY FB 7 29.76 86.70 -15.21
CA GLY FB 7 30.74 86.73 -14.16
C GLY FB 7 30.28 85.80 -13.05
N ASN FB 8 30.90 86.01 -11.89
CA ASN FB 8 30.57 85.21 -10.71
C ASN FB 8 30.81 83.74 -11.02
N THR FB 9 29.75 82.94 -10.98
CA THR FB 9 29.81 81.53 -11.31
C THR FB 9 30.80 80.79 -10.42
N THR FB 10 31.12 81.37 -9.27
CA THR FB 10 31.40 80.53 -8.12
C THR FB 10 30.20 79.66 -7.83
N VAL FB 11 29.08 80.05 -8.40
CA VAL FB 11 27.89 79.26 -8.57
C VAL FB 11 28.32 77.88 -9.02
N LYS FB 12 29.16 77.85 -10.06
CA LYS FB 12 29.72 76.57 -10.45
C LYS FB 12 30.44 75.94 -9.28
N ALA FB 13 31.47 76.62 -8.78
CA ALA FB 13 32.15 76.11 -7.59
C ALA FB 13 31.15 75.70 -6.54
N THR FB 14 30.13 76.52 -6.34
CA THR FB 14 29.10 76.18 -5.37
C THR FB 14 28.46 74.84 -5.69
N PHE FB 15 27.96 74.69 -6.91
CA PHE FB 15 27.18 73.52 -7.28
C PHE FB 15 27.95 72.51 -8.11
N GLY FB 16 29.23 72.75 -8.37
CA GLY FB 16 29.94 72.00 -9.40
C GLY FB 16 29.97 70.51 -9.15
N LYS FB 17 30.35 69.78 -10.20
CA LYS FB 17 30.48 68.33 -10.10
C LYS FB 17 31.26 67.96 -8.85
N ASP FB 18 32.35 68.68 -8.62
CA ASP FB 18 32.98 68.70 -7.31
C ASP FB 18 32.40 69.90 -6.58
N SER FB 19 31.58 69.60 -5.59
CA SER FB 19 31.06 70.60 -4.69
C SER FB 19 30.61 69.89 -3.43
N SER FB 20 30.56 70.64 -2.34
CA SER FB 20 30.02 70.10 -1.12
C SER FB 20 28.62 69.58 -1.42
N VAL FB 21 27.75 70.49 -1.83
CA VAL FB 21 26.33 70.21 -1.95
C VAL FB 21 26.09 68.92 -2.68
N VAL FB 22 26.73 68.75 -3.83
CA VAL FB 22 26.58 67.52 -4.59
C VAL FB 22 26.84 66.32 -3.70
N LYS FB 23 27.99 66.31 -3.05
CA LYS FB 23 28.35 65.21 -2.17
C LYS FB 23 27.31 65.03 -1.08
N TRP FB 24 26.79 66.14 -0.55
CA TRP FB 24 25.70 66.08 0.41
C TRP FB 24 24.57 65.19 -0.08
N VAL FB 25 24.14 65.42 -1.31
CA VAL FB 25 22.93 64.76 -1.80
C VAL FB 25 23.05 63.26 -1.65
N VAL FB 26 23.95 62.66 -2.42
CA VAL FB 26 24.04 61.21 -2.47
C VAL FB 26 24.23 60.65 -1.08
N LEU FB 27 24.94 61.38 -0.22
CA LEU FB 27 25.13 60.96 1.14
C LEU FB 27 23.79 60.57 1.76
N ALA FB 28 22.95 61.58 2.01
CA ALA FB 28 21.64 61.30 2.58
C ALA FB 28 20.89 60.28 1.74
N GLU FB 29 21.05 60.35 0.42
CA GLU FB 29 20.47 59.32 -0.43
C GLU FB 29 20.92 57.95 0.01
N VAL FB 30 22.22 57.74 0.14
CA VAL FB 30 22.71 56.47 0.67
C VAL FB 30 22.00 56.12 1.96
N LEU FB 31 21.88 57.09 2.85
CA LEU FB 31 21.26 56.84 4.14
C LEU FB 31 19.84 56.33 3.97
N VAL FB 32 18.96 57.20 3.47
CA VAL FB 32 17.54 56.91 3.46
C VAL FB 32 17.26 55.58 2.79
N GLY FB 33 17.90 55.32 1.65
CA GLY FB 33 17.74 54.03 1.03
C GLY FB 33 18.07 52.90 1.99
N ALA FB 34 19.28 52.93 2.55
CA ALA FB 34 19.62 51.97 3.58
C ALA FB 34 18.59 51.97 4.69
N VAL FB 35 18.19 53.16 5.14
CA VAL FB 35 17.09 53.25 6.09
C VAL FB 35 15.88 52.50 5.56
N MET FB 36 15.34 52.96 4.43
CA MET FB 36 14.13 52.38 3.88
C MET FB 36 14.20 50.87 3.82
N TYR FB 37 15.35 50.33 3.40
CA TYR FB 37 15.41 48.89 3.21
C TYR FB 37 15.12 48.16 4.51
N MET FB 38 15.61 48.67 5.63
CA MET FB 38 15.24 48.06 6.91
C MET FB 38 13.75 47.93 7.02
N MET FB 39 13.03 49.02 6.78
CA MET FB 39 11.58 48.98 6.83
C MET FB 39 11.04 48.03 5.77
N THR FB 40 11.42 48.24 4.53
CA THR FB 40 10.77 47.55 3.42
C THR FB 40 11.25 46.13 3.29
N LYS FB 41 12.56 45.92 3.33
CA LYS FB 41 13.16 44.64 2.97
C LYS FB 41 12.81 44.27 1.53
N ASN FB 42 12.69 45.28 0.70
CA ASN FB 42 12.55 45.09 -0.73
C ASN FB 42 13.80 45.59 -1.40
N VAL FB 43 14.13 45.02 -2.55
CA VAL FB 43 15.24 45.60 -3.25
C VAL FB 43 14.62 46.67 -4.12
N LYS FB 44 14.78 47.89 -3.68
CA LYS FB 44 14.30 49.07 -4.38
C LYS FB 44 15.36 50.14 -4.38
N PHE FB 45 15.76 50.55 -3.20
CA PHE FB 45 16.28 51.86 -2.91
C PHE FB 45 17.73 52.01 -3.29
N LEU FB 46 18.36 50.96 -3.81
CA LEU FB 46 19.74 51.12 -4.24
C LEU FB 46 19.75 51.30 -5.76
N ALA FB 47 19.59 52.55 -6.18
CA ALA FB 47 19.60 52.82 -7.61
C ALA FB 47 20.17 54.19 -7.92
N GLY FB 48 19.37 55.23 -7.64
CA GLY FB 48 19.85 56.59 -7.74
C GLY FB 48 21.09 56.79 -6.91
N PHE FB 49 21.27 55.93 -5.91
CA PHE FB 49 22.53 55.72 -5.26
C PHE FB 49 23.62 55.79 -6.30
N ALA FB 50 23.60 54.84 -7.22
CA ALA FB 50 24.39 54.99 -8.44
C ALA FB 50 23.75 55.93 -9.45
N ILE FB 51 22.45 55.79 -9.68
CA ILE FB 51 21.83 56.44 -10.83
C ILE FB 51 21.89 57.94 -10.70
N ILE FB 52 21.41 58.49 -9.59
CA ILE FB 52 21.44 59.94 -9.44
C ILE FB 52 22.83 60.45 -9.69
N SER FB 53 23.84 59.71 -9.22
CA SER FB 53 25.21 60.12 -9.46
C SER FB 53 25.45 60.34 -10.94
N VAL FB 54 25.21 59.31 -11.75
CA VAL FB 54 25.38 59.50 -13.18
C VAL FB 54 24.32 60.45 -13.70
N PHE FB 55 23.12 60.39 -13.14
CA PHE FB 55 22.14 61.43 -13.44
C PHE FB 55 22.71 62.80 -13.14
N ILE FB 56 23.26 62.98 -11.95
CA ILE FB 56 23.98 64.21 -11.68
C ILE FB 56 24.99 64.47 -12.78
N ALA FB 57 25.83 63.47 -13.04
CA ALA FB 57 26.89 63.62 -14.01
C ALA FB 57 26.36 64.16 -15.32
N VAL FB 58 25.31 63.52 -15.85
CA VAL FB 58 24.87 63.90 -17.19
C VAL FB 58 24.35 65.32 -17.21
N GLY FB 59 23.42 65.67 -16.31
CA GLY FB 59 22.94 67.03 -16.27
C GLY FB 59 24.04 68.03 -16.04
N MET FB 60 24.90 67.76 -15.05
CA MET FB 60 26.11 68.53 -14.92
C MET FB 60 26.85 68.58 -16.24
N ALA FB 61 27.05 67.43 -16.87
CA ALA FB 61 27.64 67.42 -18.21
C ALA FB 61 26.74 68.14 -19.21
N VAL FB 62 25.44 67.98 -19.08
CA VAL FB 62 24.53 68.68 -19.98
C VAL FB 62 24.74 70.18 -19.86
N VAL FB 63 24.53 70.73 -18.68
CA VAL FB 63 24.65 72.16 -18.53
C VAL FB 63 26.11 72.50 -18.37
N GLY FB 64 26.67 72.22 -17.20
CA GLY FB 64 28.05 72.59 -16.93
C GLY FB 64 28.36 74.01 -17.28
N LEU FB 65 27.47 74.94 -16.93
CA LEU FB 65 27.62 76.34 -17.31
C LEU FB 65 27.77 76.46 -18.82
N GLN GB 1 8.28 104.26 -37.72
CA GLN GB 1 9.66 104.67 -37.47
C GLN GB 1 10.42 103.62 -36.68
N ASP GB 2 11.21 104.11 -35.74
CA ASP GB 2 11.94 103.23 -34.84
C ASP GB 2 11.13 102.98 -33.57
N LEU GB 3 10.93 101.70 -33.27
CA LEU GB 3 10.29 101.35 -32.02
C LEU GB 3 11.28 101.61 -30.90
N MET GB 4 10.86 102.40 -29.92
CA MET GB 4 11.85 102.94 -29.01
C MET GB 4 12.43 101.87 -28.10
N ALA GB 5 11.65 100.87 -27.73
CA ALA GB 5 12.22 99.78 -26.95
C ALA GB 5 13.29 99.00 -27.71
N SER GB 6 13.48 99.30 -29.00
CA SER GB 6 14.47 98.59 -29.79
C SER GB 6 15.87 99.02 -29.38
N GLY GB 7 16.83 98.55 -30.15
CA GLY GB 7 18.19 98.62 -29.70
C GLY GB 7 18.33 97.74 -28.48
N ASN GB 8 19.42 97.99 -27.76
CA ASN GB 8 19.70 97.24 -26.55
C ASN GB 8 19.80 95.76 -26.86
N THR GB 9 18.90 94.98 -26.29
CA THR GB 9 18.82 93.54 -26.57
C THR GB 9 20.12 92.83 -26.23
N THR GB 10 20.93 93.46 -25.38
CA THR GB 10 21.75 92.66 -24.48
C THR GB 10 20.85 91.81 -23.63
N VAL GB 11 19.57 92.19 -23.61
CA VAL GB 11 18.46 91.39 -23.15
C VAL GB 11 18.66 90.00 -23.71
N LYS GB 12 18.90 89.92 -25.01
CA LYS GB 12 19.22 88.62 -25.59
C LYS GB 12 20.43 88.03 -24.89
N ALA GB 13 21.56 88.74 -24.95
CA ALA GB 13 22.74 88.28 -24.22
C ALA GB 13 22.36 87.91 -22.80
N THR GB 14 21.55 88.73 -22.16
CA THR GB 14 21.10 88.43 -20.81
C THR GB 14 20.41 87.09 -20.74
N PHE GB 15 19.40 86.89 -21.57
CA PHE GB 15 18.55 85.72 -21.48
C PHE GB 15 18.86 84.66 -22.54
N GLY GB 16 19.85 84.89 -23.39
CA GLY GB 16 20.01 84.10 -24.60
C GLY GB 16 20.16 82.62 -24.35
N LYS GB 17 20.01 81.84 -25.42
CA LYS GB 17 20.20 80.40 -25.33
C LYS GB 17 21.49 80.08 -24.61
N ASP GB 18 22.54 80.81 -24.95
CA ASP GB 18 23.72 80.87 -24.10
C ASP GB 18 23.54 82.11 -23.22
N SER GB 19 23.28 81.85 -21.95
CA SER GB 19 23.25 82.89 -20.94
C SER GB 19 23.47 82.22 -19.60
N SER GB 20 23.91 83.02 -18.65
CA SER GB 20 24.04 82.53 -17.30
C SER GB 20 22.67 82.00 -16.88
N VAL GB 21 21.70 82.90 -16.85
CA VAL GB 21 20.39 82.63 -16.27
C VAL GB 21 19.86 81.29 -16.75
N VAL GB 22 19.88 81.08 -18.06
CA VAL GB 22 19.41 79.82 -18.61
C VAL GB 22 20.08 78.66 -17.90
N LYS GB 23 21.40 78.68 -17.89
CA LYS GB 23 22.15 77.61 -17.24
C LYS GB 23 21.76 77.48 -15.79
N TRP GB 24 21.54 78.61 -15.12
CA TRP GB 24 21.04 78.59 -13.75
C TRP GB 24 19.83 77.68 -13.61
N VAL GB 25 18.84 77.86 -14.49
CA VAL GB 25 17.57 77.19 -14.33
C VAL GB 25 17.76 75.70 -14.20
N VAL GB 26 18.19 75.06 -15.28
CA VAL GB 26 18.29 73.62 -15.31
C VAL GB 26 19.12 73.11 -14.16
N LEU GB 27 20.14 73.87 -13.78
CA LEU GB 27 20.97 73.49 -12.65
C LEU GB 27 20.10 73.14 -11.45
N ALA GB 28 19.45 74.16 -10.88
CA ALA GB 28 18.58 73.90 -9.74
C ALA GB 28 17.53 72.85 -10.08
N GLU GB 29 17.04 72.87 -11.32
CA GLU GB 29 16.15 71.82 -11.75
C GLU GB 29 16.77 70.45 -11.52
N VAL GB 30 17.98 70.25 -12.02
CA VAL GB 30 18.67 69.00 -11.75
C VAL GB 30 18.67 68.71 -10.26
N LEU GB 31 18.99 69.71 -9.46
CA LEU GB 31 19.05 69.51 -8.03
C LEU GB 31 17.73 69.00 -7.49
N VAL GB 32 16.71 69.85 -7.54
CA VAL GB 32 15.46 69.57 -6.85
C VAL GB 32 14.91 68.21 -7.25
N GLY GB 33 14.95 67.90 -8.55
CA GLY GB 33 14.52 66.58 -8.98
C GLY GB 33 15.29 65.50 -8.25
N ALA GB 34 16.61 65.55 -8.33
CA ALA GB 34 17.43 64.63 -7.55
C ALA GB 34 17.04 64.68 -6.09
N VAL GB 35 16.88 65.89 -5.55
CA VAL GB 35 16.37 66.01 -4.20
C VAL GB 35 15.07 65.25 -4.06
N MET GB 36 14.04 65.66 -4.81
CA MET GB 36 12.73 65.06 -4.70
C MET GB 36 12.80 63.55 -4.73
N TYR GB 37 13.60 63.00 -5.63
CA TYR GB 37 13.61 61.56 -5.76
C TYR GB 37 13.96 60.87 -4.46
N MET GB 38 14.92 61.42 -3.72
CA MET GB 38 15.22 60.88 -2.41
C MET GB 38 13.96 60.75 -1.59
N MET GB 39 13.20 61.83 -1.51
CA MET GB 39 11.95 61.79 -0.77
C MET GB 39 10.98 60.80 -1.40
N THR GB 40 10.73 60.96 -2.70
CA THR GB 40 9.64 60.23 -3.33
C THR GB 40 10.02 58.80 -3.62
N LYS GB 41 11.20 58.60 -4.20
CA LYS GB 41 11.57 57.31 -4.76
C LYS GB 41 10.59 56.87 -5.83
N ASN GB 42 10.07 57.85 -6.55
CA ASN GB 42 9.27 57.60 -7.73
C ASN GB 42 10.04 58.07 -8.94
N VAL GB 43 9.80 57.45 -10.08
CA VAL GB 43 10.43 58.00 -11.25
C VAL GB 43 9.46 59.04 -11.75
N LYS GB 44 9.79 60.28 -11.49
CA LYS GB 44 9.02 61.43 -11.92
C LYS GB 44 9.92 62.50 -12.46
N PHE GB 45 10.84 62.95 -11.62
CA PHE GB 45 11.40 64.27 -11.67
C PHE GB 45 12.49 64.40 -12.70
N LEU GB 46 12.82 63.34 -13.42
CA LEU GB 46 13.82 63.48 -14.45
C LEU GB 46 13.11 63.59 -15.80
N ALA GB 47 12.75 64.81 -16.14
CA ALA GB 47 12.07 65.04 -17.41
C ALA GB 47 12.41 66.39 -18.01
N GLY GB 48 11.82 67.44 -17.41
CA GLY GB 48 12.17 68.80 -17.77
C GLY GB 48 13.65 69.02 -17.65
N PHE GB 49 14.29 68.20 -16.83
CA PHE GB 49 15.72 68.03 -16.84
C PHE GB 49 16.18 68.04 -18.28
N ALA GB 50 15.74 67.06 -19.05
CA ALA GB 50 15.86 67.16 -20.50
C ALA GB 50 14.80 68.05 -21.12
N ILE GB 51 13.55 67.91 -20.69
CA ILE GB 51 12.45 68.51 -21.43
C ILE GB 51 12.54 70.02 -21.40
N ILE GB 52 12.63 70.61 -20.22
CA ILE GB 52 12.70 72.06 -20.15
C ILE GB 52 13.80 72.56 -21.06
N SER GB 53 14.92 71.85 -21.10
CA SER GB 53 16.01 72.24 -21.97
C SER GB 53 15.50 72.40 -23.40
N VAL GB 54 14.93 71.34 -23.96
CA VAL GB 54 14.40 71.47 -25.30
C VAL GB 54 13.20 72.41 -25.29
N PHE GB 55 12.40 72.36 -24.22
CA PHE GB 55 11.39 73.39 -24.05
C PHE GB 55 12.01 74.78 -24.12
N ILE GB 56 13.06 75.00 -23.34
CA ILE GB 56 13.80 76.25 -23.49
C ILE GB 56 14.16 76.45 -24.94
N ALA GB 57 14.80 75.44 -25.53
CA ALA GB 57 15.27 75.54 -26.90
C ALA GB 57 14.17 76.03 -27.82
N VAL GB 58 13.00 75.39 -27.76
CA VAL GB 58 11.97 75.70 -28.74
C VAL GB 58 11.48 77.13 -28.56
N GLY GB 59 11.09 77.52 -27.35
CA GLY GB 59 10.65 78.88 -27.13
C GLY GB 59 11.72 79.88 -27.49
N MET GB 60 12.95 79.64 -27.02
CA MET GB 60 14.07 80.42 -27.51
C MET GB 60 14.09 80.42 -29.02
N ALA GB 61 13.97 79.24 -29.63
CA ALA GB 61 13.86 79.18 -31.08
C ALA GB 61 12.60 79.86 -31.57
N VAL GB 62 11.50 79.72 -30.81
CA VAL GB 62 10.27 80.38 -31.20
C VAL GB 62 10.48 81.88 -31.25
N VAL GB 63 10.85 82.47 -30.14
CA VAL GB 63 11.00 83.91 -30.12
C VAL GB 63 12.36 84.26 -30.69
N GLY GB 64 13.41 84.02 -29.91
CA GLY GB 64 14.74 84.39 -30.34
C GLY GB 64 14.83 85.80 -30.85
N LEU GB 65 14.21 86.75 -30.16
CA LEU GB 65 14.12 88.13 -30.60
C LEU GB 65 13.55 88.18 -32.01
N GLN HB 1 -13.18 115.31 -40.17
CA GLN HB 1 -11.87 115.73 -40.63
C GLN HB 1 -10.80 114.70 -40.28
N ASP HB 2 -9.66 115.22 -39.84
CA ASP HB 2 -8.58 114.39 -39.37
C ASP HB 2 -8.68 114.18 -37.87
N LEU HB 3 -8.68 112.92 -37.46
CA LEU HB 3 -8.65 112.63 -36.04
C LEU HB 3 -7.24 112.92 -35.55
N MET HB 4 -7.15 113.76 -34.52
CA MET HB 4 -5.85 114.33 -34.22
C MET HB 4 -4.88 113.30 -33.67
N ALA HB 5 -5.37 112.31 -32.93
CA ALA HB 5 -4.47 111.26 -32.48
C ALA HB 5 -3.91 110.45 -33.63
N SER HB 6 -4.36 110.69 -34.86
CA SER HB 6 -3.86 109.94 -36.00
C SER HB 6 -2.44 110.38 -36.34
N GLY HB 7 -1.96 109.89 -37.46
CA GLY HB 7 -0.55 109.96 -37.72
C GLY HB 7 0.17 109.14 -36.68
N ASN HB 8 1.47 109.41 -36.58
CA ASN HB 8 2.32 108.71 -35.63
C ASN HB 8 2.27 107.22 -35.91
N THR HB 9 1.78 106.46 -34.94
CA THR HB 9 1.59 105.02 -35.09
C THR HB 9 2.91 104.32 -35.39
N THR HB 10 4.02 104.97 -35.07
CA THR HB 10 5.18 104.21 -34.64
C THR HB 10 4.81 103.39 -33.43
N VAL HB 11 3.71 103.78 -32.82
CA VAL HB 11 2.96 103.00 -31.85
C VAL HB 11 2.89 101.59 -32.38
N LYS HB 12 2.48 101.45 -33.64
CA LYS HB 12 2.51 100.14 -34.25
C LYS HB 12 3.90 99.57 -34.20
N ALA HB 13 4.85 100.27 -34.82
CA ALA HB 13 6.25 99.83 -34.73
C ALA HB 13 6.61 99.52 -33.29
N THR HB 14 6.18 100.38 -32.37
CA THR HB 14 6.45 100.15 -30.97
C THR HB 14 5.90 98.80 -30.52
N PHE HB 15 4.62 98.57 -30.76
CA PHE HB 15 3.94 97.40 -30.22
C PHE HB 15 3.71 96.30 -31.26
N GLY HB 16 4.17 96.49 -32.49
CA GLY HB 16 3.74 95.65 -33.60
C GLY HB 16 4.03 94.19 -33.40
N LYS HB 17 3.38 93.36 -34.23
CA LYS HB 17 3.61 91.92 -34.19
C LYS HB 17 5.10 91.63 -34.17
N ASP HB 18 5.86 92.34 -35.00
CA ASP HB 18 7.29 92.44 -34.82
C ASP HB 18 7.54 93.71 -34.02
N SER HB 19 7.93 93.50 -32.77
CA SER HB 19 8.36 94.58 -31.91
C SER HB 19 9.20 93.97 -30.82
N SER HB 20 10.05 94.81 -30.23
CA SER HB 20 10.82 94.37 -29.08
C SER HB 20 9.83 93.87 -28.04
N VAL HB 21 8.97 94.77 -27.58
CA VAL HB 21 8.11 94.52 -26.43
C VAL HB 21 7.43 93.17 -26.55
N VAL HB 22 6.83 92.91 -27.70
CA VAL HB 22 6.17 91.63 -27.90
C VAL HB 22 7.11 90.49 -27.57
N LYS HB 23 8.28 90.51 -28.19
CA LYS HB 23 9.27 89.47 -27.94
C LYS HB 23 9.63 89.39 -26.48
N TRP HB 24 9.74 90.55 -25.82
CA TRP HB 24 9.96 90.58 -24.39
C TRP HB 24 8.98 89.69 -23.65
N VAL HB 25 7.70 89.83 -23.96
CA VAL HB 25 6.66 89.17 -23.17
C VAL HB 25 6.93 87.68 -23.10
N VAL HB 26 6.79 87.01 -24.23
CA VAL HB 26 6.89 85.56 -24.26
C VAL HB 26 8.18 85.10 -23.62
N LEU HB 27 9.24 85.88 -23.80
CA LEU HB 27 10.51 85.53 -23.20
C LEU HB 27 10.33 85.25 -21.72
N ALA HB 28 10.03 86.28 -20.94
CA ALA HB 28 9.81 86.08 -19.51
C ALA HB 28 8.76 85.01 -19.28
N GLU HB 29 7.73 84.98 -20.12
CA GLU HB 29 6.75 83.91 -20.03
C GLU HB 29 7.43 82.56 -20.08
N VAL HB 30 8.25 82.33 -21.10
CA VAL HB 30 9.02 81.09 -21.14
C VAL HB 30 9.73 80.86 -19.83
N LEU HB 31 10.38 81.89 -19.32
CA LEU HB 31 11.14 81.76 -18.09
C LEU HB 31 10.24 81.27 -16.96
N VAL HB 32 9.30 82.13 -16.55
CA VAL HB 32 8.54 81.87 -15.32
C VAL HB 32 7.90 80.49 -15.36
N GLY HB 33 7.31 80.13 -16.50
CA GLY HB 33 6.76 78.80 -16.62
C GLY HB 33 7.80 77.75 -16.32
N ALA HB 34 8.92 77.79 -17.03
CA ALA HB 34 10.02 76.90 -16.71
C ALA HB 34 10.39 77.01 -15.24
N VAL HB 35 10.48 78.24 -14.74
CA VAL HB 35 10.69 78.42 -13.31
C VAL HB 35 9.63 77.67 -12.53
N MET HB 36 8.36 78.06 -12.71
CA MET HB 36 7.27 77.46 -11.96
C MET HB 36 7.34 75.96 -11.97
N TYR HB 37 7.63 75.36 -13.11
CA TYR HB 37 7.59 73.92 -13.19
C TYR HB 37 8.53 73.29 -12.20
N MET HB 38 9.73 73.86 -12.04
CA MET HB 38 10.63 73.37 -11.00
C MET HB 38 9.92 73.27 -9.67
N MET HB 39 9.28 74.35 -9.27
CA MET HB 39 8.53 74.36 -8.03
C MET HB 39 7.40 73.34 -8.07
N THR HB 40 6.54 73.46 -9.08
CA THR HB 40 5.30 72.71 -9.09
C THR HB 40 5.52 71.26 -9.48
N LYS HB 41 6.28 71.03 -10.55
CA LYS HB 41 6.36 69.72 -11.17
C LYS HB 41 5.00 69.24 -11.62
N ASN HB 42 4.17 70.19 -12.03
CA ASN HB 42 2.91 69.90 -12.67
C ASN HB 42 2.99 70.32 -14.11
N VAL HB 43 2.23 69.64 -14.97
CA VAL HB 43 2.22 70.16 -16.33
C VAL HB 43 1.11 71.17 -16.34
N LYS HB 44 1.50 72.42 -16.31
CA LYS HB 44 0.59 73.55 -16.36
C LYS HB 44 1.12 74.60 -17.31
N PHE HB 45 2.31 75.08 -17.03
CA PHE HB 45 2.76 76.39 -17.40
C PHE HB 45 3.22 76.47 -18.83
N LEU HB 46 3.17 75.38 -19.57
CA LEU HB 46 3.55 75.48 -20.97
C LEU HB 46 2.28 75.54 -21.80
N ALA HB 47 1.78 76.75 -21.99
CA ALA HB 47 0.57 76.93 -22.77
C ALA HB 47 0.55 78.25 -23.51
N GLY HB 48 0.31 79.33 -22.74
CA GLY HB 48 0.41 80.66 -23.28
C GLY HB 48 1.77 80.90 -23.88
N PHE HB 49 2.74 80.11 -23.45
CA PHE HB 49 3.99 79.93 -24.14
C PHE HB 49 3.70 79.88 -25.62
N ALA HB 50 2.96 78.87 -26.05
CA ALA HB 50 2.36 78.91 -27.37
C ALA HB 50 1.13 79.78 -27.44
N ILE HB 51 0.23 79.66 -26.46
CA ILE HB 51 -1.10 80.23 -26.60
C ILE HB 51 -1.04 81.75 -26.67
N ILE HB 52 -0.39 82.38 -25.70
CA ILE HB 52 -0.32 83.83 -25.73
C ILE HB 52 0.20 84.30 -27.08
N SER HB 53 1.17 83.57 -27.62
CA SER HB 53 1.70 83.93 -28.93
C SER HB 53 0.57 84.03 -29.94
N VAL HB 54 -0.18 82.95 -30.11
CA VAL HB 54 -1.31 83.03 -31.03
C VAL HB 54 -2.36 83.97 -30.48
N PHE HB 55 -2.54 83.97 -29.17
CA PHE HB 55 -3.37 85.01 -28.57
C PHE HB 55 -2.87 86.39 -28.97
N ILE HB 56 -1.59 86.64 -28.80
CA ILE HB 56 -1.03 87.88 -29.33
C ILE HB 56 -1.41 88.02 -30.79
N ALA HB 57 -1.13 86.98 -31.58
CA ALA HB 57 -1.38 87.03 -33.00
C ALA HB 57 -2.80 87.48 -33.30
N VAL HB 58 -3.78 86.84 -32.66
CA VAL HB 58 -5.17 87.12 -33.02
C VAL HB 58 -5.53 88.56 -32.69
N GLY HB 59 -5.28 88.99 -31.46
CA GLY HB 59 -5.59 90.37 -31.10
C GLY HB 59 -4.84 91.35 -31.98
N MET HB 60 -3.54 91.14 -32.13
CA MET HB 60 -2.81 91.89 -33.14
C MET HB 60 -3.52 91.82 -34.47
N ALA HB 61 -3.90 90.62 -34.91
CA ALA HB 61 -4.68 90.49 -36.12
C ALA HB 61 -6.04 91.16 -35.95
N VAL HB 62 -6.63 91.05 -34.77
CA VAL HB 62 -7.91 91.70 -34.55
C VAL HB 62 -7.78 93.20 -34.75
N VAL HB 63 -6.92 93.84 -33.96
CA VAL HB 63 -6.80 95.27 -34.07
C VAL HB 63 -5.90 95.59 -35.24
N GLY HB 64 -4.60 95.38 -35.05
CA GLY HB 64 -3.63 95.73 -36.09
C GLY HB 64 -3.84 97.12 -36.63
N LEU HB 65 -4.06 98.09 -35.75
CA LEU HB 65 -4.38 99.46 -36.16
C LEU HB 65 -5.56 99.47 -37.11
N GLN IB 1 45.93 -58.23 7.05
CA GLN IB 1 45.97 -57.95 8.48
C GLN IB 1 45.43 -59.11 9.30
N ASP IB 2 44.65 -58.77 10.31
CA ASP IB 2 43.98 -59.76 11.13
C ASP IB 2 42.59 -60.03 10.60
N LEU IB 3 42.32 -61.30 10.34
CA LEU IB 3 40.97 -61.68 9.96
C LEU IB 3 40.09 -61.59 11.19
N MET IB 4 39.01 -60.84 11.07
CA MET IB 4 38.31 -60.44 12.30
C MET IB 4 37.61 -61.62 12.96
N ALA IB 5 37.13 -62.58 12.17
CA ALA IB 5 36.55 -63.77 12.80
C ALA IB 5 37.57 -64.56 13.58
N SER IB 6 38.84 -64.20 13.52
CA SER IB 6 39.87 -64.93 14.25
C SER IB 6 39.77 -64.65 15.74
N GLY IB 7 40.76 -65.14 16.46
CA GLY IB 7 40.63 -65.22 17.88
C GLY IB 7 39.51 -66.19 18.20
N ASN IB 8 39.04 -66.09 19.44
CA ASN IB 8 37.95 -66.93 19.91
C ASN IB 8 38.36 -68.39 19.79
N THR IB 9 37.65 -69.15 18.97
CA THR IB 9 37.96 -70.54 18.69
C THR IB 9 37.96 -71.37 19.96
N THR IB 10 37.29 -70.88 21.00
CA THR IB 10 36.64 -71.79 21.90
C THR IB 10 35.65 -72.63 21.14
N VAL IB 11 35.32 -72.15 19.94
CA VAL IB 11 34.67 -72.88 18.88
C VAL IB 11 35.33 -74.24 18.81
N LYS IB 12 36.65 -74.26 18.76
CA LYS IB 12 37.35 -75.53 18.83
C LYS IB 12 36.97 -76.26 20.09
N ALA IB 13 37.24 -75.66 21.24
CA ALA IB 13 36.82 -76.26 22.50
C ALA IB 13 35.37 -76.70 22.41
N THR IB 14 34.53 -75.85 21.83
CA THR IB 14 33.13 -76.20 21.68
C THR IB 14 32.96 -77.49 20.89
N PHE IB 15 33.56 -77.55 19.71
CA PHE IB 15 33.35 -78.66 18.79
C PHE IB 15 34.50 -79.65 18.74
N GLY IB 16 35.54 -79.45 19.55
CA GLY IB 16 36.78 -80.16 19.36
C GLY IB 16 36.65 -81.67 19.43
N LYS IB 17 37.71 -82.35 18.97
CA LYS IB 17 37.73 -83.80 19.03
C LYS IB 17 37.32 -84.28 20.42
N ASP IB 18 37.86 -83.61 21.43
CA ASP IB 18 37.28 -83.71 22.77
C ASP IB 18 36.33 -82.53 22.92
N SER IB 19 35.06 -82.85 22.91
CA SER IB 19 34.01 -81.89 23.19
C SER IB 19 32.79 -82.65 23.63
N SER IB 20 31.93 -81.97 24.36
CA SER IB 20 30.65 -82.57 24.72
C SER IB 20 29.97 -83.01 23.44
N VAL IB 21 29.69 -82.03 22.59
CA VAL IB 21 28.84 -82.24 21.41
C VAL IB 21 29.26 -83.49 20.67
N VAL IB 22 30.55 -83.60 20.38
CA VAL IB 22 31.04 -84.78 19.68
C VAL IB 22 30.56 -86.04 20.38
N LYS IB 23 30.84 -86.14 21.66
CA LYS IB 23 30.43 -87.30 22.43
C LYS IB 23 28.94 -87.50 22.35
N TRP IB 24 28.17 -86.41 22.40
CA TRP IB 24 26.73 -86.49 22.20
C TRP IB 24 26.38 -87.29 20.97
N VAL IB 25 27.00 -86.98 19.84
CA VAL IB 25 26.59 -87.55 18.58
C VAL IB 25 26.57 -89.06 18.66
N VAL IB 26 27.77 -89.65 18.78
CA VAL IB 26 27.89 -91.09 18.72
C VAL IB 26 26.97 -91.74 19.73
N LEU IB 27 26.79 -91.10 20.88
CA LEU IB 27 25.90 -91.62 21.88
C LEU IB 27 24.56 -91.98 21.27
N ALA IB 28 23.80 -90.96 20.87
CA ALA IB 28 22.51 -91.22 20.24
C ALA IB 28 22.66 -92.15 19.05
N GLU IB 29 23.75 -92.01 18.31
CA GLU IB 29 24.03 -92.95 17.25
C GLU IB 29 24.02 -94.37 17.77
N VAL IB 30 24.78 -94.65 18.82
CA VAL IB 30 24.73 -95.96 19.44
C VAL IB 30 23.30 -96.36 19.73
N LEU IB 31 22.54 -95.44 20.30
CA LEU IB 31 21.17 -95.74 20.66
C LEU IB 31 20.37 -96.18 19.45
N VAL IB 32 20.15 -95.24 18.52
CA VAL IB 32 19.22 -95.47 17.43
C VAL IB 32 19.55 -96.75 16.68
N GLY IB 33 20.84 -96.97 16.41
CA GLY IB 33 21.22 -98.21 15.77
C GLY IB 33 20.75 -99.41 16.57
N ALA IB 34 21.11 -99.46 17.85
CA ALA IB 34 20.59 -100.50 18.72
C ALA IB 34 19.07 -100.52 18.67
N VAL IB 35 18.45 -99.34 18.74
CA VAL IB 35 17.02 -99.26 18.55
C VAL IB 35 16.64 -99.93 17.25
N MET IB 36 17.11 -99.37 16.13
CA MET IB 36 16.73 -99.87 14.82
C MET IB 36 16.85 -101.38 14.73
N TYR IB 37 17.93 -101.94 15.27
CA TYR IB 37 18.14 -103.36 15.10
C TYR IB 37 16.99 -104.16 15.67
N MET IB 38 16.46 -103.75 16.81
CA MET IB 38 15.27 -104.40 17.34
C MET IB 38 14.20 -104.49 16.28
N MET IB 39 13.89 -103.35 15.66
CA MET IB 39 12.90 -103.34 14.61
C MET IB 39 13.35 -104.20 13.43
N THR IB 40 14.53 -103.92 12.91
CA THR IB 40 14.94 -104.51 11.65
C THR IB 40 15.40 -105.95 11.82
N LYS IB 41 16.23 -106.21 12.82
CA LYS IB 41 16.92 -107.48 12.94
C LYS IB 41 17.76 -107.76 11.71
N ASN IB 42 18.30 -106.69 11.15
CA ASN IB 42 19.28 -106.79 10.08
C ASN IB 42 20.60 -106.31 10.61
N VAL IB 43 21.69 -106.83 10.06
CA VAL IB 43 22.95 -106.24 10.48
C VAL IB 43 23.17 -105.10 9.52
N LYS IB 44 22.92 -103.91 10.01
CA LYS IB 44 23.11 -102.68 9.28
C LYS IB 44 23.79 -101.64 10.16
N PHE IB 45 23.15 -101.34 11.27
CA PHE IB 45 23.26 -100.07 11.93
C PHE IB 45 24.50 -99.96 12.78
N LEU IB 46 25.33 -100.99 12.83
CA LEU IB 46 26.56 -100.87 13.60
C LEU IB 46 27.70 -100.59 12.63
N ALA IB 47 27.90 -99.32 12.31
CA ALA IB 47 28.96 -98.96 11.40
C ALA IB 47 29.55 -97.60 11.73
N GLY IB 48 28.78 -96.55 11.39
CA GLY IB 48 29.15 -95.20 11.77
C GLY IB 48 29.34 -95.11 13.27
N PHE IB 49 28.73 -96.03 13.99
CA PHE IB 49 29.07 -96.33 15.36
C PHE IB 49 30.58 -96.25 15.48
N ALA IB 50 31.28 -97.14 14.80
CA ALA IB 50 32.71 -96.95 14.61
C ALA IB 50 33.02 -95.92 13.53
N ILE IB 51 32.34 -95.99 12.39
CA ILE IB 51 32.78 -95.25 11.22
C ILE IB 51 32.71 -93.75 11.45
N ILE IB 52 31.54 -93.27 11.86
CA ILE IB 52 31.42 -91.84 12.08
C ILE IB 52 32.52 -91.36 13.00
N SER IB 53 32.84 -92.17 14.01
CA SER IB 53 33.92 -91.80 14.91
C SER IB 53 35.19 -91.50 14.14
N VAL IB 54 35.66 -92.47 13.35
CA VAL IB 54 36.84 -92.19 12.55
C VAL IB 54 36.52 -91.17 11.48
N PHE IB 55 35.30 -91.23 10.93
CA PHE IB 55 34.86 -90.13 10.09
C PHE IB 55 34.99 -88.80 10.81
N ILE IB 56 34.46 -88.71 12.03
CA ILE IB 56 34.71 -87.52 12.82
C ILE IB 56 36.20 -87.26 12.88
N ALA IB 57 36.96 -88.27 13.27
CA ALA IB 57 38.39 -88.11 13.44
C ALA IB 57 39.01 -87.48 12.21
N VAL IB 58 38.73 -88.02 11.03
CA VAL IB 58 39.43 -87.55 9.84
C VAL IB 58 39.08 -86.10 9.54
N GLY IB 59 37.79 -85.78 9.47
CA GLY IB 59 37.41 -84.40 9.23
C GLY IB 59 37.95 -83.46 10.28
N MET IB 60 37.78 -83.83 11.55
CA MET IB 60 38.47 -83.12 12.60
C MET IB 60 39.95 -83.02 12.30
N ALA IB 61 40.57 -84.14 11.93
CA ALA IB 61 41.96 -84.10 11.51
C ALA IB 61 42.11 -83.28 10.24
N VAL IB 62 41.15 -83.39 9.33
CA VAL IB 62 41.22 -82.59 8.11
C VAL IB 62 41.24 -81.11 8.44
N VAL IB 63 40.20 -80.64 9.11
CA VAL IB 63 40.14 -79.22 9.40
C VAL IB 63 40.99 -78.94 10.62
N GLY IB 64 40.48 -79.32 11.79
CA GLY IB 64 41.17 -79.03 13.03
C GLY IB 64 41.63 -77.60 13.13
N LEU IB 65 40.75 -76.66 12.77
CA LEU IB 65 41.11 -75.25 12.73
C LEU IB 65 42.35 -75.04 11.86
N GLN JB 1 44.17 -45.37 -13.13
CA GLN JB 1 44.86 -45.04 -11.88
C GLN JB 1 44.76 -46.18 -10.88
N ASP JB 2 44.54 -45.79 -9.63
CA ASP JB 2 44.34 -46.75 -8.57
C ASP JB 2 42.86 -47.04 -8.38
N LEU JB 3 42.50 -48.31 -8.44
CA LEU JB 3 41.13 -48.70 -8.16
C LEU JB 3 40.92 -48.56 -6.66
N MET JB 4 39.90 -47.80 -6.28
CA MET JB 4 39.84 -47.37 -4.90
C MET JB 4 39.54 -48.52 -3.94
N ALA JB 5 38.76 -49.50 -4.39
CA ALA JB 5 38.54 -50.66 -3.53
C ALA JB 5 39.83 -51.44 -3.27
N SER JB 6 40.92 -51.09 -3.93
CA SER JB 6 42.18 -51.79 -3.75
C SER JB 6 42.77 -51.46 -2.38
N GLY JB 7 43.98 -51.93 -2.18
CA GLY JB 7 44.53 -51.97 -0.86
C GLY JB 7 43.69 -52.92 -0.03
N ASN JB 8 43.83 -52.77 1.29
CA ASN JB 8 43.10 -53.60 2.23
C ASN JB 8 43.43 -55.06 1.98
N THR JB 9 42.43 -55.84 1.61
CA THR JB 9 42.59 -57.24 1.26
C THR JB 9 43.18 -58.03 2.41
N THR JB 10 43.06 -57.50 3.62
CA THR JB 10 42.90 -58.39 4.76
C THR JB 10 41.68 -59.25 4.56
N VAL JB 11 40.84 -58.80 3.64
CA VAL JB 11 39.79 -59.57 3.02
C VAL JB 11 40.35 -60.94 2.70
N LYS JB 12 41.50 -60.95 2.05
CA LYS JB 12 42.16 -62.23 1.82
C LYS JB 12 42.41 -62.92 3.14
N ALA JB 13 43.18 -62.27 4.02
CA ALA JB 13 43.39 -62.83 5.34
C ALA JB 13 42.07 -63.26 5.94
N THR JB 14 41.05 -62.43 5.80
CA THR JB 14 39.74 -62.78 6.31
C THR JB 14 39.25 -64.09 5.73
N PHE JB 15 39.23 -64.19 4.41
CA PHE JB 15 38.63 -65.33 3.73
C PHE JB 15 39.64 -66.33 3.19
N GLY JB 16 40.93 -66.11 3.43
CA GLY JB 16 41.96 -66.84 2.70
C GLY JB 16 41.89 -68.33 2.88
N LYS JB 17 42.62 -69.04 1.99
CA LYS JB 17 42.68 -70.49 2.09
C LYS JB 17 42.97 -70.92 3.52
N ASP JB 18 43.90 -70.23 4.16
CA ASP JB 18 44.01 -70.27 5.61
C ASP JB 18 43.22 -69.08 6.13
N SER JB 19 42.09 -69.40 6.74
CA SER JB 19 41.28 -68.42 7.43
C SER JB 19 40.41 -69.17 8.41
N SER JB 20 39.97 -68.45 9.43
CA SER JB 20 39.01 -69.03 10.36
C SER JB 20 37.82 -69.51 9.55
N VAL JB 21 37.16 -68.56 8.90
CA VAL JB 21 35.88 -68.80 8.25
C VAL JB 21 35.92 -70.08 7.43
N VAL JB 22 36.92 -70.21 6.58
CA VAL JB 22 37.05 -71.41 5.77
C VAL JB 22 36.96 -72.64 6.65
N LYS JB 23 37.81 -72.70 7.67
CA LYS JB 23 37.81 -73.83 8.57
C LYS JB 23 36.44 -74.04 9.21
N TRP JB 24 35.79 -72.94 9.56
CA TRP JB 24 34.41 -73.02 10.06
C TRP JB 24 33.54 -73.86 9.16
N VAL JB 25 33.57 -73.58 7.86
CA VAL JB 25 32.63 -74.19 6.94
C VAL JB 25 32.67 -75.70 7.06
N VAL JB 26 33.78 -76.29 6.65
CA VAL JB 26 33.89 -77.74 6.58
C VAL JB 26 33.54 -78.35 7.92
N LEU JB 27 33.90 -77.66 9.00
CA LEU JB 27 33.58 -78.15 10.33
C LEU JB 27 32.11 -78.52 10.41
N ALA JB 28 31.24 -77.51 10.37
CA ALA JB 28 29.82 -77.78 10.42
C ALA JB 28 29.41 -78.76 9.32
N GLU JB 29 30.04 -78.64 8.14
CA GLU JB 29 29.80 -79.63 7.11
C GLU JB 29 30.05 -81.03 7.62
N VAL JB 30 31.22 -81.27 8.21
CA VAL JB 30 31.47 -82.57 8.82
C VAL JB 30 30.34 -82.94 9.76
N LEU JB 31 29.92 -82.00 10.58
CA LEU JB 31 28.87 -82.28 11.55
C LEU JB 31 27.60 -82.75 10.85
N VAL JB 32 26.97 -81.85 10.10
CA VAL JB 32 25.64 -82.11 9.57
C VAL JB 32 25.61 -83.41 8.79
N GLY JB 33 26.62 -83.65 7.96
CA GLY JB 33 26.68 -84.92 7.26
C GLY JB 33 26.65 -86.08 8.23
N ALA JB 34 27.56 -86.10 9.19
CA ALA JB 34 27.51 -87.10 10.24
C ALA JB 34 26.14 -87.11 10.90
N VAL JB 35 25.62 -85.94 11.22
CA VAL JB 35 24.25 -85.86 11.70
C VAL JB 35 23.31 -86.56 10.75
N MET JB 36 23.21 -86.04 9.51
CA MET JB 36 22.29 -86.58 8.54
C MET JB 36 22.36 -88.09 8.46
N TYR JB 37 23.58 -88.64 8.46
CA TYR JB 37 23.70 -90.07 8.24
C TYR JB 37 22.96 -90.84 9.30
N MET JB 38 23.00 -90.39 10.56
CA MET JB 38 22.19 -91.02 11.59
C MET JB 38 20.75 -91.13 11.15
N MET JB 39 20.18 -90.02 10.71
CA MET JB 39 18.82 -90.04 10.23
C MET JB 39 18.68 -90.93 9.01
N THR JB 40 19.50 -90.69 8.00
CA THR JB 40 19.29 -91.32 6.70
C THR JB 40 19.78 -92.75 6.69
N LYS JB 41 20.99 -92.98 7.19
CA LYS JB 41 21.66 -94.26 7.03
C LYS JB 41 21.86 -94.58 5.56
N ASN JB 42 22.06 -93.53 4.78
CA ASN JB 42 22.43 -93.67 3.39
C ASN JB 42 23.84 -93.17 3.23
N VAL JB 43 24.56 -93.72 2.26
CA VAL JB 43 25.87 -93.12 2.02
C VAL JB 43 25.60 -92.01 1.04
N LYS JB 44 25.61 -90.81 1.56
CA LYS JB 44 25.42 -89.60 0.78
C LYS JB 44 26.41 -88.55 1.21
N PHE JB 45 26.36 -88.20 2.47
CA PHE JB 45 26.75 -86.90 2.98
C PHE JB 45 28.23 -86.77 3.15
N LEU JB 46 29.01 -87.81 2.85
CA LEU JB 46 30.44 -87.66 2.96
C LEU JB 46 31.01 -87.43 1.56
N ALA JB 47 31.03 -86.17 1.16
CA ALA JB 47 31.55 -85.84 -0.16
C ALA JB 47 32.21 -84.48 -0.19
N GLY JB 48 31.36 -83.43 -0.17
CA GLY JB 48 31.85 -82.08 -0.03
C GLY JB 48 32.71 -81.93 1.19
N PHE JB 49 32.50 -82.83 2.16
CA PHE JB 49 33.44 -83.08 3.22
C PHE JB 49 34.84 -83.01 2.63
N ALA JB 50 35.15 -83.92 1.73
CA ALA JB 50 36.32 -83.75 0.90
C ALA JB 50 36.11 -82.76 -0.23
N ILE JB 51 34.97 -82.87 -0.93
CA ILE JB 51 34.82 -82.17 -2.19
C ILE JB 51 34.84 -80.67 -2.00
N ILE JB 52 33.99 -80.15 -1.12
CA ILE JB 52 33.97 -78.71 -0.91
C ILE JB 52 35.36 -78.22 -0.62
N SER JB 53 36.13 -78.99 0.15
CA SER JB 53 37.49 -78.60 0.44
C SER JB 53 38.25 -78.33 -0.84
N VAL JB 54 38.32 -79.33 -1.72
CA VAL JB 54 39.00 -79.09 -2.98
C VAL JB 54 38.21 -78.10 -3.81
N PHE JB 55 36.88 -78.17 -3.74
CA PHE JB 55 36.08 -77.09 -4.32
C PHE JB 55 36.51 -75.75 -3.78
N ILE JB 56 36.60 -75.62 -2.46
CA ILE JB 56 37.18 -74.40 -1.90
C ILE JB 56 38.52 -74.14 -2.54
N ALA JB 57 39.39 -75.14 -2.53
CA ALA JB 57 40.74 -74.98 -3.04
C ALA JB 57 40.72 -74.39 -4.44
N VAL JB 58 39.93 -74.98 -5.34
CA VAL JB 58 40.00 -74.55 -6.73
C VAL JB 58 39.54 -73.11 -6.87
N GLY JB 59 38.35 -72.78 -6.36
CA GLY JB 59 37.89 -71.41 -6.44
C GLY JB 59 38.85 -70.45 -5.79
N MET JB 60 39.27 -70.77 -4.57
CA MET JB 60 40.37 -70.02 -3.97
C MET JB 60 41.54 -69.94 -4.93
N ALA JB 61 41.93 -71.08 -5.50
CA ALA JB 61 42.97 -71.04 -6.52
C ALA JB 61 42.51 -70.28 -7.75
N VAL JB 62 41.24 -70.41 -8.10
CA VAL JB 62 40.73 -69.65 -9.25
C VAL JB 62 40.89 -68.17 -9.00
N VAL JB 63 40.27 -67.66 -7.95
CA VAL JB 63 40.33 -66.24 -7.72
C VAL JB 63 41.65 -65.93 -7.03
N GLY JB 64 41.73 -66.27 -5.74
CA GLY JB 64 42.93 -65.93 -4.97
C GLY JB 64 43.35 -64.50 -5.14
N LEU JB 65 42.41 -63.57 -5.09
CA LEU JB 65 42.69 -62.16 -5.33
C LEU JB 65 43.38 -62.00 -6.68
N GLN KB 1 31.98 -33.16 -30.19
CA GLN KB 1 33.18 -32.78 -29.46
C GLN KB 1 33.61 -33.89 -28.50
N ASP KB 2 34.03 -33.45 -27.31
CA ASP KB 2 34.39 -34.38 -26.25
C ASP KB 2 33.19 -34.66 -25.37
N LEU KB 3 32.88 -35.93 -25.21
CA LEU KB 3 31.84 -36.32 -24.28
C LEU KB 3 32.38 -36.12 -22.87
N MET KB 4 31.66 -35.36 -22.07
CA MET KB 4 32.27 -34.87 -20.84
C MET KB 4 32.50 -35.99 -19.83
N ALA KB 5 31.62 -36.99 -19.80
CA ALA KB 5 31.88 -38.11 -18.92
C ALA KB 5 33.13 -38.88 -19.30
N SER KB 6 33.77 -38.54 -20.41
CA SER KB 6 34.96 -39.25 -20.84
C SER KB 6 36.15 -38.86 -19.95
N GLY KB 7 37.31 -39.31 -20.36
CA GLY KB 7 38.43 -39.29 -19.46
C GLY KB 7 38.12 -40.22 -18.31
N ASN KB 8 38.89 -40.02 -17.23
CA ASN KB 8 38.73 -40.81 -16.03
C ASN KB 8 38.92 -42.28 -16.35
N THR KB 9 37.87 -43.08 -16.17
CA THR KB 9 37.89 -44.49 -16.51
C THR KB 9 38.99 -45.24 -15.77
N THR KB 10 39.46 -44.67 -14.68
CA THR KB 10 39.90 -45.51 -13.58
C THR KB 10 38.75 -46.38 -13.13
N VAL KB 11 37.55 -45.97 -13.54
CA VAL KB 11 36.35 -46.77 -13.54
C VAL KB 11 36.71 -48.14 -14.05
N LYS KB 12 37.40 -48.17 -15.19
CA LYS KB 12 37.90 -49.46 -15.66
C LYS KB 12 38.77 -50.09 -14.61
N ALA KB 13 39.86 -49.41 -14.24
CA ALA KB 13 40.70 -49.92 -13.18
C ALA KB 13 39.86 -50.34 -11.98
N THR KB 14 38.87 -49.52 -11.64
CA THR KB 14 37.98 -49.86 -10.54
C THR KB 14 37.30 -51.19 -10.77
N PHE KB 15 36.65 -51.34 -11.91
CA PHE KB 15 35.81 -52.50 -12.17
C PHE KB 15 36.45 -53.51 -13.10
N GLY KB 16 37.68 -53.29 -13.54
CA GLY KB 16 38.25 -54.03 -14.65
C GLY KB 16 38.30 -55.52 -14.42
N LYS KB 17 38.52 -56.25 -15.51
CA LYS KB 17 38.66 -57.70 -15.42
C LYS KB 17 39.61 -58.07 -14.31
N ASP KB 18 40.73 -57.36 -14.23
CA ASP KB 18 41.53 -57.34 -13.02
C ASP KB 18 41.07 -56.14 -12.21
N SER KB 19 40.39 -56.43 -11.12
CA SER KB 19 40.00 -55.44 -10.14
C SER KB 19 39.73 -56.16 -8.84
N SER KB 20 39.83 -55.40 -7.76
CA SER KB 20 39.47 -55.94 -6.47
C SER KB 20 38.04 -56.45 -6.58
N VAL KB 21 37.12 -55.54 -6.86
CA VAL KB 21 35.69 -55.82 -6.78
C VAL KB 21 35.35 -57.11 -7.47
N VAL KB 22 35.83 -57.28 -8.70
CA VAL KB 22 35.57 -58.50 -9.43
C VAL KB 22 35.94 -59.71 -8.58
N LYS KB 23 37.18 -59.72 -8.11
CA LYS KB 23 37.64 -60.83 -7.29
C LYS KB 23 36.77 -61.00 -6.06
N TRP KB 24 36.33 -59.89 -5.47
CA TRP KB 24 35.39 -59.96 -4.36
C TRP KB 24 34.20 -60.84 -4.69
N VAL KB 25 33.59 -60.60 -5.85
CA VAL KB 25 32.33 -61.26 -6.17
C VAL KB 25 32.46 -62.76 -6.04
N VAL KB 26 33.24 -63.36 -6.93
CA VAL KB 26 33.33 -64.81 -6.99
C VAL KB 26 33.70 -65.37 -5.64
N LEU KB 27 34.53 -64.64 -4.90
CA LEU KB 27 34.90 -65.08 -3.56
C LEU KB 27 33.67 -65.45 -2.76
N ALA KB 28 32.87 -64.45 -2.41
CA ALA KB 28 31.65 -64.72 -1.66
C ALA KB 28 30.78 -65.74 -2.38
N GLU KB 29 30.76 -65.66 -3.72
CA GLU KB 29 30.07 -66.69 -4.47
C GLU KB 29 30.55 -68.08 -4.11
N VAL KB 30 31.87 -68.28 -4.16
CA VAL KB 30 32.42 -69.55 -3.71
C VAL KB 30 31.90 -69.91 -2.33
N LEU KB 31 31.92 -68.93 -1.43
CA LEU KB 31 31.48 -69.19 -0.07
C LEU KB 31 30.04 -69.68 -0.05
N VAL KB 32 29.11 -68.82 -0.41
CA VAL KB 32 27.69 -69.10 -0.23
C VAL KB 32 27.31 -70.43 -0.84
N GLY KB 33 27.80 -70.69 -2.05
CA GLY KB 33 27.54 -71.98 -2.66
C GLY KB 33 28.00 -73.11 -1.75
N ALA KB 34 29.27 -73.09 -1.37
CA ALA KB 34 29.76 -74.04 -0.40
C ALA KB 34 28.88 -74.04 0.85
N VAL KB 35 28.55 -72.86 1.34
CA VAL KB 35 27.59 -72.77 2.43
C VAL KB 35 26.32 -73.51 2.08
N MET KB 36 25.63 -73.04 1.04
CA MET KB 36 24.35 -73.62 0.66
C MET KB 36 24.42 -75.13 0.59
N TYR KB 37 25.48 -75.67 0.01
CA TYR KB 37 25.52 -77.11 -0.17
C TYR KB 37 25.40 -77.84 1.13
N MET KB 38 26.05 -77.34 2.19
CA MET KB 38 25.86 -77.94 3.50
C MET KB 38 24.40 -78.07 3.82
N MET KB 39 23.66 -76.98 3.68
CA MET KB 39 22.23 -77.02 3.93
C MET KB 39 21.53 -77.96 2.96
N THR KB 40 21.75 -77.75 1.66
CA THR KB 40 20.95 -78.44 0.66
C THR KB 40 21.40 -79.86 0.46
N LYS KB 41 22.71 -80.06 0.32
CA LYS KB 41 23.24 -81.35 -0.11
C LYS KB 41 22.70 -81.72 -1.49
N ASN KB 42 22.46 -80.71 -2.30
CA ASN KB 42 22.12 -80.89 -3.69
C ASN KB 42 23.27 -80.40 -4.53
N VAL KB 43 23.44 -80.97 -5.71
CA VAL KB 43 24.45 -80.39 -6.57
C VAL KB 43 23.71 -79.32 -7.34
N LYS KB 44 23.94 -78.09 -6.93
CA LYS KB 44 23.37 -76.92 -7.55
C LYS KB 44 24.42 -75.84 -7.69
N PHE KB 45 24.98 -75.44 -6.57
CA PHE KB 45 25.54 -74.14 -6.36
C PHE KB 45 26.93 -73.99 -6.95
N LEU KB 46 27.46 -75.03 -7.55
CA LEU KB 46 28.78 -74.88 -8.17
C LEU KB 46 28.58 -74.70 -9.66
N ALA KB 47 28.38 -73.45 -10.06
CA ALA KB 47 28.18 -73.17 -11.47
C ALA KB 47 28.72 -71.80 -11.86
N GLY KB 48 27.96 -70.77 -11.47
CA GLY KB 48 28.42 -69.40 -11.63
C GLY KB 48 29.77 -69.21 -10.99
N PHE KB 49 30.07 -70.07 -10.02
CA PHE KB 49 31.42 -70.28 -9.54
C PHE KB 49 32.35 -70.22 -10.73
N ALA KB 50 32.20 -71.17 -11.65
CA ALA KB 50 32.81 -71.02 -12.96
C ALA KB 50 32.05 -70.08 -13.86
N ILE KB 51 30.72 -70.21 -13.91
CA ILE KB 51 29.95 -69.56 -14.96
C ILE KB 51 30.03 -68.06 -14.85
N ILE KB 52 29.71 -67.51 -13.67
CA ILE KB 52 29.76 -66.06 -13.53
C ILE KB 52 31.12 -65.55 -13.98
N SER KB 53 32.17 -66.29 -13.65
CA SER KB 53 33.50 -65.89 -14.08
C SER KB 53 33.54 -65.66 -15.58
N VAL KB 54 33.19 -66.70 -16.35
CA VAL KB 54 33.15 -66.50 -17.79
C VAL KB 54 32.03 -65.54 -18.16
N PHE KB 55 30.91 -65.61 -17.44
CA PHE KB 55 29.92 -64.56 -17.58
C PHE KB 55 30.52 -63.19 -17.38
N ILE KB 56 31.25 -63.01 -16.27
CA ILE KB 56 31.99 -61.78 -16.10
C ILE KB 56 32.85 -61.53 -17.33
N ALA KB 57 33.63 -62.54 -17.70
CA ALA KB 57 34.55 -62.39 -18.81
C ALA KB 57 33.85 -61.85 -20.04
N VAL KB 58 32.73 -62.47 -20.42
CA VAL KB 58 32.10 -62.10 -21.68
C VAL KB 58 31.59 -60.66 -21.63
N GLY KB 59 30.81 -60.33 -20.61
CA GLY KB 59 30.33 -58.95 -20.49
C GLY KB 59 31.47 -57.96 -20.42
N MET KB 60 32.44 -58.24 -19.56
CA MET KB 60 33.67 -57.47 -19.60
C MET KB 60 34.22 -57.42 -21.01
N ALA KB 61 34.32 -58.57 -21.66
CA ALA KB 61 34.72 -58.58 -23.06
C ALA KB 61 33.70 -57.85 -23.93
N VAL KB 62 32.42 -58.01 -23.62
CA VAL KB 62 31.41 -57.30 -24.38
C VAL KB 62 31.63 -55.80 -24.30
N VAL KB 63 31.59 -55.26 -23.09
CA VAL KB 63 31.74 -53.83 -22.96
C VAL KB 63 33.21 -53.49 -23.01
N GLY KB 64 33.91 -53.78 -21.92
CA GLY KB 64 35.32 -53.42 -21.85
C GLY KB 64 35.59 -51.99 -22.24
N LEU KB 65 34.77 -51.06 -21.76
CA LEU KB 65 34.86 -49.66 -22.16
C LEU KB 65 34.81 -49.54 -23.68
N GLN LB 1 13.84 -21.76 -40.62
CA GLN LB 1 15.24 -21.37 -40.52
C GLN LB 1 16.07 -22.42 -39.81
N ASP LB 2 16.96 -21.94 -38.95
CA ASP LB 2 17.77 -22.81 -38.14
C ASP LB 2 17.11 -23.07 -36.79
N LEU LB 3 16.92 -24.33 -36.47
CA LEU LB 3 16.42 -24.67 -35.15
C LEU LB 3 17.53 -24.42 -34.14
N MET LB 4 17.23 -23.62 -33.13
CA MET LB 4 18.32 -23.09 -32.33
C MET LB 4 18.99 -24.16 -31.50
N ALA LB 5 18.24 -25.16 -31.04
CA ALA LB 5 18.89 -26.24 -30.31
C ALA LB 5 19.85 -27.03 -31.19
N SER LB 6 19.91 -26.74 -32.48
CA SER LB 6 20.80 -27.46 -33.38
C SER LB 6 22.24 -27.04 -33.13
N GLY LB 7 23.11 -27.53 -34.00
CA GLY LB 7 24.50 -27.47 -33.71
C GLY LB 7 24.77 -28.34 -32.50
N ASN LB 8 25.93 -28.10 -31.89
CA ASN LB 8 26.34 -28.85 -30.71
C ASN LB 8 26.39 -30.33 -31.04
N THR LB 9 25.55 -31.12 -30.38
CA THR LB 9 25.43 -32.54 -30.63
C THR LB 9 26.75 -33.26 -30.44
N THR LB 10 27.67 -32.64 -29.69
CA THR LB 10 28.56 -33.44 -28.87
C THR LB 10 27.75 -34.29 -27.92
N VAL LB 11 26.50 -33.89 -27.76
CA VAL LB 11 25.42 -34.68 -27.20
C VAL LB 11 25.55 -36.08 -27.76
N LYS LB 12 25.66 -36.16 -29.09
CA LYS LB 12 25.89 -37.47 -29.68
C LYS LB 12 27.16 -38.06 -29.11
N ALA LB 13 28.29 -37.37 -29.30
CA ALA LB 13 29.54 -37.83 -28.70
C ALA LB 13 29.31 -38.20 -27.25
N THR LB 14 28.57 -37.36 -26.53
CA THR LB 14 28.28 -37.65 -25.14
C THR LB 14 27.59 -38.99 -24.99
N PHE LB 15 26.50 -39.18 -25.70
CA PHE LB 15 25.66 -40.35 -25.52
C PHE LB 15 25.82 -41.41 -26.59
N GLY LB 16 26.73 -41.20 -27.55
CA GLY LB 16 26.73 -42.00 -28.77
C GLY LB 16 26.91 -43.47 -28.53
N LYS LB 17 26.63 -44.25 -29.58
CA LYS LB 17 26.82 -45.69 -29.50
C LYS LB 17 28.18 -46.02 -28.92
N ASP LB 18 29.20 -45.31 -29.37
CA ASP LB 18 30.46 -45.25 -28.65
C ASP LB 18 30.39 -44.01 -27.78
N SER LB 19 30.27 -44.26 -26.48
CA SER LB 19 30.35 -43.23 -25.48
C SER LB 19 30.71 -43.88 -24.17
N SER LB 20 31.27 -43.09 -23.27
CA SER LB 20 31.53 -43.57 -21.94
C SER LB 20 30.22 -44.09 -21.37
N VAL LB 21 29.26 -43.18 -21.24
CA VAL LB 21 28.01 -43.44 -20.52
C VAL LB 21 27.42 -44.78 -20.94
N VAL LB 22 27.30 -44.99 -22.24
CA VAL LB 22 26.76 -46.24 -22.74
C VAL LB 22 27.50 -47.40 -22.10
N LYS LB 23 28.81 -47.41 -22.23
CA LYS LB 23 29.61 -48.48 -21.67
C LYS LB 23 29.38 -48.60 -20.17
N TRP LB 24 29.25 -47.46 -19.49
CA TRP LB 24 28.90 -47.48 -18.07
C TRP LB 24 27.70 -48.38 -17.80
N VAL LB 25 26.64 -48.18 -18.57
CA VAL LB 25 25.38 -48.84 -18.26
C VAL LB 25 25.58 -50.35 -18.15
N VAL LB 26 25.88 -50.99 -19.27
CA VAL LB 26 25.95 -52.44 -19.31
C VAL LB 26 26.90 -52.94 -18.25
N LEU LB 27 27.96 -52.19 -17.98
CA LEU LB 27 28.91 -52.57 -16.94
C LEU LB 27 28.17 -52.90 -15.67
N ALA LB 28 27.60 -51.89 -15.02
CA ALA LB 28 26.85 -52.13 -13.80
C ALA LB 28 25.77 -53.16 -14.02
N GLU LB 29 25.14 -53.15 -15.20
CA GLU LB 29 24.20 -54.20 -15.53
C GLU LB 29 24.82 -55.57 -15.36
N VAL LB 30 25.98 -55.78 -15.99
CA VAL LB 30 26.69 -57.03 -15.79
C VAL LB 30 26.85 -57.33 -14.31
N LEU LB 31 27.25 -56.32 -13.55
CA LEU LB 31 27.48 -56.52 -12.13
C LEU LB 31 26.21 -57.01 -11.45
N VAL LB 32 25.19 -56.15 -11.39
CA VAL LB 32 24.03 -56.42 -10.57
C VAL LB 32 23.43 -57.78 -10.90
N GLY LB 33 23.32 -58.10 -12.19
CA GLY LB 33 22.84 -59.41 -12.56
C GLY LB 33 23.67 -60.50 -11.93
N ALA LB 34 24.98 -60.45 -12.15
CA ALA LB 34 25.87 -61.38 -11.46
C ALA LB 34 25.65 -61.32 -9.96
N VAL LB 35 25.55 -60.12 -9.42
CA VAL LB 35 25.19 -59.98 -8.02
C VAL LB 35 23.90 -60.73 -7.74
N MET LB 36 22.81 -60.30 -8.36
CA MET LB 36 21.51 -60.89 -8.11
C MET LB 36 21.56 -62.40 -8.15
N TYR LB 37 22.26 -62.98 -9.12
CA TYR LB 37 22.24 -64.42 -9.26
C TYR LB 37 22.73 -65.10 -8.00
N MET LB 38 23.77 -64.55 -7.37
CA MET LB 38 24.20 -65.10 -6.10
C MET LB 38 23.03 -65.21 -5.14
N MET LB 39 22.30 -64.12 -4.97
CA MET LB 39 21.14 -64.15 -4.10
C MET LB 39 20.09 -65.13 -4.62
N THR LB 40 19.70 -64.97 -5.88
CA THR LB 40 18.55 -65.69 -6.40
C THR LB 40 18.88 -67.14 -6.72
N LYS LB 41 19.98 -67.34 -7.42
CA LYS LB 41 20.29 -68.64 -8.01
C LYS LB 41 19.19 -69.08 -8.97
N ASN LB 42 18.61 -68.08 -9.64
CA ASN LB 42 17.67 -68.34 -10.72
C ASN LB 42 18.32 -67.87 -12.00
N VAL LB 43 17.95 -68.50 -13.11
CA VAL LB 43 18.46 -67.95 -14.35
C VAL LB 43 17.43 -66.91 -14.74
N LYS LB 44 17.81 -65.67 -14.52
CA LYS LB 44 17.00 -64.52 -14.87
C LYS LB 44 17.86 -63.46 -15.51
N PHE LB 45 18.86 -63.01 -14.77
CA PHE LB 45 19.43 -61.70 -14.90
C PHE LB 45 20.41 -61.58 -16.04
N LEU LB 46 20.62 -62.65 -16.79
CA LEU LB 46 21.52 -62.53 -17.92
C LEU LB 46 20.67 -62.41 -19.19
N ALA LB 47 20.29 -61.18 -19.49
CA ALA LB 47 19.47 -60.95 -20.67
C ALA LB 47 19.75 -59.61 -21.31
N GLY LB 48 19.24 -58.55 -20.66
CA GLY LB 48 19.57 -57.20 -21.07
C GLY LB 48 21.05 -56.98 -21.11
N PHE LB 49 21.77 -57.80 -20.35
CA PHE LB 49 23.19 -58.00 -20.52
C PHE LB 49 23.49 -57.99 -22.00
N ALA LB 50 22.95 -58.97 -22.72
CA ALA LB 50 22.91 -58.88 -24.16
C ALA LB 50 21.81 -57.97 -24.67
N ILE LB 51 20.61 -58.10 -24.12
CA ILE LB 51 19.44 -57.50 -24.73
C ILE LB 51 19.53 -55.99 -24.72
N ILE LB 52 19.77 -55.39 -23.55
CA ILE LB 52 19.85 -53.94 -23.50
C ILE LB 52 20.85 -53.46 -24.52
N SER LB 53 21.96 -54.18 -24.68
CA SER LB 53 22.95 -53.81 -25.67
C SER LB 53 22.29 -53.65 -27.03
N VAL LB 54 21.66 -54.70 -27.52
CA VAL LB 54 20.98 -54.57 -28.80
C VAL LB 54 19.80 -53.62 -28.66
N PHE LB 55 19.12 -53.65 -27.51
CA PHE LB 55 18.14 -52.61 -27.24
C PHE LB 55 18.76 -51.23 -27.38
N ILE LB 56 19.90 -51.02 -26.72
CA ILE LB 56 20.62 -49.78 -26.95
C ILE LB 56 20.83 -49.58 -28.43
N ALA LB 57 21.38 -50.60 -29.09
CA ALA LB 57 21.71 -50.51 -30.51
C ALA LB 57 20.51 -50.01 -31.30
N VAL LB 58 19.35 -50.64 -31.11
CA VAL LB 58 18.22 -50.32 -31.97
C VAL LB 58 17.76 -48.89 -31.74
N GLY LB 59 17.52 -48.50 -30.50
CA GLY LB 59 17.12 -47.14 -30.24
C GLY LB 59 18.15 -46.14 -30.72
N MET LB 60 19.42 -46.39 -30.38
CA MET LB 60 20.48 -45.62 -31.00
C MET LB 60 20.34 -45.63 -32.50
N ALA LB 61 20.15 -46.81 -33.09
CA ALA LB 61 19.89 -46.87 -34.52
C ALA LB 61 18.58 -46.18 -34.86
N VAL LB 62 17.57 -46.32 -34.00
CA VAL LB 62 16.31 -45.64 -34.26
C VAL LB 62 16.52 -44.14 -34.33
N VAL LB 63 17.03 -43.55 -33.26
CA VAL LB 63 17.18 -42.12 -33.27
C VAL LB 63 18.47 -41.78 -33.98
N GLY LB 64 19.60 -42.03 -33.32
CA GLY LB 64 20.89 -41.66 -33.89
C GLY LB 64 20.93 -40.26 -34.42
N LEU LB 65 20.39 -39.31 -33.66
CA LEU LB 65 20.27 -37.93 -34.11
C LEU LB 65 19.54 -37.86 -35.45
N GLN MB 1 -7.45 -10.73 -41.16
CA GLN MB 1 -6.17 -10.33 -41.75
C GLN MB 1 -5.08 -11.35 -41.47
N ASP MB 2 -3.91 -10.83 -41.16
CA ASP MB 2 -2.79 -11.67 -40.79
C ASP MB 2 -2.74 -11.86 -39.29
N LEU MB 3 -2.72 -13.13 -38.87
CA LEU MB 3 -2.55 -13.41 -37.46
C LEU MB 3 -1.10 -13.12 -37.10
N MET MB 4 -0.90 -12.28 -36.09
CA MET MB 4 0.42 -11.71 -35.92
C MET MB 4 1.43 -12.74 -35.45
N ALA MB 5 1.00 -13.73 -34.66
CA ALA MB 5 1.94 -14.78 -34.30
C ALA MB 5 2.39 -15.59 -35.49
N SER MB 6 1.83 -15.36 -36.67
CA SER MB 6 2.22 -16.11 -37.85
C SER MB 6 3.60 -15.67 -38.32
N GLY MB 7 3.97 -16.19 -39.48
CA GLY MB 7 5.34 -16.11 -39.87
C GLY MB 7 6.17 -16.94 -38.91
N ASN MB 8 7.46 -16.66 -38.93
CA ASN MB 8 8.39 -17.36 -38.06
C ASN MB 8 8.32 -18.86 -38.32
N THR MB 9 7.91 -19.62 -37.31
CA THR MB 9 7.71 -21.05 -37.43
C THR MB 9 8.99 -21.75 -37.85
N THR MB 10 10.13 -21.11 -37.64
CA THR MB 10 11.33 -21.87 -37.32
C THR MB 10 11.07 -22.67 -36.06
N VAL MB 11 10.03 -22.28 -35.35
CA VAL MB 11 9.37 -23.06 -34.32
C VAL MB 11 9.24 -24.47 -34.83
N LYS MB 12 8.71 -24.61 -36.04
CA LYS MB 12 8.69 -25.93 -36.65
C LYS MB 12 10.08 -26.50 -36.72
N ALA MB 13 10.97 -25.81 -37.43
CA ALA MB 13 12.36 -26.25 -37.48
C ALA MB 13 12.86 -26.55 -36.08
N THR MB 14 12.52 -25.70 -35.12
CA THR MB 14 12.92 -25.93 -33.75
C THR MB 14 12.41 -27.26 -33.24
N PHE MB 15 11.11 -27.49 -33.35
CA PHE MB 15 10.49 -28.65 -32.76
C PHE MB 15 10.14 -29.75 -33.76
N GLY MB 16 10.50 -29.58 -35.02
CA GLY MB 16 9.96 -30.42 -36.08
C GLY MB 16 10.26 -31.88 -35.91
N LYS MB 17 9.53 -32.71 -36.68
CA LYS MB 17 9.76 -34.14 -36.64
C LYS MB 17 11.24 -34.44 -36.76
N ASP MB 18 11.92 -33.75 -37.66
CA ASP MB 18 13.37 -33.65 -37.61
C ASP MB 18 13.69 -32.38 -36.85
N SER MB 19 14.20 -32.58 -35.64
CA SER MB 19 14.72 -31.50 -34.83
C SER MB 19 15.66 -32.10 -33.82
N SER MB 20 16.56 -31.27 -33.32
CA SER MB 20 17.43 -31.70 -32.25
C SER MB 20 16.53 -32.20 -31.12
N VAL MB 21 15.73 -31.28 -30.58
CA VAL MB 21 14.98 -31.53 -29.36
C VAL MB 21 14.29 -32.88 -29.40
N VAL MB 22 13.58 -33.14 -30.49
CA VAL MB 22 12.89 -34.42 -30.62
C VAL MB 22 13.87 -35.55 -30.37
N LYS MB 23 14.97 -35.56 -31.10
CA LYS MB 23 15.97 -36.60 -30.94
C LYS MB 23 16.47 -36.66 -29.51
N TRP MB 24 16.65 -35.50 -28.88
CA TRP MB 24 17.00 -35.47 -27.47
C TRP MB 24 16.09 -36.34 -26.64
N VAL MB 25 14.78 -36.19 -26.82
CA VAL MB 25 13.83 -36.85 -25.94
C VAL MB 25 14.09 -38.34 -25.88
N VAL MB 26 13.85 -39.02 -27.00
CA VAL MB 26 13.93 -40.47 -27.02
C VAL MB 26 15.28 -40.93 -26.51
N LEU MB 27 16.32 -40.16 -26.80
CA LEU MB 27 17.65 -40.50 -26.30
C LEU MB 27 17.60 -40.79 -24.81
N ALA MB 28 17.38 -39.75 -24.01
CA ALA MB 28 17.30 -39.94 -22.58
C ALA MB 28 16.27 -40.99 -22.23
N GLU MB 29 15.16 -41.02 -22.98
CA GLU MB 29 14.19 -42.09 -22.79
C GLU MB 29 14.86 -43.45 -22.90
N VAL MB 30 15.59 -43.69 -23.98
CA VAL MB 30 16.34 -44.93 -24.10
C VAL MB 30 17.17 -45.15 -22.86
N LEU MB 31 17.86 -44.12 -22.41
CA LEU MB 31 18.73 -44.26 -21.26
C LEU MB 31 17.94 -44.73 -20.05
N VAL MB 32 17.06 -43.87 -19.54
CA VAL MB 32 16.40 -44.11 -18.27
C VAL MB 32 15.76 -45.48 -18.23
N GLY MB 33 15.07 -45.85 -19.31
CA GLY MB 33 14.50 -47.18 -19.37
C GLY MB 33 15.55 -48.24 -19.16
N ALA MB 34 16.61 -48.20 -19.98
CA ALA MB 34 17.73 -49.10 -19.76
C ALA MB 34 18.24 -48.98 -18.32
N VAL MB 35 18.39 -47.76 -17.84
CA VAL MB 35 18.72 -47.56 -16.44
C VAL MB 35 17.73 -48.30 -15.56
N MET MB 36 16.46 -47.91 -15.63
CA MET MB 36 15.44 -48.49 -14.77
C MET MB 36 15.51 -50.00 -14.77
N TYR MB 37 15.69 -50.60 -15.94
CA TYR MB 37 15.62 -52.05 -15.99
C TYR MB 37 16.67 -52.68 -15.10
N MET MB 38 17.87 -52.11 -15.04
CA MET MB 38 18.86 -52.60 -14.10
C MET MB 38 18.28 -52.69 -12.70
N MET MB 39 17.68 -51.59 -12.26
CA MET MB 39 17.06 -51.59 -10.95
C MET MB 39 15.93 -52.60 -10.88
N THR MB 40 14.98 -52.49 -11.81
CA THR MB 40 13.74 -53.24 -11.69
C THR MB 40 13.91 -54.68 -12.10
N LYS MB 41 14.56 -54.92 -13.22
CA LYS MB 41 14.59 -56.24 -13.84
C LYS MB 41 13.18 -56.71 -14.17
N ASN MB 42 12.33 -55.75 -14.50
CA ASN MB 42 11.00 -56.05 -15.02
C ASN MB 42 10.97 -55.65 -16.47
N VAL MB 43 10.12 -56.31 -17.25
CA VAL MB 43 9.98 -55.81 -18.59
C VAL MB 43 8.88 -54.79 -18.51
N LYS MB 44 9.27 -53.54 -18.53
CA LYS MB 44 8.38 -52.42 -18.49
C LYS MB 44 8.81 -51.38 -19.49
N PHE MB 45 10.03 -50.89 -19.33
CA PHE MB 45 10.44 -49.58 -19.74
C PHE MB 45 10.77 -49.50 -21.22
N LEU MB 46 10.64 -50.60 -21.95
CA LEU MB 46 10.89 -50.52 -23.38
C LEU MB 46 9.55 -50.46 -24.09
N ALA MB 47 9.04 -49.24 -24.22
CA ALA MB 47 7.76 -49.07 -24.90
C ALA MB 47 7.68 -47.74 -25.64
N GLY MB 48 7.51 -46.67 -24.86
CA GLY MB 48 7.57 -45.33 -25.42
C GLY MB 48 8.86 -45.11 -26.14
N PHE MB 49 9.87 -45.90 -25.79
CA PHE MB 49 11.05 -46.09 -26.59
C PHE MB 49 10.61 -46.15 -28.05
N ALA MB 50 9.83 -47.15 -28.39
CA ALA MB 50 9.12 -47.13 -29.66
C ALA MB 50 7.89 -46.24 -29.62
N ILE MB 51 7.08 -46.36 -28.55
CA ILE MB 51 5.75 -45.78 -28.57
C ILE MB 51 5.81 -44.26 -28.66
N ILE MB 52 6.55 -43.62 -27.76
CA ILE MB 52 6.62 -42.17 -27.81
C ILE MB 52 7.01 -41.73 -29.19
N SER MB 53 7.92 -42.45 -29.82
CA SER MB 53 8.32 -42.11 -31.17
C SER MB 53 7.10 -42.01 -32.08
N VAL MB 54 6.33 -43.09 -32.18
CA VAL MB 54 5.13 -43.00 -32.99
C VAL MB 54 4.14 -42.07 -32.34
N PHE MB 55 4.08 -42.05 -31.02
CA PHE MB 55 3.32 -41.00 -30.35
C PHE MB 55 3.77 -39.63 -30.80
N ILE MB 56 5.08 -39.38 -30.76
CA ILE MB 56 5.58 -38.15 -31.35
C ILE MB 56 5.07 -38.02 -32.76
N ALA MB 57 5.27 -39.06 -33.56
CA ALA MB 57 4.88 -39.02 -34.96
C ALA MB 57 3.45 -38.56 -35.13
N VAL MB 58 2.53 -39.19 -34.40
CA VAL MB 58 1.12 -38.90 -34.63
C VAL MB 58 0.79 -37.46 -34.27
N GLY MB 59 1.15 -37.03 -33.06
CA GLY MB 59 0.89 -35.65 -32.70
C GLY MB 59 1.55 -34.68 -33.63
N MET MB 60 2.83 -34.90 -33.92
CA MET MB 60 3.47 -34.16 -35.00
C MET MB 60 2.64 -34.23 -36.25
N ALA MB 61 2.22 -35.43 -36.64
CA ALA MB 61 1.32 -35.56 -37.78
C ALA MB 61 -0.01 -34.89 -37.49
N VAL MB 62 -0.49 -34.99 -36.26
CA VAL MB 62 -1.75 -34.33 -35.91
C VAL MB 62 -1.62 -32.83 -36.13
N VAL MB 63 -0.70 -32.20 -35.44
CA VAL MB 63 -0.58 -30.75 -35.57
C VAL MB 63 0.21 -30.45 -36.82
N GLY MB 64 1.52 -30.67 -36.76
CA GLY MB 64 2.38 -30.32 -37.87
C GLY MB 64 2.13 -28.93 -38.41
N LEU MB 65 1.99 -27.96 -37.52
CA LEU MB 65 1.66 -26.59 -37.90
C LEU MB 65 0.38 -26.59 -38.74
N GLN NB 1 -26.61 0.46 -31.86
CA GLN NB 1 -25.77 0.84 -32.99
C GLN NB 1 -24.66 -0.18 -33.24
N ASP NB 2 -23.48 0.35 -33.53
CA ASP NB 2 -22.31 -0.48 -33.71
C ASP NB 2 -21.56 -0.63 -32.40
N LEU NB 3 -21.33 -1.87 -31.99
CA LEU NB 3 -20.51 -2.11 -30.83
C LEU NB 3 -19.06 -1.80 -31.21
N MET NB 4 -18.43 -0.94 -30.43
CA MET NB 4 -17.18 -0.36 -30.91
C MET NB 4 -16.06 -1.39 -30.95
N ALA NB 5 -16.06 -2.34 -30.03
CA ALA NB 5 -15.05 -3.38 -30.11
C ALA NB 5 -15.19 -4.24 -31.35
N SER NB 6 -16.25 -4.04 -32.14
CA SER NB 6 -16.45 -4.84 -33.33
C SER NB 6 -15.47 -4.43 -34.41
N GLY NB 7 -15.68 -4.97 -35.59
CA GLY NB 7 -14.65 -4.93 -36.59
C GLY NB 7 -13.46 -5.72 -36.10
N ASN NB 8 -12.33 -5.45 -36.74
CA ASN NB 8 -11.09 -6.12 -36.39
C ASN NB 8 -11.25 -7.62 -36.53
N THR NB 9 -11.14 -8.35 -35.42
CA THR NB 9 -11.35 -9.78 -35.40
C THR NB 9 -10.41 -10.51 -36.35
N THR NB 10 -9.31 -9.86 -36.71
CA THR NB 10 -8.10 -10.61 -36.97
C THR NB 10 -7.73 -11.37 -35.72
N VAL NB 11 -8.31 -10.95 -34.62
CA VAL NB 11 -8.40 -11.69 -33.37
C VAL NB 11 -8.73 -13.12 -33.71
N LYS NB 12 -9.77 -13.30 -34.53
CA LYS NB 12 -10.06 -14.63 -35.00
C LYS NB 12 -8.86 -15.21 -35.71
N ALA NB 13 -8.42 -14.55 -36.78
CA ALA NB 13 -7.20 -15.00 -37.45
C ALA NB 13 -6.11 -15.26 -36.45
N THR NB 14 -5.96 -14.36 -35.48
CA THR NB 14 -4.96 -14.55 -34.44
C THR NB 14 -5.15 -15.87 -33.72
N PHE NB 15 -6.34 -16.09 -33.20
CA PHE NB 15 -6.61 -17.23 -32.34
C PHE NB 15 -7.36 -18.37 -33.03
N GLY NB 16 -7.65 -18.23 -34.31
CA GLY NB 16 -8.62 -19.10 -34.95
C GLY NB 16 -8.24 -20.57 -34.90
N LYS NB 17 -9.24 -21.42 -35.21
CA LYS NB 17 -9.00 -22.85 -35.24
C LYS NB 17 -7.75 -23.15 -36.03
N ASP NB 18 -7.58 -22.49 -37.17
CA ASP NB 18 -6.29 -22.41 -37.81
C ASP NB 18 -5.66 -21.10 -37.33
N SER NB 19 -4.65 -21.27 -36.51
CA SER NB 19 -3.82 -20.16 -36.06
C SER NB 19 -2.50 -20.74 -35.60
N SER NB 20 -1.49 -19.89 -35.61
CA SER NB 20 -0.21 -20.29 -35.06
C SER NB 20 -0.45 -20.74 -33.63
N VAL NB 21 -0.91 -19.80 -32.81
CA VAL NB 21 -1.00 -20.01 -31.37
C VAL NB 21 -1.61 -21.35 -31.04
N VAL NB 22 -2.75 -21.65 -31.65
CA VAL NB 22 -3.40 -22.93 -31.41
C VAL NB 22 -2.40 -24.06 -31.61
N LYS NB 23 -1.78 -24.09 -32.77
CA LYS NB 23 -0.81 -25.13 -33.07
C LYS NB 23 0.30 -25.15 -32.04
N TRP NB 24 0.75 -23.97 -31.60
CA TRP NB 24 1.72 -23.88 -30.53
C TRP NB 24 1.32 -24.73 -29.34
N VAL NB 25 0.08 -24.59 -28.89
CA VAL NB 25 -0.34 -25.20 -27.64
C VAL NB 25 -0.06 -26.69 -27.67
N VAL NB 26 -0.79 -27.40 -28.51
CA VAL NB 26 -0.71 -28.85 -28.52
C VAL NB 26 0.73 -29.31 -28.69
N LEU NB 27 1.50 -28.54 -29.46
CA LEU NB 27 2.90 -28.88 -29.65
C LEU NB 27 3.57 -29.11 -28.31
N ALA NB 28 3.74 -28.04 -27.53
CA ALA NB 28 4.34 -28.18 -26.22
C ALA NB 28 3.61 -29.22 -25.39
N GLU NB 29 2.29 -29.27 -25.52
CA GLU NB 29 1.53 -30.33 -24.87
C GLU NB 29 2.09 -31.69 -25.23
N VAL NB 30 2.23 -31.97 -26.52
CA VAL NB 30 2.84 -33.22 -26.94
C VAL NB 30 4.17 -33.41 -26.24
N LEU NB 31 4.98 -32.35 -26.20
CA LEU NB 31 6.29 -32.46 -25.58
C LEU NB 31 6.18 -32.89 -24.13
N VAL NB 32 5.62 -32.01 -23.30
CA VAL NB 32 5.66 -32.21 -21.86
C VAL NB 32 5.11 -33.57 -21.49
N GLY NB 33 4.00 -33.97 -22.09
CA GLY NB 33 3.49 -35.30 -21.83
C GLY NB 33 4.53 -36.36 -22.11
N ALA NB 34 5.07 -36.35 -23.33
CA ALA NB 34 6.18 -37.24 -23.63
C ALA NB 34 7.30 -37.08 -22.62
N VAL NB 35 7.65 -35.83 -22.30
CA VAL NB 35 8.59 -35.60 -21.23
C VAL NB 35 8.15 -36.31 -19.97
N MET NB 36 7.00 -35.91 -19.43
CA MET NB 36 6.51 -36.46 -18.18
C MET NB 36 6.58 -37.97 -18.16
N TYR NB 37 6.19 -38.62 -19.26
CA TYR NB 37 6.13 -40.06 -19.23
C TYR NB 37 7.49 -40.66 -18.91
N MET NB 38 8.56 -40.09 -19.45
CA MET NB 38 9.89 -40.55 -19.08
C MET NB 38 10.03 -40.58 -17.57
N MET NB 39 9.71 -39.48 -16.93
CA MET NB 39 9.78 -39.43 -15.48
C MET NB 39 8.81 -40.42 -14.85
N THR NB 40 7.54 -40.34 -15.23
CA THR NB 40 6.51 -41.08 -14.52
C THR NB 40 6.49 -42.54 -14.91
N LYS NB 41 6.53 -42.82 -16.20
CA LYS NB 41 6.29 -44.16 -16.71
C LYS NB 41 4.90 -44.64 -16.31
N ASN NB 42 3.97 -43.70 -16.25
CA ASN NB 42 2.57 -43.99 -16.06
C ASN NB 42 1.85 -43.64 -17.33
N VAL NB 43 0.75 -44.34 -17.60
CA VAL NB 43 -0.02 -43.88 -18.74
C VAL NB 43 -0.97 -42.86 -18.17
N LYS NB 44 -0.64 -41.61 -18.41
CA LYS NB 44 -1.43 -40.48 -18.01
C LYS NB 44 -1.54 -39.47 -19.12
N PHE NB 45 -0.39 -38.98 -19.57
CA PHE NB 45 -0.24 -37.69 -20.17
C PHE NB 45 -0.64 -37.67 -21.62
N LEU NB 46 -1.09 -38.79 -22.17
CA LEU NB 46 -1.54 -38.77 -23.55
C LEU NB 46 -3.07 -38.72 -23.54
N ALA NB 47 -3.60 -37.51 -23.46
CA ALA NB 47 -5.04 -37.35 -23.46
C ALA NB 47 -5.48 -36.06 -24.12
N GLY NB 48 -5.28 -34.95 -23.39
CA GLY NB 48 -5.50 -33.63 -23.95
C GLY NB 48 -4.71 -33.44 -25.21
N PHE NB 49 -3.64 -34.23 -25.35
CA PHE NB 49 -2.98 -34.45 -26.61
C PHE NB 49 -4.05 -34.55 -27.68
N ALA NB 50 -4.89 -35.57 -27.59
CA ALA NB 50 -6.11 -35.58 -28.36
C ALA NB 50 -7.19 -34.70 -27.77
N ILE NB 51 -7.40 -34.76 -26.46
CA ILE NB 51 -8.58 -34.18 -25.86
C ILE NB 51 -8.60 -32.67 -26.02
N ILE NB 52 -7.53 -32.00 -25.58
CA ILE NB 52 -7.51 -30.55 -25.71
C ILE NB 52 -7.82 -30.16 -27.13
N SER NB 53 -7.30 -30.91 -28.09
CA SER NB 53 -7.59 -30.62 -29.48
C SER NB 53 -9.09 -30.54 -29.71
N VAL NB 54 -9.80 -31.62 -29.40
CA VAL NB 54 -11.25 -31.56 -29.55
C VAL NB 54 -11.83 -30.59 -28.55
N PHE NB 55 -11.26 -30.54 -27.34
CA PHE NB 55 -11.63 -29.46 -26.43
C PHE NB 55 -11.46 -28.11 -27.09
N ILE NB 56 -10.29 -27.86 -27.68
CA ILE NB 56 -10.14 -26.66 -28.48
C ILE NB 56 -11.26 -26.56 -29.48
N ALA NB 57 -11.45 -27.64 -30.25
CA ALA NB 57 -12.45 -27.64 -31.30
C ALA NB 57 -13.80 -27.19 -30.78
N VAL NB 58 -14.26 -27.78 -29.69
CA VAL NB 58 -15.61 -27.51 -29.24
C VAL NB 58 -15.75 -26.06 -28.82
N GLY NB 59 -14.87 -25.57 -27.93
CA GLY NB 59 -14.95 -24.18 -27.53
C GLY NB 59 -14.81 -23.24 -28.70
N MET NB 60 -13.82 -23.49 -29.55
CA MET NB 60 -13.78 -22.78 -30.82
C MET NB 60 -15.10 -22.89 -31.53
N ALA NB 61 -15.64 -24.11 -31.64
CA ALA NB 61 -16.96 -24.26 -32.21
C ALA NB 61 -18.01 -23.58 -31.36
N VAL NB 62 -17.85 -23.64 -30.03
CA VAL NB 62 -18.80 -22.96 -29.16
C VAL NB 62 -18.82 -21.48 -29.47
N VAL NB 63 -17.68 -20.82 -29.31
CA VAL NB 63 -17.66 -19.39 -29.52
C VAL NB 63 -17.56 -19.13 -31.01
N GLY NB 64 -16.37 -19.35 -31.56
CA GLY NB 64 -16.15 -19.04 -32.97
C GLY NB 64 -16.63 -17.67 -33.36
N LEU NB 65 -16.34 -16.67 -32.54
CA LEU NB 65 -16.84 -15.32 -32.77
C LEU NB 65 -18.37 -15.33 -32.90
N GLN OB 1 -39.49 11.85 -15.01
CA GLN OB 1 -39.28 12.20 -16.41
C GLN OB 1 -38.41 11.17 -17.12
N ASP OB 2 -37.51 11.68 -17.95
CA ASP OB 2 -36.54 10.85 -18.63
C ASP OB 2 -35.26 10.76 -17.82
N LEU OB 3 -34.85 9.53 -17.54
CA LEU OB 3 -33.56 9.33 -16.89
C LEU OB 3 -32.48 9.62 -17.91
N MET OB 4 -31.57 10.52 -17.55
CA MET OB 4 -30.71 11.07 -18.59
C MET OB 4 -29.72 10.06 -19.11
N ALA OB 5 -29.27 9.13 -18.27
CA ALA OB 5 -28.39 8.09 -18.78
C ALA OB 5 -29.09 7.18 -19.79
N SER OB 6 -30.39 7.35 -19.98
CA SER OB 6 -31.12 6.51 -20.92
C SER OB 6 -30.77 6.88 -22.35
N GLY OB 7 -31.50 6.30 -23.27
CA GLY OB 7 -31.07 6.31 -24.64
C GLY OB 7 -29.78 5.54 -24.74
N ASN OB 8 -29.08 5.78 -25.85
CA ASN OB 8 -27.81 5.13 -26.10
C ASN OB 8 -28.00 3.63 -26.10
N THR OB 9 -27.35 2.95 -25.17
CA THR OB 9 -27.50 1.51 -24.99
C THR OB 9 -27.11 0.74 -26.25
N THR OB 10 -26.33 1.39 -27.11
CA THR OB 10 -25.37 0.63 -27.88
C THR OB 10 -24.44 -0.09 -26.93
N VAL OB 11 -24.44 0.36 -25.69
CA VAL OB 11 -23.91 -0.32 -24.54
C VAL OB 11 -24.35 -1.76 -24.64
N LYS OB 12 -25.64 -1.97 -24.87
CA LYS OB 12 -26.10 -3.34 -25.10
C LYS OB 12 -25.36 -3.93 -26.27
N ALA OB 13 -25.49 -3.31 -27.45
CA ALA OB 13 -24.73 -3.78 -28.59
C ALA OB 13 -23.28 -4.00 -28.22
N THR OB 14 -22.71 -3.07 -27.45
CA THR OB 14 -21.34 -3.21 -27.01
C THR OB 14 -21.14 -4.51 -26.24
N PHE OB 15 -21.94 -4.72 -25.22
CA PHE OB 15 -21.75 -5.83 -24.30
C PHE OB 15 -22.72 -6.98 -24.51
N GLY OB 16 -23.59 -6.90 -25.51
CA GLY OB 16 -24.72 -7.79 -25.60
C GLY OB 16 -24.34 -9.25 -25.68
N LYS OB 17 -25.35 -10.11 -25.46
CA LYS OB 17 -25.13 -11.55 -25.56
C LYS OB 17 -24.40 -11.88 -26.83
N ASP OB 18 -24.79 -11.26 -27.93
CA ASP OB 18 -23.96 -11.19 -29.12
C ASP OB 18 -23.20 -9.88 -29.03
N SER OB 19 -21.91 -10.00 -28.77
CA SER OB 19 -21.00 -8.88 -28.80
C SER OB 19 -19.60 -9.44 -29.00
N SER OB 20 -18.73 -8.60 -29.51
CA SER OB 20 -17.34 -8.98 -29.62
C SER OB 20 -16.87 -9.37 -28.23
N VAL OB 21 -16.91 -8.41 -27.31
CA VAL OB 21 -16.30 -8.56 -25.99
C VAL OB 21 -16.67 -9.89 -25.37
N VAL OB 22 -17.95 -10.21 -25.37
CA VAL OB 22 -18.38 -11.49 -24.82
C VAL OB 22 -17.59 -12.62 -25.42
N LYS OB 23 -17.58 -12.69 -26.73
CA LYS OB 23 -16.85 -13.74 -27.42
C LYS OB 23 -15.38 -13.72 -27.05
N TRP OB 24 -14.81 -12.53 -26.90
CA TRP OB 24 -13.44 -12.40 -26.42
C TRP OB 24 -13.22 -13.20 -25.16
N VAL OB 25 -14.10 -13.04 -24.18
CA VAL OB 25 -13.88 -13.62 -22.86
C VAL OB 25 -13.61 -15.11 -22.97
N VAL OB 26 -14.64 -15.86 -23.35
CA VAL OB 26 -14.55 -17.30 -23.36
C VAL OB 26 -13.35 -17.75 -24.16
N LEU OB 27 -13.05 -17.03 -25.22
CA LEU OB 27 -11.89 -17.36 -26.04
C LEU OB 27 -10.67 -17.54 -25.16
N ALA OB 28 -10.18 -16.45 -24.59
CA ALA OB 28 -9.02 -16.54 -23.72
C ALA OB 28 -9.27 -17.55 -22.61
N GLU OB 29 -10.50 -17.61 -22.10
CA GLU OB 29 -10.83 -18.65 -21.14
C GLU OB 29 -10.49 -20.03 -21.68
N VAL OB 30 -10.97 -20.35 -22.87
CA VAL OB 30 -10.60 -21.61 -23.49
C VAL OB 30 -9.09 -21.77 -23.49
N LEU OB 31 -8.38 -20.71 -23.86
CA LEU OB 31 -6.94 -20.80 -23.94
C LEU OB 31 -6.34 -21.17 -22.60
N VAL OB 32 -6.46 -20.27 -21.63
CA VAL OB 32 -5.75 -20.41 -20.36
C VAL OB 32 -6.02 -21.76 -19.74
N GLY OB 33 -7.29 -22.18 -19.73
CA GLY OB 33 -7.59 -23.50 -19.22
C GLY OB 33 -6.79 -24.57 -19.93
N ALA OB 34 -6.87 -24.60 -21.26
CA ALA OB 34 -6.03 -25.50 -22.02
C ALA OB 34 -4.58 -25.30 -21.66
N VAL OB 35 -4.14 -24.06 -21.57
CA VAL OB 35 -2.80 -23.78 -21.09
C VAL OB 35 -2.58 -24.45 -19.74
N MET OB 36 -3.37 -24.02 -18.74
CA MET OB 36 -3.19 -24.53 -17.39
C MET OB 36 -3.09 -26.04 -17.36
N TYR OB 37 -3.93 -26.72 -18.13
CA TYR OB 37 -3.95 -28.17 -18.04
C TYR OB 37 -2.60 -28.75 -18.37
N MET OB 38 -1.92 -28.20 -19.37
CA MET OB 38 -0.55 -28.65 -19.64
C MET OB 38 0.28 -28.63 -18.39
N MET OB 39 0.28 -27.49 -17.70
CA MET OB 39 1.01 -27.39 -16.45
C MET OB 39 0.48 -28.37 -15.42
N THR OB 40 -0.82 -28.30 -15.15
CA THR OB 40 -1.39 -29.02 -14.02
C THR OB 40 -1.56 -30.50 -14.31
N LYS OB 41 -2.12 -30.82 -15.46
CA LYS OB 41 -2.56 -32.17 -15.76
C LYS OB 41 -3.59 -32.64 -14.74
N ASN OB 42 -4.39 -31.69 -14.27
CA ASN OB 42 -5.54 -31.99 -13.43
C ASN OB 42 -6.78 -31.68 -14.22
N VAL OB 43 -7.86 -32.38 -13.92
CA VAL OB 43 -9.08 -31.98 -14.58
C VAL OB 43 -9.67 -30.93 -13.67
N LYS OB 44 -9.52 -29.68 -14.07
CA LYS OB 44 -10.05 -28.54 -13.38
C LYS OB 44 -10.68 -27.57 -14.35
N PHE OB 45 -9.89 -27.12 -15.29
CA PHE OB 45 -10.06 -25.84 -15.94
C PHE OB 45 -11.10 -25.87 -17.03
N LEU OB 46 -11.73 -27.01 -17.26
CA LEU OB 46 -12.78 -27.03 -18.27
C LEU OB 46 -14.13 -26.98 -17.55
N ALA OB 47 -14.57 -25.77 -17.27
CA ALA OB 47 -15.84 -25.62 -16.58
C ALA OB 47 -16.57 -24.34 -17.00
N GLY OB 48 -16.06 -23.22 -16.49
CA GLY OB 48 -16.54 -21.92 -16.91
C GLY OB 48 -16.44 -21.77 -18.40
N PHE OB 49 -15.56 -22.56 -19.00
CA PHE OB 49 -15.56 -22.83 -20.42
C PHE OB 49 -17.00 -22.97 -20.86
N ALA OB 50 -17.68 -23.98 -20.35
CA ALA OB 50 -19.13 -24.03 -20.46
C ALA OB 50 -19.82 -23.11 -19.45
N ILE OB 51 -19.38 -23.14 -18.20
CA ILE OB 51 -20.16 -22.54 -17.13
C ILE OB 51 -20.27 -21.04 -17.30
N ILE OB 52 -19.13 -20.35 -17.45
CA ILE OB 52 -19.20 -18.91 -17.61
C ILE OB 52 -20.16 -18.56 -18.73
N SER OB 53 -20.13 -19.34 -19.80
CA SER OB 53 -21.05 -19.10 -20.90
C SER OB 53 -22.48 -19.04 -20.40
N VAL OB 54 -22.94 -20.10 -19.75
CA VAL OB 54 -24.28 -20.05 -19.21
C VAL OB 54 -24.34 -19.05 -18.08
N PHE OB 55 -23.28 -18.94 -17.29
CA PHE OB 55 -23.19 -17.84 -16.35
C PHE OB 55 -23.37 -16.52 -17.05
N ILE OB 56 -22.63 -16.28 -18.12
CA ILE OB 56 -22.89 -15.11 -18.94
C ILE OB 56 -24.36 -15.06 -19.30
N ALA OB 57 -24.86 -16.15 -19.86
CA ALA OB 57 -26.25 -16.20 -20.32
C ALA OB 57 -27.19 -15.73 -19.23
N VAL OB 58 -27.07 -16.29 -18.03
CA VAL OB 58 -28.06 -15.99 -17.01
C VAL OB 58 -28.01 -14.52 -16.61
N GLY OB 59 -26.83 -14.01 -16.27
CA GLY OB 59 -26.73 -12.62 -15.91
C GLY OB 59 -27.19 -11.71 -17.04
N MET OB 60 -26.70 -11.99 -18.25
CA MET OB 60 -27.27 -11.33 -19.41
C MET OB 60 -28.77 -11.47 -19.42
N ALA OB 61 -29.28 -12.67 -19.21
CA ALA OB 61 -30.71 -12.86 -19.10
C ALA OB 61 -31.24 -12.15 -17.87
N VAL OB 62 -30.48 -12.15 -16.77
CA VAL OB 62 -30.92 -11.45 -15.58
C VAL OB 62 -31.10 -9.98 -15.89
N VAL OB 63 -30.04 -9.32 -16.31
CA VAL OB 63 -30.15 -7.89 -16.54
C VAL OB 63 -30.75 -7.67 -17.91
N GLY OB 64 -29.96 -7.92 -18.96
CA GLY OB 64 -30.43 -7.66 -20.30
C GLY OB 64 -31.07 -6.32 -20.46
N LEU OB 65 -30.45 -5.28 -19.91
CA LEU OB 65 -31.03 -3.94 -19.91
C LEU OB 65 -32.43 -3.96 -19.32
N GLN PB 1 -43.13 23.81 5.58
CA GLN PB 1 -43.60 24.10 4.24
C GLN PB 1 -43.14 23.06 3.23
N ASP PB 2 -42.75 23.54 2.07
CA ASP PB 2 -42.20 22.68 1.03
C ASP PB 2 -40.68 22.62 1.15
N LEU PB 3 -40.18 21.40 1.24
CA LEU PB 3 -38.73 21.23 1.21
C LEU PB 3 -38.26 21.49 -0.21
N MET PB 4 -37.31 22.40 -0.34
CA MET PB 4 -37.04 22.91 -1.68
C MET PB 4 -36.39 21.88 -2.59
N ALA PB 5 -35.58 20.99 -2.03
CA ALA PB 5 -35.03 19.93 -2.86
C ALA PB 5 -36.10 18.99 -3.38
N SER PB 6 -37.35 19.15 -2.96
CA SER PB 6 -38.42 18.29 -3.41
C SER PB 6 -38.78 18.60 -4.85
N GLY PB 7 -39.85 17.98 -5.30
CA GLY PB 7 -40.11 17.96 -6.70
C GLY PB 7 -39.00 17.18 -7.38
N ASN PB 8 -38.92 17.38 -8.69
CA ASN PB 8 -37.90 16.73 -9.49
C ASN PB 8 -38.05 15.22 -9.36
N THR PB 9 -37.02 14.57 -8.82
CA THR PB 9 -37.04 13.14 -8.55
C THR PB 9 -37.28 12.34 -9.82
N THR PB 10 -37.01 12.95 -10.97
CA THR PB 10 -36.50 12.16 -12.09
C THR PB 10 -35.22 11.48 -11.66
N VAL PB 11 -34.65 11.99 -10.58
CA VAL PB 11 -33.63 11.34 -9.79
C VAL PB 11 -34.04 9.89 -9.63
N LYS PB 12 -35.28 9.67 -9.21
CA LYS PB 12 -35.77 8.30 -9.16
C LYS PB 12 -35.65 7.66 -10.53
N ALA PB 13 -36.33 8.24 -11.52
CA ALA PB 13 -36.19 7.74 -12.88
C ALA PB 13 -34.74 7.53 -13.22
N THR PB 14 -33.89 8.49 -12.85
CA THR PB 14 -32.47 8.37 -13.09
C THR PB 14 -31.91 7.10 -12.47
N PHE PB 15 -32.14 6.92 -11.18
CA PHE PB 15 -31.51 5.85 -10.42
C PHE PB 15 -32.44 4.69 -10.13
N GLY PB 16 -33.68 4.74 -10.61
CA GLY PB 16 -34.71 3.83 -10.12
C GLY PB 16 -34.38 2.37 -10.32
N LYS PB 17 -35.15 1.52 -9.64
CA LYS PB 17 -34.99 0.08 -9.78
C LYS PB 17 -34.93 -0.29 -11.24
N ASP PB 18 -35.80 0.29 -12.04
CA ASP PB 18 -35.63 0.32 -13.48
C ASP PB 18 -34.95 1.64 -13.81
N SER PB 19 -33.67 1.52 -14.17
CA SER PB 19 -32.91 2.64 -14.67
C SER PB 19 -31.76 2.07 -15.47
N SER PB 20 -31.24 2.91 -16.37
CA SER PB 20 -30.05 2.53 -17.10
C SER PB 20 -28.98 2.18 -16.08
N VAL PB 21 -28.61 3.17 -15.29
CA VAL PB 21 -27.45 3.07 -14.41
C VAL PB 21 -27.45 1.76 -13.64
N VAL PB 22 -28.58 1.43 -13.02
CA VAL PB 22 -28.67 0.18 -12.30
C VAL PB 22 -28.23 -0.97 -13.18
N LYS PB 23 -28.84 -1.09 -14.34
CA LYS PB 23 -28.50 -2.16 -15.26
C LYS PB 23 -27.03 -2.12 -15.61
N TRP PB 24 -26.49 -0.92 -15.80
CA TRP PB 24 -25.05 -0.78 -16.01
C TRP PB 24 -24.25 -1.54 -14.98
N VAL PB 25 -24.58 -1.35 -13.71
CA VAL PB 25 -23.74 -1.87 -12.63
C VAL PB 25 -23.53 -3.36 -12.81
N VAL PB 26 -24.61 -4.13 -12.63
CA VAL PB 26 -24.50 -5.58 -12.64
C VAL PB 26 -23.82 -6.05 -13.90
N LEU PB 27 -24.06 -5.36 -15.01
CA LEU PB 27 -23.42 -5.72 -16.26
C LEU PB 27 -21.93 -5.88 -16.06
N ALA PB 28 -21.24 -4.75 -15.82
CA ALA PB 28 -19.81 -4.81 -15.58
C ALA PB 28 -19.48 -5.79 -14.46
N GLU PB 29 -20.33 -5.83 -13.43
CA GLU PB 29 -20.15 -6.83 -12.40
C GLU PB 29 -20.08 -8.23 -12.99
N VAL PB 30 -21.07 -8.59 -13.81
CA VAL PB 30 -21.00 -9.87 -14.49
C VAL PB 30 -19.67 -10.03 -15.19
N LEU PB 31 -19.24 -8.99 -15.89
CA LEU PB 31 -17.99 -9.07 -16.64
C LEU PB 31 -16.83 -9.39 -15.72
N VAL PB 32 -16.50 -8.46 -14.83
CA VAL PB 32 -15.27 -8.55 -14.05
C VAL PB 32 -15.20 -9.89 -13.33
N GLY PB 33 -16.31 -10.31 -12.72
CA GLY PB 33 -16.31 -11.62 -12.09
C GLY PB 33 -15.91 -12.71 -13.06
N ALA PB 34 -16.62 -12.79 -14.19
CA ALA PB 34 -16.21 -13.71 -15.23
C ALA PB 34 -14.75 -13.49 -15.60
N VAL PB 35 -14.36 -12.23 -15.77
CA VAL PB 35 -12.95 -11.94 -15.97
C VAL PB 35 -12.12 -12.55 -14.87
N MET PB 36 -12.34 -12.11 -13.63
CA MET PB 36 -11.55 -12.56 -12.51
C MET PB 36 -11.41 -14.07 -12.48
N TYR PB 37 -12.51 -14.78 -12.74
CA TYR PB 37 -12.46 -16.22 -12.61
C TYR PB 37 -11.41 -16.82 -13.53
N MET PB 38 -11.28 -16.30 -14.75
CA MET PB 38 -10.20 -16.76 -15.62
C MET PB 38 -8.88 -16.69 -14.89
N MET PB 39 -8.58 -15.53 -14.32
CA MET PB 39 -7.35 -15.39 -13.58
C MET PB 39 -7.31 -16.33 -12.38
N THR PB 40 -8.34 -16.26 -11.54
CA THR PB 40 -8.29 -16.93 -10.25
C THR PB 40 -8.55 -18.42 -10.38
N LYS PB 41 -9.58 -18.78 -11.13
CA LYS PB 41 -10.09 -20.15 -11.14
C LYS PB 41 -10.50 -20.58 -9.74
N ASN PB 42 -11.01 -19.62 -8.98
CA ASN PB 42 -11.62 -19.89 -7.69
C ASN PB 42 -13.10 -19.62 -7.82
N VAL PB 43 -13.90 -20.30 -7.02
CA VAL PB 43 -15.29 -19.92 -7.04
C VAL PB 43 -15.40 -18.85 -5.99
N LYS PB 44 -15.48 -17.62 -6.46
CA LYS PB 44 -15.63 -16.45 -5.63
C LYS PB 44 -16.67 -15.52 -6.21
N PHE PB 45 -16.42 -15.09 -7.42
CA PHE PB 45 -16.90 -13.84 -7.95
C PHE PB 45 -18.33 -13.91 -8.43
N LEU PB 46 -18.98 -15.06 -8.31
CA LEU PB 46 -20.37 -15.11 -8.70
C LEU PB 46 -21.23 -15.05 -7.44
N ALA PB 47 -21.51 -13.82 -7.02
CA ALA PB 47 -22.32 -13.66 -5.81
C ALA PB 47 -23.16 -12.40 -5.88
N GLY PB 48 -22.50 -11.25 -5.70
CA GLY PB 48 -23.15 -9.97 -5.88
C GLY PB 48 -23.77 -9.88 -7.25
N PHE PB 49 -23.25 -10.68 -8.18
CA PHE PB 49 -23.91 -10.99 -9.41
C PHE PB 49 -25.39 -11.16 -9.13
N ALA PB 50 -25.74 -12.15 -8.32
CA ALA PB 50 -27.07 -12.20 -7.74
C ALA PB 50 -27.22 -11.26 -6.55
N ILE PB 51 -26.23 -11.24 -5.65
CA ILE PB 51 -26.43 -10.61 -4.36
C ILE PB 51 -26.64 -9.10 -4.52
N ILE PB 52 -25.72 -8.43 -5.19
CA ILE PB 52 -25.87 -6.99 -5.35
C ILE PB 52 -27.25 -6.68 -5.89
N SER PB 53 -27.72 -7.50 -6.82
CA SER PB 53 -29.06 -7.30 -7.37
C SER PB 53 -30.08 -7.22 -6.26
N VAL PB 54 -30.17 -8.26 -5.44
CA VAL PB 54 -31.10 -8.19 -4.34
C VAL PB 54 -30.64 -7.15 -3.33
N PHE PB 55 -29.33 -7.02 -3.14
CA PHE PB 55 -28.83 -5.89 -2.39
C PHE PB 55 -29.35 -4.59 -2.95
N ILE PB 56 -29.20 -4.40 -4.26
CA ILE PB 56 -29.83 -3.25 -4.89
C ILE PB 56 -31.29 -3.20 -4.52
N ALA PB 57 -31.99 -4.33 -4.75
CA ALA PB 57 -33.41 -4.39 -4.50
C ALA PB 57 -33.75 -3.88 -3.11
N VAL PB 58 -33.07 -4.39 -2.09
CA VAL PB 58 -33.47 -4.08 -0.73
C VAL PB 58 -33.27 -2.59 -0.45
N GLY PB 59 -32.07 -2.07 -0.71
CA GLY PB 59 -31.85 -0.65 -0.50
C GLY PB 59 -32.79 0.21 -1.30
N MET PB 60 -32.93 -0.11 -2.59
CA MET PB 60 -33.98 0.51 -3.36
C MET PB 60 -35.31 0.38 -2.65
N ALA PB 61 -35.64 -0.83 -2.21
CA ALA PB 61 -36.85 -1.02 -1.42
C ALA PB 61 -36.74 -0.26 -0.10
N VAL PB 62 -35.56 -0.24 0.51
CA VAL PB 62 -35.41 0.51 1.74
C VAL PB 62 -35.73 1.97 1.52
N VAL PB 63 -35.01 2.62 0.62
CA VAL PB 63 -35.23 4.04 0.42
C VAL PB 63 -36.42 4.20 -0.51
N GLY PB 64 -36.21 3.93 -1.80
CA GLY PB 64 -37.27 4.13 -2.77
C GLY PB 64 -37.93 5.48 -2.65
N LEU PB 65 -37.13 6.53 -2.49
CA LEU PB 65 -37.67 7.86 -2.26
C LEU PB 65 -38.63 7.86 -1.07
N GLN QB 1 -36.86 36.55 25.00
CA GLN QB 1 -37.92 36.80 24.04
C GLN QB 1 -37.96 35.72 22.97
N ASP QB 2 -38.17 36.16 21.74
CA ASP QB 2 -38.16 35.26 20.60
C ASP QB 2 -36.78 35.20 19.98
N LEU QB 3 -36.25 33.99 19.86
CA LEU QB 3 -34.99 33.81 19.18
C LEU QB 3 -35.23 34.02 17.69
N MET QB 4 -34.48 34.93 17.08
CA MET QB 4 -34.88 35.39 15.77
C MET QB 4 -34.72 34.33 14.71
N ALA QB 5 -33.72 33.46 14.84
CA ALA QB 5 -33.61 32.37 13.89
C ALA QB 5 -34.79 31.41 13.96
N SER QB 6 -35.69 31.59 14.92
CA SER QB 6 -36.83 30.70 15.05
C SER QB 6 -37.83 30.97 13.93
N GLY QB 7 -38.97 30.33 14.06
CA GLY QB 7 -39.86 30.24 12.95
C GLY QB 7 -39.19 29.45 11.85
N ASN QB 8 -39.73 29.60 10.65
CA ASN QB 8 -39.20 28.92 9.49
C ASN QB 8 -39.23 27.42 9.71
N THR QB 9 -38.06 26.79 9.74
CA THR QB 9 -37.94 25.37 10.03
C THR QB 9 -38.72 24.52 9.04
N THR QB 10 -39.03 25.10 7.89
CA THR QB 10 -39.10 24.27 6.70
C THR QB 10 -37.76 23.59 6.48
N VAL QB 11 -36.75 24.14 7.16
CA VAL QB 11 -35.47 23.53 7.40
C VAL QB 11 -35.73 22.08 7.77
N LYS QB 12 -36.63 21.88 8.74
CA LYS QB 12 -37.01 20.52 9.05
C LYS QB 12 -37.55 19.83 7.81
N ALA QB 13 -38.61 20.37 7.23
CA ALA QB 13 -39.11 19.81 5.99
C ALA QB 13 -37.98 19.60 5.01
N THR QB 14 -37.08 20.56 4.92
CA THR QB 14 -35.94 20.43 4.03
C THR QB 14 -35.13 19.20 4.36
N PHE QB 15 -34.72 19.06 5.61
CA PHE QB 15 -33.79 18.02 6.02
C PHE QB 15 -34.46 16.87 6.75
N GLY QB 16 -35.79 16.90 6.92
CA GLY QB 16 -36.44 16.01 7.86
C GLY QB 16 -36.22 14.54 7.57
N LYS QB 17 -36.57 13.72 8.57
CA LYS QB 17 -36.47 12.28 8.40
C LYS QB 17 -37.09 11.84 7.10
N ASP QB 18 -38.26 12.40 6.79
CA ASP QB 18 -38.77 12.38 5.43
C ASP QB 18 -38.34 13.68 4.78
N SER QB 19 -37.40 13.55 3.87
CA SER QB 19 -36.97 14.65 3.04
C SER QB 19 -36.32 14.06 1.80
N SER QB 20 -36.29 14.86 0.75
CA SER QB 20 -35.58 14.45 -0.45
C SER QB 20 -34.16 14.14 -0.05
N VAL QB 21 -33.47 15.16 0.46
CA VAL QB 21 -32.03 15.09 0.69
C VAL QB 21 -31.66 13.81 1.40
N VAL QB 22 -32.36 13.51 2.49
CA VAL QB 22 -32.07 12.28 3.22
C VAL QB 22 -32.08 11.10 2.27
N LYS QB 23 -33.16 10.94 1.54
CA LYS QB 23 -33.27 9.84 0.61
C LYS QB 23 -32.14 9.86 -0.40
N TRP QB 24 -31.76 11.06 -0.85
CA TRP QB 24 -30.60 11.19 -1.73
C TRP QB 24 -29.40 10.47 -1.16
N VAL QB 25 -29.09 10.71 0.10
CA VAL QB 25 -27.84 10.22 0.67
C VAL QB 25 -27.72 8.73 0.47
N VAL QB 26 -28.56 7.96 1.15
CA VAL QB 26 -28.45 6.52 1.15
C VAL QB 26 -28.43 6.00 -0.28
N LEU QB 27 -29.18 6.65 -1.16
CA LEU QB 27 -29.19 6.24 -2.55
C LEU QB 27 -27.77 6.10 -3.07
N ALA QB 28 -27.07 7.22 -3.21
CA ALA QB 28 -25.70 7.17 -3.68
C ALA QB 28 -24.87 6.24 -2.81
N GLU QB 29 -25.14 6.24 -1.51
CA GLU QB 29 -24.47 5.27 -0.65
C GLU QB 29 -24.67 3.86 -1.16
N VAL QB 30 -25.91 3.47 -1.40
CA VAL QB 30 -26.15 2.17 -1.99
C VAL QB 30 -25.30 1.98 -3.24
N LEU QB 31 -25.27 2.99 -4.09
CA LEU QB 31 -24.52 2.89 -5.33
C LEU QB 31 -23.06 2.59 -5.05
N VAL QB 32 -22.36 3.56 -4.45
CA VAL QB 32 -20.91 3.49 -4.34
C VAL QB 32 -20.48 2.19 -3.70
N GLY QB 33 -21.17 1.79 -2.62
CA GLY QB 33 -20.85 0.51 -2.02
C GLY QB 33 -20.93 -0.61 -3.03
N ALA QB 34 -22.08 -0.74 -3.69
CA ALA QB 34 -22.20 -1.70 -4.77
C ALA QB 34 -21.09 -1.50 -5.79
N VAL QB 35 -20.84 -0.24 -6.16
CA VAL QB 35 -19.70 0.04 -7.01
C VAL QB 35 -18.44 -0.54 -6.41
N MET QB 36 -18.06 -0.04 -5.23
CA MET QB 36 -16.82 -0.45 -4.59
C MET QB 36 -16.67 -1.96 -4.59
N TYR QB 37 -17.75 -2.68 -4.28
CA TYR QB 37 -17.61 -4.12 -4.14
C TYR QB 37 -17.10 -4.75 -5.42
N MET QB 38 -17.57 -4.27 -6.57
CA MET QB 38 -17.03 -4.76 -7.83
C MET QB 38 -15.52 -4.67 -7.82
N MET QB 39 -15.01 -3.49 -7.49
CA MET QB 39 -13.56 -3.32 -7.42
C MET QB 39 -12.96 -4.20 -6.35
N THR QB 40 -13.47 -4.10 -5.13
CA THR QB 40 -12.82 -4.73 -3.99
C THR QB 40 -13.08 -6.23 -3.93
N LYS QB 41 -14.33 -6.61 -4.10
CA LYS QB 41 -14.75 -7.98 -3.83
C LYS QB 41 -14.46 -8.36 -2.39
N ASN QB 42 -14.57 -7.37 -1.51
CA ASN QB 42 -14.51 -7.59 -0.08
C ASN QB 42 -15.87 -7.32 0.50
N VAL QB 43 -16.19 -7.98 1.60
CA VAL QB 43 -17.43 -7.60 2.22
C VAL QB 43 -17.06 -6.48 3.17
N LYS QB 44 -17.37 -5.29 2.76
CA LYS QB 44 -17.14 -4.08 3.52
C LYS QB 44 -18.34 -3.18 3.47
N PHE QB 45 -18.70 -2.79 2.26
CA PHE QB 45 -19.40 -1.56 1.97
C PHE QB 45 -20.88 -1.65 2.24
N LEU QB 46 -21.37 -2.79 2.68
CA LEU QB 46 -22.79 -2.86 3.00
C LEU QB 46 -22.95 -2.75 4.51
N ALA QB 47 -23.02 -1.51 4.98
CA ALA QB 47 -23.17 -1.30 6.41
C ALA QB 47 -23.98 -0.04 6.71
N GLY QB 48 -23.32 1.11 6.52
CA GLY QB 48 -24.01 2.38 6.61
C GLY QB 48 -25.20 2.43 5.69
N PHE QB 49 -25.16 1.59 4.66
CA PHE QB 49 -26.33 1.23 3.89
C PHE QB 49 -27.49 1.07 4.85
N ALA QB 50 -27.39 0.12 5.75
CA ALA QB 50 -28.29 0.09 6.89
C ALA QB 50 -27.88 1.07 7.98
N ILE QB 51 -26.60 1.13 8.30
CA ILE QB 51 -26.18 1.80 9.52
C ILE QB 51 -26.46 3.29 9.43
N ILE QB 52 -25.98 3.95 8.38
CA ILE QB 52 -26.22 5.38 8.27
C ILE QB 52 -27.69 5.66 8.42
N SER QB 53 -28.53 4.80 7.85
CA SER QB 53 -29.96 5.00 7.99
C SER QB 53 -30.35 5.11 9.45
N VAL QB 54 -30.02 4.10 10.24
CA VAL QB 54 -30.33 4.21 11.66
C VAL QB 54 -29.47 5.29 12.29
N PHE QB 55 -28.23 5.43 11.84
CA PHE QB 55 -27.45 6.59 12.23
C PHE QB 55 -28.20 7.87 11.94
N ILE QB 56 -28.69 8.01 10.71
CA ILE QB 56 -29.55 9.14 10.41
C ILE QB 56 -30.67 9.19 11.43
N ALA QB 57 -31.37 8.07 11.58
CA ALA QB 57 -32.51 8.01 12.48
C ALA QB 57 -32.17 8.56 13.84
N VAL QB 58 -31.09 8.08 14.44
CA VAL QB 58 -30.80 8.47 15.82
C VAL QB 58 -30.52 9.95 15.92
N GLY QB 59 -29.59 10.47 15.11
CA GLY QB 59 -29.31 11.89 15.15
C GLY QB 59 -30.54 12.71 14.85
N MET QB 60 -31.26 12.36 13.79
CA MET QB 60 -32.58 12.94 13.59
C MET QB 60 -33.41 12.84 14.84
N ALA QB 61 -33.47 11.63 15.42
CA ALA QB 61 -34.16 11.49 16.70
C ALA QB 61 -33.47 12.29 17.79
N VAL QB 62 -32.14 12.34 17.76
CA VAL QB 62 -31.43 13.14 18.75
C VAL QB 62 -31.85 14.59 18.66
N VAL QB 63 -31.64 15.20 17.51
CA VAL QB 63 -31.97 16.62 17.39
C VAL QB 63 -33.45 16.73 17.12
N GLY QB 64 -33.86 16.42 15.91
CA GLY QB 64 -35.25 16.59 15.53
C GLY QB 64 -35.81 17.93 15.90
N LEU QB 65 -35.05 19.00 15.64
CA LEU QB 65 -35.44 20.34 16.05
C LEU QB 65 -35.73 20.38 17.54
N GLN RB 1 -22.41 49.99 38.83
CA GLN RB 1 -23.80 50.20 38.47
C GLN RB 1 -24.32 49.07 37.58
N ASP RB 2 -25.09 49.47 36.58
CA ASP RB 2 -25.61 48.53 35.60
C ASP RB 2 -24.67 48.45 34.40
N LEU RB 3 -24.24 47.24 34.10
CA LEU RB 3 -23.45 47.04 32.90
C LEU RB 3 -24.37 47.19 31.70
N MET RB 4 -24.01 48.08 30.78
CA MET RB 4 -24.98 48.49 29.80
C MET RB 4 -25.33 47.39 28.81
N ALA RB 5 -24.36 46.52 28.49
CA ALA RB 5 -24.69 45.40 27.63
C ALA RB 5 -25.68 44.45 28.28
N SER RB 6 -26.03 44.65 29.54
CA SER RB 6 -26.96 43.78 30.22
C SER RB 6 -28.37 44.00 29.71
N GLY RB 7 -29.32 43.37 30.38
CA GLY RB 7 -30.62 43.24 29.82
C GLY RB 7 -30.53 42.41 28.56
N ASN RB 8 -31.58 42.51 27.75
CA ASN RB 8 -31.64 41.78 26.49
C ASN RB 8 -31.54 40.30 26.77
N THR RB 9 -30.48 39.67 26.25
CA THR RB 9 -30.21 38.26 26.49
C THR RB 9 -31.35 37.38 26.03
N THR RB 10 -32.18 37.91 25.13
CA THR RB 10 -32.78 37.04 24.13
C THR RB 10 -31.69 36.36 23.35
N VAL RB 11 -30.49 36.93 23.44
CA VAL RB 11 -29.24 36.32 23.07
C VAL RB 11 -29.27 34.89 23.57
N LYS RB 12 -29.61 34.73 24.85
CA LYS RB 12 -29.77 33.38 25.35
C LYS RB 12 -30.80 32.64 24.54
N ALA RB 13 -32.02 33.16 24.51
CA ALA RB 13 -33.05 32.56 23.67
C ALA RB 13 -32.51 32.31 22.29
N THR RB 14 -31.77 33.27 21.74
CA THR RB 14 -31.19 33.11 20.43
C THR RB 14 -30.30 31.88 20.37
N PHE RB 15 -29.34 31.80 21.29
CA PHE RB 15 -28.32 30.77 21.25
C PHE RB 15 -28.53 29.64 22.25
N GLY RB 16 -29.62 29.68 23.01
CA GLY RB 16 -29.75 28.83 24.18
C GLY RB 16 -29.66 27.35 23.87
N LYS RB 17 -29.48 26.57 24.94
CA LYS RB 17 -29.43 25.12 24.79
C LYS RB 17 -30.59 24.63 23.95
N ASP RB 18 -31.78 25.19 24.20
CA ASP RB 18 -32.88 25.11 23.25
C ASP RB 18 -32.82 26.39 22.44
N SER RB 19 -32.42 26.23 21.18
CA SER RB 19 -32.46 27.29 20.21
C SER RB 19 -32.45 26.66 18.84
N SER RB 20 -32.95 27.41 17.88
CA SER RB 20 -32.88 26.97 16.50
C SER RB 20 -31.42 26.67 16.20
N VAL RB 21 -30.60 27.72 16.28
CA VAL RB 21 -29.21 27.65 15.81
C VAL RB 21 -28.52 26.40 16.31
N VAL RB 22 -28.63 26.14 17.60
CA VAL RB 22 -28.01 24.94 18.15
C VAL RB 22 -28.44 23.72 17.36
N LYS RB 23 -29.74 23.53 17.23
CA LYS RB 23 -30.25 22.40 16.49
C LYS RB 23 -29.73 22.39 15.07
N TRP RB 24 -29.64 23.56 14.45
CA TRP RB 24 -29.02 23.66 13.13
C TRP RB 24 -27.68 22.97 13.07
N VAL RB 25 -26.82 23.25 14.04
CA VAL RB 25 -25.45 22.78 13.97
C VAL RB 25 -25.40 21.29 13.78
N VAL RB 26 -25.82 20.55 14.81
CA VAL RB 26 -25.69 19.10 14.79
C VAL RB 26 -26.33 18.53 13.55
N LEU RB 27 -27.42 19.14 13.11
CA LEU RB 27 -28.08 18.70 11.90
C LEU RB 27 -27.07 18.53 10.78
N ALA RB 28 -26.54 19.65 10.29
CA ALA RB 28 -25.55 19.58 9.23
C ALA RB 28 -24.39 18.68 9.64
N GLU RB 29 -24.01 18.73 10.91
CA GLU RB 29 -23.01 17.80 11.39
C GLU RB 29 -23.38 16.37 11.07
N VAL RB 30 -24.59 15.97 11.45
CA VAL RB 30 -25.06 14.63 11.09
C VAL RB 30 -24.89 14.41 9.60
N LEU RB 31 -25.29 15.39 8.80
CA LEU RB 31 -25.20 15.24 7.36
C LEU RB 31 -23.78 14.96 6.93
N VAL RB 32 -22.90 15.95 7.09
CA VAL RB 32 -21.57 15.89 6.51
C VAL RB 32 -20.86 14.61 6.92
N GLY RB 33 -20.95 14.24 8.20
CA GLY RB 33 -20.37 12.99 8.62
C GLY RB 33 -20.90 11.83 7.80
N ALA RB 34 -22.21 11.67 7.77
CA ALA RB 34 -22.82 10.68 6.90
C ALA RB 34 -22.32 10.84 5.47
N VAL RB 35 -22.30 12.08 4.98
CA VAL RB 35 -21.70 12.34 3.69
C VAL RB 35 -20.29 11.79 3.64
N MET RB 36 -19.42 12.32 4.49
CA MET RB 36 -18.02 11.93 4.48
C MET RB 36 -17.85 10.43 4.47
N TYR RB 37 -18.64 9.72 5.27
CA TYR RB 37 -18.42 8.29 5.37
C TYR RB 37 -18.57 7.61 4.02
N MET RB 38 -19.54 8.05 3.22
CA MET RB 38 -19.63 7.51 1.86
C MET RB 38 -18.31 7.61 1.16
N MET RB 39 -17.71 8.79 1.16
CA MET RB 39 -16.42 8.97 0.55
C MET RB 39 -15.36 8.12 1.23
N THR RB 40 -15.24 8.27 2.55
CA THR RB 40 -14.11 7.69 3.26
C THR RB 40 -14.30 6.20 3.48
N LYS RB 41 -15.47 5.80 3.94
CA LYS RB 41 -15.69 4.44 4.42
C LYS RB 41 -14.75 4.12 5.57
N ASN RB 42 -14.44 5.13 6.36
CA ASN RB 42 -13.71 4.96 7.60
C ASN RB 42 -14.65 5.26 8.74
N VAL RB 43 -14.40 4.63 9.89
CA VAL RB 43 -15.21 5.05 11.01
C VAL RB 43 -14.46 6.19 11.63
N LYS RB 44 -14.95 7.38 11.38
CA LYS RB 44 -14.39 8.60 11.90
C LYS RB 44 -15.51 9.51 12.39
N PHE RB 45 -16.40 9.85 11.48
CA PHE RB 45 -17.17 11.07 11.52
C PHE RB 45 -18.35 10.98 12.45
N LEU RB 46 -18.56 9.87 13.11
CA LEU RB 46 -19.65 9.80 14.06
C LEU RB 46 -19.09 9.96 15.46
N ALA RB 47 -18.95 11.22 15.87
CA ALA RB 47 -18.42 11.49 17.20
C ALA RB 47 -19.01 12.76 17.80
N GLY RB 48 -18.54 13.90 17.29
CA GLY RB 48 -19.12 15.18 17.66
C GLY RB 48 -20.60 15.19 17.40
N PHE RB 49 -21.05 14.31 16.50
CA PHE RB 49 -22.42 13.92 16.39
C PHE RB 49 -23.00 13.80 17.78
N ALA RB 50 -22.48 12.87 18.56
CA ALA RB 50 -22.73 12.89 19.99
C ALA RB 50 -21.88 13.91 20.73
N ILE RB 51 -20.59 13.98 20.41
CA ILE RB 51 -19.66 14.70 21.26
C ILE RB 51 -19.97 16.18 21.27
N ILE RB 52 -20.05 16.81 20.09
CA ILE RB 52 -20.34 18.23 20.07
C ILE RB 52 -21.57 18.52 20.88
N SER RB 53 -22.57 17.64 20.80
CA SER RB 53 -23.77 17.83 21.59
C SER RB 53 -23.42 18.00 23.05
N VAL RB 54 -22.75 17.02 23.64
CA VAL RB 54 -22.35 17.18 25.02
C VAL RB 54 -21.32 18.29 25.14
N PHE RB 55 -20.44 18.41 24.15
CA PHE RB 55 -19.58 19.58 24.11
C PHE RB 55 -20.41 20.85 24.15
N ILE RB 56 -21.42 20.95 23.29
CA ILE RB 56 -22.34 22.06 23.40
C ILE RB 56 -22.85 22.14 24.82
N ALA RB 57 -23.37 21.03 25.33
CA ALA RB 57 -23.96 21.01 26.65
C ALA RB 57 -23.03 21.61 27.69
N VAL RB 58 -21.78 21.16 27.71
CA VAL RB 58 -20.89 21.59 28.77
C VAL RB 58 -20.62 23.08 28.69
N GLY RB 59 -20.19 23.56 27.52
CA GLY RB 59 -19.95 24.99 27.38
C GLY RB 59 -21.19 25.79 27.67
N MET RB 60 -22.31 25.41 27.08
CA MET RB 60 -23.58 25.98 27.50
C MET RB 60 -23.73 25.91 29.01
N ALA RB 61 -23.48 24.75 29.58
CA ALA RB 61 -23.49 24.64 31.03
C ALA RB 61 -22.39 25.48 31.65
N VAL RB 62 -21.23 25.53 31.00
CA VAL RB 62 -20.14 26.36 31.51
C VAL RB 62 -20.59 27.81 31.58
N VAL RB 63 -20.95 28.38 30.45
CA VAL RB 63 -21.32 29.78 30.46
C VAL RB 63 -22.75 29.90 30.91
N GLY RB 64 -23.68 29.54 30.04
CA GLY RB 64 -25.10 29.69 30.36
C GLY RB 64 -25.44 31.04 30.90
N LEU RB 65 -24.91 32.10 30.29
CA LEU RB 65 -25.08 33.45 30.78
C LEU RB 65 -24.63 33.54 32.24
N GLN SB 1 -3.35 63.89 43.75
CA GLN SB 1 -4.76 64.09 44.08
C GLN SB 1 -5.62 62.93 43.59
N ASP SB 2 -6.78 63.29 43.06
CA ASP SB 2 -7.68 62.33 42.46
C ASP SB 2 -7.40 62.21 40.97
N LEU SB 3 -7.16 60.98 40.53
CA LEU SB 3 -7.01 60.74 39.11
C LEU SB 3 -8.40 60.85 38.48
N MET SB 4 -8.52 61.70 37.46
CA MET SB 4 -9.85 62.09 37.04
C MET SB 4 -10.59 60.94 36.37
N ALA SB 5 -9.88 60.07 35.67
CA ALA SB 5 -10.56 58.92 35.10
C ALA SB 5 -11.12 57.99 36.16
N SER SB 6 -10.83 58.24 37.44
CA SER SB 6 -11.32 57.39 38.50
C SER SB 6 -12.81 57.60 38.70
N GLY SB 7 -13.32 56.99 39.76
CA GLY SB 7 -14.74 56.85 39.87
C GLY SB 7 -15.24 55.96 38.75
N ASN SB 8 -16.54 56.05 38.52
CA ASN SB 8 -17.18 55.28 37.47
C ASN SB 8 -16.93 53.80 37.70
N THR SB 9 -16.24 53.16 36.78
CA THR SB 9 -15.85 51.76 36.91
C THR SB 9 -17.07 50.86 37.06
N THR SB 10 -18.24 51.36 36.64
CA THR SB 10 -19.22 50.46 36.08
C THR SB 10 -18.61 49.75 34.89
N VAL SB 11 -17.52 50.32 34.39
CA VAL SB 11 -16.58 49.69 33.50
C VAL SB 11 -16.34 48.29 33.99
N LYS SB 12 -16.04 48.16 35.28
CA LYS SB 12 -15.94 46.83 35.84
C LYS SB 12 -17.22 46.07 35.63
N ALA SB 13 -18.32 46.59 36.18
CA ALA SB 13 -19.61 45.96 35.93
C ALA SB 13 -19.79 45.66 34.46
N THR SB 14 -19.40 46.60 33.61
CA THR SB 14 -19.49 46.39 32.18
C THR SB 14 -18.70 45.17 31.75
N PHE SB 15 -17.44 45.11 32.11
CA PHE SB 15 -16.54 44.08 31.63
C PHE SB 15 -16.25 43.00 32.65
N GLY SB 16 -16.86 43.06 33.83
CA GLY SB 16 -16.41 42.25 34.94
C GLY SB 16 -16.45 40.76 34.68
N LYS SB 17 -15.77 40.02 35.57
CA LYS SB 17 -15.78 38.56 35.46
C LYS SB 17 -17.20 38.05 35.28
N ASP SB 18 -18.13 38.60 36.04
CA ASP SB 18 -19.54 38.50 35.72
C ASP SB 18 -19.90 39.75 34.94
N SER SB 19 -20.13 39.54 33.65
CA SER SB 19 -20.63 40.57 32.77
C SER SB 19 -21.26 39.90 31.58
N SER SB 20 -22.16 40.62 30.93
CA SER SB 20 -22.74 40.12 29.70
C SER SB 20 -21.59 39.82 28.76
N VAL SB 21 -20.84 40.86 28.41
CA VAL SB 21 -19.84 40.78 27.36
C VAL SB 21 -18.97 39.54 27.50
N VAL SB 22 -18.45 39.33 28.70
CA VAL SB 22 -17.64 38.15 28.94
C VAL SB 22 -18.36 36.90 28.47
N LYS SB 23 -19.57 36.71 28.97
CA LYS SB 23 -20.36 35.55 28.61
C LYS SB 23 -20.56 35.49 27.11
N TRP SB 24 -20.79 36.64 26.47
CA TRP SB 24 -20.87 36.70 25.02
C TRP SB 24 -19.70 35.99 24.37
N VAL SB 25 -18.48 36.31 24.80
CA VAL SB 25 -17.29 35.84 24.11
C VAL SB 25 -17.32 34.34 23.97
N VAL SB 26 -17.20 33.64 25.10
CA VAL SB 26 -17.07 32.19 25.07
C VAL SB 26 -18.21 31.58 24.30
N LEU SB 27 -19.40 32.18 24.39
CA LEU SB 27 -20.53 31.69 23.65
C LEU SB 27 -20.17 31.48 22.19
N ALA SB 28 -19.95 32.58 21.47
CA ALA SB 28 -19.57 32.47 20.08
C ALA SB 28 -18.34 31.60 19.92
N GLU SB 29 -17.41 31.68 20.86
CA GLU SB 29 -16.29 30.77 20.84
C GLU SB 29 -16.74 29.32 20.79
N VAL SB 30 -17.63 28.93 21.71
CA VAL SB 30 -18.19 27.60 21.64
C VAL SB 30 -18.74 27.31 20.26
N LEU SB 31 -19.48 28.27 19.71
CA LEU SB 31 -20.07 28.06 18.41
C LEU SB 31 -19.02 27.77 17.36
N VAL SB 32 -18.18 28.76 17.06
CA VAL SB 32 -17.27 28.68 15.92
C VAL SB 32 -16.44 27.41 16.00
N GLY SB 33 -15.92 27.10 17.18
CA GLY SB 33 -15.18 25.86 17.32
C GLY SB 33 -16.01 24.67 16.88
N ALA SB 34 -17.20 24.52 17.48
CA ALA SB 34 -18.11 23.49 17.03
C ALA SB 34 -18.35 23.61 15.53
N VAL SB 35 -18.58 24.82 15.05
CA VAL SB 35 -18.66 25.03 13.62
C VAL SB 35 -17.43 24.48 12.93
N MET SB 36 -16.26 25.04 13.25
CA MET SB 36 -15.03 24.65 12.60
C MET SB 36 -14.88 23.15 12.55
N TYR SB 37 -15.18 22.47 13.65
CA TYR SB 37 -14.93 21.04 13.69
C TYR SB 37 -15.67 20.32 12.59
N MET SB 38 -16.91 20.72 12.31
CA MET SB 38 -17.63 20.14 11.19
C MET SB 38 -16.78 20.22 9.93
N MET SB 39 -16.27 21.40 9.63
CA MET SB 39 -15.43 21.55 8.47
C MET SB 39 -14.16 20.72 8.61
N THR SB 40 -13.44 20.91 9.70
CA THR SB 40 -12.10 20.35 9.82
C THR SB 40 -12.13 18.88 10.14
N LYS SB 41 -12.95 18.49 11.13
CA LYS SB 41 -12.89 17.16 11.70
C LYS SB 41 -11.52 16.87 12.27
N ASN SB 42 -10.90 17.91 12.79
CA ASN SB 42 -9.67 17.78 13.55
C ASN SB 42 -9.96 18.12 14.99
N VAL SB 43 -9.20 17.54 15.90
CA VAL SB 43 -9.39 17.98 17.27
C VAL SB 43 -8.45 19.15 17.41
N LYS SB 44 -9.02 20.33 17.38
CA LYS SB 44 -8.31 21.58 17.54
C LYS SB 44 -9.07 22.50 18.47
N PHE SB 45 -10.29 22.81 18.08
CA PHE SB 45 -10.97 24.03 18.44
C PHE SB 45 -11.57 23.98 19.82
N LEU SB 46 -11.43 22.88 20.53
CA LEU SB 46 -11.95 22.86 21.88
C LEU SB 46 -10.79 23.07 22.84
N ALA SB 47 -10.50 24.33 23.11
CA ALA SB 47 -9.42 24.65 24.02
C ALA SB 47 -9.68 25.94 24.79
N GLY SB 48 -9.52 27.06 24.08
CA GLY SB 48 -9.87 28.35 24.63
C GLY SB 48 -11.30 28.36 25.11
N PHE SB 49 -12.10 27.45 24.55
CA PHE SB 49 -13.37 27.06 25.10
C PHE SB 49 -13.22 26.99 26.61
N ALA SB 50 -12.37 26.09 27.08
CA ALA SB 50 -11.93 26.16 28.46
C ALA SB 50 -10.86 27.20 28.68
N ILE SB 51 -9.86 27.25 27.80
CA ILE SB 51 -8.64 28.01 28.08
C ILE SB 51 -8.95 29.49 28.19
N ILE SB 52 -9.58 30.07 27.17
CA ILE SB 52 -9.87 31.49 27.23
C ILE SB 52 -10.58 31.81 28.54
N SER SB 53 -11.48 30.94 28.95
CA SER SB 53 -12.18 31.15 30.21
C SER SB 53 -11.18 31.38 31.33
N VAL SB 54 -10.30 30.41 31.56
CA VAL SB 54 -9.30 30.62 32.59
C VAL SB 54 -8.34 31.73 32.18
N PHE SB 55 -8.03 31.81 30.88
CA PHE SB 55 -7.33 32.98 30.40
C PHE SB 55 -8.05 34.25 30.79
N ILE SB 56 -9.35 34.32 30.50
CA ILE SB 56 -10.13 35.44 31.01
C ILE SB 56 -9.91 35.58 32.50
N ALA SB 57 -10.11 34.48 33.21
CA ALA SB 57 -10.02 34.51 34.67
C ALA SB 57 -8.71 35.14 35.11
N VAL SB 58 -7.59 34.68 34.56
CA VAL SB 58 -6.31 35.16 35.07
C VAL SB 58 -6.14 36.64 34.82
N GLY SB 59 -6.32 37.08 33.58
CA GLY SB 59 -6.19 38.50 33.29
C GLY SB 59 -7.16 39.32 34.11
N MET SB 60 -8.42 38.91 34.14
CA MET SB 60 -9.36 39.50 35.07
C MET SB 60 -8.78 39.49 36.47
N ALA SB 61 -8.27 38.34 36.91
CA ALA SB 61 -7.60 38.28 38.20
C ALA SB 61 -6.34 39.15 38.18
N VAL SB 62 -5.63 39.17 37.07
CA VAL SB 62 -4.44 40.02 36.99
C VAL SB 62 -4.82 41.47 37.22
N VAL SB 63 -5.69 42.00 36.36
CA VAL SB 63 -6.03 43.40 36.50
C VAL SB 63 -7.09 43.54 37.58
N GLY SB 64 -8.31 43.14 37.25
CA GLY SB 64 -9.41 43.31 38.19
C GLY SB 64 -9.47 44.68 38.78
N LEU SB 65 -9.31 45.72 37.96
CA LEU SB 65 -9.25 47.09 38.44
C LEU SB 65 -8.17 47.23 39.51
N GLN TB 1 15.48 77.99 38.73
CA GLN TB 1 14.39 78.20 39.67
C GLN TB 1 13.41 77.03 39.67
N ASP TB 2 12.13 77.38 39.73
CA ASP TB 2 11.08 76.38 39.66
C ASP TB 2 10.62 76.21 38.22
N LEU TB 3 10.66 74.96 37.75
CA LEU TB 3 10.12 74.67 36.44
C LEU TB 3 8.61 74.76 36.53
N MET TB 4 8.02 75.57 35.66
CA MET TB 4 6.64 75.94 35.90
C MET TB 4 5.68 74.77 35.69
N ALA TB 5 5.99 73.88 34.76
CA ALA TB 5 5.15 72.70 34.62
C ALA TB 5 5.17 71.81 35.85
N SER TB 6 6.01 72.11 36.83
CA SER TB 6 6.09 71.30 38.02
C SER TB 6 4.86 71.51 38.90
N GLY TB 7 4.91 70.95 40.08
CA GLY TB 7 3.72 70.81 40.85
C GLY TB 7 2.77 69.88 40.12
N ASN TB 8 1.51 69.97 40.53
CA ASN TB 8 0.48 69.15 39.92
C ASN TB 8 0.82 67.68 40.07
N THR TB 9 1.02 67.00 38.95
CA THR TB 9 1.44 65.61 38.92
C THR TB 9 0.44 64.72 39.65
N THR TB 10 -0.78 65.20 39.81
CA THR TB 10 -1.90 64.28 39.80
C THR TB 10 -1.92 63.53 38.49
N VAL TB 11 -1.19 64.08 37.53
CA VAL TB 11 -0.76 63.43 36.32
C VAL TB 11 -0.30 62.04 36.69
N LYS TB 12 0.58 61.96 37.69
CA LYS TB 12 0.95 60.65 38.19
C LYS TB 12 -0.26 59.88 38.62
N ALA TB 13 -1.00 60.42 39.60
CA ALA TB 13 -2.24 59.79 40.00
C ALA TB 13 -3.08 59.43 38.80
N THR TB 14 -3.15 60.34 37.84
CA THR TB 14 -3.90 60.08 36.62
C THR TB 14 -3.39 58.83 35.92
N PHE TB 15 -2.09 58.80 35.65
CA PHE TB 15 -1.50 57.75 34.83
C PHE TB 15 -0.75 56.70 35.63
N GLY TB 16 -0.73 56.80 36.95
CA GLY TB 16 0.20 56.04 37.76
C GLY TB 16 0.06 54.54 37.60
N LYS TB 17 1.09 53.83 38.09
CA LYS TB 17 1.05 52.37 38.04
C LYS TB 17 -0.28 51.86 38.56
N ASP TB 18 -0.75 52.44 39.65
CA ASP TB 18 -2.15 52.32 40.04
C ASP TB 18 -2.85 53.55 39.46
N SER TB 19 -3.66 53.28 38.44
CA SER TB 19 -4.52 54.29 37.86
C SER TB 19 -5.63 53.57 37.13
N SER TB 20 -6.74 54.26 36.96
CA SER TB 20 -7.81 53.73 36.16
C SER TB 20 -7.23 53.37 34.79
N VAL TB 21 -6.76 54.41 34.10
CA VAL TB 21 -6.36 54.28 32.70
C VAL TB 21 -5.51 53.06 32.48
N VAL TB 22 -4.48 52.88 33.30
CA VAL TB 22 -3.62 51.72 33.17
C VAL TB 22 -4.47 50.46 33.13
N LYS TB 23 -5.30 50.28 34.15
CA LYS TB 23 -6.15 49.12 34.22
C LYS TB 23 -7.03 48.99 33.00
N TRP TB 24 -7.53 50.12 32.50
CA TRP TB 24 -8.29 50.13 31.26
C TRP TB 24 -7.55 49.40 30.16
N VAL TB 25 -6.27 49.73 29.97
CA VAL TB 25 -5.53 49.24 28.81
C VAL TB 25 -5.60 47.73 28.76
N VAL TB 26 -4.95 47.07 29.72
CA VAL TB 26 -4.83 45.62 29.68
C VAL TB 26 -6.19 44.98 29.55
N LEU TB 27 -7.20 45.58 30.17
CA LEU TB 27 -8.55 45.06 30.05
C LEU TB 27 -8.90 44.81 28.60
N ALA TB 28 -9.06 45.88 27.83
CA ALA TB 28 -9.38 45.71 26.43
C ALA TB 28 -8.35 44.84 25.73
N GLU TB 29 -7.08 44.95 26.13
CA GLU TB 29 -6.08 44.04 25.63
C GLU TB 29 -6.49 42.59 25.84
N VAL TB 30 -6.84 42.24 27.07
CA VAL TB 30 -7.35 40.90 27.33
C VAL TB 30 -8.46 40.57 26.37
N LEU TB 31 -9.39 41.50 26.20
CA LEU TB 31 -10.53 41.25 25.33
C LEU TB 31 -10.08 40.92 23.92
N VAL TB 32 -9.49 41.90 23.24
CA VAL TB 32 -9.22 41.78 21.82
C VAL TB 32 -8.42 40.51 21.53
N GLY TB 33 -7.41 40.23 22.33
CA GLY TB 33 -6.67 39.00 22.16
C GLY TB 33 -7.59 37.79 22.20
N ALA TB 34 -8.35 37.67 23.28
CA ALA TB 34 -9.36 36.63 23.34
C ALA TB 34 -10.27 36.69 22.13
N VAL TB 35 -10.72 37.88 21.77
CA VAL TB 35 -11.46 38.04 20.53
C VAL TB 35 -10.69 37.46 19.38
N MET TB 36 -9.52 38.04 19.09
CA MET TB 36 -8.72 37.62 17.95
C MET TB 36 -8.58 36.12 17.89
N TYR TB 37 -8.33 35.48 19.03
CA TYR TB 37 -8.06 34.06 18.98
C TYR TB 37 -9.22 33.29 18.38
N MET TB 38 -10.45 33.69 18.71
CA MET TB 38 -11.59 33.06 18.07
C MET TB 38 -11.44 33.09 16.56
N MET TB 39 -11.15 34.26 16.02
CA MET TB 39 -10.94 34.38 14.59
C MET TB 39 -9.75 33.55 14.15
N THR TB 40 -8.60 33.78 14.78
CA THR TB 40 -7.35 33.23 14.27
C THR TB 40 -7.20 31.75 14.63
N LYS TB 41 -7.46 31.41 15.88
CA LYS TB 41 -7.13 30.09 16.41
C LYS TB 41 -5.64 29.84 16.28
N ASN TB 42 -4.86 30.90 16.42
CA ASN TB 42 -3.42 30.80 16.51
C ASN TB 42 -3.01 31.18 17.91
N VAL TB 43 -1.90 30.64 18.38
CA VAL TB 43 -1.44 31.14 19.66
C VAL TB 43 -0.55 32.31 19.32
N LYS TB 44 -1.10 33.49 19.51
CA LYS TB 44 -0.41 34.73 19.29
C LYS TB 44 -0.67 35.69 20.43
N PHE TB 45 -1.94 35.98 20.64
CA PHE TB 45 -2.39 37.22 21.24
C PHE TB 45 -2.28 37.22 22.73
N LEU TB 46 -1.80 36.15 23.33
CA LEU TB 46 -1.63 36.17 24.78
C LEU TB 46 -0.16 36.43 25.08
N ALA TB 47 0.20 37.70 25.13
CA ALA TB 47 1.57 38.05 25.42
C ALA TB 47 1.69 39.36 26.17
N GLY TB 48 1.47 40.46 25.44
CA GLY TB 48 1.40 41.77 26.06
C GLY TB 48 0.35 41.79 27.14
N PHE TB 49 -0.60 40.86 27.05
CA PHE TB 49 -1.45 40.49 28.15
C PHE TB 49 -0.61 40.49 29.41
N ALA TB 50 0.37 39.60 29.47
CA ALA TB 50 1.40 39.71 30.47
C ALA TB 50 2.45 40.76 30.12
N ILE TB 51 2.90 40.78 28.88
CA ILE TB 51 4.10 41.55 28.54
C ILE TB 51 3.86 43.04 28.73
N ILE TB 52 2.81 43.57 28.11
CA ILE TB 52 2.56 45.00 28.25
C ILE TB 52 2.54 45.37 29.71
N SER TB 53 1.95 44.51 30.54
CA SER TB 53 1.91 44.77 31.96
C SER TB 53 3.31 45.03 32.49
N VAL TB 54 4.22 44.08 32.30
CA VAL TB 54 5.58 44.33 32.74
C VAL TB 54 6.21 45.42 31.90
N PHE TB 55 5.88 45.45 30.61
CA PHE TB 55 6.26 46.61 29.80
C PHE TB 55 5.78 47.89 30.45
N ILE TB 56 4.50 47.95 30.79
CA ILE TB 56 4.02 49.09 31.56
C ILE TB 56 4.90 49.28 32.78
N ALA TB 57 5.08 48.20 33.55
CA ALA TB 57 5.84 48.29 34.79
C ALA TB 57 7.20 48.94 34.55
N VAL TB 58 7.94 48.47 33.56
CA VAL TB 58 9.30 48.95 33.39
C VAL TB 58 9.32 50.43 33.04
N GLY TB 59 8.56 50.82 32.00
CA GLY TB 59 8.52 52.22 31.65
C GLY TB 59 8.03 53.08 32.80
N MET TB 60 6.93 52.67 33.43
CA MET TB 60 6.53 53.30 34.67
C MET TB 60 7.70 53.33 35.64
N ALA TB 61 8.37 52.20 35.82
CA ALA TB 61 9.57 52.19 36.64
C ALA TB 61 10.66 53.06 36.02
N VAL TB 62 10.77 53.04 34.70
CA VAL TB 62 11.76 53.88 34.05
C VAL TB 62 11.51 55.34 34.37
N VAL TB 63 10.34 55.84 34.01
CA VAL TB 63 10.08 57.25 34.25
C VAL TB 63 9.65 57.42 35.68
N GLY TB 64 8.42 57.01 35.99
CA GLY TB 64 7.89 57.21 37.32
C GLY TB 64 8.08 58.61 37.83
N LEU TB 65 7.82 59.61 37.00
CA LEU TB 65 8.07 61.01 37.35
C LEU TB 65 9.52 61.19 37.78
N GLN UB 1 29.48 91.97 24.96
CA GLN UB 1 28.96 92.21 26.29
C GLN UB 1 28.12 91.04 26.79
N ASP UB 2 27.02 91.38 27.43
CA ASP UB 2 26.08 90.38 27.89
C ASP UB 2 24.99 90.16 26.85
N LEU UB 3 24.83 88.90 26.47
CA LEU UB 3 23.74 88.55 25.58
C LEU UB 3 22.44 88.64 26.37
N MET UB 4 21.50 89.42 25.86
CA MET UB 4 20.39 89.79 26.72
C MET UB 4 19.48 88.62 27.02
N ALA UB 5 19.33 87.69 26.08
CA ALA UB 5 18.53 86.51 26.38
C ALA UB 5 19.15 85.66 27.49
N SER UB 6 20.35 86.00 27.95
CA SER UB 6 21.01 85.23 28.98
C SER UB 6 20.33 85.48 30.32
N GLY UB 7 20.95 84.95 31.36
CA GLY UB 7 20.27 84.84 32.61
C GLY UB 7 19.11 83.89 32.45
N ASN UB 8 18.19 83.97 33.40
CA ASN UB 8 17.00 83.14 33.37
C ASN UB 8 17.41 81.67 33.38
N THR UB 9 17.06 80.96 32.33
CA THR UB 9 17.45 79.57 32.15
C THR UB 9 16.94 78.70 33.30
N THR UB 10 15.92 79.18 34.00
CA THR UB 10 14.95 78.26 34.55
C THR UB 10 14.33 77.46 33.43
N VAL UB 11 14.51 77.98 32.22
CA VAL UB 11 14.31 77.29 30.96
C VAL UB 11 14.93 75.91 31.12
N LYS UB 12 16.17 75.88 31.59
CA LYS UB 12 16.77 74.58 31.88
C LYS UB 12 15.91 73.83 32.87
N ALA UB 13 15.72 74.40 34.06
CA ALA UB 13 14.83 73.77 35.02
C ALA UB 13 13.54 73.37 34.37
N THR UB 14 12.99 74.25 33.52
CA THR UB 14 11.77 73.94 32.82
C THR UB 14 11.91 72.68 32.00
N PHE UB 15 12.91 72.63 31.15
CA PHE UB 15 13.06 71.55 30.18
C PHE UB 15 14.14 70.53 30.56
N GLY UB 16 14.77 70.69 31.72
CA GLY UB 16 16.00 69.95 32.01
C GLY UB 16 15.82 68.45 31.97
N LYS UB 17 16.97 67.75 31.94
CA LYS UB 17 16.95 66.31 31.96
C LYS UB 17 16.02 65.81 33.06
N ASP UB 18 16.12 66.42 34.23
CA ASP UB 18 15.07 66.31 35.22
C ASP UB 18 14.16 67.51 35.02
N SER UB 19 12.97 67.22 34.51
CA SER UB 19 11.92 68.20 34.39
C SER UB 19 10.62 67.44 34.29
N SER UB 20 9.54 68.13 34.65
CA SER UB 20 8.22 67.56 34.46
C SER UB 20 8.09 67.17 33.00
N VAL UB 21 8.17 68.17 32.13
CA VAL UB 21 7.85 68.01 30.71
C VAL UB 21 8.52 66.77 30.14
N VAL UB 22 9.81 66.62 30.40
CA VAL UB 22 10.53 65.46 29.90
C VAL UB 22 9.80 64.20 30.32
N LYS UB 23 9.55 64.06 31.61
CA LYS UB 23 8.87 62.89 32.11
C LYS UB 23 7.51 62.72 31.46
N TRP UB 24 6.80 63.83 31.23
CA TRP UB 24 5.56 63.78 30.49
C TRP UB 24 5.70 63.02 29.19
N VAL UB 25 6.72 63.35 28.41
CA VAL UB 25 6.84 62.82 27.06
C VAL UB 25 6.78 61.31 27.09
N VAL UB 26 7.81 60.69 27.63
CA VAL UB 26 7.93 59.24 27.59
C VAL UB 26 6.69 58.59 28.14
N LEU UB 27 6.08 59.22 29.15
CA LEU UB 27 4.85 58.69 29.70
C LEU UB 27 3.86 58.37 28.60
N ALA UB 28 3.33 59.42 27.97
CA ALA UB 28 2.39 59.21 26.88
C ALA UB 28 2.98 58.30 25.81
N GLU UB 29 4.28 58.44 25.56
CA GLU UB 29 4.94 57.50 24.67
C GLU UB 29 4.71 56.07 25.09
N VAL UB 30 4.99 55.76 26.35
CA VAL UB 30 4.70 54.43 26.86
C VAL UB 30 3.26 54.07 26.56
N LEU UB 31 2.35 54.98 26.81
CA LEU UB 31 0.94 54.70 26.60
C LEU UB 31 0.68 54.32 25.15
N VAL UB 32 0.85 55.28 24.25
CA VAL UB 32 0.41 55.11 22.87
C VAL UB 32 1.01 53.83 22.28
N GLY UB 33 2.29 53.59 22.51
CA GLY UB 33 2.88 52.35 22.04
C GLY UB 33 2.12 51.14 22.56
N ALA UB 34 1.96 51.06 23.87
CA ALA UB 34 1.11 50.02 24.44
C ALA UB 34 -0.26 50.03 23.79
N VAL UB 35 -0.85 51.21 23.66
CA VAL UB 35 -2.09 51.32 22.92
C VAL UB 35 -1.95 50.70 21.55
N MET UB 36 -1.06 51.27 20.73
CA MET UB 36 -0.90 50.82 19.36
C MET UB 36 -0.76 49.31 19.28
N TYR UB 37 0.01 48.71 20.18
CA TYR UB 37 0.26 47.29 20.06
C TYR UB 37 -1.03 46.50 20.11
N MET UB 38 -1.97 46.91 20.97
CA MET UB 38 -3.28 46.26 20.97
C MET UB 38 -3.85 46.23 19.56
N MET UB 39 -3.88 47.39 18.91
CA MET UB 39 -4.38 47.44 17.56
C MET UB 39 -3.52 46.60 16.62
N THR UB 40 -2.22 46.86 16.62
CA THR UB 40 -1.34 46.30 15.60
C THR UB 40 -1.01 44.84 15.89
N LYS UB 41 -0.64 44.54 17.13
CA LYS UB 41 -0.08 43.25 17.47
C LYS UB 41 1.18 42.99 16.66
N ASN UB 42 1.91 44.05 16.38
CA ASN UB 42 3.23 43.96 15.78
C ASN UB 42 4.24 44.40 16.81
N VAL UB 43 5.45 43.87 16.72
CA VAL UB 43 6.45 44.42 17.60
C VAL UB 43 7.04 45.58 16.85
N LYS UB 44 6.63 46.76 17.24
CA LYS UB 44 7.11 48.00 16.68
C LYS UB 44 7.40 49.00 17.79
N PHE UB 45 6.38 49.30 18.56
CA PHE UB 45 6.24 50.55 19.25
C PHE UB 45 7.05 50.60 20.53
N LEU UB 46 7.78 49.56 20.86
CA LEU UB 46 8.61 49.63 22.05
C LEU UB 46 10.05 49.89 21.61
N ALA UB 47 10.35 51.18 21.45
CA ALA UB 47 11.70 51.54 21.04
C ALA UB 47 12.13 52.88 21.61
N GLY UB 48 11.58 53.94 21.03
CA GLY UB 48 11.78 55.28 21.57
C GLY UB 48 11.37 55.34 23.02
N PHE UB 49 10.51 54.41 23.42
CA PHE UB 49 10.28 54.07 24.79
C PHE UB 49 11.62 54.11 25.52
N ALA UB 50 12.52 53.22 25.12
CA ALA UB 50 13.91 53.39 25.51
C ALA UB 50 14.64 54.43 24.69
N ILE UB 51 14.46 54.40 23.36
CA ILE UB 51 15.33 55.15 22.48
C ILE UB 51 15.18 56.65 22.71
N ILE UB 52 13.96 57.16 22.65
CA ILE UB 52 13.77 58.58 22.85
C ILE UB 52 14.44 59.01 24.14
N SER UB 53 14.33 58.17 25.17
CA SER UB 53 14.97 58.49 26.43
C SER UB 53 16.44 58.78 26.22
N VAL UB 54 17.18 57.82 25.66
CA VAL UB 54 18.58 58.09 25.39
C VAL UB 54 18.71 59.15 24.31
N PHE UB 55 17.80 59.13 23.33
CA PHE UB 55 17.74 60.25 22.41
C PHE UB 55 17.59 61.57 23.17
N ILE UB 56 16.63 61.63 24.08
CA ILE UB 56 16.56 62.79 24.95
C ILE UB 56 17.90 63.04 25.59
N ALA UB 57 18.44 61.99 26.22
CA ALA UB 57 19.70 62.12 26.94
C ALA UB 57 20.76 62.77 26.08
N VAL UB 58 20.95 62.25 24.86
CA VAL UB 58 22.07 62.74 24.06
C VAL UB 58 21.89 64.20 23.69
N GLY UB 59 20.73 64.56 23.13
CA GLY UB 59 20.50 65.94 22.80
C GLY UB 59 20.59 66.84 24.01
N MET UB 60 19.92 66.45 25.10
CA MET UB 60 20.15 67.12 26.36
C MET UB 60 21.63 67.19 26.66
N ALA UB 61 22.34 66.08 26.54
CA ALA UB 61 23.78 66.10 26.69
C ALA UB 61 24.43 66.94 25.61
N VAL UB 62 23.91 66.87 24.39
CA VAL UB 62 24.45 67.69 23.31
C VAL UB 62 24.36 69.16 23.69
N VAL UB 63 23.15 69.65 23.90
CA VAL UB 63 23.00 71.06 24.19
C VAL UB 63 23.30 71.29 25.66
N GLY UB 64 22.37 70.89 26.52
CA GLY UB 64 22.53 71.14 27.94
C GLY UB 64 22.91 72.55 28.25
N LEU UB 65 22.26 73.52 27.61
CA LEU UB 65 22.62 74.92 27.75
C LEU UB 65 24.11 75.13 27.44
N GLN VB 1 35.02 105.40 5.66
CA GLN VB 1 35.20 105.69 7.07
C GLN VB 1 34.72 104.54 7.95
N ASP VB 2 34.06 104.90 9.03
CA ASP VB 2 33.46 103.92 9.92
C ASP VB 2 32.01 103.65 9.53
N LEU VB 3 31.71 102.38 9.30
CA LEU VB 3 30.33 102.00 9.05
C LEU VB 3 29.57 102.12 10.36
N MET VB 4 28.49 102.88 10.34
CA MET VB 4 27.91 103.29 11.61
C MET VB 4 27.26 102.12 12.35
N ALA VB 5 26.71 101.16 11.63
CA ALA VB 5 26.18 99.99 12.31
C ALA VB 5 27.26 99.19 13.01
N SER VB 6 28.53 99.55 12.82
CA SER VB 6 29.62 98.82 13.46
C SER VB 6 29.66 99.11 14.94
N GLY VB 7 30.70 98.61 15.58
CA GLY VB 7 30.71 98.55 17.01
C GLY VB 7 29.61 97.60 17.44
N ASN VB 8 29.26 97.71 18.72
CA ASN VB 8 28.21 96.89 19.29
C ASN VB 8 28.60 95.42 19.16
N THR VB 9 27.80 94.66 18.41
CA THR VB 9 28.09 93.27 18.12
C THR VB 9 28.20 92.45 19.39
N THR VB 10 27.63 92.95 20.48
CA THR VB 10 27.05 92.05 21.46
C THR VB 10 25.99 91.21 20.79
N VAL VB 11 25.56 91.68 19.63
CA VAL VB 11 24.81 90.94 18.64
C VAL VB 11 25.44 89.58 18.53
N LYS VB 12 26.76 89.56 18.34
CA LYS VB 12 27.45 88.28 18.36
C LYS VB 12 27.18 87.56 19.67
N ALA VB 13 27.57 88.18 20.78
CA ALA VB 13 27.26 87.59 22.07
C ALA VB 13 25.81 87.16 22.12
N THR VB 14 24.92 88.01 21.62
CA THR VB 14 23.51 87.67 21.59
C THR VB 14 23.26 86.37 20.83
N PHE VB 15 23.75 86.30 19.61
CA PHE VB 15 23.44 85.19 18.72
C PHE VB 15 24.58 84.18 18.58
N GLY VB 16 25.69 84.38 19.30
CA GLY VB 16 26.91 83.65 18.99
C GLY VB 16 26.77 82.15 19.09
N LYS VB 17 27.77 81.46 18.54
CA LYS VB 17 27.79 80.00 18.62
C LYS VB 17 27.52 79.54 20.03
N ASP VB 18 28.13 80.21 20.99
CA ASP VB 18 27.70 80.14 22.37
C ASP VB 18 26.77 81.33 22.59
N SER VB 19 25.49 81.02 22.72
CA SER VB 19 24.49 81.98 23.08
C SER VB 19 23.31 81.23 23.64
N SER VB 20 22.52 81.93 24.44
CA SER VB 20 21.28 81.35 24.93
C SER VB 20 20.49 80.90 23.72
N VAL VB 21 20.13 81.88 22.88
CA VAL VB 21 19.18 81.66 21.79
C VAL VB 21 19.51 80.41 21.02
N VAL VB 22 20.77 80.27 20.62
CA VAL VB 22 21.18 79.09 19.89
C VAL VB 22 20.76 77.84 20.63
N LYS VB 23 21.16 77.75 21.90
CA LYS VB 23 20.82 76.60 22.70
C LYS VB 23 19.31 76.41 22.77
N TRP VB 24 18.57 77.51 22.88
CA TRP VB 24 17.12 77.43 22.83
C TRP VB 24 16.63 76.62 21.64
N VAL VB 25 17.16 76.93 20.45
CA VAL VB 25 16.63 76.34 19.23
C VAL VB 25 16.62 74.83 19.33
N VAL VB 26 17.80 74.24 19.34
CA VAL VB 26 17.91 72.79 19.29
C VAL VB 26 17.09 72.16 20.39
N LEU VB 27 17.02 72.82 21.54
CA LEU VB 27 16.21 72.31 22.63
C LEU VB 27 14.82 71.96 22.15
N ALA VB 28 14.04 72.98 21.81
CA ALA VB 28 12.70 72.73 21.31
C ALA VB 28 12.73 71.79 20.12
N GLU VB 29 13.76 71.91 19.27
CA GLU VB 29 13.91 70.94 18.20
C GLU VB 29 13.95 69.53 18.73
N VAL VB 30 14.80 69.27 19.72
CA VAL VB 30 14.81 67.95 20.34
C VAL VB 30 13.40 67.57 20.77
N LEU VB 31 12.70 68.50 21.41
CA LEU VB 31 11.37 68.22 21.90
C LEU VB 31 10.46 67.78 20.76
N VAL VB 32 10.16 68.71 19.85
CA VAL VB 32 9.13 68.48 18.85
C VAL VB 32 9.39 67.18 18.10
N GLY VB 33 10.63 66.95 17.70
CA GLY VB 33 10.95 65.69 17.05
C GLY VB 33 10.54 64.52 17.89
N ALA VB 34 11.03 64.47 19.13
CA ALA VB 34 10.58 63.45 20.06
C ALA VB 34 9.06 63.43 20.15
N VAL VB 35 8.46 64.62 20.27
CA VAL VB 35 7.01 64.70 20.22
C VAL VB 35 6.50 64.03 18.96
N MET VB 36 6.88 64.57 17.80
CA MET VB 36 6.38 64.07 16.53
C MET VB 36 6.48 62.56 16.45
N TYR VB 37 7.60 62.00 16.90
CA TYR VB 37 7.79 60.57 16.72
C TYR VB 37 6.69 59.78 17.40
N MET VB 38 6.26 60.22 18.58
CA MET VB 38 5.13 59.57 19.22
C MET VB 38 3.96 59.49 18.27
N MET VB 39 3.60 60.62 17.67
CA MET VB 39 2.52 60.62 16.71
C MET VB 39 2.85 59.75 15.51
N THR VB 40 3.98 60.01 14.88
CA THR VB 40 4.28 59.41 13.59
C THR VB 40 4.73 57.97 13.73
N LYS VB 41 5.65 57.72 14.65
CA LYS VB 41 6.34 56.43 14.72
C LYS VB 41 7.06 56.14 13.43
N ASN VB 42 7.55 57.20 12.80
CA ASN VB 42 8.43 57.08 11.65
C ASN VB 42 9.80 57.56 12.06
N VAL VB 43 10.83 57.03 11.41
CA VAL VB 43 12.12 57.60 11.70
C VAL VB 43 12.26 58.74 10.72
N LYS VB 44 12.07 59.93 11.22
CA LYS VB 44 12.20 61.16 10.46
C LYS VB 44 12.95 62.18 11.26
N PHE VB 45 12.43 62.51 12.41
CA PHE VB 45 12.62 63.79 13.05
C PHE VB 45 13.93 63.90 13.78
N LEU VB 46 14.74 62.86 13.76
CA LEU VB 46 16.04 62.98 14.41
C LEU VB 46 17.09 63.23 13.34
N ALA VB 47 17.27 64.50 13.00
CA ALA VB 47 18.24 64.86 11.98
C ALA VB 47 18.88 66.20 12.24
N GLY VB 48 18.09 67.25 11.97
CA GLY VB 48 18.50 68.60 12.30
C GLY VB 48 18.83 68.72 13.76
N PHE VB 49 18.28 67.80 14.55
CA PHE VB 49 18.74 67.52 15.89
C PHE VB 49 20.25 67.58 15.87
N ALA VB 50 20.88 66.69 15.13
CA ALA VB 50 22.28 66.85 14.81
C ALA VB 50 22.51 67.87 13.69
N ILE VB 51 21.72 67.79 12.63
CA ILE VB 51 22.06 68.52 11.41
C ILE VB 51 22.01 70.02 11.64
N ILE VB 52 20.90 70.52 12.15
CA ILE VB 52 20.80 71.96 12.36
C ILE VB 52 21.99 72.43 13.17
N SER VB 53 22.40 71.63 14.15
CA SER VB 53 23.56 72.00 14.94
C SER VB 53 24.75 72.27 14.05
N VAL VB 54 25.14 71.30 13.24
CA VAL VB 54 26.25 71.56 12.33
C VAL VB 54 25.83 72.57 11.29
N PHE VB 55 24.57 72.52 10.85
CA PHE VB 55 24.06 73.61 10.04
C PHE VB 55 24.26 74.95 10.74
N ILE VB 56 23.85 75.05 11.99
CA ILE VB 56 24.18 76.24 12.75
C ILE VB 56 25.66 76.50 12.67
N ALA VB 57 26.46 75.48 13.00
CA ALA VB 57 27.90 75.64 13.02
C ALA VB 57 28.41 76.26 11.74
N VAL VB 58 28.01 75.70 10.60
CA VAL VB 58 28.61 76.15 9.34
C VAL VB 58 28.24 77.60 9.06
N GLY VB 59 26.95 77.94 9.11
CA GLY VB 59 26.56 79.32 8.88
C GLY VB 59 27.20 80.25 9.88
N MET VB 60 27.14 79.90 11.16
CA MET VB 60 27.94 80.62 12.14
C MET VB 60 29.38 80.70 11.69
N ALA VB 61 29.96 79.58 11.29
CA ALA VB 61 31.30 79.61 10.74
C ALA VB 61 31.34 80.41 9.44
N VAL VB 62 30.30 80.31 8.62
CA VAL VB 62 30.26 81.08 7.40
C VAL VB 62 30.32 82.57 7.72
N VAL VB 63 29.35 83.05 8.47
CA VAL VB 63 29.33 84.48 8.75
C VAL VB 63 30.29 84.76 9.89
N GLY VB 64 29.89 84.39 11.11
CA GLY VB 64 30.70 84.69 12.27
C GLY VB 64 31.16 86.11 12.31
N LEU VB 65 30.27 87.06 12.02
CA LEU VB 65 30.63 88.47 11.94
C LEU VB 65 31.79 88.66 10.95
N GLN WB 1 30.26 118.15 -14.44
CA GLN WB 1 31.09 118.49 -13.29
C GLN WB 1 31.11 117.38 -12.26
N ASP WB 2 31.05 117.79 -11.00
CA ASP WB 2 30.97 116.84 -9.91
C ASP WB 2 29.52 116.56 -9.54
N LEU WB 3 29.17 115.28 -9.55
CA LEU WB 3 27.85 114.89 -9.10
C LEU WB 3 27.81 115.05 -7.58
N MET WB 4 26.83 115.82 -7.11
CA MET WB 4 26.94 116.26 -5.72
C MET WB 4 26.75 115.13 -4.73
N ALA WB 5 25.93 114.14 -5.06
CA ALA WB 5 25.81 113.00 -4.18
C ALA WB 5 27.12 112.23 -4.05
N SER WB 6 28.13 112.57 -4.84
CA SER WB 6 29.40 111.86 -4.79
C SER WB 6 30.14 112.22 -3.51
N GLY WB 7 31.38 111.75 -3.45
CA GLY WB 7 32.07 111.74 -2.20
C GLY WB 7 31.34 110.80 -1.26
N ASN WB 8 31.63 110.96 0.02
CA ASN WB 8 31.02 110.15 1.06
C ASN WB 8 31.32 108.69 0.79
N THR WB 9 30.28 107.90 0.55
CA THR WB 9 30.40 106.49 0.21
C THR WB 9 31.13 105.71 1.30
N THR WB 10 31.15 106.27 2.51
CA THR WB 10 31.14 105.40 3.66
C THR WB 10 29.89 104.54 3.62
N VAL WB 11 28.95 104.96 2.79
CA VAL WB 11 27.83 104.19 2.32
C VAL WB 11 28.35 102.82 1.96
N LYS WB 12 29.43 102.79 1.16
CA LYS WB 12 30.05 101.51 0.88
C LYS WB 12 30.46 100.84 2.18
N ALA WB 13 31.33 101.51 2.95
CA ALA WB 13 31.69 100.97 4.25
C ALA WB 13 30.45 100.54 5.01
N THR WB 14 29.41 101.37 4.97
CA THR WB 14 28.17 101.02 5.64
C THR WB 14 27.62 99.71 5.14
N PHE WB 15 27.45 99.58 3.84
CA PHE WB 15 26.77 98.44 3.25
C PHE WB 15 27.72 97.43 2.61
N GLY WB 16 29.03 97.66 2.68
CA GLY WB 16 29.97 96.92 1.85
C GLY WB 16 29.92 95.43 2.06
N LYS WB 17 30.54 94.71 1.11
CA LYS WB 17 30.62 93.26 1.21
C LYS WB 17 31.07 92.86 2.60
N ASP WB 18 32.07 93.55 3.13
CA ASP WB 18 32.35 93.53 4.55
C ASP WB 18 31.63 94.73 5.15
N SER WB 19 30.57 94.42 5.88
CA SER WB 19 29.85 95.41 6.65
C SER WB 19 29.09 94.67 7.74
N SER WB 20 28.78 95.40 8.79
CA SER WB 20 27.95 94.84 9.83
C SER WB 20 26.67 94.35 9.18
N VAL WB 21 25.93 95.29 8.59
CA VAL WB 21 24.58 95.03 8.11
C VAL WB 21 24.52 93.75 7.30
N VAL WB 22 25.43 93.60 6.36
CA VAL WB 22 25.46 92.39 5.55
C VAL WB 22 25.48 91.17 6.45
N LYS WB 23 26.44 91.12 7.36
CA LYS WB 23 26.55 90.01 8.27
C LYS WB 23 25.27 89.82 9.07
N TRP WB 24 24.64 90.92 9.48
CA TRP WB 24 23.35 90.84 10.13
C TRP WB 24 22.38 89.99 9.35
N VAL WB 25 22.25 90.25 8.05
CA VAL WB 25 21.21 89.62 7.26
C VAL WB 25 21.27 88.12 7.40
N VAL WB 26 22.32 87.52 6.86
CA VAL WB 26 22.42 86.08 6.81
C VAL WB 26 22.25 85.48 8.18
N LEU WB 27 22.72 86.19 9.21
CA LEU WB 27 22.55 85.72 10.57
C LEU WB 27 21.11 85.35 10.83
N ALA WB 28 20.24 86.35 10.88
CA ALA WB 28 18.83 86.09 11.09
C ALA WB 28 18.30 85.10 10.07
N GLU WB 29 18.79 85.20 8.83
CA GLU WB 29 18.43 84.19 7.84
C GLU WB 29 18.74 82.80 8.33
N VAL WB 30 19.97 82.57 8.79
CA VAL WB 30 20.30 81.28 9.38
C VAL WB 30 19.29 80.92 10.45
N LEU WB 31 18.96 81.87 11.31
CA LEU WB 31 18.03 81.60 12.40
C LEU WB 31 16.69 81.12 11.86
N VAL WB 32 15.98 82.01 11.17
CA VAL WB 32 14.59 81.75 10.80
C VAL WB 32 14.48 80.43 10.06
N GLY WB 33 15.39 80.18 9.12
CA GLY WB 33 15.37 78.90 8.44
C GLY WB 33 15.44 77.75 9.41
N ALA WB 34 16.47 77.76 10.27
CA ALA WB 34 16.54 76.77 11.33
C ALA WB 34 15.25 76.76 12.14
N VAL WB 35 14.76 77.94 12.50
CA VAL WB 35 13.47 78.02 13.13
C VAL WB 35 12.43 77.31 12.31
N MET WB 36 12.18 77.81 11.09
CA MET WB 36 11.14 77.25 10.24
C MET WB 36 11.23 75.74 10.16
N TYR WB 37 12.43 75.20 10.03
CA TYR WB 37 12.53 73.77 9.83
C TYR WB 37 11.92 73.01 10.99
N MET WB 38 12.11 73.48 12.22
CA MET WB 38 11.43 72.86 13.34
C MET WB 38 9.94 72.75 13.08
N MET WB 39 9.33 73.85 12.69
CA MET WB 39 7.91 73.82 12.38
C MET WB 39 7.64 72.91 11.19
N THR WB 40 8.33 73.15 10.08
CA THR WB 40 7.97 72.49 8.83
C THR WB 40 8.45 71.06 8.78
N LYS WB 41 9.72 70.84 9.15
CA LYS WB 41 10.37 69.56 8.93
C LYS WB 41 10.38 69.22 7.44
N ASN WB 42 10.49 70.25 6.63
CA ASN WB 42 10.70 70.10 5.21
C ASN WB 42 12.10 70.59 4.89
N VAL WB 43 12.69 70.03 3.84
CA VAL WB 43 13.96 70.62 3.45
C VAL WB 43 13.59 71.71 2.48
N LYS WB 44 13.64 72.93 2.98
CA LYS WB 44 13.36 74.12 2.21
C LYS WB 44 14.40 75.18 2.51
N PHE WB 45 14.49 75.56 3.77
CA PHE WB 45 14.93 76.85 4.19
C PHE WB 45 16.44 76.99 4.20
N LEU WB 46 17.16 75.95 3.82
CA LEU WB 46 18.60 76.09 3.76
C LEU WB 46 19.00 76.30 2.30
N ALA WB 47 18.97 77.56 1.89
CA ALA WB 47 19.33 77.87 0.51
C ALA WB 47 19.98 79.24 0.38
N GLY WB 48 19.14 80.27 0.48
CA GLY WB 48 19.64 81.63 0.54
C GLY WB 48 20.64 81.80 1.66
N PHE WB 49 20.54 80.92 2.64
CA PHE WB 49 21.60 80.68 3.60
C PHE WB 49 22.91 80.74 2.86
N ALA WB 50 23.13 79.82 1.93
CA ALA WB 50 24.20 79.98 0.97
C ALA WB 50 23.84 80.95 -0.15
N ILE WB 51 22.64 80.84 -0.71
CA ILE WB 51 22.34 81.51 -1.95
C ILE WB 51 22.37 83.02 -1.78
N ILE WB 52 21.63 83.55 -0.81
CA ILE WB 52 21.64 84.99 -0.62
C ILE WB 52 23.06 85.49 -0.51
N SER WB 53 23.90 84.73 0.18
CA SER WB 53 25.29 85.12 0.30
C SER WB 53 25.90 85.37 -1.06
N VAL WB 54 25.87 84.36 -1.93
CA VAL WB 54 26.39 84.59 -3.26
C VAL WB 54 25.50 85.57 -4.02
N PHE WB 55 24.19 85.50 -3.78
CA PHE WB 55 23.33 86.55 -4.28
C PHE WB 55 23.82 87.92 -3.82
N ILE WB 56 24.06 88.07 -2.52
CA ILE WB 56 24.70 89.28 -2.05
C ILE WB 56 25.95 89.54 -2.85
N ALA WB 57 26.82 88.54 -2.91
CA ALA WB 57 28.10 88.68 -3.59
C ALA WB 57 27.92 89.26 -4.99
N VAL WB 58 27.03 88.67 -5.77
CA VAL WB 58 26.94 89.06 -7.16
C VAL WB 58 26.45 90.50 -7.28
N GLY WB 59 25.34 90.84 -6.63
CA GLY WB 59 24.86 92.21 -6.69
C GLY WB 59 25.89 93.18 -6.16
N MET WB 60 26.46 92.88 -5.00
CA MET WB 60 27.62 93.63 -4.55
C MET WB 60 28.67 93.70 -5.63
N ALA WB 61 29.00 92.56 -6.23
CA ALA WB 61 29.90 92.58 -7.36
C ALA WB 61 29.30 93.33 -8.54
N VAL WB 62 27.99 93.19 -8.75
CA VAL WB 62 27.35 93.92 -9.83
C VAL WB 62 27.54 95.42 -9.62
N VAL WB 63 27.05 95.94 -8.51
CA VAL WB 63 27.14 97.36 -8.31
C VAL WB 63 28.52 97.68 -7.78
N GLY WB 64 28.75 97.36 -6.52
CA GLY WB 64 30.03 97.70 -5.90
C GLY WB 64 30.43 99.13 -6.13
N LEU WB 65 29.50 100.07 -5.98
CA LEU WB 65 29.74 101.47 -6.28
C LEU WB 65 30.27 101.62 -7.70
#